data_9JPB
#
_entry.id   9JPB
#
_cell.length_a   1.00
_cell.length_b   1.00
_cell.length_c   1.00
_cell.angle_alpha   90.00
_cell.angle_beta   90.00
_cell.angle_gamma   90.00
#
_symmetry.space_group_name_H-M   'P 1'
#
loop_
_entity.id
_entity.type
_entity.pdbx_description
1 polymer 'Antenna pigment protein alpha chain'
2 polymer 'Reaction center protein O chain'
3 polymer 'Antenna pigment protein beta chain'
4 polymer 'Reaction center protein M chain'
5 polymer 'Reaction center protein L chain'
6 polymer 'Reaction center protein H chain'
7 polymer 'Photosynthetic reaction center cytochrome c subunit'
8 non-polymer 'BACTERIOCHLOROPHYLL A'
9 non-polymer SPEROIDENONE
10 non-polymer '(21R,24R,27S)-24,27,28-trihydroxy-18,24-dioxo-19,23,25-trioxa-24lambda~5~-phosphaoctacosan-21-yl (9Z)-octadec-9-enoate'
11 non-polymer DODECYL-BETA-D-MALTOSIDE
12 non-polymer 'FE (III) ION'
13 non-polymer 'BACTERIOPHEOPHYTIN A'
14 non-polymer UBIQUINONE-10
15 non-polymer CARDIOLIPIN
16 non-polymer 'HEME C'
#
loop_
_entity_poly.entity_id
_entity_poly.type
_entity_poly.pdbx_seq_one_letter_code
_entity_poly.pdbx_strand_id
1 'polypeptide(L)' MSKFYKIWLIFDPRRVFVAQGVFLFLLAAMIHLVLLSTEHFNWFELAAANAAM P,V,S,T,Q,R,1,N,K,J,I,G,F,E,D,B,A
2 'polypeptide(L)'
;MATQRKDMTCTITCWGIGVLLGIMTTVGLMVVGWSFLQGAFMGVLAWLIVGGVLAVAVCGETGRPKDNAEQIRAEMAAAR
ERVRGATPGITPKPAPSVPADVRSKVQPSAALAGEAELAGRKGSWSYDSGAGHASGAGHDAGTDAAKPATLTAARDGKAD
DLKKIKGVGPKLEEMLHSMGFYHFDQVASWSEQELAWVDENLEGFKGRASRDEWVAQAKLLAQGGETEFSKRVDGGDVY
;
O
3 'polypeptide(L)' MADKSDLSFTGLTDEQAQELHSVYMSGLWLFSAVAVVAHLATFIWRPWF v,t,s,r,q,p,2,n,k,j,i,g,f,e,d,b,a
4 'polypeptide(L)'
;MPEYQNIFTQVQVQGPAELGVDNENNLTEERTTGTGFSQLIGWIGNAQLGPIYLGWFGIISLVTGTLWFNIVGFNMLSQV
GYSIPEFIRQLFWLALEPPSPEYGLRMPPLDDGGWFIIASFFLLVSVISWWLRSYQLAEMHKMGKHVAWAFAAAIWLFLV
LGLFRPILMGSWSEAVPYGIFPHLDWTTAFSIRYGNLYYNPFHALSIVFLYGSVLLFAMHGATILAVTRFGGDRELEQIY
DRGTASERAGLFWRWTMGFNATMEGIHRWAWWFAVLTPITGGIGILLTGTVVDNWFLWAVEHNFAPDYTQDYGYEAYTTY
DGFLGREEGN
;
M
5 'polypeptide(L)'
;MALLSFERKYRVRGGTLIGGDLFDFWVGPFYVGFFGVTTAFFALLGTILIFWGASQQGTFNPWLINIAPPDLSYGLGMAP
LMEGGLWQIITICAIGAFVSWALREVEICRKLGMGYHVPFAFSVAIFAYVTLVVFRPLLMGAWGHGFPYGIWSHLDWVSN
TGYAYLHFHYNPAHMIAVTFFFTTTLALALHGALVLSAANPPKGEEVKGPDNEDTFFRDFIGYSIGTLGIHRVGLLLALN
AGFWSAVCIIISGPVWTKGWPEWWNWWLEMPIWPSQVDC
;
L
6 'polypeptide(L)'
;MEETFFGNFDLASLSLWLFYGFFALLIYYLQTENMREGYPLEDDDGNTAANQGPFPLPKEKTFKLQHGRGELTLPGEDVQ
RRDNLALRKTAHGNGFPMEPTGDPMLDGVGPASWSKRRDVPELDAHGHPKIVPMSAAEGFGVSAGTDPRGLPVMAGDGEI
VGLVSDMWIDEAEQLVRYLEIELDPEWGDGKRLVQREMVRIKSDRVKVRSIYGKHFKNVPKTKSPNQVTLLEEDKIMAYY
AGGTLYADESRLEPQL
;
H
7 'polypeptide(L)'
;MLPKWFDEWNSKNPTDIYKPAIVVGVAGGAVFAAALLVSWGQPLATDSMQTGPRGTGMSVPEFVSDLDTPDPTIEVFLAS
TSDPVIPEEGAQTAGEAYENVDPVLADLTVENYDRLLAAMRSWTGIPDLLEDPDHYQSKVAINMIQMNQTINEEWAGHVY
ANAEVGVTCFTCHRGQAVPSEVWYRIDPVTENTSGWASVQNRATSLSQFTSLPSDALYQYLLNYEQIAVHDLESRVETLP
GDPTWQNTERTYSLMNYFSNSLGRNCVFCHNSRAFYDPAQHTPQWATAMLGISMVQELNNEWIVPIGEAHLPPERLGPVY
NDVPKLACKTCHKGYQQPLQGLNVVADWPELATTEGPFYD
;
C
#
# COMPACT_ATOMS: atom_id res chain seq x y z
N MET A 1 -21.31 55.18 -13.08
CA MET A 1 -21.57 54.84 -11.69
C MET A 1 -23.05 54.56 -11.46
N SER A 2 -23.90 55.25 -12.22
CA SER A 2 -25.34 55.05 -12.13
C SER A 2 -25.85 53.94 -13.03
N LYS A 3 -24.98 53.30 -13.81
CA LYS A 3 -25.36 52.24 -14.72
C LYS A 3 -24.87 50.87 -14.25
N PHE A 4 -24.67 50.72 -12.94
CA PHE A 4 -24.20 49.46 -12.38
C PHE A 4 -25.24 48.35 -12.45
N TYR A 5 -26.50 48.67 -12.78
CA TYR A 5 -27.55 47.67 -12.79
C TYR A 5 -27.34 46.58 -13.84
N LYS A 6 -26.45 46.80 -14.80
CA LYS A 6 -26.18 45.80 -15.83
C LYS A 6 -25.38 44.62 -15.30
N ILE A 7 -24.89 44.70 -14.06
CA ILE A 7 -24.23 43.55 -13.45
C ILE A 7 -25.18 42.36 -13.41
N TRP A 8 -26.49 42.64 -13.26
CA TRP A 8 -27.49 41.58 -13.30
C TRP A 8 -27.83 41.16 -14.72
N LEU A 9 -27.55 42.01 -15.71
CA LEU A 9 -27.59 41.55 -17.10
C LEU A 9 -26.47 40.56 -17.36
N ILE A 10 -25.31 40.76 -16.73
CA ILE A 10 -24.19 39.84 -16.92
C ILE A 10 -24.35 38.60 -16.04
N PHE A 11 -24.55 38.79 -14.75
CA PHE A 11 -24.57 37.71 -13.78
C PHE A 11 -25.99 37.22 -13.50
N ASP A 12 -26.08 35.94 -13.16
CA ASP A 12 -27.33 35.35 -12.69
C ASP A 12 -27.58 35.77 -11.25
N PRO A 13 -28.74 36.36 -10.92
CA PRO A 13 -28.97 36.79 -9.53
C PRO A 13 -28.89 35.67 -8.51
N ARG A 14 -29.33 34.47 -8.86
CA ARG A 14 -29.39 33.38 -7.88
C ARG A 14 -27.98 32.96 -7.44
N ARG A 15 -27.10 32.69 -8.41
CA ARG A 15 -25.75 32.25 -8.07
C ARG A 15 -25.00 33.34 -7.31
N VAL A 16 -25.14 34.59 -7.75
CA VAL A 16 -24.48 35.70 -7.07
C VAL A 16 -24.99 35.81 -5.64
N PHE A 17 -26.30 35.67 -5.44
CA PHE A 17 -26.86 35.79 -4.10
C PHE A 17 -26.33 34.70 -3.18
N VAL A 18 -26.32 33.45 -3.66
CA VAL A 18 -25.82 32.36 -2.84
C VAL A 18 -24.35 32.57 -2.52
N ALA A 19 -23.56 32.94 -3.53
CA ALA A 19 -22.13 33.12 -3.33
C ALA A 19 -21.85 34.23 -2.32
N GLN A 20 -22.56 35.36 -2.44
CA GLN A 20 -22.31 36.45 -1.52
C GLN A 20 -22.77 36.12 -0.12
N GLY A 21 -23.86 35.35 0.03
CA GLY A 21 -24.27 34.94 1.37
C GLY A 21 -23.22 34.09 2.04
N VAL A 22 -22.71 33.08 1.32
CA VAL A 22 -21.69 32.21 1.90
C VAL A 22 -20.42 33.01 2.20
N PHE A 23 -20.01 33.87 1.27
CA PHE A 23 -18.80 34.66 1.47
C PHE A 23 -18.94 35.60 2.66
N LEU A 24 -20.09 36.25 2.80
CA LEU A 24 -20.30 37.17 3.91
C LEU A 24 -20.26 36.44 5.24
N PHE A 25 -20.93 35.27 5.34
CA PHE A 25 -20.88 34.55 6.60
C PHE A 25 -19.47 34.10 6.93
N LEU A 26 -18.75 33.56 5.94
CA LEU A 26 -17.40 33.09 6.20
C LEU A 26 -16.49 34.24 6.62
N LEU A 27 -16.64 35.40 5.98
CA LEU A 27 -15.84 36.56 6.35
C LEU A 27 -16.15 37.01 7.78
N ALA A 28 -17.44 37.10 8.13
CA ALA A 28 -17.81 37.51 9.47
C ALA A 28 -17.23 36.56 10.51
N ALA A 29 -17.35 35.26 10.27
CA ALA A 29 -16.76 34.28 11.18
C ALA A 29 -15.24 34.45 11.26
N MET A 30 -14.59 34.74 10.14
CA MET A 30 -13.14 34.87 10.14
C MET A 30 -12.68 36.05 11.00
N ILE A 31 -13.27 37.23 10.80
CA ILE A 31 -12.86 38.36 11.63
C ILE A 31 -13.24 38.15 13.09
N HIS A 32 -14.39 37.53 13.36
CA HIS A 32 -14.75 37.27 14.76
C HIS A 32 -13.73 36.35 15.42
N LEU A 33 -13.31 35.28 14.72
CA LEU A 33 -12.31 34.38 15.26
C LEU A 33 -10.96 35.08 15.43
N VAL A 34 -10.59 35.94 14.48
CA VAL A 34 -9.33 36.66 14.59
C VAL A 34 -9.34 37.56 15.82
N LEU A 35 -10.44 38.27 16.04
CA LEU A 35 -10.56 39.10 17.23
C LEU A 35 -10.52 38.27 18.50
N LEU A 36 -11.19 37.11 18.52
CA LEU A 36 -11.13 36.25 19.69
C LEU A 36 -9.72 35.71 19.96
N SER A 37 -8.91 35.54 18.92
CA SER A 37 -7.55 35.04 19.10
C SER A 37 -6.64 36.02 19.81
N THR A 38 -6.83 37.32 19.60
CA THR A 38 -5.96 38.31 20.22
C THR A 38 -6.25 38.43 21.71
N GLU A 39 -5.23 38.80 22.48
CA GLU A 39 -5.37 38.97 23.92
C GLU A 39 -6.10 40.26 24.29
N HIS A 40 -6.16 41.23 23.39
CA HIS A 40 -6.76 42.52 23.70
C HIS A 40 -8.21 42.66 23.26
N PHE A 41 -8.64 41.92 22.23
CA PHE A 41 -9.99 42.06 21.70
C PHE A 41 -10.85 40.84 21.99
N ASN A 42 -10.49 40.05 23.00
CA ASN A 42 -11.28 38.90 23.42
C ASN A 42 -12.23 39.36 24.52
N TRP A 43 -13.48 39.69 24.13
CA TRP A 43 -14.40 40.30 25.08
C TRP A 43 -14.72 39.38 26.26
N PHE A 44 -14.64 38.07 26.05
CA PHE A 44 -14.82 37.14 27.17
C PHE A 44 -13.71 37.32 28.21
N GLU A 45 -12.47 37.47 27.76
CA GLU A 45 -11.37 37.69 28.69
C GLU A 45 -11.50 39.03 29.39
N LEU A 46 -11.96 40.06 28.68
CA LEU A 46 -12.22 41.34 29.34
C LEU A 46 -13.28 41.22 30.41
N ALA A 47 -14.37 40.50 30.11
CA ALA A 47 -15.41 40.31 31.11
C ALA A 47 -14.88 39.54 32.32
N ALA A 48 -14.06 38.53 32.08
CA ALA A 48 -13.45 37.78 33.18
C ALA A 48 -12.54 38.68 34.02
N ALA A 49 -11.74 39.52 33.36
CA ALA A 49 -10.81 40.38 34.08
C ALA A 49 -11.55 41.43 34.91
N ASN A 50 -12.60 42.03 34.35
CA ASN A 50 -13.39 43.02 35.07
C ASN A 50 -14.32 42.31 36.06
N ALA A 51 -13.69 41.72 37.07
CA ALA A 51 -14.42 40.98 38.10
C ALA A 51 -13.59 40.84 39.36
N MET B 8 -0.18 11.12 -29.69
CA MET B 8 0.47 12.05 -28.77
C MET B 8 1.79 12.56 -29.34
N THR B 9 2.85 11.78 -29.12
CA THR B 9 4.18 12.07 -29.64
C THR B 9 4.72 13.39 -29.10
N CYS B 10 4.09 14.50 -29.48
CA CYS B 10 4.54 15.81 -29.00
C CYS B 10 4.40 15.93 -27.49
N THR B 11 3.30 15.44 -26.94
CA THR B 11 3.09 15.50 -25.50
C THR B 11 4.16 14.70 -24.75
N ILE B 12 4.47 13.50 -25.25
CA ILE B 12 5.52 12.70 -24.63
C ILE B 12 6.88 13.36 -24.82
N THR B 13 7.09 13.98 -25.98
CA THR B 13 8.33 14.73 -26.20
C THR B 13 8.43 15.89 -25.22
N CYS B 14 7.33 16.60 -24.99
CA CYS B 14 7.34 17.70 -24.03
C CYS B 14 7.61 17.20 -22.62
N TRP B 15 7.04 16.05 -22.25
CA TRP B 15 7.30 15.49 -20.93
C TRP B 15 8.76 15.09 -20.79
N GLY B 16 9.34 14.52 -21.84
CA GLY B 16 10.76 14.18 -21.81
C GLY B 16 11.64 15.41 -21.67
N ILE B 17 11.31 16.47 -22.40
CA ILE B 17 12.05 17.72 -22.26
C ILE B 17 11.90 18.27 -20.85
N GLY B 18 10.70 18.11 -20.26
CA GLY B 18 10.50 18.59 -18.91
C GLY B 18 11.35 17.85 -17.88
N VAL B 19 11.38 16.52 -17.97
CA VAL B 19 12.19 15.76 -17.01
C VAL B 19 13.67 16.01 -17.26
N LEU B 20 14.06 16.21 -18.52
CA LEU B 20 15.44 16.55 -18.83
C LEU B 20 15.83 17.88 -18.21
N LEU B 21 14.95 18.88 -18.31
CA LEU B 21 15.18 20.17 -17.67
C LEU B 21 15.19 20.04 -16.15
N GLY B 22 14.38 19.13 -15.60
CA GLY B 22 14.44 18.90 -14.16
C GLY B 22 15.78 18.37 -13.72
N ILE B 23 16.34 17.42 -14.49
CA ILE B 23 17.68 16.94 -14.19
C ILE B 23 18.70 18.07 -14.30
N MET B 24 18.56 18.90 -15.34
CA MET B 24 19.44 20.05 -15.50
C MET B 24 19.39 20.96 -14.29
N THR B 25 18.18 21.29 -13.82
CA THR B 25 18.04 22.19 -12.68
C THR B 25 18.60 21.55 -11.41
N THR B 26 18.37 20.25 -11.22
CA THR B 26 18.94 19.57 -10.06
C THR B 26 20.45 19.67 -10.05
N VAL B 27 21.08 19.37 -11.19
CA VAL B 27 22.54 19.42 -11.25
C VAL B 27 23.04 20.85 -11.07
N GLY B 28 22.36 21.83 -11.67
CA GLY B 28 22.78 23.21 -11.53
C GLY B 28 22.69 23.73 -10.11
N LEU B 29 21.60 23.37 -9.41
CA LEU B 29 21.46 23.79 -8.02
C LEU B 29 22.47 23.07 -7.13
N MET B 30 22.79 21.82 -7.45
CA MET B 30 23.86 21.14 -6.73
C MET B 30 25.19 21.84 -6.92
N VAL B 31 25.46 22.31 -8.14
CA VAL B 31 26.68 23.06 -8.41
C VAL B 31 26.67 24.37 -7.63
N VAL B 32 25.51 25.02 -7.54
CA VAL B 32 25.41 26.29 -6.83
C VAL B 32 25.76 26.13 -5.36
N GLY B 33 25.31 25.04 -4.74
CA GLY B 33 25.62 24.80 -3.35
C GLY B 33 24.49 24.17 -2.56
N TRP B 34 23.36 23.94 -3.22
CA TRP B 34 22.24 23.26 -2.58
C TRP B 34 22.55 21.78 -2.39
N SER B 35 21.85 21.15 -1.46
CA SER B 35 21.93 19.72 -1.29
C SER B 35 21.22 19.02 -2.44
N PHE B 36 21.48 17.71 -2.58
CA PHE B 36 20.86 16.97 -3.66
C PHE B 36 19.34 16.91 -3.52
N LEU B 37 18.86 16.68 -2.30
CA LEU B 37 17.42 16.54 -2.09
C LEU B 37 16.68 17.83 -2.42
N GLN B 38 17.23 18.97 -2.00
CA GLN B 38 16.61 20.25 -2.34
C GLN B 38 16.63 20.49 -3.84
N GLY B 39 17.78 20.23 -4.47
CA GLY B 39 17.86 20.32 -5.92
C GLY B 39 16.95 19.34 -6.61
N ALA B 40 16.82 18.13 -6.07
CA ALA B 40 15.92 17.15 -6.66
C ALA B 40 14.47 17.61 -6.57
N PHE B 41 14.08 18.19 -5.44
CA PHE B 41 12.71 18.68 -5.29
C PHE B 41 12.44 19.82 -6.25
N MET B 42 13.38 20.76 -6.38
CA MET B 42 13.19 21.85 -7.33
C MET B 42 13.15 21.34 -8.77
N GLY B 43 13.95 20.31 -9.06
CA GLY B 43 13.90 19.71 -10.38
C GLY B 43 12.59 19.01 -10.67
N VAL B 44 12.01 18.36 -9.67
CA VAL B 44 10.70 17.75 -9.83
C VAL B 44 9.63 18.81 -10.09
N LEU B 45 9.70 19.92 -9.34
CA LEU B 45 8.77 21.01 -9.57
C LEU B 45 8.91 21.58 -10.97
N ALA B 46 10.16 21.79 -11.42
CA ALA B 46 10.39 22.29 -12.76
C ALA B 46 9.88 21.31 -13.81
N TRP B 47 10.12 20.02 -13.60
CA TRP B 47 9.57 19.00 -14.49
C TRP B 47 8.07 19.15 -14.61
N LEU B 48 7.36 19.17 -13.49
CA LEU B 48 5.90 19.23 -13.54
C LEU B 48 5.43 20.49 -14.25
N ILE B 49 5.94 21.65 -13.83
CA ILE B 49 5.44 22.92 -14.37
C ILE B 49 5.75 23.04 -15.85
N VAL B 50 7.01 22.80 -16.24
CA VAL B 50 7.40 23.00 -17.63
C VAL B 50 6.77 21.95 -18.53
N GLY B 51 6.72 20.69 -18.10
CA GLY B 51 6.08 19.68 -18.91
C GLY B 51 4.57 19.81 -19.01
N GLY B 52 3.93 20.50 -18.07
CA GLY B 52 2.53 20.81 -18.24
C GLY B 52 2.32 21.97 -19.18
N VAL B 53 3.10 23.04 -18.98
CA VAL B 53 2.95 24.24 -19.80
C VAL B 53 3.26 23.93 -21.26
N LEU B 54 4.35 23.21 -21.51
CA LEU B 54 4.73 22.88 -22.88
C LEU B 54 3.68 21.97 -23.53
N ALA B 55 3.19 20.97 -22.80
CA ALA B 55 2.17 20.09 -23.35
C ALA B 55 0.89 20.85 -23.68
N VAL B 56 0.51 21.81 -22.83
CA VAL B 56 -0.70 22.57 -23.08
C VAL B 56 -0.53 23.51 -24.25
N ALA B 57 0.59 24.23 -24.32
CA ALA B 57 0.73 25.31 -25.29
C ALA B 57 1.25 24.81 -26.63
N VAL B 58 2.35 24.08 -26.63
CA VAL B 58 2.98 23.63 -27.87
C VAL B 58 2.03 22.72 -28.65
N CYS B 59 1.37 21.80 -27.96
CA CYS B 59 0.43 20.89 -28.61
C CYS B 59 -0.67 20.45 -27.66
N SER C 2 36.84 -4.48 -46.48
CA SER C 2 35.99 -3.36 -46.88
C SER C 2 35.16 -3.72 -48.10
N LYS C 3 34.61 -4.94 -48.11
CA LYS C 3 33.77 -5.41 -49.21
C LYS C 3 32.47 -6.02 -48.72
N PHE C 4 32.15 -5.89 -47.43
CA PHE C 4 30.97 -6.51 -46.85
C PHE C 4 29.75 -5.61 -46.99
N TYR C 5 29.46 -5.18 -48.22
CA TYR C 5 28.33 -4.31 -48.49
C TYR C 5 26.99 -5.04 -48.49
N LYS C 6 27.00 -6.36 -48.43
CA LYS C 6 25.77 -7.15 -48.40
C LYS C 6 25.15 -7.23 -47.01
N ILE C 7 25.84 -6.71 -45.99
CA ILE C 7 25.32 -6.77 -44.62
C ILE C 7 24.07 -5.91 -44.48
N TRP C 8 24.03 -4.77 -45.17
CA TRP C 8 22.91 -3.84 -45.04
C TRP C 8 21.61 -4.40 -45.61
N LEU C 9 21.65 -5.51 -46.35
CA LEU C 9 20.43 -6.08 -46.90
C LEU C 9 19.48 -6.54 -45.81
N ILE C 10 20.00 -6.93 -44.65
CA ILE C 10 19.17 -7.46 -43.57
C ILE C 10 18.87 -6.41 -42.50
N PHE C 11 19.57 -5.29 -42.48
CA PHE C 11 19.41 -4.28 -41.45
C PHE C 11 18.54 -3.12 -41.94
N ASP C 12 17.72 -2.61 -41.04
CA ASP C 12 16.97 -1.39 -41.29
C ASP C 12 17.89 -0.20 -41.05
N PRO C 13 18.18 0.62 -42.07
CA PRO C 13 19.18 1.68 -41.89
C PRO C 13 18.86 2.65 -40.75
N ARG C 14 17.59 2.99 -40.56
CA ARG C 14 17.24 3.93 -39.49
C ARG C 14 17.50 3.32 -38.12
N ARG C 15 16.98 2.12 -37.90
CA ARG C 15 17.04 1.49 -36.57
C ARG C 15 18.46 1.17 -36.16
N VAL C 16 19.36 0.95 -37.11
CA VAL C 16 20.76 0.71 -36.79
C VAL C 16 21.53 2.02 -36.66
N PHE C 17 21.20 3.03 -37.48
CA PHE C 17 21.94 4.29 -37.42
C PHE C 17 21.66 5.04 -36.13
N VAL C 18 20.40 5.12 -35.71
CA VAL C 18 20.10 5.87 -34.50
C VAL C 18 20.73 5.20 -33.28
N ALA C 19 20.63 3.87 -33.20
CA ALA C 19 21.25 3.13 -32.09
C ALA C 19 22.77 3.24 -32.12
N GLN C 20 23.37 3.14 -33.30
CA GLN C 20 24.82 3.30 -33.41
C GLN C 20 25.27 4.68 -32.97
N GLY C 21 24.55 5.73 -33.38
CA GLY C 21 24.93 7.07 -32.97
C GLY C 21 24.80 7.27 -31.47
N VAL C 22 23.69 6.83 -30.88
CA VAL C 22 23.51 7.03 -29.44
C VAL C 22 24.53 6.21 -28.67
N PHE C 23 24.82 4.97 -29.09
CA PHE C 23 25.83 4.17 -28.42
C PHE C 23 27.22 4.80 -28.55
N LEU C 24 27.54 5.32 -29.73
CA LEU C 24 28.84 5.94 -29.93
C LEU C 24 29.02 7.16 -29.04
N PHE C 25 27.99 7.99 -28.96
CA PHE C 25 28.07 9.16 -28.08
C PHE C 25 28.17 8.75 -26.62
N LEU C 26 27.41 7.73 -26.21
CA LEU C 26 27.47 7.28 -24.82
C LEU C 26 28.85 6.74 -24.49
N LEU C 27 29.45 5.98 -25.41
CA LEU C 27 30.79 5.46 -25.19
C LEU C 27 31.81 6.59 -25.08
N ALA C 28 31.71 7.59 -25.96
CA ALA C 28 32.63 8.72 -25.88
C ALA C 28 32.49 9.46 -24.56
N ALA C 29 31.25 9.70 -24.13
CA ALA C 29 31.02 10.41 -22.88
C ALA C 29 31.54 9.59 -21.69
N MET C 30 31.31 8.28 -21.71
CA MET C 30 31.78 7.44 -20.61
C MET C 30 33.30 7.43 -20.53
N ILE C 31 33.96 7.33 -21.68
CA ILE C 31 35.43 7.37 -21.69
C ILE C 31 35.93 8.71 -21.17
N HIS C 32 35.29 9.80 -21.60
CA HIS C 32 35.71 11.12 -21.14
C HIS C 32 35.54 11.27 -19.64
N LEU C 33 34.40 10.80 -19.10
CA LEU C 33 34.16 10.96 -17.67
C LEU C 33 34.97 10.00 -16.81
N VAL C 34 35.39 8.85 -17.35
CA VAL C 34 36.29 8.00 -16.58
C VAL C 34 37.72 8.51 -16.68
N LEU C 35 38.09 9.17 -17.77
CA LEU C 35 39.36 9.88 -17.83
C LEU C 35 39.39 11.03 -16.83
N LEU C 36 38.27 11.76 -16.71
CA LEU C 36 38.16 12.83 -15.74
C LEU C 36 38.17 12.33 -14.30
N SER C 37 37.91 11.05 -14.07
CA SER C 37 37.86 10.51 -12.72
C SER C 37 39.24 10.25 -12.13
N THR C 38 40.30 10.31 -12.93
CA THR C 38 41.65 10.08 -12.47
C THR C 38 42.29 11.42 -12.08
N GLU C 39 43.49 11.32 -11.51
CA GLU C 39 44.24 12.50 -11.12
C GLU C 39 45.35 12.87 -12.11
N HIS C 40 45.85 11.89 -12.87
CA HIS C 40 46.89 12.15 -13.85
C HIS C 40 46.35 12.67 -15.18
N PHE C 41 45.07 12.43 -15.48
CA PHE C 41 44.51 12.78 -16.76
C PHE C 41 43.38 13.81 -16.68
N ASN C 42 43.06 14.31 -15.49
CA ASN C 42 42.09 15.38 -15.34
C ASN C 42 42.74 16.69 -15.81
N TRP C 43 42.36 17.14 -17.01
CA TRP C 43 43.01 18.32 -17.57
C TRP C 43 42.63 19.60 -16.84
N PHE C 44 41.45 19.65 -16.22
CA PHE C 44 41.10 20.80 -15.40
C PHE C 44 42.01 20.90 -14.18
N GLU C 45 42.15 19.80 -13.44
CA GLU C 45 43.07 19.78 -12.31
C GLU C 45 44.51 19.95 -12.78
N LEU C 46 44.83 19.45 -13.97
CA LEU C 46 46.17 19.64 -14.51
C LEU C 46 46.47 21.13 -14.73
N ALA C 47 45.52 21.85 -15.32
CA ALA C 47 45.71 23.28 -15.51
C ALA C 47 45.77 24.01 -14.17
N ALA C 48 44.95 23.58 -13.21
CA ALA C 48 44.97 24.20 -11.89
C ALA C 48 46.34 24.04 -11.22
N ALA C 49 46.91 22.84 -11.32
CA ALA C 49 48.22 22.60 -10.72
C ALA C 49 49.31 23.34 -11.49
N ASN C 50 49.19 23.41 -12.82
CA ASN C 50 50.18 24.13 -13.61
C ASN C 50 50.19 25.62 -13.29
N ALA C 51 49.01 26.20 -13.07
CA ALA C 51 48.94 27.62 -12.74
C ALA C 51 49.65 27.92 -11.41
N ALA C 52 49.46 27.06 -10.42
CA ALA C 52 50.10 27.23 -9.13
C ALA C 52 51.49 26.62 -9.11
N THR D 10 10.20 -3.72 -44.65
CA THR D 10 9.87 -3.76 -46.06
C THR D 10 11.05 -4.22 -46.90
N GLY D 11 12.23 -4.25 -46.29
CA GLY D 11 13.43 -4.67 -46.98
C GLY D 11 14.02 -3.56 -47.82
N LEU D 12 15.12 -3.89 -48.48
CA LEU D 12 15.80 -2.96 -49.36
C LEU D 12 16.52 -3.73 -50.46
N THR D 13 16.59 -3.12 -51.64
CA THR D 13 17.14 -3.76 -52.81
C THR D 13 18.67 -3.79 -52.72
N ASP D 14 19.29 -4.52 -53.66
CA ASP D 14 20.74 -4.66 -53.72
C ASP D 14 21.38 -3.65 -54.66
N GLU D 15 20.76 -2.48 -54.83
CA GLU D 15 21.31 -1.40 -55.63
C GLU D 15 21.67 -0.18 -54.80
N GLN D 16 20.77 0.24 -53.90
CA GLN D 16 21.08 1.36 -53.01
C GLN D 16 22.05 0.95 -51.91
N ALA D 17 22.08 -0.34 -51.55
CA ALA D 17 23.05 -0.82 -50.57
C ALA D 17 24.46 -0.82 -51.12
N GLN D 18 24.62 -0.75 -52.45
CA GLN D 18 25.95 -0.66 -53.04
C GLN D 18 26.64 0.66 -52.74
N GLU D 19 25.87 1.73 -52.52
CA GLU D 19 26.43 3.04 -52.20
C GLU D 19 26.17 3.48 -50.77
N LEU D 20 25.15 2.94 -50.10
CA LEU D 20 24.98 3.19 -48.67
C LEU D 20 26.18 2.71 -47.89
N HIS D 21 26.68 1.51 -48.21
CA HIS D 21 27.88 1.02 -47.55
C HIS D 21 29.11 1.84 -47.93
N SER D 22 29.15 2.37 -49.14
CA SER D 22 30.29 3.20 -49.54
C SER D 22 30.33 4.49 -48.72
N VAL D 23 29.20 5.16 -48.59
CA VAL D 23 29.18 6.40 -47.80
C VAL D 23 29.39 6.09 -46.31
N TYR D 24 28.89 4.94 -45.84
CA TYR D 24 29.21 4.50 -44.49
C TYR D 24 30.72 4.32 -44.30
N MET D 25 31.38 3.70 -45.27
CA MET D 25 32.83 3.51 -45.17
C MET D 25 33.55 4.85 -45.18
N SER D 26 33.09 5.78 -46.01
CA SER D 26 33.72 7.11 -46.05
C SER D 26 33.59 7.81 -44.71
N GLY D 27 32.38 7.78 -44.13
CA GLY D 27 32.20 8.39 -42.82
C GLY D 27 33.02 7.72 -41.74
N LEU D 28 33.08 6.38 -41.76
CA LEU D 28 33.87 5.65 -40.79
C LEU D 28 35.35 6.01 -40.90
N TRP D 29 35.86 6.11 -42.13
CA TRP D 29 37.26 6.44 -42.32
C TRP D 29 37.56 7.87 -41.89
N LEU D 30 36.65 8.81 -42.16
CA LEU D 30 36.85 10.18 -41.69
C LEU D 30 36.88 10.24 -40.16
N PHE D 31 35.92 9.56 -39.52
CA PHE D 31 35.89 9.54 -38.06
C PHE D 31 37.14 8.89 -37.50
N SER D 32 37.61 7.81 -38.12
CA SER D 32 38.80 7.12 -37.65
C SER D 32 40.04 7.98 -37.82
N ALA D 33 40.13 8.71 -38.92
CA ALA D 33 41.26 9.61 -39.13
C ALA D 33 41.30 10.70 -38.05
N VAL D 34 40.14 11.29 -37.77
CA VAL D 34 40.09 12.31 -36.73
C VAL D 34 40.47 11.70 -35.37
N ALA D 35 39.95 10.51 -35.10
CA ALA D 35 40.23 9.86 -33.81
C ALA D 35 41.71 9.51 -33.66
N VAL D 36 42.34 9.01 -34.73
CA VAL D 36 43.74 8.64 -34.62
C VAL D 36 44.62 9.88 -34.49
N VAL D 37 44.26 10.98 -35.16
CA VAL D 37 44.98 12.23 -34.96
C VAL D 37 44.85 12.69 -33.51
N ALA D 38 43.63 12.61 -32.97
CA ALA D 38 43.42 13.00 -31.57
C ALA D 38 44.23 12.14 -30.62
N HIS D 39 44.27 10.82 -30.87
CA HIS D 39 45.01 9.93 -29.99
C HIS D 39 46.51 10.18 -30.08
N LEU D 40 47.02 10.46 -31.28
CA LEU D 40 48.43 10.81 -31.42
C LEU D 40 48.76 12.08 -30.64
N ALA D 41 47.91 13.11 -30.78
CA ALA D 41 48.15 14.35 -30.04
C ALA D 41 48.08 14.12 -28.54
N THR D 42 47.13 13.32 -28.09
CA THR D 42 46.99 13.03 -26.67
C THR D 42 48.21 12.28 -26.13
N PHE D 43 48.71 11.31 -26.90
CA PHE D 43 49.89 10.57 -26.45
C PHE D 43 51.11 11.46 -26.41
N ILE D 44 51.27 12.35 -27.40
CA ILE D 44 52.39 13.28 -27.37
C ILE D 44 52.28 14.20 -26.16
N TRP D 45 51.08 14.69 -25.86
CA TRP D 45 50.90 15.58 -24.71
C TRP D 45 51.18 14.87 -23.40
N ARG D 46 50.55 13.71 -23.19
CA ARG D 46 50.75 12.91 -21.98
C ARG D 46 50.63 11.45 -22.35
N PRO D 47 51.75 10.75 -22.49
CA PRO D 47 51.69 9.31 -22.80
C PRO D 47 51.09 8.52 -21.64
N TRP D 48 50.37 7.45 -22.00
CA TRP D 48 49.77 6.56 -21.01
C TRP D 48 50.41 5.18 -20.99
N PHE D 49 51.57 5.02 -21.63
CA PHE D 49 52.27 3.75 -21.62
C PHE D 49 53.64 3.89 -20.95
N SER E 2 22.74 31.88 -45.84
CA SER E 2 22.30 33.01 -46.65
C SER E 2 20.86 32.83 -47.11
N LYS E 3 20.37 31.60 -47.03
CA LYS E 3 19.00 31.26 -47.40
C LYS E 3 18.36 30.37 -46.34
N PHE E 4 18.58 30.73 -45.07
CA PHE E 4 18.03 30.01 -43.94
C PHE E 4 16.51 30.11 -43.84
N TYR E 5 15.86 30.84 -44.75
CA TYR E 5 14.43 31.07 -44.68
C TYR E 5 13.61 29.79 -44.86
N LYS E 6 14.22 28.71 -45.31
CA LYS E 6 13.50 27.46 -45.53
C LYS E 6 13.29 26.67 -44.24
N ILE E 7 13.79 27.16 -43.10
CA ILE E 7 13.55 26.46 -41.84
C ILE E 7 12.06 26.48 -41.50
N TRP E 8 11.34 27.51 -41.94
CA TRP E 8 9.89 27.58 -41.72
C TRP E 8 9.12 26.63 -42.61
N LEU E 9 9.75 26.10 -43.65
CA LEU E 9 9.22 24.94 -44.37
C LEU E 9 9.53 23.65 -43.66
N ILE E 10 10.30 23.71 -42.56
CA ILE E 10 10.60 22.54 -41.75
C ILE E 10 9.76 22.48 -40.49
N PHE E 11 9.54 23.62 -39.83
CA PHE E 11 8.89 23.68 -38.52
C PHE E 11 7.64 24.54 -38.61
N ASP E 12 6.70 24.26 -37.72
CA ASP E 12 5.49 25.07 -37.59
C ASP E 12 5.84 26.41 -36.96
N PRO E 13 5.55 27.54 -37.60
CA PRO E 13 5.98 28.83 -37.03
C PRO E 13 5.46 29.12 -35.64
N ARG E 14 4.20 28.76 -35.35
CA ARG E 14 3.68 29.03 -34.01
C ARG E 14 4.25 28.05 -33.00
N ARG E 15 4.33 26.77 -33.38
CA ARG E 15 4.83 25.74 -32.47
C ARG E 15 6.27 25.99 -32.08
N VAL E 16 7.08 26.56 -32.97
CA VAL E 16 8.44 26.90 -32.62
C VAL E 16 8.50 28.22 -31.86
N PHE E 17 7.64 29.18 -32.17
CA PHE E 17 7.67 30.47 -31.49
C PHE E 17 7.35 30.32 -30.01
N VAL E 18 6.34 29.50 -29.67
CA VAL E 18 5.96 29.34 -28.28
C VAL E 18 7.11 28.74 -27.47
N ALA E 19 7.67 27.63 -27.97
CA ALA E 19 8.77 26.97 -27.28
C ALA E 19 10.00 27.87 -27.20
N GLN E 20 10.28 28.63 -28.26
CA GLN E 20 11.42 29.53 -28.26
C GLN E 20 11.27 30.65 -27.22
N GLY E 21 10.06 31.22 -27.10
CA GLY E 21 9.83 32.21 -26.07
C GLY E 21 9.97 31.66 -24.67
N VAL E 22 9.43 30.46 -24.46
CA VAL E 22 9.56 29.82 -23.15
C VAL E 22 11.02 29.58 -22.83
N PHE E 23 11.78 29.08 -23.80
CA PHE E 23 13.20 28.81 -23.61
C PHE E 23 13.95 30.10 -23.27
N LEU E 24 13.66 31.18 -23.99
CA LEU E 24 14.35 32.44 -23.73
C LEU E 24 14.08 32.92 -22.31
N PHE E 25 12.81 32.90 -21.89
CA PHE E 25 12.51 33.38 -20.54
C PHE E 25 13.18 32.52 -19.49
N LEU E 26 13.12 31.19 -19.64
CA LEU E 26 13.72 30.31 -18.64
C LEU E 26 15.23 30.49 -18.59
N LEU E 27 15.87 30.64 -19.74
CA LEU E 27 17.31 30.87 -19.77
C LEU E 27 17.68 32.17 -19.07
N ALA E 28 16.94 33.25 -19.35
CA ALA E 28 17.24 34.53 -18.71
C ALA E 28 17.06 34.44 -17.19
N ALA E 29 15.97 33.79 -16.75
CA ALA E 29 15.74 33.64 -15.31
C ALA E 29 16.86 32.83 -14.67
N MET E 30 17.28 31.74 -15.32
CA MET E 30 18.35 30.91 -14.76
C MET E 30 19.65 31.70 -14.65
N ILE E 31 19.99 32.48 -15.69
CA ILE E 31 21.23 33.26 -15.66
C ILE E 31 21.17 34.30 -14.54
N HIS E 32 20.03 34.99 -14.40
CA HIS E 32 19.90 35.96 -13.33
C HIS E 32 20.06 35.28 -11.96
N LEU E 33 19.45 34.11 -11.79
CA LEU E 33 19.57 33.40 -10.52
C LEU E 33 21.01 32.98 -10.25
N VAL E 34 21.74 32.54 -11.28
CA VAL E 34 23.15 32.22 -11.09
C VAL E 34 23.93 33.45 -10.66
N LEU E 35 23.60 34.62 -11.23
CA LEU E 35 24.26 35.84 -10.79
C LEU E 35 23.96 36.15 -9.32
N LEU E 36 22.71 36.00 -8.88
CA LEU E 36 22.42 36.16 -7.46
C LEU E 36 23.15 35.15 -6.60
N SER E 37 23.36 33.93 -7.08
CA SER E 37 23.99 32.89 -6.29
C SER E 37 25.46 33.18 -5.96
N THR E 38 26.08 34.15 -6.63
CA THR E 38 27.47 34.48 -6.40
C THR E 38 27.61 35.61 -5.40
N GLU E 39 28.81 35.72 -4.82
CA GLU E 39 29.11 36.74 -3.83
C GLU E 39 29.73 37.99 -4.44
N HIS E 40 29.98 38.00 -5.75
CA HIS E 40 30.60 39.14 -6.41
C HIS E 40 29.68 39.87 -7.37
N PHE E 41 28.62 39.22 -7.86
CA PHE E 41 27.71 39.84 -8.81
C PHE E 41 26.29 40.01 -8.25
N ASN E 42 26.10 39.78 -6.96
CA ASN E 42 24.80 39.99 -6.33
C ASN E 42 24.63 41.48 -6.08
N TRP E 43 23.78 42.12 -6.88
CA TRP E 43 23.65 43.58 -6.77
C TRP E 43 22.91 44.00 -5.50
N PHE E 44 22.06 43.14 -4.96
CA PHE E 44 21.40 43.46 -3.69
C PHE E 44 22.41 43.51 -2.56
N GLU E 45 23.24 42.48 -2.43
CA GLU E 45 24.30 42.50 -1.42
C GLU E 45 25.33 43.57 -1.72
N LEU E 46 25.57 43.86 -3.00
CA LEU E 46 26.49 44.93 -3.35
C LEU E 46 25.99 46.27 -2.85
N ALA E 47 24.70 46.56 -3.07
CA ALA E 47 24.13 47.81 -2.58
C ALA E 47 24.12 47.84 -1.06
N ALA E 48 23.83 46.70 -0.43
CA ALA E 48 23.86 46.65 1.04
C ALA E 48 25.25 46.97 1.57
N ALA E 49 26.29 46.42 0.95
CA ALA E 49 27.66 46.72 1.38
C ALA E 49 28.02 48.18 1.10
N ASN E 50 27.62 48.69 -0.05
CA ASN E 50 27.95 50.07 -0.41
C ASN E 50 27.30 51.07 0.54
N ALA E 51 26.04 50.82 0.92
CA ALA E 51 25.36 51.71 1.85
C ALA E 51 25.98 51.67 3.25
N ALA E 52 26.75 50.63 3.55
CA ALA E 52 27.41 50.48 4.85
C ALA E 52 26.41 50.53 6.00
N LEU F 7 14.97 4.85 -53.64
CA LEU F 7 13.91 4.76 -52.64
C LEU F 7 14.28 5.51 -51.37
N SER F 8 13.41 6.44 -50.96
CA SER F 8 13.64 7.26 -49.78
C SER F 8 12.56 6.95 -48.74
N PHE F 9 12.98 6.69 -47.51
CA PHE F 9 12.03 6.40 -46.44
C PHE F 9 11.27 7.64 -46.00
N THR F 10 11.78 8.84 -46.30
CA THR F 10 11.15 10.08 -45.88
C THR F 10 10.29 10.73 -46.96
N GLY F 11 10.35 10.24 -48.20
CA GLY F 11 9.59 10.82 -49.28
C GLY F 11 10.26 11.97 -49.98
N LEU F 12 11.41 12.44 -49.49
CA LEU F 12 12.10 13.53 -50.14
C LEU F 12 12.74 13.04 -51.44
N THR F 13 12.69 13.89 -52.46
CA THR F 13 13.33 13.55 -53.72
C THR F 13 14.84 13.79 -53.64
N ASP F 14 15.56 13.29 -54.63
CA ASP F 14 17.01 13.40 -54.63
C ASP F 14 17.46 14.85 -54.68
N GLU F 15 16.81 15.67 -55.52
CA GLU F 15 17.19 17.07 -55.63
C GLU F 15 16.91 17.83 -54.34
N GLN F 16 15.77 17.56 -53.70
CA GLN F 16 15.43 18.26 -52.47
C GLN F 16 16.41 17.95 -51.35
N ALA F 17 16.83 16.68 -51.25
CA ALA F 17 17.77 16.29 -50.20
C ALA F 17 19.10 17.01 -50.36
N GLN F 18 19.55 17.20 -51.60
CA GLN F 18 20.81 17.89 -51.82
C GLN F 18 20.75 19.33 -51.34
N GLU F 19 19.66 20.05 -51.66
CA GLU F 19 19.52 21.42 -51.20
C GLU F 19 19.40 21.49 -49.68
N LEU F 20 18.63 20.57 -49.10
CA LEU F 20 18.50 20.53 -47.65
C LEU F 20 19.85 20.33 -46.98
N HIS F 21 20.65 19.39 -47.51
CA HIS F 21 21.97 19.16 -46.93
C HIS F 21 22.90 20.34 -47.15
N SER F 22 22.79 21.02 -48.29
CA SER F 22 23.63 22.21 -48.51
C SER F 22 23.32 23.28 -47.47
N VAL F 23 22.04 23.55 -47.22
CA VAL F 23 21.68 24.56 -46.23
C VAL F 23 22.11 24.10 -44.83
N TYR F 24 21.91 22.82 -44.52
CA TYR F 24 22.30 22.31 -43.21
C TYR F 24 23.80 22.44 -42.99
N MET F 25 24.61 22.14 -44.02
CA MET F 25 26.05 22.26 -43.88
C MET F 25 26.47 23.72 -43.76
N SER F 26 25.79 24.63 -44.47
CA SER F 26 26.08 26.04 -44.28
C SER F 26 25.85 26.45 -42.84
N GLY F 27 24.71 26.05 -42.27
CA GLY F 27 24.45 26.36 -40.86
C GLY F 27 25.46 25.74 -39.92
N LEU F 28 25.82 24.48 -40.16
CA LEU F 28 26.78 23.80 -39.30
C LEU F 28 28.14 24.46 -39.38
N TRP F 29 28.56 24.88 -40.57
CA TRP F 29 29.84 25.56 -40.70
C TRP F 29 29.83 26.93 -40.02
N LEU F 30 28.72 27.65 -40.09
CA LEU F 30 28.63 28.91 -39.34
C LEU F 30 28.75 28.66 -37.84
N PHE F 31 28.03 27.65 -37.34
CA PHE F 31 28.11 27.32 -35.92
C PHE F 31 29.52 26.90 -35.53
N SER F 32 30.17 26.10 -36.37
CA SER F 32 31.52 25.64 -36.07
C SER F 32 32.51 26.79 -36.08
N ALA F 33 32.37 27.73 -37.02
CA ALA F 33 33.24 28.89 -37.03
C ALA F 33 33.08 29.73 -35.77
N VAL F 34 31.84 29.96 -35.34
CA VAL F 34 31.62 30.69 -34.10
C VAL F 34 32.24 29.94 -32.92
N ALA F 35 32.08 28.63 -32.88
CA ALA F 35 32.64 27.83 -31.79
C ALA F 35 34.17 27.89 -31.79
N VAL F 36 34.78 27.85 -32.97
CA VAL F 36 36.23 27.92 -33.06
C VAL F 36 36.73 29.27 -32.56
N VAL F 37 36.05 30.36 -32.97
CA VAL F 37 36.45 31.68 -32.49
C VAL F 37 36.34 31.76 -30.97
N ALA F 38 35.23 31.25 -30.43
CA ALA F 38 35.04 31.29 -28.97
C ALA F 38 36.11 30.47 -28.26
N HIS F 39 36.41 29.27 -28.78
CA HIS F 39 37.43 28.42 -28.16
C HIS F 39 38.81 29.07 -28.22
N LEU F 40 39.13 29.72 -29.35
CA LEU F 40 40.42 30.38 -29.48
C LEU F 40 40.54 31.52 -28.48
N ALA F 41 39.49 32.34 -28.36
CA ALA F 41 39.51 33.41 -27.37
C ALA F 41 39.63 32.88 -25.96
N THR F 42 38.92 31.80 -25.64
CA THR F 42 39.01 31.21 -24.31
C THR F 42 40.41 30.67 -24.04
N PHE F 43 41.04 30.05 -25.04
CA PHE F 43 42.39 29.54 -24.85
C PHE F 43 43.38 30.67 -24.62
N ILE F 44 43.23 31.76 -25.37
CA ILE F 44 44.09 32.92 -25.13
C ILE F 44 43.87 33.46 -23.72
N TRP F 45 42.62 33.52 -23.27
CA TRP F 45 42.31 34.07 -21.95
C TRP F 45 42.88 33.20 -20.84
N ARG F 46 42.61 31.89 -20.88
CA ARG F 46 43.02 30.98 -19.82
C ARG F 46 43.26 29.61 -20.42
N PRO F 47 44.48 29.35 -20.89
CA PRO F 47 44.77 28.05 -21.52
C PRO F 47 44.69 26.91 -20.52
N TRP F 48 44.31 25.73 -21.03
CA TRP F 48 44.21 24.52 -20.22
C TRP F 48 45.23 23.46 -20.62
N PHE F 49 46.16 23.79 -21.52
CA PHE F 49 47.24 22.89 -21.89
C PHE F 49 48.59 23.41 -21.40
N SER G 2 31.73 14.86 -48.77
CA SER G 2 30.68 15.85 -48.94
C SER G 2 29.46 15.24 -49.62
N LYS G 3 29.49 13.92 -49.82
CA LYS G 3 28.40 13.19 -50.45
C LYS G 3 27.48 12.54 -49.42
N PHE G 4 27.38 13.13 -48.23
CA PHE G 4 26.52 12.64 -47.17
C PHE G 4 25.09 13.17 -47.30
N TYR G 5 24.77 13.80 -48.43
CA TYR G 5 23.46 14.43 -48.60
C TYR G 5 22.31 13.44 -48.63
N LYS G 6 22.60 12.14 -48.77
CA LYS G 6 21.56 11.12 -48.77
C LYS G 6 21.11 10.72 -47.37
N ILE G 7 21.71 11.31 -46.32
CA ILE G 7 21.28 11.02 -44.96
C ILE G 7 19.85 11.49 -44.74
N TRP G 8 19.41 12.52 -45.46
CA TRP G 8 18.05 13.02 -45.33
C TRP G 8 17.04 12.16 -46.06
N LEU G 9 17.49 11.23 -46.91
CA LEU G 9 16.59 10.30 -47.56
C LEU G 9 16.11 9.21 -46.62
N ILE G 10 16.73 9.06 -45.45
CA ILE G 10 16.37 8.03 -44.50
C ILE G 10 16.00 8.59 -43.13
N PHE G 11 16.19 9.87 -42.88
CA PHE G 11 15.87 10.48 -41.60
C PHE G 11 14.93 11.65 -41.79
N ASP G 12 13.94 11.76 -40.92
CA ASP G 12 12.95 12.82 -41.01
C ASP G 12 13.61 14.16 -40.70
N PRO G 13 13.58 15.14 -41.61
CA PRO G 13 14.20 16.43 -41.32
C PRO G 13 13.61 17.14 -40.11
N ARG G 14 12.33 16.96 -39.83
CA ARG G 14 11.72 17.63 -38.69
C ARG G 14 11.95 16.90 -37.38
N ARG G 15 12.21 15.60 -37.40
CA ARG G 15 12.41 14.83 -36.19
C ARG G 15 13.86 14.83 -35.74
N VAL G 16 14.80 14.92 -36.66
CA VAL G 16 16.21 14.98 -36.28
C VAL G 16 16.62 16.38 -35.83
N PHE G 17 15.96 17.42 -36.35
CA PHE G 17 16.34 18.78 -36.00
C PHE G 17 16.03 19.11 -34.54
N VAL G 18 14.87 18.66 -34.05
CA VAL G 18 14.52 18.91 -32.65
C VAL G 18 15.51 18.21 -31.73
N ALA G 19 15.84 16.95 -32.03
CA ALA G 19 16.81 16.23 -31.23
C ALA G 19 18.18 16.88 -31.31
N GLN G 20 18.57 17.37 -32.48
CA GLN G 20 19.85 18.04 -32.64
C GLN G 20 19.91 19.30 -31.76
N GLY G 21 18.86 20.11 -31.80
CA GLY G 21 18.85 21.32 -30.99
C GLY G 21 18.89 21.01 -29.51
N VAL G 22 18.07 20.05 -29.07
CA VAL G 22 18.05 19.68 -27.66
C VAL G 22 19.41 19.16 -27.21
N PHE G 23 20.01 18.28 -28.01
CA PHE G 23 21.30 17.72 -27.65
C PHE G 23 22.39 18.79 -27.61
N LEU G 24 22.37 19.72 -28.57
CA LEU G 24 23.36 20.79 -28.60
C LEU G 24 23.24 21.66 -27.36
N PHE G 25 22.01 22.03 -26.98
CA PHE G 25 21.84 22.84 -25.79
C PHE G 25 22.27 22.08 -24.54
N LEU G 26 21.92 20.79 -24.46
CA LEU G 26 22.33 20.00 -23.29
C LEU G 26 23.84 19.93 -23.19
N LEU G 27 24.52 19.71 -24.31
CA LEU G 27 25.98 19.62 -24.29
C LEU G 27 26.61 20.93 -23.86
N ALA G 28 26.14 22.04 -24.43
CA ALA G 28 26.70 23.34 -24.07
C ALA G 28 26.46 23.63 -22.59
N ALA G 29 25.25 23.37 -22.11
CA ALA G 29 24.93 23.60 -20.70
C ALA G 29 25.77 22.71 -19.78
N MET G 30 25.95 21.44 -20.14
CA MET G 30 26.75 20.55 -19.32
C MET G 30 28.21 20.99 -19.26
N ILE G 31 28.77 21.41 -20.39
CA ILE G 31 30.17 21.86 -20.39
C ILE G 31 30.31 23.12 -19.55
N HIS G 32 29.39 24.08 -19.71
CA HIS G 32 29.44 25.29 -18.90
C HIS G 32 29.31 24.94 -17.41
N LEU G 33 28.39 24.04 -17.08
CA LEU G 33 28.11 23.74 -15.68
C LEU G 33 29.26 22.98 -15.03
N VAL G 34 29.94 22.11 -15.78
CA VAL G 34 31.12 21.44 -15.22
C VAL G 34 32.30 22.41 -15.14
N LEU G 35 32.35 23.43 -15.99
CA LEU G 35 33.33 24.48 -15.79
C LEU G 35 33.06 25.26 -14.51
N LEU G 36 31.80 25.55 -14.21
CA LEU G 36 31.46 26.17 -12.93
C LEU G 36 31.89 25.33 -11.73
N SER G 37 31.95 24.01 -11.86
CA SER G 37 32.30 23.15 -10.74
C SER G 37 33.79 23.13 -10.45
N THR G 38 34.61 23.76 -11.28
CA THR G 38 36.06 23.82 -11.09
C THR G 38 36.46 25.23 -10.71
N GLU G 39 37.21 25.37 -9.62
CA GLU G 39 37.61 26.68 -9.14
C GLU G 39 38.57 27.39 -10.08
N HIS G 40 39.29 26.66 -10.92
CA HIS G 40 40.23 27.30 -11.83
C HIS G 40 39.53 27.94 -13.02
N PHE G 41 38.40 27.39 -13.47
CA PHE G 41 37.70 27.91 -14.63
C PHE G 41 36.40 28.63 -14.28
N ASN G 42 36.02 28.68 -13.01
CA ASN G 42 34.84 29.41 -12.60
C ASN G 42 35.12 30.91 -12.70
N TRP G 43 34.57 31.56 -13.72
CA TRP G 43 34.90 32.96 -13.96
C TRP G 43 34.27 33.89 -12.93
N PHE G 44 33.16 33.49 -12.30
CA PHE G 44 32.61 34.30 -11.23
C PHE G 44 33.56 34.35 -10.04
N GLU G 45 34.02 33.18 -9.58
CA GLU G 45 35.02 33.15 -8.51
C GLU G 45 36.33 33.75 -8.97
N LEU G 46 36.67 33.61 -10.26
CA LEU G 46 37.87 34.23 -10.78
C LEU G 46 37.81 35.74 -10.63
N ALA G 47 36.68 36.34 -11.01
CA ALA G 47 36.52 37.79 -10.86
C ALA G 47 36.48 38.19 -9.40
N ALA G 48 35.86 37.38 -8.55
CA ALA G 48 35.83 37.69 -7.12
C ALA G 48 37.23 37.71 -6.54
N ALA G 49 38.08 36.74 -6.92
CA ALA G 49 39.45 36.73 -6.43
C ALA G 49 40.27 37.86 -7.03
N ASN G 50 40.04 38.17 -8.31
CA ASN G 50 40.80 39.24 -8.96
C ASN G 50 40.45 40.60 -8.37
N ALA G 51 39.21 40.79 -7.91
CA ALA G 51 38.83 42.06 -7.31
C ALA G 51 39.63 42.32 -6.04
N ALA G 52 39.83 41.30 -5.21
CA ALA G 52 40.59 41.44 -3.98
C ALA G 52 42.08 41.20 -4.23
N ASP H 6 10.31 22.11 -54.14
CA ASP H 6 9.16 22.78 -53.55
C ASP H 6 8.69 22.10 -52.25
N LEU H 7 9.65 21.81 -51.37
CA LEU H 7 9.32 21.17 -50.10
C LEU H 7 8.49 22.11 -49.22
N SER H 8 7.47 21.55 -48.58
CA SER H 8 6.66 22.31 -47.63
C SER H 8 6.03 21.32 -46.66
N PHE H 9 6.62 21.21 -45.47
CA PHE H 9 6.07 20.35 -44.42
C PHE H 9 4.99 21.04 -43.59
N THR H 10 4.81 22.35 -43.77
CA THR H 10 3.85 23.11 -42.97
C THR H 10 2.73 23.73 -43.78
N GLY H 11 2.81 23.69 -45.10
CA GLY H 11 1.83 24.29 -45.97
C GLY H 11 2.21 25.66 -46.48
N LEU H 12 3.17 26.32 -45.86
CA LEU H 12 3.63 27.62 -46.34
C LEU H 12 4.32 27.46 -47.69
N THR H 13 4.12 28.43 -48.57
CA THR H 13 4.78 28.42 -49.86
C THR H 13 6.18 29.03 -49.74
N ASP H 14 6.88 29.11 -50.86
CA ASP H 14 8.23 29.67 -50.86
C ASP H 14 8.23 31.14 -50.47
N GLU H 15 7.25 31.90 -50.94
CA GLU H 15 7.25 33.33 -50.72
C GLU H 15 6.87 33.68 -49.28
N GLN H 16 5.90 32.97 -48.71
CA GLN H 16 5.46 33.26 -47.34
C GLN H 16 6.58 33.02 -46.34
N ALA H 17 7.32 31.92 -46.51
CA ALA H 17 8.42 31.59 -45.61
C ALA H 17 9.52 32.65 -45.61
N GLN H 18 9.84 33.22 -46.77
CA GLN H 18 10.84 34.26 -46.84
C GLN H 18 10.43 35.51 -46.06
N GLU H 19 9.18 35.94 -46.21
CA GLU H 19 8.69 37.09 -45.45
C GLU H 19 8.67 36.79 -43.96
N LEU H 20 8.23 35.59 -43.59
CA LEU H 20 8.22 35.21 -42.18
C LEU H 20 9.63 35.24 -41.60
N HIS H 21 10.61 34.73 -42.36
CA HIS H 21 11.98 34.73 -41.88
C HIS H 21 12.54 36.14 -41.80
N SER H 22 12.15 37.01 -42.73
CA SER H 22 12.59 38.41 -42.66
C SER H 22 12.09 39.07 -41.38
N VAL H 23 10.81 38.87 -41.06
CA VAL H 23 10.25 39.44 -39.83
C VAL H 23 10.94 38.85 -38.61
N TYR H 24 11.14 37.52 -38.61
CA TYR H 24 11.80 36.87 -37.48
C TYR H 24 13.21 37.36 -37.28
N MET H 25 13.95 37.56 -38.37
CA MET H 25 15.34 38.00 -38.25
C MET H 25 15.41 39.45 -37.82
N SER H 26 14.46 40.29 -38.27
CA SER H 26 14.40 41.66 -37.75
C SER H 26 14.16 41.66 -36.25
N GLY H 27 13.23 40.83 -35.79
CA GLY H 27 12.99 40.73 -34.36
C GLY H 27 14.20 40.22 -33.59
N LEU H 28 14.90 39.22 -34.16
CA LEU H 28 16.08 38.69 -33.51
C LEU H 28 17.18 39.74 -33.40
N TRP H 29 17.38 40.52 -34.46
CA TRP H 29 18.38 41.59 -34.41
C TRP H 29 17.99 42.65 -33.39
N LEU H 30 16.70 42.99 -33.31
CA LEU H 30 16.25 43.95 -32.32
C LEU H 30 16.50 43.44 -30.91
N PHE H 31 16.22 42.16 -30.66
CA PHE H 31 16.49 41.57 -29.36
C PHE H 31 17.99 41.56 -29.04
N SER H 32 18.82 41.20 -30.01
CA SER H 32 20.25 41.12 -29.80
C SER H 32 20.87 42.49 -29.58
N ALA H 33 20.34 43.54 -30.18
CA ALA H 33 20.86 44.88 -29.94
C ALA H 33 20.68 45.27 -28.48
N VAL H 34 19.49 45.06 -27.94
CA VAL H 34 19.24 45.35 -26.53
C VAL H 34 20.12 44.47 -25.65
N ALA H 35 20.25 43.19 -26.01
CA ALA H 35 21.08 42.28 -25.22
C ALA H 35 22.54 42.73 -25.19
N VAL H 36 23.10 43.13 -26.34
CA VAL H 36 24.50 43.54 -26.37
C VAL H 36 24.69 44.88 -25.65
N VAL H 37 23.72 45.79 -25.74
CA VAL H 37 23.83 47.04 -24.99
C VAL H 37 23.83 46.75 -23.49
N ALA H 38 22.94 45.85 -23.05
CA ALA H 38 22.89 45.49 -21.64
C ALA H 38 24.19 44.83 -21.20
N HIS H 39 24.75 43.95 -22.02
CA HIS H 39 26.00 43.30 -21.67
C HIS H 39 27.15 44.30 -21.59
N LEU H 40 27.17 45.27 -22.50
CA LEU H 40 28.20 46.30 -22.44
C LEU H 40 28.09 47.12 -21.18
N ALA H 41 26.86 47.50 -20.81
CA ALA H 41 26.66 48.25 -19.57
C ALA H 41 27.09 47.44 -18.36
N THR H 42 26.73 46.15 -18.33
CA THR H 42 27.11 45.31 -17.20
C THR H 42 28.62 45.14 -17.11
N PHE H 43 29.28 44.97 -18.25
CA PHE H 43 30.74 44.84 -18.24
C PHE H 43 31.41 46.13 -17.77
N ILE H 44 30.89 47.27 -18.20
CA ILE H 44 31.44 48.55 -17.72
C ILE H 44 31.25 48.67 -16.22
N TRP H 45 30.08 48.29 -15.72
CA TRP H 45 29.81 48.37 -14.29
C TRP H 45 30.75 47.46 -13.49
N ARG H 46 30.81 46.18 -13.87
CA ARG H 46 31.66 45.21 -13.18
C ARG H 46 32.11 44.17 -14.21
N PRO H 47 33.35 44.26 -14.68
CA PRO H 47 33.84 43.27 -15.65
C PRO H 47 33.97 41.89 -15.02
N TRP H 48 33.83 40.86 -15.87
CA TRP H 48 33.97 39.49 -15.42
C TRP H 48 35.06 38.70 -16.14
N PHE H 49 35.54 39.16 -17.28
CA PHE H 49 36.71 38.54 -17.90
C PHE H 49 37.71 39.60 -18.32
N SER I 2 -8.27 55.19 -24.34
CA SER I 2 -7.90 54.93 -25.72
C SER I 2 -8.98 54.13 -26.44
N LYS I 3 -8.59 52.97 -26.96
CA LYS I 3 -9.49 52.05 -27.63
C LYS I 3 -9.47 50.71 -26.91
N PHE I 4 -9.41 50.76 -25.58
CA PHE I 4 -9.34 49.55 -24.77
C PHE I 4 -10.72 49.00 -24.45
N TYR I 5 -11.57 48.86 -25.48
CA TYR I 5 -12.88 48.26 -25.30
C TYR I 5 -13.09 46.99 -26.10
N LYS I 6 -12.28 46.75 -27.13
CA LYS I 6 -12.35 45.51 -27.90
C LYS I 6 -11.78 44.33 -27.13
N ILE I 7 -11.16 44.59 -25.98
CA ILE I 7 -10.74 43.52 -25.08
C ILE I 7 -11.96 42.69 -24.67
N TRP I 8 -13.13 43.31 -24.62
CA TRP I 8 -14.37 42.59 -24.38
C TRP I 8 -14.87 41.88 -25.64
N LEU I 9 -14.43 42.32 -26.83
CA LEU I 9 -14.68 41.52 -28.02
C LEU I 9 -13.80 40.29 -28.04
N ILE I 10 -12.68 40.31 -27.31
CA ILE I 10 -11.83 39.13 -27.20
C ILE I 10 -12.20 38.28 -25.99
N PHE I 11 -12.34 38.89 -24.81
CA PHE I 11 -12.66 38.17 -23.60
C PHE I 11 -14.15 38.11 -23.34
N ASP I 12 -14.57 37.02 -22.70
CA ASP I 12 -15.95 36.87 -22.27
C ASP I 12 -16.18 37.66 -20.98
N PRO I 13 -17.10 38.62 -20.96
CA PRO I 13 -17.26 39.45 -19.75
C PRO I 13 -17.64 38.66 -18.52
N ARG I 14 -18.39 37.56 -18.67
CA ARG I 14 -18.91 36.83 -17.53
C ARG I 14 -17.93 35.82 -16.96
N ARG I 15 -16.74 35.72 -17.52
CA ARG I 15 -15.67 34.91 -16.97
C ARG I 15 -14.51 35.74 -16.44
N VAL I 16 -14.14 36.81 -17.15
CA VAL I 16 -13.16 37.75 -16.63
C VAL I 16 -13.63 38.36 -15.34
N PHE I 17 -14.93 38.65 -15.23
CA PHE I 17 -15.46 39.23 -14.00
C PHE I 17 -15.31 38.27 -12.83
N VAL I 18 -15.60 36.99 -13.04
CA VAL I 18 -15.44 36.01 -11.97
C VAL I 18 -13.97 35.88 -11.58
N ALA I 19 -13.08 35.83 -12.57
CA ALA I 19 -11.66 35.71 -12.28
C ALA I 19 -11.14 36.91 -11.50
N GLN I 20 -11.53 38.12 -11.92
CA GLN I 20 -11.11 39.33 -11.22
C GLN I 20 -11.69 39.39 -9.81
N GLY I 21 -12.94 38.97 -9.64
CA GLY I 21 -13.53 38.96 -8.31
C GLY I 21 -12.86 37.99 -7.36
N VAL I 22 -12.49 36.81 -7.86
CA VAL I 22 -11.80 35.85 -7.00
C VAL I 22 -10.33 36.20 -6.80
N PHE I 23 -9.74 36.98 -7.71
CA PHE I 23 -8.35 37.39 -7.57
C PHE I 23 -8.16 38.59 -6.65
N LEU I 24 -9.03 39.60 -6.76
CA LEU I 24 -8.86 40.80 -5.96
C LEU I 24 -9.00 40.52 -4.47
N PHE I 25 -10.01 39.73 -4.08
CA PHE I 25 -10.19 39.43 -2.67
C PHE I 25 -9.04 38.61 -2.12
N LEU I 26 -8.55 37.63 -2.90
CA LEU I 26 -7.42 36.84 -2.45
C LEU I 26 -6.18 37.70 -2.28
N LEU I 27 -5.95 38.63 -3.22
CA LEU I 27 -4.81 39.53 -3.09
C LEU I 27 -4.94 40.41 -1.85
N ALA I 28 -6.13 40.95 -1.61
CA ALA I 28 -6.34 41.80 -0.44
C ALA I 28 -6.13 41.02 0.85
N ALA I 29 -6.64 39.79 0.91
CA ALA I 29 -6.45 38.96 2.10
C ALA I 29 -4.97 38.64 2.30
N MET I 30 -4.26 38.36 1.22
CA MET I 30 -2.83 38.08 1.33
C MET I 30 -2.07 39.29 1.85
N ILE I 31 -2.41 40.48 1.37
CA ILE I 31 -1.72 41.69 1.83
C ILE I 31 -2.03 41.97 3.29
N HIS I 32 -3.29 41.79 3.70
CA HIS I 32 -3.64 41.99 5.09
C HIS I 32 -2.91 40.99 5.99
N LEU I 33 -2.78 39.74 5.53
CA LEU I 33 -2.02 38.73 6.28
C LEU I 33 -0.55 39.10 6.35
N VAL I 34 0.01 39.63 5.26
CA VAL I 34 1.41 40.06 5.27
C VAL I 34 1.61 41.16 6.31
N LEU I 35 0.68 42.12 6.36
CA LEU I 35 0.77 43.16 7.37
C LEU I 35 0.66 42.58 8.77
N LEU I 36 -0.24 41.62 8.98
CA LEU I 36 -0.36 40.99 10.28
C LEU I 36 0.87 40.18 10.64
N SER I 37 1.66 39.78 9.65
CA SER I 37 2.87 39.02 9.91
C SER I 37 3.99 39.85 10.52
N THR I 38 3.94 41.17 10.39
CA THR I 38 5.00 42.03 10.87
C THR I 38 4.73 42.47 12.30
N GLU I 39 5.78 43.02 12.94
CA GLU I 39 5.65 43.58 14.27
C GLU I 39 5.29 45.06 14.27
N HIS I 40 5.45 45.73 13.14
CA HIS I 40 5.21 47.17 13.06
C HIS I 40 3.79 47.52 12.61
N PHE I 41 3.14 46.64 11.85
CA PHE I 41 1.85 46.95 11.26
C PHE I 41 0.71 46.12 11.83
N ASN I 42 0.93 45.42 12.94
CA ASN I 42 -0.17 44.75 13.65
C ASN I 42 -1.01 45.80 14.37
N TRP I 43 -2.17 46.14 13.79
CA TRP I 43 -3.03 47.09 14.46
C TRP I 43 -3.56 46.53 15.78
N PHE I 44 -3.81 45.22 15.84
CA PHE I 44 -4.22 44.60 17.09
C PHE I 44 -3.13 44.70 18.14
N GLU I 45 -1.90 44.32 17.78
CA GLU I 45 -0.81 44.37 18.74
C GLU I 45 -0.41 45.79 19.08
N LEU I 46 -0.52 46.71 18.12
CA LEU I 46 -0.28 48.13 18.44
C LEU I 46 -1.30 48.64 19.43
N ALA I 47 -2.58 48.28 19.25
CA ALA I 47 -3.59 48.68 20.22
C ALA I 47 -3.31 48.09 21.59
N ALA I 48 -2.89 46.82 21.64
CA ALA I 48 -2.56 46.20 22.90
C ALA I 48 -1.39 46.91 23.58
N ALA I 49 -0.37 47.28 22.81
CA ALA I 49 0.79 47.95 23.37
C ALA I 49 0.43 49.34 23.88
N ASN I 50 -0.33 50.11 23.10
CA ASN I 50 -0.76 51.43 23.55
C ASN I 50 -1.72 51.36 24.73
N ALA I 51 -2.40 50.22 24.92
CA ALA I 51 -3.23 50.06 26.11
C ALA I 51 -2.39 50.09 27.37
N ALA I 52 -1.23 49.45 27.34
CA ALA I 52 -0.34 49.43 28.50
C ALA I 52 0.55 50.67 28.52
N LEU J 7 -0.08 32.05 -44.04
CA LEU J 7 -0.63 33.38 -44.22
C LEU J 7 -1.36 33.84 -42.96
N SER J 8 -2.33 33.04 -42.50
CA SER J 8 -3.08 33.38 -41.30
C SER J 8 -3.59 32.08 -40.69
N PHE J 9 -2.91 31.62 -39.62
CA PHE J 9 -3.35 30.42 -38.93
C PHE J 9 -4.51 30.69 -37.99
N THR J 10 -4.66 31.93 -37.53
CA THR J 10 -5.74 32.29 -36.61
C THR J 10 -7.02 32.72 -37.33
N GLY J 11 -6.97 32.90 -38.64
CA GLY J 11 -8.12 33.34 -39.39
C GLY J 11 -8.27 34.85 -39.50
N LEU J 12 -7.48 35.61 -38.76
CA LEU J 12 -7.54 37.06 -38.86
C LEU J 12 -6.97 37.54 -40.18
N THR J 13 -7.55 38.62 -40.71
CA THR J 13 -7.06 39.23 -41.92
C THR J 13 -5.88 40.15 -41.59
N ASP J 14 -5.28 40.73 -42.63
CA ASP J 14 -4.14 41.61 -42.42
C ASP J 14 -4.54 42.87 -41.66
N GLU J 15 -5.66 43.49 -42.05
CA GLU J 15 -6.09 44.71 -41.38
C GLU J 15 -6.59 44.45 -39.97
N GLN J 16 -7.15 43.26 -39.71
CA GLN J 16 -7.63 42.95 -38.37
C GLN J 16 -6.47 42.82 -37.40
N ALA J 17 -5.45 42.05 -37.77
CA ALA J 17 -4.27 41.91 -36.92
C ALA J 17 -3.49 43.21 -36.79
N GLN J 18 -3.43 44.01 -37.85
CA GLN J 18 -2.79 45.30 -37.77
C GLN J 18 -3.52 46.24 -36.81
N GLU J 19 -4.86 46.21 -36.82
CA GLU J 19 -5.61 46.98 -35.85
C GLU J 19 -5.40 46.47 -34.43
N LEU J 20 -5.33 45.15 -34.26
CA LEU J 20 -5.10 44.60 -32.92
C LEU J 20 -3.75 45.01 -32.38
N HIS J 21 -2.71 44.96 -33.22
CA HIS J 21 -1.36 45.25 -32.75
C HIS J 21 -1.21 46.70 -32.30
N SER J 22 -1.92 47.63 -32.93
CA SER J 22 -1.79 49.03 -32.56
C SER J 22 -2.26 49.26 -31.12
N VAL J 23 -3.46 48.77 -30.79
CA VAL J 23 -3.97 48.94 -29.44
C VAL J 23 -3.17 48.11 -28.44
N TYR J 24 -2.71 46.92 -28.85
CA TYR J 24 -1.88 46.13 -27.95
C TYR J 24 -0.59 46.86 -27.62
N MET J 25 0.05 47.49 -28.61
CA MET J 25 1.30 48.19 -28.38
C MET J 25 1.06 49.47 -27.57
N SER J 26 -0.07 50.13 -27.78
CA SER J 26 -0.41 51.28 -26.95
C SER J 26 -0.57 50.86 -25.50
N GLY J 27 -1.24 49.74 -25.26
CA GLY J 27 -1.36 49.22 -23.91
C GLY J 27 -0.01 48.84 -23.31
N LEU J 28 0.87 48.27 -24.13
CA LEU J 28 2.20 47.92 -23.66
C LEU J 28 2.98 49.16 -23.25
N TRP J 29 2.90 50.23 -24.05
CA TRP J 29 3.57 51.47 -23.70
C TRP J 29 2.99 52.07 -22.43
N LEU J 30 1.66 52.02 -22.28
CA LEU J 30 1.04 52.52 -21.06
C LEU J 30 1.50 51.74 -19.84
N PHE J 31 1.57 50.41 -19.96
CA PHE J 31 2.02 49.60 -18.84
C PHE J 31 3.50 49.82 -18.53
N SER J 32 4.31 50.09 -19.55
CA SER J 32 5.73 50.33 -19.36
C SER J 32 6.03 51.71 -18.78
N ALA J 33 5.23 52.72 -19.12
CA ALA J 33 5.46 54.06 -18.57
C ALA J 33 5.29 54.08 -17.05
N VAL J 34 4.25 53.40 -16.56
CA VAL J 34 4.05 53.32 -15.11
C VAL J 34 5.20 52.58 -14.45
N ALA J 35 5.68 51.51 -15.08
CA ALA J 35 6.81 50.78 -14.53
C ALA J 35 8.07 51.64 -14.51
N VAL J 36 8.28 52.45 -15.54
CA VAL J 36 9.43 53.34 -15.57
C VAL J 36 9.35 54.37 -14.45
N VAL J 37 8.16 54.94 -14.24
CA VAL J 37 7.99 55.93 -13.18
C VAL J 37 8.24 55.30 -11.82
N ALA J 38 7.68 54.11 -11.59
CA ALA J 38 7.87 53.44 -10.32
C ALA J 38 9.32 53.06 -10.10
N HIS J 39 10.01 52.63 -11.16
CA HIS J 39 11.43 52.29 -11.04
C HIS J 39 12.27 53.52 -10.72
N LEU J 40 11.95 54.66 -11.34
CA LEU J 40 12.65 55.90 -11.01
C LEU J 40 12.45 56.27 -9.56
N ALA J 41 11.20 56.17 -9.07
CA ALA J 41 10.92 56.48 -7.68
C ALA J 41 11.66 55.53 -6.74
N THR J 42 11.69 54.24 -7.09
CA THR J 42 12.38 53.26 -6.26
C THR J 42 13.89 53.52 -6.24
N PHE J 43 14.47 53.87 -7.38
CA PHE J 43 15.89 54.20 -7.42
C PHE J 43 16.20 55.43 -6.59
N ILE J 44 15.34 56.44 -6.66
CA ILE J 44 15.55 57.64 -5.85
C ILE J 44 15.48 57.30 -4.36
N TRP J 45 14.48 56.49 -3.98
CA TRP J 45 14.32 56.14 -2.57
C TRP J 45 15.48 55.29 -2.06
N ARG J 46 15.93 54.33 -2.87
CA ARG J 46 16.99 53.41 -2.47
C ARG J 46 17.68 52.84 -3.71
N PRO J 47 18.74 53.49 -4.20
CA PRO J 47 19.39 53.01 -5.42
C PRO J 47 20.07 51.66 -5.20
N TRP J 48 20.09 50.85 -6.26
CA TRP J 48 20.74 49.55 -6.24
C TRP J 48 21.98 49.51 -7.12
N PHE J 49 22.50 50.67 -7.53
CA PHE J 49 23.73 50.72 -8.30
C PHE J 49 24.76 51.63 -7.62
N SER K 2 7.62 48.07 -37.30
CA SER K 2 7.78 47.53 -38.63
C SER K 2 6.59 46.67 -39.02
N LYS K 3 6.84 45.37 -39.26
CA LYS K 3 5.81 44.42 -39.62
C LYS K 3 5.55 43.42 -38.50
N PHE K 4 5.75 43.84 -37.25
CA PHE K 4 5.54 42.95 -36.12
C PHE K 4 4.08 42.60 -35.91
N TYR K 5 3.16 43.31 -36.56
CA TYR K 5 1.74 43.05 -36.38
C TYR K 5 1.31 41.68 -36.88
N LYS K 6 2.13 41.02 -37.69
CA LYS K 6 1.77 39.71 -38.24
C LYS K 6 1.86 38.60 -37.22
N ILE K 7 2.36 38.86 -36.02
CA ILE K 7 2.40 37.84 -34.96
C ILE K 7 1.00 37.36 -34.61
N TRP K 8 -0.02 38.19 -34.82
CA TRP K 8 -1.40 37.80 -34.49
C TRP K 8 -2.03 36.94 -35.59
N LEU K 9 -1.37 36.79 -36.73
CA LEU K 9 -1.81 35.81 -37.73
C LEU K 9 -1.41 34.39 -37.37
N ILE K 10 -0.59 34.21 -36.34
CA ILE K 10 -0.18 32.88 -35.89
C ILE K 10 -0.45 32.64 -34.41
N PHE K 11 -0.65 33.68 -33.60
CA PHE K 11 -0.97 33.54 -32.19
C PHE K 11 -2.44 33.89 -31.96
N ASP K 12 -3.13 33.05 -31.21
CA ASP K 12 -4.51 33.32 -30.86
C ASP K 12 -4.56 34.39 -29.78
N PRO K 13 -5.23 35.52 -29.99
CA PRO K 13 -5.28 36.56 -28.96
C PRO K 13 -5.94 36.10 -27.67
N ARG K 14 -6.91 35.19 -27.73
CA ARG K 14 -7.58 34.73 -26.53
C ARG K 14 -6.66 33.92 -25.61
N ARG K 15 -5.55 33.42 -26.14
CA ARG K 15 -4.62 32.60 -25.37
C ARG K 15 -3.36 33.35 -24.97
N VAL K 16 -2.80 34.15 -25.90
CA VAL K 16 -1.62 34.94 -25.58
C VAL K 16 -1.93 35.95 -24.48
N PHE K 17 -3.13 36.53 -24.51
CA PHE K 17 -3.50 37.51 -23.49
C PHE K 17 -3.57 36.85 -22.11
N VAL K 18 -4.18 35.67 -22.02
CA VAL K 18 -4.29 34.98 -20.73
C VAL K 18 -2.90 34.60 -20.22
N ALA K 19 -2.08 34.02 -21.10
CA ALA K 19 -0.73 33.65 -20.70
C ALA K 19 0.07 34.86 -20.26
N GLN K 20 -0.07 35.97 -20.98
CA GLN K 20 0.64 37.19 -20.64
C GLN K 20 0.22 37.72 -19.29
N GLY K 21 -1.08 37.73 -19.01
CA GLY K 21 -1.55 38.21 -17.72
C GLY K 21 -1.04 37.37 -16.56
N VAL K 22 -1.15 36.04 -16.71
CA VAL K 22 -0.68 35.15 -15.65
C VAL K 22 0.82 35.32 -15.44
N PHE K 23 1.58 35.35 -16.54
CA PHE K 23 3.03 35.48 -16.45
C PHE K 23 3.43 36.81 -15.81
N LEU K 24 2.77 37.89 -16.19
CA LEU K 24 3.10 39.19 -15.61
C LEU K 24 2.81 39.24 -14.12
N PHE K 25 1.67 38.72 -13.69
CA PHE K 25 1.37 38.74 -12.26
C PHE K 25 2.37 37.89 -11.49
N LEU K 26 2.67 36.69 -12.00
CA LEU K 26 3.61 35.82 -11.30
C LEU K 26 5.00 36.44 -11.24
N LEU K 27 5.43 37.07 -12.33
CA LEU K 27 6.73 37.72 -12.35
C LEU K 27 6.80 38.87 -11.34
N ALA K 28 5.75 39.69 -11.29
CA ALA K 28 5.74 40.80 -10.35
C ALA K 28 5.76 40.30 -8.91
N ALA K 29 4.97 39.27 -8.61
CA ALA K 29 4.96 38.71 -7.27
C ALA K 29 6.33 38.13 -6.92
N MET K 30 6.97 37.44 -7.87
CA MET K 30 8.27 36.86 -7.61
C MET K 30 9.32 37.94 -7.34
N ILE K 31 9.30 39.03 -8.10
CA ILE K 31 10.28 40.09 -7.88
C ILE K 31 10.05 40.76 -6.53
N HIS K 32 8.78 41.02 -6.18
CA HIS K 32 8.49 41.59 -4.88
C HIS K 32 8.96 40.66 -3.76
N LEU K 33 8.77 39.35 -3.92
CA LEU K 33 9.24 38.40 -2.92
C LEU K 33 10.76 38.35 -2.86
N VAL K 34 11.45 38.50 -3.99
CA VAL K 34 12.91 38.55 -3.97
C VAL K 34 13.37 39.77 -3.18
N LEU K 35 12.73 40.92 -3.40
CA LEU K 35 13.07 42.11 -2.62
C LEU K 35 12.82 41.87 -1.14
N LEU K 36 11.69 41.24 -0.79
CA LEU K 36 11.40 40.94 0.60
C LEU K 36 12.36 39.92 1.21
N SER K 37 12.98 39.08 0.39
CA SER K 37 13.92 38.10 0.90
C SER K 37 15.22 38.71 1.39
N THR K 38 15.54 39.92 0.95
CA THR K 38 16.78 40.57 1.33
C THR K 38 16.58 41.33 2.65
N GLU K 39 17.61 42.05 3.08
CA GLU K 39 17.54 42.88 4.26
C GLU K 39 17.70 44.36 3.97
N HIS K 40 18.13 44.73 2.76
CA HIS K 40 18.31 46.13 2.41
C HIS K 40 17.08 46.73 1.74
N PHE K 41 16.15 45.90 1.27
CA PHE K 41 14.98 46.40 0.55
C PHE K 41 13.66 46.00 1.21
N ASN K 42 13.69 45.49 2.43
CA ASN K 42 12.46 45.26 3.18
C ASN K 42 11.89 46.59 3.63
N TRP K 43 10.88 47.08 2.92
CA TRP K 43 10.25 48.33 3.35
C TRP K 43 9.56 48.17 4.70
N PHE K 44 9.04 46.97 4.98
CA PHE K 44 8.47 46.70 6.30
C PHE K 44 9.55 46.78 7.38
N GLU K 45 10.65 46.04 7.19
CA GLU K 45 11.72 46.06 8.17
C GLU K 45 12.42 47.40 8.23
N LEU K 46 12.53 48.09 7.09
CA LEU K 46 13.10 49.42 7.08
C LEU K 46 12.25 50.38 7.90
N ALA K 47 10.93 50.32 7.74
CA ALA K 47 10.04 51.16 8.52
C ALA K 47 10.12 50.81 10.00
N ALA K 48 10.23 49.51 10.31
CA ALA K 48 10.38 49.11 11.71
C ALA K 48 11.67 49.65 12.32
N ALA K 49 12.77 49.58 11.58
CA ALA K 49 14.04 50.10 12.08
C ALA K 49 13.99 51.61 12.25
N ASN K 50 13.40 52.32 11.29
CA ASN K 50 13.23 53.76 11.43
C ASN K 50 12.20 54.06 12.52
N ALA K 51 12.35 55.23 13.14
CA ALA K 51 11.50 55.65 14.25
C ALA K 51 11.50 54.62 15.37
N ALA K 52 12.69 54.07 15.66
CA ALA K 52 12.83 53.07 16.71
C ALA K 52 14.26 53.08 17.26
N ASP L 6 -16.26 44.21 -36.84
CA ASP L 6 -16.45 42.98 -37.60
C ASP L 6 -15.78 41.80 -36.92
N LEU L 7 -14.78 42.09 -36.08
CA LEU L 7 -14.05 41.07 -35.35
C LEU L 7 -14.66 40.93 -33.97
N SER L 8 -15.10 39.72 -33.63
CA SER L 8 -15.72 39.48 -32.33
C SER L 8 -15.59 37.99 -32.02
N PHE L 9 -14.83 37.67 -30.98
CA PHE L 9 -14.67 36.29 -30.54
C PHE L 9 -15.66 35.89 -29.45
N THR L 10 -16.49 36.82 -28.97
CA THR L 10 -17.44 36.53 -27.90
C THR L 10 -18.87 36.90 -28.29
N GLY L 11 -19.12 37.19 -29.57
CA GLY L 11 -20.45 37.52 -30.01
C GLY L 11 -20.99 38.83 -29.47
N LEU L 12 -20.14 39.86 -29.44
CA LEU L 12 -20.55 41.20 -29.07
C LEU L 12 -20.34 42.15 -30.24
N THR L 13 -21.11 43.22 -30.27
CA THR L 13 -21.01 44.22 -31.32
C THR L 13 -19.96 45.27 -30.96
N ASP L 14 -19.71 46.19 -31.89
CA ASP L 14 -18.76 47.27 -31.65
C ASP L 14 -19.30 48.33 -30.70
N GLU L 15 -20.63 48.42 -30.56
CA GLU L 15 -21.23 49.40 -29.67
C GLU L 15 -21.49 48.86 -28.27
N GLN L 16 -21.81 47.57 -28.16
CA GLN L 16 -22.00 46.97 -26.84
C GLN L 16 -20.71 47.00 -26.03
N ALA L 17 -19.58 46.71 -26.68
CA ALA L 17 -18.31 46.69 -25.97
C ALA L 17 -17.93 48.06 -25.44
N GLN L 18 -18.23 49.12 -26.19
CA GLN L 18 -17.91 50.47 -25.74
C GLN L 18 -18.67 50.81 -24.46
N GLU L 19 -19.97 50.51 -24.42
CA GLU L 19 -20.76 50.76 -23.23
C GLU L 19 -20.28 49.92 -22.05
N LEU L 20 -19.99 48.63 -22.32
CA LEU L 20 -19.50 47.76 -21.25
C LEU L 20 -18.20 48.27 -20.67
N HIS L 21 -17.27 48.68 -21.53
CA HIS L 21 -15.99 49.20 -21.03
C HIS L 21 -16.16 50.54 -20.33
N SER L 22 -17.08 51.38 -20.80
CA SER L 22 -17.31 52.66 -20.12
C SER L 22 -17.79 52.44 -18.70
N VAL L 23 -18.79 51.57 -18.52
CA VAL L 23 -19.30 51.33 -17.18
C VAL L 23 -18.27 50.55 -16.34
N TYR L 24 -17.48 49.67 -16.97
CA TYR L 24 -16.45 48.96 -16.23
C TYR L 24 -15.38 49.92 -15.73
N MET L 25 -14.96 50.88 -16.55
CA MET L 25 -14.00 51.88 -16.12
C MET L 25 -14.58 52.78 -15.05
N SER L 26 -15.87 53.10 -15.16
CA SER L 26 -16.53 53.87 -14.10
C SER L 26 -16.50 53.12 -12.78
N GLY L 27 -16.76 51.82 -12.82
CA GLY L 27 -16.66 51.02 -11.60
C GLY L 27 -15.25 50.88 -11.08
N LEU L 28 -14.27 50.82 -11.99
CA LEU L 28 -12.87 50.68 -11.60
C LEU L 28 -12.33 51.95 -10.96
N TRP L 29 -12.76 53.12 -11.45
CA TRP L 29 -12.24 54.36 -10.91
C TRP L 29 -12.71 54.59 -9.48
N LEU L 30 -13.96 54.21 -9.17
CA LEU L 30 -14.45 54.33 -7.80
C LEU L 30 -13.66 53.43 -6.85
N PHE L 31 -13.42 52.18 -7.27
CA PHE L 31 -12.62 51.27 -6.45
C PHE L 31 -11.21 51.80 -6.25
N SER L 32 -10.61 52.34 -7.31
CA SER L 32 -9.26 52.89 -7.21
C SER L 32 -9.25 54.11 -6.28
N ALA L 33 -10.27 54.95 -6.35
CA ALA L 33 -10.33 56.13 -5.48
C ALA L 33 -10.46 55.72 -4.02
N VAL L 34 -11.29 54.72 -3.74
CA VAL L 34 -11.42 54.23 -2.37
C VAL L 34 -10.10 53.66 -1.89
N ALA L 35 -9.41 52.91 -2.75
CA ALA L 35 -8.12 52.35 -2.38
C ALA L 35 -7.09 53.44 -2.12
N VAL L 36 -7.09 54.48 -2.94
CA VAL L 36 -6.15 55.59 -2.76
C VAL L 36 -6.41 56.30 -1.44
N VAL L 37 -7.69 56.54 -1.12
CA VAL L 37 -8.03 57.17 0.15
C VAL L 37 -7.57 56.31 1.32
N ALA L 38 -7.81 55.00 1.23
CA ALA L 38 -7.40 54.10 2.30
C ALA L 38 -5.88 54.09 2.45
N HIS L 39 -5.15 54.08 1.34
CA HIS L 39 -3.70 54.07 1.41
C HIS L 39 -3.16 55.37 1.98
N LEU L 40 -3.77 56.50 1.62
CA LEU L 40 -3.36 57.77 2.22
C LEU L 40 -3.61 57.78 3.72
N ALA L 41 -4.77 57.27 4.15
CA ALA L 41 -5.08 57.22 5.57
C ALA L 41 -4.09 56.33 6.32
N THR L 42 -3.78 55.16 5.78
CA THR L 42 -2.87 54.26 6.48
C THR L 42 -1.43 54.76 6.43
N PHE L 43 -1.06 55.52 5.40
CA PHE L 43 0.28 56.10 5.38
C PHE L 43 0.38 57.24 6.39
N ILE L 44 -0.68 58.02 6.56
CA ILE L 44 -0.69 59.03 7.60
C ILE L 44 -0.61 58.38 8.98
N TRP L 45 -1.37 57.30 9.19
CA TRP L 45 -1.38 56.65 10.49
C TRP L 45 -0.02 56.00 10.80
N ARG L 46 0.58 55.36 9.81
CA ARG L 46 1.86 54.66 10.01
C ARG L 46 2.58 54.59 8.67
N PRO L 47 3.45 55.54 8.37
CA PRO L 47 4.14 55.54 7.08
C PRO L 47 5.11 54.37 6.97
N TRP L 48 5.28 53.89 5.74
CA TRP L 48 6.22 52.81 5.44
C TRP L 48 7.39 53.27 4.59
N PHE L 49 7.65 54.57 4.55
CA PHE L 49 8.78 55.10 3.80
C PHE L 49 9.65 55.98 4.68
N ASP M 6 -31.45 43.52 -25.80
CA ASP M 6 -30.17 43.15 -26.39
C ASP M 6 -29.10 42.99 -25.31
N LEU M 7 -28.17 42.05 -25.55
CA LEU M 7 -27.07 41.76 -24.63
C LEU M 7 -27.60 41.38 -23.24
N SER M 8 -28.30 40.24 -23.22
CA SER M 8 -28.89 39.69 -22.01
C SER M 8 -28.36 38.27 -21.85
N PHE M 9 -27.26 38.13 -21.12
CA PHE M 9 -26.67 36.81 -20.90
C PHE M 9 -27.52 35.95 -19.98
N THR M 10 -28.41 36.56 -19.19
CA THR M 10 -29.20 35.84 -18.20
C THR M 10 -30.70 35.89 -18.49
N GLY M 11 -31.08 36.24 -19.71
CA GLY M 11 -32.50 36.31 -20.05
C GLY M 11 -33.24 37.35 -19.23
N LEU M 12 -32.62 38.49 -18.97
CA LEU M 12 -33.20 39.55 -18.15
C LEU M 12 -33.22 40.83 -18.97
N THR M 13 -34.37 41.49 -18.99
CA THR M 13 -34.50 42.72 -19.76
C THR M 13 -33.83 43.88 -19.02
N ASP M 14 -33.55 44.94 -19.77
CA ASP M 14 -32.92 46.12 -19.18
C ASP M 14 -33.82 46.74 -18.12
N GLU M 15 -35.11 46.86 -18.41
CA GLU M 15 -36.05 47.44 -17.45
C GLU M 15 -36.18 46.55 -16.22
N GLN M 16 -36.19 45.23 -16.41
CA GLN M 16 -36.38 44.31 -15.29
C GLN M 16 -35.23 44.41 -14.28
N ALA M 17 -34.01 44.56 -14.78
CA ALA M 17 -32.85 44.60 -13.89
C ALA M 17 -32.81 45.87 -13.04
N GLN M 18 -33.50 46.93 -13.46
CA GLN M 18 -33.36 48.20 -12.76
C GLN M 18 -33.93 48.14 -11.34
N GLU M 19 -35.17 47.65 -11.19
CA GLU M 19 -35.73 47.57 -9.85
C GLU M 19 -35.05 46.50 -9.01
N LEU M 20 -34.56 45.43 -9.65
CA LEU M 20 -33.79 44.43 -8.93
C LEU M 20 -32.53 45.05 -8.33
N HIS M 21 -31.81 45.86 -9.12
CA HIS M 21 -30.63 46.53 -8.60
C HIS M 21 -31.01 47.56 -7.55
N SER M 22 -32.15 48.23 -7.72
CA SER M 22 -32.57 49.23 -6.74
C SER M 22 -32.83 48.58 -5.38
N VAL M 23 -33.54 47.46 -5.36
CA VAL M 23 -33.81 46.80 -4.10
C VAL M 23 -32.55 46.16 -3.53
N TYR M 24 -31.67 45.65 -4.40
CA TYR M 24 -30.38 45.14 -3.94
C TYR M 24 -29.57 46.25 -3.27
N MET M 25 -29.58 47.44 -3.85
CA MET M 25 -28.85 48.56 -3.24
C MET M 25 -29.51 48.99 -1.93
N SER M 26 -30.84 48.97 -1.85
CA SER M 26 -31.50 49.32 -0.60
C SER M 26 -31.11 48.34 0.51
N GLY M 27 -31.19 47.04 0.21
CA GLY M 27 -30.80 46.02 1.15
C GLY M 27 -29.31 45.87 1.34
N LEU M 28 -28.52 46.59 0.55
CA LEU M 28 -27.09 46.75 0.78
C LEU M 28 -26.79 47.91 1.71
N TRP M 29 -27.46 49.05 1.50
CA TRP M 29 -27.24 50.20 2.38
C TRP M 29 -27.77 49.92 3.78
N LEU M 30 -28.84 49.14 3.90
CA LEU M 30 -29.30 48.76 5.24
C LEU M 30 -28.22 47.97 5.98
N PHE M 31 -27.66 46.96 5.32
CA PHE M 31 -26.61 46.15 5.92
C PHE M 31 -25.38 46.99 6.23
N SER M 32 -25.00 47.89 5.32
CA SER M 32 -23.85 48.74 5.54
C SER M 32 -24.06 49.69 6.71
N ALA M 33 -25.28 50.22 6.84
CA ALA M 33 -25.58 51.10 7.98
C ALA M 33 -25.49 50.33 9.29
N VAL M 34 -26.02 49.10 9.32
CA VAL M 34 -25.89 48.29 10.53
C VAL M 34 -24.44 48.05 10.86
N ALA M 35 -23.64 47.71 9.84
CA ALA M 35 -22.22 47.46 10.06
C ALA M 35 -21.49 48.71 10.54
N VAL M 36 -21.84 49.87 10.00
CA VAL M 36 -21.22 51.12 10.40
C VAL M 36 -21.55 51.43 11.86
N VAL M 37 -22.81 51.24 12.26
CA VAL M 37 -23.18 51.48 13.65
C VAL M 37 -22.44 50.53 14.57
N ALA M 38 -22.35 49.26 14.19
CA ALA M 38 -21.63 48.28 15.02
C ALA M 38 -20.15 48.65 15.13
N HIS M 39 -19.53 49.05 14.03
CA HIS M 39 -18.12 49.42 14.06
C HIS M 39 -17.89 50.67 14.90
N LEU M 40 -18.79 51.64 14.81
CA LEU M 40 -18.65 52.84 15.64
C LEU M 40 -18.77 52.49 17.11
N ALA M 41 -19.73 51.63 17.46
CA ALA M 41 -19.87 51.20 18.85
C ALA M 41 -18.63 50.46 19.33
N THR M 42 -18.07 49.59 18.48
CA THR M 42 -16.87 48.86 18.85
C THR M 42 -15.68 49.80 19.05
N PHE M 43 -15.56 50.81 18.19
CA PHE M 43 -14.46 51.77 18.33
C PHE M 43 -14.61 52.59 19.61
N ILE M 44 -15.85 52.97 19.95
CA ILE M 44 -16.07 53.68 21.21
C ILE M 44 -15.72 52.79 22.39
N TRP M 45 -16.10 51.51 22.31
CA TRP M 45 -15.85 50.59 23.42
C TRP M 45 -14.37 50.35 23.62
N ARG M 46 -13.65 50.03 22.54
CA ARG M 46 -12.21 49.75 22.60
C ARG M 46 -11.61 50.12 21.26
N PRO M 47 -11.04 51.32 21.13
CA PRO M 47 -10.48 51.73 19.84
C PRO M 47 -9.26 50.90 19.47
N TRP M 48 -9.06 50.74 18.16
CA TRP M 48 -7.93 49.99 17.63
C TRP M 48 -6.93 50.89 16.91
N PHE M 49 -7.03 52.20 17.11
CA PHE M 49 -6.08 53.14 16.51
C PHE M 49 -5.48 54.06 17.57
N ASP N 6 -44.00 39.09 -13.61
CA ASP N 6 -43.12 39.16 -14.77
C ASP N 6 -41.87 38.33 -14.55
N LEU N 7 -40.99 38.80 -13.66
CA LEU N 7 -39.75 38.08 -13.35
C LEU N 7 -40.03 37.12 -12.20
N SER N 8 -40.00 35.82 -12.50
CA SER N 8 -40.24 34.79 -11.49
C SER N 8 -39.46 33.54 -11.89
N PHE N 9 -38.26 33.39 -11.31
CA PHE N 9 -37.48 32.18 -11.54
C PHE N 9 -38.10 30.97 -10.86
N THR N 10 -38.66 31.16 -9.67
CA THR N 10 -39.24 30.05 -8.93
C THR N 10 -40.53 29.55 -9.59
N GLY N 11 -41.37 30.48 -10.06
CA GLY N 11 -42.63 30.16 -10.70
C GLY N 11 -43.84 30.71 -9.98
N LEU N 12 -43.73 30.92 -8.68
CA LEU N 12 -44.84 31.47 -7.92
C LEU N 12 -45.08 32.93 -8.28
N THR N 13 -46.36 33.33 -8.23
CA THR N 13 -46.78 34.63 -8.72
C THR N 13 -46.33 35.74 -7.78
N ASP N 14 -46.57 36.98 -8.22
CA ASP N 14 -46.13 38.15 -7.45
C ASP N 14 -46.92 38.29 -6.14
N GLU N 15 -48.25 38.21 -6.22
CA GLU N 15 -49.05 38.33 -5.00
C GLU N 15 -48.80 37.16 -4.06
N GLN N 16 -48.52 35.99 -4.61
CA GLN N 16 -48.18 34.83 -3.79
C GLN N 16 -46.89 35.06 -3.01
N ALA N 17 -45.92 35.73 -3.64
CA ALA N 17 -44.66 36.03 -2.95
C ALA N 17 -44.89 36.91 -1.74
N GLN N 18 -45.76 37.91 -1.87
CA GLN N 18 -46.07 38.76 -0.72
C GLN N 18 -46.74 37.95 0.38
N GLU N 19 -47.64 37.04 0.02
CA GLU N 19 -48.30 36.21 1.01
C GLU N 19 -47.31 35.35 1.78
N LEU N 20 -46.34 34.75 1.08
CA LEU N 20 -45.35 33.93 1.77
C LEU N 20 -44.42 34.80 2.61
N HIS N 21 -44.04 35.97 2.09
CA HIS N 21 -43.09 36.82 2.80
C HIS N 21 -43.69 37.41 4.07
N SER N 22 -45.00 37.69 4.07
CA SER N 22 -45.63 38.18 5.29
C SER N 22 -45.50 37.17 6.41
N VAL N 23 -45.77 35.89 6.11
CA VAL N 23 -45.68 34.85 7.13
C VAL N 23 -44.24 34.64 7.54
N TYR N 24 -43.31 34.67 6.57
CA TYR N 24 -41.89 34.53 6.91
C TYR N 24 -41.44 35.64 7.83
N MET N 25 -41.86 36.88 7.57
CA MET N 25 -41.44 38.00 8.39
C MET N 25 -42.09 37.92 9.78
N SER N 26 -43.34 37.45 9.86
CA SER N 26 -43.95 37.25 11.16
C SER N 26 -43.18 36.23 11.98
N GLY N 27 -42.79 35.11 11.36
CA GLY N 27 -41.99 34.13 12.06
C GLY N 27 -40.63 34.67 12.47
N LEU N 28 -40.00 35.45 11.58
CA LEU N 28 -38.70 36.03 11.89
C LEU N 28 -38.79 36.98 13.07
N TRP N 29 -39.83 37.82 13.12
CA TRP N 29 -40.00 38.73 14.26
C TRP N 29 -40.30 37.96 15.53
N LEU N 30 -41.08 36.88 15.44
CA LEU N 30 -41.35 36.08 16.62
C LEU N 30 -40.07 35.46 17.17
N PHE N 31 -39.21 34.94 16.29
CA PHE N 31 -37.93 34.40 16.73
C PHE N 31 -37.02 35.48 17.30
N SER N 32 -36.96 36.64 16.65
CA SER N 32 -36.07 37.70 17.09
C SER N 32 -36.51 38.30 18.42
N ALA N 33 -37.81 38.36 18.68
CA ALA N 33 -38.28 38.86 19.98
C ALA N 33 -37.80 37.96 21.11
N VAL N 34 -37.92 36.64 20.93
CA VAL N 34 -37.43 35.71 21.94
C VAL N 34 -35.92 35.85 22.09
N ALA N 35 -35.21 35.98 20.97
CA ALA N 35 -33.76 36.15 21.04
C ALA N 35 -33.38 37.40 21.82
N VAL N 36 -34.07 38.51 21.57
CA VAL N 36 -33.77 39.77 22.25
C VAL N 36 -34.07 39.67 23.74
N VAL N 37 -35.19 39.05 24.09
CA VAL N 37 -35.53 38.88 25.50
C VAL N 37 -34.48 38.03 26.20
N ALA N 38 -34.07 36.94 25.56
CA ALA N 38 -33.04 36.08 26.15
C ALA N 38 -31.72 36.82 26.31
N HIS N 39 -31.33 37.59 25.29
CA HIS N 39 -30.09 38.35 25.38
C HIS N 39 -30.14 39.39 26.50
N LEU N 40 -31.28 40.06 26.65
CA LEU N 40 -31.43 41.03 27.73
C LEU N 40 -31.35 40.36 29.09
N ALA N 41 -32.01 39.20 29.25
CA ALA N 41 -31.95 38.49 30.52
C ALA N 41 -30.52 38.05 30.82
N THR N 42 -29.80 37.57 29.81
CA THR N 42 -28.42 37.15 30.02
C THR N 42 -27.52 38.32 30.37
N PHE N 43 -27.75 39.48 29.73
CA PHE N 43 -26.96 40.67 30.06
C PHE N 43 -27.21 41.12 31.49
N ILE N 44 -28.47 41.08 31.93
CA ILE N 44 -28.78 41.44 33.31
C ILE N 44 -28.12 40.45 34.28
N TRP N 45 -28.18 39.16 33.96
CA TRP N 45 -27.59 38.15 34.83
C TRP N 45 -26.07 38.32 34.92
N ARG N 46 -25.42 38.53 33.79
CA ARG N 46 -23.96 38.67 33.75
C ARG N 46 -23.55 39.44 32.51
N PRO N 47 -23.38 40.76 32.60
CA PRO N 47 -23.07 41.54 31.41
C PRO N 47 -21.69 41.22 30.86
N TRP N 48 -21.55 41.39 29.54
CA TRP N 48 -20.29 41.15 28.86
C TRP N 48 -19.67 42.45 28.32
N PHE N 49 -20.09 43.59 28.85
CA PHE N 49 -19.52 44.87 28.44
C PHE N 49 -19.09 45.69 29.65
N SER O 2 -39.77 47.85 3.04
CA SER O 2 -39.49 48.00 1.62
C SER O 2 -40.30 47.01 0.79
N LYS O 3 -39.65 46.39 -0.18
CA LYS O 3 -40.27 45.38 -1.04
C LYS O 3 -39.35 44.18 -1.18
N PHE O 4 -38.81 43.72 -0.05
CA PHE O 4 -37.93 42.57 -0.01
C PHE O 4 -38.66 41.27 -0.33
N TYR O 5 -39.99 41.29 -0.42
CA TYR O 5 -40.76 40.09 -0.70
C TYR O 5 -40.36 39.43 -2.01
N LYS O 6 -39.78 40.19 -2.94
CA LYS O 6 -39.40 39.65 -4.24
C LYS O 6 -38.27 38.63 -4.15
N ILE O 7 -37.62 38.51 -2.99
CA ILE O 7 -36.53 37.54 -2.85
C ILE O 7 -37.06 36.13 -3.09
N TRP O 8 -38.34 35.89 -2.84
CA TRP O 8 -38.94 34.58 -3.06
C TRP O 8 -39.21 34.31 -4.53
N LEU O 9 -39.16 35.32 -5.39
CA LEU O 9 -39.26 35.09 -6.82
C LEU O 9 -37.99 34.50 -7.40
N ILE O 10 -36.85 34.66 -6.71
CA ILE O 10 -35.59 34.05 -7.12
C ILE O 10 -35.26 32.85 -6.27
N PHE O 11 -35.30 33.01 -4.95
CA PHE O 11 -34.99 31.92 -4.03
C PHE O 11 -36.19 30.99 -3.88
N ASP O 12 -35.94 29.70 -3.96
CA ASP O 12 -36.97 28.72 -3.68
C ASP O 12 -37.32 28.76 -2.19
N PRO O 13 -38.59 28.94 -1.83
CA PRO O 13 -38.93 28.93 -0.40
C PRO O 13 -38.49 27.66 0.32
N ARG O 14 -38.57 26.50 -0.34
CA ARG O 14 -38.14 25.26 0.30
C ARG O 14 -36.64 25.25 0.54
N ARG O 15 -35.85 25.67 -0.45
CA ARG O 15 -34.41 25.64 -0.29
C ARG O 15 -33.94 26.56 0.82
N VAL O 16 -34.46 27.79 0.87
CA VAL O 16 -34.08 28.70 1.94
C VAL O 16 -34.48 28.16 3.29
N PHE O 17 -35.66 27.54 3.40
CA PHE O 17 -36.14 27.06 4.68
C PHE O 17 -35.40 25.82 5.16
N VAL O 18 -34.86 25.02 4.25
CA VAL O 18 -34.00 23.93 4.69
C VAL O 18 -32.59 24.41 5.01
N ALA O 19 -32.09 25.44 4.31
CA ALA O 19 -30.76 25.96 4.63
C ALA O 19 -30.76 26.66 5.98
N GLN O 20 -31.56 27.72 6.12
CA GLN O 20 -31.69 28.39 7.40
C GLN O 20 -32.54 27.53 8.33
N GLY O 21 -32.10 27.42 9.56
CA GLY O 21 -32.69 26.52 10.53
C GLY O 21 -31.69 25.43 10.84
N VAL O 22 -31.12 24.81 9.80
CA VAL O 22 -29.90 24.03 10.00
C VAL O 22 -28.74 24.97 10.31
N PHE O 23 -28.63 26.06 9.54
CA PHE O 23 -27.67 27.10 9.86
C PHE O 23 -27.93 27.67 11.25
N LEU O 24 -29.20 27.88 11.59
CA LEU O 24 -29.54 28.46 12.89
C LEU O 24 -29.14 27.54 14.03
N PHE O 25 -29.44 26.25 13.92
CA PHE O 25 -29.06 25.31 14.97
C PHE O 25 -27.55 25.21 15.11
N LEU O 26 -26.84 25.13 13.98
CA LEU O 26 -25.39 25.04 14.05
C LEU O 26 -24.78 26.27 14.70
N LEU O 27 -25.28 27.46 14.33
CA LEU O 27 -24.78 28.69 14.93
C LEU O 27 -25.08 28.74 16.42
N ALA O 28 -26.29 28.36 16.82
CA ALA O 28 -26.65 28.40 18.23
C ALA O 28 -25.79 27.45 19.05
N ALA O 29 -25.59 26.23 18.56
CA ALA O 29 -24.74 25.28 19.26
C ALA O 29 -23.30 25.79 19.34
N MET O 30 -22.78 26.36 18.26
CA MET O 30 -21.42 26.88 18.29
C MET O 30 -21.28 27.99 19.32
N ILE O 31 -22.23 28.92 19.37
CA ILE O 31 -22.13 30.02 20.31
C ILE O 31 -22.25 29.51 21.75
N HIS O 32 -23.16 28.57 21.99
CA HIS O 32 -23.28 28.00 23.33
C HIS O 32 -22.00 27.34 23.76
N LEU O 33 -21.35 26.58 22.87
CA LEU O 33 -20.06 26.00 23.18
C LEU O 33 -19.01 27.07 23.45
N VAL O 34 -19.04 28.16 22.67
CA VAL O 34 -18.05 29.22 22.85
C VAL O 34 -18.14 29.81 24.25
N LEU O 35 -19.36 30.12 24.71
CA LEU O 35 -19.39 30.72 26.05
C LEU O 35 -19.39 29.67 27.16
N LEU O 36 -19.54 28.39 26.83
CA LEU O 36 -19.24 27.36 27.82
C LEU O 36 -17.74 27.16 28.00
N SER O 37 -16.96 27.43 26.95
CA SER O 37 -15.52 27.24 27.00
C SER O 37 -14.81 28.23 27.93
N THR O 38 -15.47 29.32 28.32
CA THR O 38 -14.86 30.32 29.16
C THR O 38 -15.04 29.96 30.63
N GLU O 39 -14.46 30.79 31.50
CA GLU O 39 -14.59 30.61 32.94
C GLU O 39 -15.65 31.52 33.55
N HIS O 40 -15.89 32.68 32.95
CA HIS O 40 -16.85 33.65 33.47
C HIS O 40 -18.29 33.30 33.09
N PHE O 41 -18.51 32.83 31.87
CA PHE O 41 -19.86 32.60 31.36
C PHE O 41 -20.27 31.13 31.41
N ASN O 42 -19.46 30.28 32.03
CA ASN O 42 -19.82 28.86 32.19
C ASN O 42 -20.81 28.77 33.34
N TRP O 43 -22.10 28.68 33.01
CA TRP O 43 -23.12 28.67 34.05
C TRP O 43 -23.10 27.38 34.86
N PHE O 44 -22.59 26.29 34.29
CA PHE O 44 -22.42 25.07 35.08
C PHE O 44 -21.37 25.26 36.17
N GLU O 45 -20.25 25.89 35.84
CA GLU O 45 -19.21 26.12 36.82
C GLU O 45 -19.63 27.14 37.86
N LEU O 46 -20.37 28.17 37.44
CA LEU O 46 -20.81 29.20 38.38
C LEU O 46 -21.72 28.63 39.45
N ALA O 47 -22.63 27.73 39.06
CA ALA O 47 -23.52 27.12 40.04
C ALA O 47 -22.74 26.31 41.05
N ALA O 48 -21.72 25.57 40.61
CA ALA O 48 -20.87 24.82 41.54
C ALA O 48 -20.12 25.76 42.48
N ALA O 49 -19.61 26.87 41.95
CA ALA O 49 -18.87 27.81 42.79
C ALA O 49 -19.76 28.45 43.84
N ASN O 50 -21.00 28.78 43.48
CA ASN O 50 -21.91 29.41 44.43
C ASN O 50 -22.20 28.50 45.61
N ALA O 51 -22.40 27.21 45.34
CA ALA O 51 -22.67 26.25 46.41
C ALA O 51 -21.37 25.71 47.00
N ASP P 6 -53.57 27.67 -2.99
CA ASP P 6 -53.28 27.34 -4.37
C ASP P 6 -51.82 26.90 -4.53
N LEU P 7 -51.10 26.85 -3.42
CA LEU P 7 -49.70 26.47 -3.40
C LEU P 7 -49.52 25.18 -2.60
N SER P 8 -48.81 24.22 -3.18
CA SER P 8 -48.50 22.99 -2.46
C SER P 8 -47.29 22.35 -3.14
N PHE P 9 -46.12 22.43 -2.48
CA PHE P 9 -44.94 21.74 -2.98
C PHE P 9 -44.98 20.25 -2.70
N THR P 10 -45.76 19.82 -1.70
CA THR P 10 -45.81 18.42 -1.31
C THR P 10 -47.07 17.71 -1.76
N GLY P 11 -48.08 18.43 -2.25
CA GLY P 11 -49.26 17.79 -2.78
C GLY P 11 -50.52 17.95 -1.95
N LEU P 12 -50.39 17.88 -0.63
CA LEU P 12 -51.55 17.95 0.23
C LEU P 12 -52.20 19.33 0.17
N THR P 13 -53.51 19.36 0.23
CA THR P 13 -54.28 20.58 0.03
C THR P 13 -54.24 21.45 1.28
N ASP P 14 -54.86 22.63 1.17
CA ASP P 14 -54.88 23.58 2.28
C ASP P 14 -55.63 23.02 3.48
N GLU P 15 -56.78 22.38 3.24
CA GLU P 15 -57.59 21.86 4.34
C GLU P 15 -56.84 20.80 5.13
N GLN P 16 -56.12 19.93 4.44
CA GLN P 16 -55.34 18.90 5.13
C GLN P 16 -54.22 19.51 5.95
N ALA P 17 -53.62 20.60 5.45
CA ALA P 17 -52.52 21.24 6.17
C ALA P 17 -52.97 21.77 7.52
N GLN P 18 -54.17 22.35 7.59
CA GLN P 18 -54.65 22.91 8.85
C GLN P 18 -54.81 21.83 9.91
N GLU P 19 -55.41 20.70 9.54
CA GLU P 19 -55.59 19.61 10.49
C GLU P 19 -54.25 19.00 10.89
N LEU P 20 -53.36 18.81 9.91
CA LEU P 20 -52.01 18.32 10.21
C LEU P 20 -51.31 19.21 11.22
N HIS P 21 -51.36 20.52 11.00
CA HIS P 21 -50.69 21.45 11.89
C HIS P 21 -51.36 21.49 13.26
N SER P 22 -52.69 21.36 13.31
CA SER P 22 -53.37 21.36 14.60
C SER P 22 -52.94 20.17 15.44
N VAL P 23 -52.88 18.99 14.81
CA VAL P 23 -52.44 17.81 15.56
C VAL P 23 -50.97 17.95 15.97
N TYR P 24 -50.14 18.45 15.07
CA TYR P 24 -48.72 18.61 15.40
C TYR P 24 -48.53 19.60 16.54
N MET P 25 -49.29 20.69 16.54
CA MET P 25 -49.19 21.65 17.63
C MET P 25 -49.72 21.07 18.93
N SER P 26 -50.75 20.23 18.90
CA SER P 26 -51.19 19.57 20.11
C SER P 26 -50.07 18.72 20.70
N GLY P 27 -49.41 17.93 19.84
CA GLY P 27 -48.30 17.13 20.32
C GLY P 27 -47.15 17.97 20.83
N LEU P 28 -46.84 19.06 20.12
CA LEU P 28 -45.76 19.96 20.53
C LEU P 28 -46.05 20.59 21.88
N TRP P 29 -47.29 21.03 22.09
CA TRP P 29 -47.64 21.65 23.37
C TRP P 29 -47.59 20.64 24.50
N LEU P 30 -48.02 19.40 24.25
CA LEU P 30 -47.90 18.37 25.27
C LEU P 30 -46.44 18.12 25.63
N PHE P 31 -45.59 17.96 24.62
CA PHE P 31 -44.17 17.73 24.87
C PHE P 31 -43.54 18.89 25.62
N SER P 32 -43.86 20.12 25.22
CA SER P 32 -43.28 21.28 25.88
C SER P 32 -43.80 21.45 27.30
N ALA P 33 -45.06 21.10 27.55
CA ALA P 33 -45.57 21.16 28.92
C ALA P 33 -44.84 20.16 29.82
N VAL P 34 -44.64 18.94 29.33
CA VAL P 34 -43.88 17.97 30.10
C VAL P 34 -42.47 18.47 30.36
N ALA P 35 -41.84 19.06 29.33
CA ALA P 35 -40.49 19.58 29.49
C ALA P 35 -40.45 20.72 30.49
N VAL P 36 -41.47 21.59 30.49
CA VAL P 36 -41.51 22.71 31.42
C VAL P 36 -41.64 22.21 32.85
N VAL P 37 -42.51 21.22 33.07
CA VAL P 37 -42.64 20.65 34.42
C VAL P 37 -41.32 20.04 34.86
N ALA P 38 -40.65 19.31 33.96
CA ALA P 38 -39.37 18.71 34.29
C ALA P 38 -38.33 19.77 34.64
N HIS P 39 -38.29 20.85 33.85
CA HIS P 39 -37.31 21.90 34.10
C HIS P 39 -37.58 22.61 35.43
N LEU P 40 -38.85 22.84 35.74
CA LEU P 40 -39.19 23.45 37.02
C LEU P 40 -38.77 22.57 38.19
N ALA P 41 -39.05 21.27 38.09
CA ALA P 41 -38.64 20.36 39.15
C ALA P 41 -37.12 20.32 39.29
N THR P 42 -36.41 20.30 38.17
CA THR P 42 -34.95 20.29 38.22
C THR P 42 -34.39 21.58 38.79
N PHE P 43 -35.00 22.72 38.48
CA PHE P 43 -34.56 23.98 39.07
C PHE P 43 -34.82 24.04 40.57
N ILE P 44 -35.92 23.49 41.05
CA ILE P 44 -36.17 23.35 42.48
C ILE P 44 -35.13 22.45 43.14
N TRP P 45 -34.82 21.32 42.50
CA TRP P 45 -33.87 20.39 43.08
C TRP P 45 -32.45 20.97 43.13
N ARG P 46 -31.98 21.50 42.00
CA ARG P 46 -30.63 22.04 41.90
C ARG P 46 -30.66 23.24 40.97
N PRO P 47 -30.85 24.44 41.50
CA PRO P 47 -30.92 25.63 40.64
C PRO P 47 -29.58 25.88 39.94
N TRP P 48 -29.65 26.34 38.70
CA TRP P 48 -28.47 26.68 37.92
C TRP P 48 -28.34 28.18 37.67
N PHE P 49 -29.11 28.99 38.39
CA PHE P 49 -29.02 30.44 38.26
C PHE P 49 -28.91 31.11 39.63
N SER Q 2 -51.94 32.55 13.96
CA SER Q 2 -51.03 32.76 12.84
C SER Q 2 -51.43 31.92 11.65
N LYS Q 3 -50.55 31.87 10.65
CA LYS Q 3 -50.76 31.09 9.44
C LYS Q 3 -49.62 30.10 9.22
N PHE Q 4 -49.03 29.61 10.31
CA PHE Q 4 -47.88 28.71 10.22
C PHE Q 4 -48.25 27.33 9.70
N TYR Q 5 -49.54 27.02 9.57
CA TYR Q 5 -49.94 25.72 9.07
C TYR Q 5 -49.49 25.48 7.64
N LYS Q 6 -49.16 26.54 6.90
CA LYS Q 6 -48.70 26.40 5.52
C LYS Q 6 -47.29 25.87 5.41
N ILE Q 7 -46.58 25.71 6.53
CA ILE Q 7 -45.26 25.10 6.48
C ILE Q 7 -45.35 23.64 6.05
N TRP Q 8 -46.51 23.02 6.19
CA TRP Q 8 -46.66 21.60 5.86
C TRP Q 8 -46.93 21.35 4.39
N LEU Q 9 -47.21 22.39 3.61
CA LEU Q 9 -47.40 22.24 2.18
C LEU Q 9 -46.16 22.59 1.38
N ILE Q 10 -45.01 22.75 2.05
CA ILE Q 10 -43.73 22.94 1.37
C ILE Q 10 -42.71 21.97 1.95
N PHE Q 11 -43.03 21.38 3.09
CA PHE Q 11 -42.24 20.31 3.69
C PHE Q 11 -43.02 19.01 3.63
N ASP Q 12 -42.33 17.94 3.26
CA ASP Q 12 -42.94 16.61 3.33
C ASP Q 12 -43.05 16.18 4.78
N PRO Q 13 -44.25 15.91 5.30
CA PRO Q 13 -44.37 15.54 6.72
C PRO Q 13 -43.60 14.30 7.10
N ARG Q 14 -43.47 13.33 6.18
CA ARG Q 14 -42.78 12.09 6.51
C ARG Q 14 -41.30 12.35 6.82
N ARG Q 15 -40.66 13.23 6.05
CA ARG Q 15 -39.25 13.52 6.28
C ARG Q 15 -39.05 14.36 7.53
N VAL Q 16 -39.87 15.39 7.71
CA VAL Q 16 -39.68 16.32 8.81
C VAL Q 16 -39.86 15.62 10.14
N PHE Q 17 -40.86 14.74 10.24
CA PHE Q 17 -41.14 14.07 11.50
C PHE Q 17 -39.96 13.23 11.96
N VAL Q 18 -39.42 12.40 11.06
CA VAL Q 18 -38.30 11.55 11.45
C VAL Q 18 -37.05 12.40 11.71
N ALA Q 19 -36.83 13.46 10.92
CA ALA Q 19 -35.68 14.31 11.15
C ALA Q 19 -35.73 14.96 12.52
N GLN Q 20 -36.87 15.53 12.90
CA GLN Q 20 -36.97 16.20 14.19
C GLN Q 20 -37.01 15.21 15.35
N GLY Q 21 -37.54 13.99 15.15
CA GLY Q 21 -37.46 12.99 16.20
C GLY Q 21 -36.02 12.58 16.50
N VAL Q 22 -35.25 12.31 15.44
CA VAL Q 22 -33.84 11.97 15.63
C VAL Q 22 -33.09 13.14 16.26
N PHE Q 23 -33.35 14.36 15.77
CA PHE Q 23 -32.67 15.52 16.32
C PHE Q 23 -32.99 15.71 17.79
N LEU Q 24 -34.26 15.54 18.18
CA LEU Q 24 -34.65 15.68 19.57
C LEU Q 24 -33.98 14.63 20.44
N PHE Q 25 -33.94 13.37 19.99
CA PHE Q 25 -33.32 12.35 20.83
C PHE Q 25 -31.83 12.61 21.02
N LEU Q 26 -31.11 12.94 19.94
CA LEU Q 26 -29.69 13.23 20.09
C LEU Q 26 -29.46 14.47 20.96
N LEU Q 27 -30.31 15.49 20.84
CA LEU Q 27 -30.15 16.66 21.69
C LEU Q 27 -30.33 16.30 23.15
N ALA Q 28 -31.37 15.52 23.46
CA ALA Q 28 -31.61 15.13 24.85
C ALA Q 28 -30.46 14.30 25.39
N ALA Q 29 -29.95 13.35 24.60
CA ALA Q 29 -28.82 12.54 25.03
C ALA Q 29 -27.59 13.41 25.27
N MET Q 30 -27.33 14.37 24.38
CA MET Q 30 -26.17 15.24 24.54
C MET Q 30 -26.29 16.06 25.82
N ILE Q 31 -27.47 16.61 26.10
CA ILE Q 31 -27.62 17.43 27.30
C ILE Q 31 -27.46 16.57 28.55
N HIS Q 32 -28.05 15.37 28.56
CA HIS Q 32 -27.89 14.49 29.72
C HIS Q 32 -26.42 14.13 29.92
N LEU Q 33 -25.68 13.89 28.84
CA LEU Q 33 -24.25 13.62 28.96
C LEU Q 33 -23.49 14.84 29.48
N VAL Q 34 -23.91 16.04 29.08
CA VAL Q 34 -23.24 17.25 29.56
C VAL Q 34 -23.41 17.37 31.07
N LEU Q 35 -24.64 17.20 31.56
CA LEU Q 35 -24.85 17.23 33.01
C LEU Q 35 -24.10 16.09 33.72
N LEU Q 36 -24.02 14.91 33.10
CA LEU Q 36 -23.22 13.84 33.70
C LEU Q 36 -21.74 14.22 33.79
N SER Q 37 -21.20 14.85 32.75
CA SER Q 37 -19.82 15.30 32.76
C SER Q 37 -19.56 16.40 33.77
N THR Q 38 -20.54 17.26 34.04
CA THR Q 38 -20.42 18.25 35.11
C THR Q 38 -20.40 17.54 36.46
N GLU Q 39 -19.73 18.18 37.42
CA GLU Q 39 -19.63 17.64 38.77
C GLU Q 39 -20.77 18.07 39.68
N HIS Q 40 -21.30 19.28 39.49
CA HIS Q 40 -22.36 19.77 40.36
C HIS Q 40 -23.69 19.10 40.04
N PHE Q 41 -23.99 18.88 38.76
CA PHE Q 41 -25.29 18.39 38.33
C PHE Q 41 -25.31 16.91 38.03
N ASN Q 42 -24.27 16.17 38.40
CA ASN Q 42 -24.24 14.73 38.18
C ASN Q 42 -24.96 14.05 39.34
N TRP Q 43 -26.17 13.54 39.08
CA TRP Q 43 -27.02 13.07 40.16
C TRP Q 43 -26.54 11.76 40.77
N PHE Q 44 -25.72 10.99 40.06
CA PHE Q 44 -25.26 9.71 40.59
C PHE Q 44 -24.28 9.94 41.75
N GLU Q 45 -23.15 10.59 41.48
CA GLU Q 45 -22.22 10.91 42.55
C GLU Q 45 -22.83 11.85 43.58
N LEU Q 46 -23.81 12.66 43.16
CA LEU Q 46 -24.50 13.53 44.11
C LEU Q 46 -25.26 12.70 45.14
N ALA Q 47 -26.03 11.72 44.69
CA ALA Q 47 -26.74 10.84 45.60
C ALA Q 47 -25.76 10.02 46.45
N ALA Q 48 -24.65 9.59 45.85
CA ALA Q 48 -23.63 8.87 46.61
C ALA Q 48 -23.06 9.74 47.73
N ALA Q 49 -22.82 11.03 47.44
CA ALA Q 49 -22.32 11.94 48.45
C ALA Q 49 -23.34 12.19 49.55
N ASN Q 50 -24.61 12.34 49.19
CA ASN Q 50 -25.64 12.50 50.21
C ASN Q 50 -25.73 11.27 51.11
N ALA Q 51 -25.63 10.08 50.52
CA ALA Q 51 -25.62 8.87 51.34
C ALA Q 51 -24.41 8.83 52.25
N ALA Q 52 -23.24 9.24 51.74
CA ALA Q 52 -21.99 9.27 52.50
C ALA Q 52 -21.67 7.90 53.11
N LEU R 7 -55.52 11.88 3.69
CA LEU R 7 -54.24 11.57 3.05
C LEU R 7 -53.54 10.42 3.78
N SER R 8 -52.70 9.69 3.04
CA SER R 8 -51.96 8.57 3.62
C SER R 8 -50.70 8.36 2.81
N PHE R 9 -49.55 8.41 3.46
CA PHE R 9 -48.26 8.22 2.81
C PHE R 9 -47.77 6.79 2.89
N THR R 10 -48.55 5.88 3.48
CA THR R 10 -48.11 4.50 3.70
C THR R 10 -49.12 3.47 3.22
N GLY R 11 -50.16 3.88 2.50
CA GLY R 11 -51.12 2.93 1.97
C GLY R 11 -51.99 2.25 3.01
N LEU R 12 -52.45 2.98 4.02
CA LEU R 12 -53.42 2.49 4.97
C LEU R 12 -54.60 3.45 5.04
N THR R 13 -55.75 2.93 5.45
CA THR R 13 -56.96 3.72 5.57
C THR R 13 -57.12 4.24 6.99
N ASP R 14 -58.13 5.09 7.18
CA ASP R 14 -58.37 5.68 8.49
C ASP R 14 -58.77 4.63 9.51
N GLU R 15 -59.61 3.67 9.10
CA GLU R 15 -60.09 2.66 10.04
C GLU R 15 -58.96 1.76 10.53
N GLN R 16 -58.09 1.30 9.62
CA GLN R 16 -56.99 0.44 10.03
C GLN R 16 -56.02 1.16 10.95
N ALA R 17 -55.72 2.42 10.64
CA ALA R 17 -54.79 3.18 11.46
C ALA R 17 -55.32 3.36 12.88
N GLN R 18 -56.63 3.59 13.01
CA GLN R 18 -57.22 3.77 14.33
C GLN R 18 -57.07 2.51 15.17
N GLU R 19 -57.36 1.35 14.59
CA GLU R 19 -57.23 0.10 15.35
C GLU R 19 -55.78 -0.20 15.68
N LEU R 20 -54.87 0.02 14.73
CA LEU R 20 -53.46 -0.21 14.99
C LEU R 20 -52.97 0.68 16.12
N HIS R 21 -53.39 1.96 16.09
CA HIS R 21 -52.98 2.87 17.15
C HIS R 21 -53.60 2.49 18.49
N SER R 22 -54.82 1.98 18.48
CA SER R 22 -55.43 1.53 19.73
C SER R 22 -54.65 0.38 20.35
N VAL R 23 -54.27 -0.60 19.53
CA VAL R 23 -53.47 -1.71 20.04
C VAL R 23 -52.11 -1.24 20.51
N TYR R 24 -51.50 -0.30 19.77
CA TYR R 24 -50.17 0.17 20.13
C TYR R 24 -50.21 1.00 21.42
N MET R 25 -51.27 1.78 21.61
CA MET R 25 -51.50 2.44 22.91
C MET R 25 -51.68 1.43 24.03
N SER R 26 -52.41 0.35 23.78
CA SER R 26 -52.56 -0.65 24.83
C SER R 26 -51.21 -1.23 25.24
N GLY R 27 -50.39 -1.59 24.24
CA GLY R 27 -49.07 -2.12 24.55
C GLY R 27 -48.17 -1.11 25.23
N LEU R 28 -48.22 0.14 24.76
CA LEU R 28 -47.40 1.19 25.35
C LEU R 28 -47.82 1.47 26.79
N TRP R 29 -49.12 1.44 27.07
CA TRP R 29 -49.57 1.67 28.43
C TRP R 29 -49.17 0.51 29.34
N LEU R 30 -49.23 -0.72 28.85
CA LEU R 30 -48.75 -1.85 29.65
C LEU R 30 -47.26 -1.70 29.96
N PHE R 31 -46.46 -1.38 28.94
CA PHE R 31 -45.03 -1.21 29.13
C PHE R 31 -44.74 -0.07 30.12
N SER R 32 -45.45 1.05 29.98
CA SER R 32 -45.23 2.19 30.85
C SER R 32 -45.67 1.90 32.28
N ALA R 33 -46.76 1.14 32.44
CA ALA R 33 -47.18 0.77 33.80
C ALA R 33 -46.12 -0.10 34.47
N VAL R 34 -45.57 -1.06 33.73
CA VAL R 34 -44.49 -1.88 34.29
C VAL R 34 -43.30 -1.01 34.64
N ALA R 35 -42.95 -0.07 33.76
CA ALA R 35 -41.81 0.80 34.01
C ALA R 35 -42.03 1.68 35.24
N VAL R 36 -43.24 2.21 35.40
CA VAL R 36 -43.54 3.05 36.55
C VAL R 36 -43.47 2.24 37.84
N VAL R 37 -44.01 1.02 37.83
CA VAL R 37 -43.92 0.17 39.01
C VAL R 37 -42.46 -0.10 39.36
N ALA R 38 -41.65 -0.42 38.35
CA ALA R 38 -40.24 -0.69 38.60
C ALA R 38 -39.52 0.54 39.15
N HIS R 39 -39.80 1.72 38.57
CA HIS R 39 -39.16 2.94 39.03
C HIS R 39 -39.55 3.28 40.46
N LEU R 40 -40.83 3.11 40.79
CA LEU R 40 -41.28 3.35 42.16
C LEU R 40 -40.59 2.40 43.13
N ALA R 41 -40.52 1.11 42.76
CA ALA R 41 -39.88 0.14 43.63
C ALA R 41 -38.40 0.46 43.84
N THR R 42 -37.69 0.82 42.77
CA THR R 42 -36.26 1.08 42.92
C THR R 42 -36.01 2.41 43.62
N PHE R 43 -36.93 3.37 43.51
CA PHE R 43 -36.79 4.61 44.28
C PHE R 43 -37.01 4.35 45.76
N ILE R 44 -38.01 3.53 46.11
CA ILE R 44 -38.22 3.19 47.52
C ILE R 44 -37.02 2.42 48.05
N TRP R 45 -36.44 1.53 47.23
CA TRP R 45 -35.29 0.75 47.68
C TRP R 45 -34.07 1.65 47.89
N ARG R 46 -33.76 2.52 46.91
CA ARG R 46 -32.63 3.44 46.99
C ARG R 46 -32.92 4.70 46.19
N PRO R 47 -33.41 5.76 46.82
CA PRO R 47 -33.72 6.98 46.08
C PRO R 47 -32.47 7.63 45.53
N TRP R 48 -32.63 8.30 44.38
CA TRP R 48 -31.54 9.03 43.74
C TRP R 48 -31.73 10.54 43.84
N PHE R 49 -32.69 10.99 44.65
CA PHE R 49 -32.88 12.41 44.93
C PHE R 49 -32.68 12.70 46.42
N SER S 2 -56.08 10.98 21.87
CA SER S 2 -56.51 12.23 21.25
C SER S 2 -56.84 12.02 19.78
N LYS S 3 -55.91 12.42 18.91
CA LYS S 3 -56.09 12.27 17.47
C LYS S 3 -54.78 11.83 16.82
N PHE S 4 -53.87 11.23 17.59
CA PHE S 4 -52.54 10.87 17.14
C PHE S 4 -52.50 9.60 16.31
N TYR S 5 -53.65 8.99 16.05
CA TYR S 5 -53.67 7.71 15.33
C TYR S 5 -53.21 7.84 13.88
N LYS S 6 -53.11 9.05 13.35
CA LYS S 6 -52.70 9.26 11.97
C LYS S 6 -51.19 9.22 11.77
N ILE S 7 -50.42 9.12 12.86
CA ILE S 7 -48.98 8.94 12.70
C ILE S 7 -48.69 7.62 12.01
N TRP S 8 -49.58 6.64 12.15
CA TRP S 8 -49.47 5.40 11.40
C TRP S 8 -49.88 5.57 9.94
N LEU S 9 -50.66 6.60 9.63
CA LEU S 9 -50.86 6.98 8.24
C LEU S 9 -49.62 7.67 7.69
N ILE S 10 -48.86 8.34 8.56
CA ILE S 10 -47.64 9.00 8.13
C ILE S 10 -46.48 8.02 8.04
N PHE S 11 -46.23 7.28 9.11
CA PHE S 11 -45.11 6.35 9.17
C PHE S 11 -45.50 4.95 8.70
N ASP S 12 -44.48 4.13 8.48
CA ASP S 12 -44.67 2.72 8.14
C ASP S 12 -44.65 1.89 9.41
N PRO S 13 -45.70 1.14 9.73
CA PRO S 13 -45.72 0.40 10.99
C PRO S 13 -44.58 -0.59 11.16
N ARG S 14 -44.10 -1.20 10.09
CA ARG S 14 -43.07 -2.23 10.22
C ARG S 14 -41.73 -1.62 10.60
N ARG S 15 -41.25 -0.65 9.81
CA ARG S 15 -39.95 -0.05 10.08
C ARG S 15 -39.94 0.66 11.43
N VAL S 16 -41.03 1.36 11.76
CA VAL S 16 -41.11 2.03 13.05
C VAL S 16 -41.05 1.03 14.19
N PHE S 17 -41.76 -0.08 14.05
CA PHE S 17 -41.75 -1.10 15.11
C PHE S 17 -40.36 -1.68 15.29
N VAL S 18 -39.67 -2.00 14.20
CA VAL S 18 -38.31 -2.54 14.32
C VAL S 18 -37.39 -1.51 14.96
N ALA S 19 -37.48 -0.25 14.52
CA ALA S 19 -36.59 0.78 15.04
C ALA S 19 -36.80 0.98 16.54
N GLN S 20 -38.06 1.05 16.98
CA GLN S 20 -38.30 1.28 18.40
C GLN S 20 -37.98 0.03 19.22
N GLY S 21 -38.13 -1.16 18.64
CA GLY S 21 -37.73 -2.36 19.34
C GLY S 21 -36.24 -2.42 19.60
N VAL S 22 -35.44 -2.04 18.60
CA VAL S 22 -34.00 -1.96 18.83
C VAL S 22 -33.67 -0.84 19.80
N PHE S 23 -34.34 0.31 19.66
CA PHE S 23 -34.04 1.48 20.47
C PHE S 23 -34.29 1.23 21.95
N LEU S 24 -35.42 0.59 22.28
CA LEU S 24 -35.76 0.37 23.68
C LEU S 24 -34.74 -0.54 24.34
N PHE S 25 -34.36 -1.64 23.68
CA PHE S 25 -33.39 -2.54 24.26
C PHE S 25 -32.03 -1.88 24.41
N LEU S 26 -31.60 -1.13 23.40
CA LEU S 26 -30.32 -0.45 23.50
C LEU S 26 -30.31 0.56 24.63
N LEU S 27 -31.41 1.31 24.77
CA LEU S 27 -31.50 2.29 25.85
C LEU S 27 -31.47 1.61 27.21
N ALA S 28 -32.21 0.51 27.37
CA ALA S 28 -32.23 -0.21 28.64
C ALA S 28 -30.85 -0.76 28.97
N ALA S 29 -30.18 -1.36 27.99
CA ALA S 29 -28.85 -1.90 28.23
C ALA S 29 -27.86 -0.80 28.62
N MET S 30 -27.92 0.33 27.93
CA MET S 30 -26.99 1.42 28.24
C MET S 30 -27.25 1.98 29.64
N ILE S 31 -28.52 2.14 30.01
CA ILE S 31 -28.83 2.65 31.34
C ILE S 31 -28.37 1.67 32.42
N HIS S 32 -28.60 0.37 32.20
CA HIS S 32 -28.16 -0.63 33.17
C HIS S 32 -26.64 -0.62 33.31
N LEU S 33 -25.92 -0.51 32.19
CA LEU S 33 -24.47 -0.46 32.25
C LEU S 33 -23.99 0.81 32.97
N VAL S 34 -24.66 1.93 32.72
CA VAL S 34 -24.29 3.17 33.40
C VAL S 34 -24.49 3.03 34.91
N LEU S 35 -25.60 2.44 35.32
CA LEU S 35 -25.82 2.20 36.75
C LEU S 35 -24.76 1.26 37.33
N LEU S 36 -24.40 0.22 36.58
CA LEU S 36 -23.38 -0.71 37.06
C LEU S 36 -22.03 -0.05 37.19
N SER S 37 -21.72 0.91 36.31
CA SER S 37 -20.42 1.57 36.35
C SER S 37 -20.21 2.40 37.60
N THR S 38 -21.29 2.91 38.21
CA THR S 38 -21.16 3.73 39.40
C THR S 38 -20.85 2.86 40.61
N GLU S 39 -20.71 3.50 41.77
CA GLU S 39 -20.43 2.81 43.02
C GLU S 39 -21.60 2.81 43.98
N HIS S 40 -22.63 3.60 43.71
CA HIS S 40 -23.78 3.69 44.61
C HIS S 40 -24.92 2.78 44.19
N PHE S 41 -25.13 2.61 42.88
CA PHE S 41 -26.26 1.85 42.37
C PHE S 41 -25.85 0.49 41.80
N ASN S 42 -24.62 0.04 42.06
CA ASN S 42 -24.19 -1.27 41.61
C ASN S 42 -24.70 -2.30 42.60
N TRP S 43 -25.79 -2.98 42.23
CA TRP S 43 -26.47 -3.85 43.19
C TRP S 43 -25.65 -5.09 43.53
N PHE S 44 -24.78 -5.54 42.62
CA PHE S 44 -23.94 -6.69 42.91
C PHE S 44 -22.92 -6.35 44.01
N GLU S 45 -22.19 -5.25 43.84
CA GLU S 45 -21.26 -4.82 44.87
C GLU S 45 -21.99 -4.42 46.14
N LEU S 46 -23.21 -3.88 46.00
CA LEU S 46 -24.01 -3.56 47.17
C LEU S 46 -24.34 -4.80 47.98
N ALA S 47 -24.74 -5.88 47.30
CA ALA S 47 -25.02 -7.13 47.99
C ALA S 47 -23.75 -7.70 48.63
N ALA S 48 -22.63 -7.59 47.92
CA ALA S 48 -21.36 -8.05 48.49
C ALA S 48 -21.02 -7.28 49.76
N ALA S 49 -21.21 -5.96 49.75
CA ALA S 49 -20.95 -5.16 50.94
C ALA S 49 -21.91 -5.50 52.07
N ASN S 50 -23.20 -5.69 51.75
CA ASN S 50 -24.17 -6.03 52.78
C ASN S 50 -23.89 -7.39 53.39
N ALA S 51 -23.31 -8.31 52.62
CA ALA S 51 -22.91 -9.59 53.19
C ALA S 51 -21.83 -9.41 54.25
N ALA S 52 -20.87 -8.52 53.99
CA ALA S 52 -19.78 -8.22 54.92
C ALA S 52 -19.02 -9.48 55.31
N LEU T 7 -55.19 -5.83 6.80
CA LEU T 7 -53.87 -5.71 6.19
C LEU T 7 -52.94 -6.81 6.69
N SER T 8 -52.00 -7.22 5.84
CA SER T 8 -51.06 -8.28 6.21
C SER T 8 -49.80 -8.07 5.37
N PHE T 9 -48.76 -7.53 6.00
CA PHE T 9 -47.49 -7.33 5.29
C PHE T 9 -46.77 -8.65 5.07
N THR T 10 -46.88 -9.57 6.03
CA THR T 10 -46.17 -10.84 5.95
C THR T 10 -46.81 -11.82 4.97
N GLY T 11 -48.08 -11.63 4.62
CA GLY T 11 -48.76 -12.46 3.66
C GLY T 11 -49.72 -13.46 4.25
N LEU T 12 -49.58 -13.80 5.53
CA LEU T 12 -50.53 -14.71 6.17
C LEU T 12 -51.75 -13.93 6.66
N THR T 13 -52.89 -14.60 6.67
CA THR T 13 -54.16 -13.95 6.97
C THR T 13 -54.39 -13.92 8.47
N ASP T 14 -55.57 -13.46 8.88
CA ASP T 14 -55.89 -13.32 10.29
C ASP T 14 -55.93 -14.68 10.97
N GLU T 15 -56.49 -15.69 10.30
CA GLU T 15 -56.66 -17.01 10.92
C GLU T 15 -55.33 -17.61 11.32
N GLN T 16 -54.32 -17.52 10.44
CA GLN T 16 -53.00 -18.07 10.77
C GLN T 16 -52.38 -17.31 11.95
N ALA T 17 -52.50 -15.99 11.96
CA ALA T 17 -51.92 -15.22 13.06
C ALA T 17 -52.61 -15.52 14.38
N GLN T 18 -53.93 -15.65 14.36
CA GLN T 18 -54.68 -15.91 15.58
C GLN T 18 -54.22 -17.20 16.25
N GLU T 19 -54.03 -18.26 15.47
CA GLU T 19 -53.62 -19.55 16.01
C GLU T 19 -52.12 -19.61 16.28
N LEU T 20 -51.30 -18.91 15.49
CA LEU T 20 -49.87 -18.87 15.75
C LEU T 20 -49.56 -18.17 17.06
N HIS T 21 -50.27 -17.07 17.34
CA HIS T 21 -50.01 -16.31 18.55
C HIS T 21 -50.33 -17.12 19.79
N SER T 22 -51.34 -17.99 19.74
CA SER T 22 -51.67 -18.82 20.90
C SER T 22 -50.51 -19.73 21.26
N VAL T 23 -49.94 -20.41 20.26
CA VAL T 23 -48.81 -21.30 20.52
C VAL T 23 -47.60 -20.50 20.97
N TYR T 24 -47.35 -19.34 20.34
CA TYR T 24 -46.21 -18.52 20.73
C TYR T 24 -46.33 -18.07 22.18
N MET T 25 -47.52 -17.63 22.58
CA MET T 25 -47.71 -17.18 23.96
C MET T 25 -47.68 -18.35 24.93
N SER T 26 -48.12 -19.54 24.52
CA SER T 26 -47.97 -20.70 25.38
C SER T 26 -46.50 -20.99 25.65
N GLY T 27 -45.67 -20.96 24.60
CA GLY T 27 -44.25 -21.15 24.79
C GLY T 27 -43.63 -20.04 25.64
N LEU T 28 -44.06 -18.80 25.41
CA LEU T 28 -43.54 -17.68 26.18
C LEU T 28 -43.89 -17.81 27.66
N TRP T 29 -45.12 -18.23 27.96
CA TRP T 29 -45.52 -18.39 29.35
C TRP T 29 -44.80 -19.56 30.00
N LEU T 30 -44.55 -20.64 29.27
CA LEU T 30 -43.75 -21.73 29.82
C LEU T 30 -42.34 -21.26 30.14
N PHE T 31 -41.71 -20.54 29.21
CA PHE T 31 -40.37 -20.03 29.44
C PHE T 31 -40.34 -19.07 30.63
N SER T 32 -41.33 -18.18 30.72
CA SER T 32 -41.39 -17.23 31.82
C SER T 32 -41.63 -17.94 33.15
N ALA T 33 -42.44 -19.00 33.15
CA ALA T 33 -42.68 -19.74 34.39
C ALA T 33 -41.40 -20.40 34.88
N VAL T 34 -40.66 -21.03 33.96
CA VAL T 34 -39.39 -21.65 34.36
C VAL T 34 -38.43 -20.58 34.85
N ALA T 35 -38.38 -19.43 34.17
CA ALA T 35 -37.50 -18.35 34.59
C ALA T 35 -37.89 -17.82 35.98
N VAL T 36 -39.19 -17.70 36.25
CA VAL T 36 -39.65 -17.23 37.54
C VAL T 36 -39.27 -18.21 38.64
N VAL T 37 -39.46 -19.51 38.38
CA VAL T 37 -39.08 -20.51 39.38
C VAL T 37 -37.58 -20.43 39.65
N ALA T 38 -36.78 -20.31 38.59
CA ALA T 38 -35.33 -20.22 38.77
C ALA T 38 -34.94 -18.97 39.54
N HIS T 39 -35.58 -17.84 39.23
CA HIS T 39 -35.26 -16.59 39.92
C HIS T 39 -35.64 -16.67 41.39
N LEU T 40 -36.80 -17.26 41.70
CA LEU T 40 -37.19 -17.40 43.09
C LEU T 40 -36.23 -18.28 43.86
N ALA T 41 -35.82 -19.40 43.25
CA ALA T 41 -34.87 -20.28 43.91
C ALA T 41 -33.53 -19.59 44.12
N THR T 42 -33.07 -18.83 43.13
CA THR T 42 -31.80 -18.12 43.26
C THR T 42 -31.88 -17.02 44.32
N PHE T 43 -33.01 -16.33 44.40
CA PHE T 43 -33.19 -15.32 45.45
C PHE T 43 -33.19 -15.96 46.83
N ILE T 44 -33.81 -17.14 46.95
CA ILE T 44 -33.75 -17.86 48.22
C ILE T 44 -32.31 -18.24 48.55
N TRP T 45 -31.56 -18.70 47.55
CA TRP T 45 -30.18 -19.14 47.78
C TRP T 45 -29.29 -17.97 48.19
N ARG T 46 -29.29 -16.89 47.41
CA ARG T 46 -28.51 -15.69 47.74
C ARG T 46 -29.35 -14.47 47.36
N PRO T 47 -29.99 -13.82 48.32
CA PRO T 47 -30.75 -12.61 48.01
C PRO T 47 -29.84 -11.52 47.47
N TRP T 48 -30.35 -10.76 46.49
CA TRP T 48 -29.61 -9.63 45.93
C TRP T 48 -30.31 -8.30 46.19
N PHE T 49 -31.29 -8.26 47.09
CA PHE T 49 -31.96 -7.03 47.44
C PHE T 49 -31.91 -6.80 48.95
N SER U 2 -55.59 -9.63 24.96
CA SER U 2 -55.73 -8.41 24.18
C SER U 2 -55.94 -8.72 22.71
N LYS U 3 -55.27 -7.96 21.85
CA LYS U 3 -55.31 -8.15 20.40
C LYS U 3 -53.89 -8.05 19.84
N PHE U 4 -52.94 -8.66 20.53
CA PHE U 4 -51.53 -8.58 20.16
C PHE U 4 -51.15 -9.55 19.05
N TYR U 5 -52.08 -10.40 18.60
CA TYR U 5 -51.77 -11.41 17.60
C TYR U 5 -51.43 -10.81 16.24
N LYS U 6 -51.69 -9.52 16.03
CA LYS U 6 -51.44 -8.90 14.74
C LYS U 6 -49.98 -8.49 14.55
N ILE U 7 -49.16 -8.58 15.59
CA ILE U 7 -47.73 -8.38 15.41
C ILE U 7 -47.18 -9.41 14.44
N TRP U 8 -47.77 -10.61 14.40
CA TRP U 8 -47.43 -11.60 13.40
C TRP U 8 -48.03 -11.25 12.05
N LEU U 9 -49.11 -10.48 12.00
CA LEU U 9 -49.58 -9.94 10.74
C LEU U 9 -48.58 -8.93 10.18
N ILE U 10 -47.85 -8.25 11.06
CA ILE U 10 -46.85 -7.28 10.63
C ILE U 10 -45.48 -7.93 10.43
N PHE U 11 -45.00 -8.67 11.44
CA PHE U 11 -43.66 -9.25 11.40
C PHE U 11 -43.68 -10.62 10.72
N ASP U 12 -42.49 -11.04 10.28
CA ASP U 12 -42.30 -12.33 9.65
C ASP U 12 -41.89 -13.35 10.71
N PRO U 13 -42.65 -14.43 10.90
CA PRO U 13 -42.33 -15.35 12.01
C PRO U 13 -40.92 -15.93 11.97
N ARG U 14 -40.40 -16.23 10.77
CA ARG U 14 -39.08 -16.87 10.69
C ARG U 14 -37.98 -15.93 11.21
N ARG U 15 -37.94 -14.72 10.69
CA ARG U 15 -36.89 -13.78 11.08
C ARG U 15 -37.00 -13.43 12.56
N VAL U 16 -38.22 -13.20 13.05
CA VAL U 16 -38.40 -12.90 14.46
C VAL U 16 -37.97 -14.07 15.32
N PHE U 17 -38.31 -15.30 14.90
CA PHE U 17 -37.97 -16.47 15.68
C PHE U 17 -36.45 -16.64 15.78
N VAL U 18 -35.74 -16.52 14.66
CA VAL U 18 -34.29 -16.68 14.72
C VAL U 18 -33.65 -15.53 15.50
N ALA U 19 -34.19 -14.31 15.34
CA ALA U 19 -33.64 -13.18 16.07
C ALA U 19 -33.77 -13.36 17.57
N GLN U 20 -34.95 -13.78 18.04
CA GLN U 20 -35.09 -13.99 19.48
C GLN U 20 -34.30 -15.19 19.94
N GLY U 21 -34.17 -16.23 19.11
CA GLY U 21 -33.36 -17.37 19.50
C GLY U 21 -31.91 -16.99 19.74
N VAL U 22 -31.37 -16.12 18.89
CA VAL U 22 -30.00 -15.63 19.10
C VAL U 22 -29.97 -14.70 20.31
N PHE U 23 -30.92 -13.78 20.39
CA PHE U 23 -30.88 -12.72 21.40
C PHE U 23 -31.02 -13.27 22.81
N LEU U 24 -31.94 -14.21 23.02
CA LEU U 24 -32.15 -14.77 24.35
C LEU U 24 -30.91 -15.51 24.82
N PHE U 25 -30.29 -16.31 23.95
CA PHE U 25 -29.08 -17.02 24.35
C PHE U 25 -27.95 -16.05 24.66
N LEU U 26 -27.76 -15.02 23.82
CA LEU U 26 -26.70 -14.07 24.09
C LEU U 26 -26.93 -13.34 25.41
N LEU U 27 -28.18 -12.95 25.67
CA LEU U 27 -28.51 -12.27 26.92
C LEU U 27 -28.25 -13.16 28.12
N ALA U 28 -28.68 -14.42 28.05
CA ALA U 28 -28.47 -15.34 29.16
C ALA U 28 -26.98 -15.58 29.39
N ALA U 29 -26.21 -15.75 28.31
CA ALA U 29 -24.78 -15.97 28.44
C ALA U 29 -24.10 -14.76 29.08
N MET U 30 -24.46 -13.55 28.67
CA MET U 30 -23.78 -12.38 29.23
C MET U 30 -24.21 -12.13 30.67
N ILE U 31 -25.46 -12.43 31.03
CA ILE U 31 -25.86 -12.31 32.43
C ILE U 31 -25.11 -13.32 33.29
N HIS U 32 -25.00 -14.57 32.81
CA HIS U 32 -24.24 -15.56 33.56
C HIS U 32 -22.79 -15.14 33.70
N LEU U 33 -22.21 -14.57 32.64
CA LEU U 33 -20.83 -14.11 32.70
C LEU U 33 -20.66 -12.97 33.69
N VAL U 34 -21.61 -12.03 33.73
CA VAL U 34 -21.53 -10.94 34.70
C VAL U 34 -21.60 -11.49 36.12
N LEU U 35 -22.51 -12.44 36.36
CA LEU U 35 -22.60 -13.06 37.68
C LEU U 35 -21.30 -13.76 38.05
N LEU U 36 -20.68 -14.44 37.08
CA LEU U 36 -19.39 -15.07 37.34
C LEU U 36 -18.31 -14.04 37.66
N SER U 37 -18.34 -12.90 36.99
CA SER U 37 -17.36 -11.85 37.25
C SER U 37 -17.54 -11.20 38.61
N THR U 38 -18.78 -11.12 39.12
CA THR U 38 -19.03 -10.59 40.45
C THR U 38 -18.63 -11.63 41.48
N GLU U 39 -17.85 -11.21 42.47
CA GLU U 39 -17.32 -12.16 43.45
C GLU U 39 -18.38 -12.63 44.45
N HIS U 40 -19.47 -11.89 44.61
CA HIS U 40 -20.52 -12.32 45.52
C HIS U 40 -21.39 -13.41 44.91
N PHE U 41 -21.52 -13.45 43.57
CA PHE U 41 -22.44 -14.36 42.90
C PHE U 41 -21.70 -15.39 42.04
N ASN U 42 -20.43 -15.65 42.32
CA ASN U 42 -19.67 -16.67 41.61
C ASN U 42 -19.86 -17.99 42.37
N TRP U 43 -20.69 -18.89 41.82
CA TRP U 43 -21.01 -20.11 42.55
C TRP U 43 -19.81 -21.05 42.63
N PHE U 44 -18.92 -21.01 41.63
CA PHE U 44 -17.68 -21.77 41.74
C PHE U 44 -16.84 -21.29 42.91
N GLU U 45 -16.72 -19.97 43.08
CA GLU U 45 -15.96 -19.42 44.19
C GLU U 45 -16.62 -19.76 45.52
N LEU U 46 -17.95 -19.74 45.58
CA LEU U 46 -18.65 -20.13 46.80
C LEU U 46 -18.39 -21.60 47.13
N ALA U 47 -18.42 -22.47 46.12
CA ALA U 47 -18.14 -23.88 46.36
C ALA U 47 -16.71 -24.06 46.87
N ALA U 48 -15.76 -23.36 46.27
CA ALA U 48 -14.38 -23.46 46.72
C ALA U 48 -14.22 -22.96 48.16
N ALA U 49 -14.89 -21.87 48.51
CA ALA U 49 -14.80 -21.33 49.86
C ALA U 49 -15.43 -22.26 50.88
N ASN U 50 -16.63 -22.78 50.58
CA ASN U 50 -17.31 -23.65 51.51
C ASN U 50 -16.56 -24.97 51.71
N ALA U 51 -16.06 -25.54 50.63
CA ALA U 51 -15.31 -26.79 50.73
C ALA U 51 -13.81 -26.54 50.63
N LEU V 7 -50.68 -23.30 6.74
CA LEU V 7 -49.46 -22.49 6.67
C LEU V 7 -48.23 -23.36 6.86
N SER V 8 -47.34 -23.35 5.85
CA SER V 8 -46.12 -24.14 5.90
C SER V 8 -45.10 -23.48 4.98
N PHE V 9 -44.13 -22.77 5.57
CA PHE V 9 -43.08 -22.16 4.77
C PHE V 9 -42.07 -23.19 4.29
N THR V 10 -41.92 -24.31 5.01
CA THR V 10 -40.94 -25.33 4.68
C THR V 10 -41.48 -26.42 3.78
N GLY V 11 -42.74 -26.33 3.36
CA GLY V 11 -43.31 -27.34 2.51
C GLY V 11 -43.46 -28.70 3.15
N LEU V 12 -43.83 -28.74 4.43
CA LEU V 12 -44.08 -29.98 5.14
C LEU V 12 -45.55 -30.10 5.48
N THR V 13 -46.12 -31.27 5.20
CA THR V 13 -47.50 -31.55 5.58
C THR V 13 -47.61 -31.56 7.11
N ASP V 14 -48.75 -31.07 7.60
CA ASP V 14 -48.97 -31.03 9.04
C ASP V 14 -48.81 -32.40 9.69
N GLU V 15 -49.12 -33.47 8.96
CA GLU V 15 -48.91 -34.81 9.49
C GLU V 15 -47.44 -35.14 9.62
N GLN V 16 -46.63 -34.75 8.62
CA GLN V 16 -45.20 -35.02 8.68
C GLN V 16 -44.54 -34.29 9.83
N ALA V 17 -44.94 -33.03 10.05
CA ALA V 17 -44.33 -32.24 11.11
C ALA V 17 -44.57 -32.85 12.47
N GLN V 18 -45.76 -33.43 12.68
CA GLN V 18 -46.08 -34.02 13.97
C GLN V 18 -45.17 -35.22 14.27
N GLU V 19 -44.96 -36.09 13.28
CA GLU V 19 -44.07 -37.24 13.48
C GLU V 19 -42.63 -36.79 13.66
N LEU V 20 -42.20 -35.81 12.86
CA LEU V 20 -40.84 -35.28 13.01
C LEU V 20 -40.63 -34.74 14.41
N HIS V 21 -41.60 -33.99 14.93
CA HIS V 21 -41.49 -33.45 16.27
C HIS V 21 -41.54 -34.53 17.33
N SER V 22 -42.32 -35.59 17.10
CA SER V 22 -42.35 -36.69 18.06
C SER V 22 -40.98 -37.35 18.17
N VAL V 23 -40.35 -37.62 17.03
CA VAL V 23 -39.02 -38.24 17.06
C VAL V 23 -38.00 -37.28 17.67
N TYR V 24 -38.08 -35.99 17.32
CA TYR V 24 -37.14 -35.01 17.87
C TYR V 24 -37.28 -34.91 19.38
N MET V 25 -38.52 -34.92 19.88
CA MET V 25 -38.73 -34.84 21.31
C MET V 25 -38.28 -36.11 22.02
N SER V 26 -38.43 -37.27 21.37
CA SER V 26 -37.89 -38.49 21.96
C SER V 26 -36.38 -38.40 22.10
N GLY V 27 -35.69 -37.93 21.05
CA GLY V 27 -34.26 -37.75 21.15
C GLY V 27 -33.86 -36.72 22.19
N LEU V 28 -34.61 -35.62 22.28
CA LEU V 28 -34.33 -34.59 23.26
C LEU V 28 -34.50 -35.14 24.68
N TRP V 29 -35.53 -35.93 24.91
CA TRP V 29 -35.74 -36.50 26.25
C TRP V 29 -34.64 -37.50 26.59
N LEU V 30 -34.20 -38.31 25.63
CA LEU V 30 -33.10 -39.21 25.89
C LEU V 30 -31.83 -38.45 26.27
N PHE V 31 -31.51 -37.41 25.49
CA PHE V 31 -30.33 -36.61 25.78
C PHE V 31 -30.44 -35.92 27.14
N SER V 32 -31.62 -35.39 27.47
CA SER V 32 -31.81 -34.73 28.74
C SER V 32 -31.72 -35.71 29.90
N ALA V 33 -32.22 -36.93 29.72
CA ALA V 33 -32.10 -37.94 30.78
C ALA V 33 -30.64 -38.30 31.03
N VAL V 34 -29.86 -38.46 29.95
CA VAL V 34 -28.43 -38.74 30.13
C VAL V 34 -27.75 -37.58 30.83
N ALA V 35 -28.09 -36.35 30.43
CA ALA V 35 -27.50 -35.18 31.07
C ALA V 35 -27.89 -35.09 32.55
N VAL V 36 -29.13 -35.44 32.88
CA VAL V 36 -29.57 -35.41 34.28
C VAL V 36 -28.81 -36.43 35.10
N VAL V 37 -28.62 -37.63 34.57
CA VAL V 37 -27.85 -38.64 35.29
C VAL V 37 -26.42 -38.16 35.50
N ALA V 38 -25.82 -37.55 34.46
CA ALA V 38 -24.48 -37.03 34.58
C ALA V 38 -24.39 -35.93 35.64
N HIS V 39 -25.37 -35.03 35.66
CA HIS V 39 -25.37 -33.94 36.63
C HIS V 39 -25.55 -34.48 38.04
N LEU V 40 -26.40 -35.49 38.22
CA LEU V 40 -26.57 -36.09 39.54
C LEU V 40 -25.27 -36.72 40.01
N ALA V 41 -24.58 -37.45 39.13
CA ALA V 41 -23.30 -38.04 39.51
C ALA V 41 -22.28 -36.98 39.87
N THR V 42 -22.22 -35.89 39.09
CA THR V 42 -21.27 -34.83 39.38
C THR V 42 -21.61 -34.13 40.70
N PHE V 43 -22.90 -33.96 41.00
CA PHE V 43 -23.28 -33.33 42.25
C PHE V 43 -22.94 -34.20 43.44
N ILE V 44 -23.10 -35.53 43.33
CA ILE V 44 -22.65 -36.41 44.39
C ILE V 44 -21.13 -36.33 44.54
N TRP V 45 -20.40 -36.30 43.42
CA TRP V 45 -18.94 -36.30 43.49
C TRP V 45 -18.42 -35.02 44.15
N ARG V 46 -18.85 -33.86 43.65
CA ARG V 46 -18.44 -32.57 44.19
C ARG V 46 -19.58 -31.60 44.03
N PRO V 47 -20.42 -31.43 45.06
CA PRO V 47 -21.54 -30.50 44.95
C PRO V 47 -21.05 -29.07 44.80
N TRP V 48 -21.77 -28.30 43.98
CA TRP V 48 -21.46 -26.89 43.78
C TRP V 48 -22.41 -25.97 44.54
N PHE V 49 -23.22 -26.52 45.44
CA PHE V 49 -24.09 -25.72 46.28
C PHE V 49 -23.73 -25.90 47.76
N SER W 2 -47.33 -29.25 24.02
CA SER W 2 -48.71 -28.88 23.73
C SER W 2 -49.00 -28.99 22.24
N LYS W 3 -48.59 -27.95 21.50
CA LYS W 3 -48.78 -27.90 20.05
C LYS W 3 -47.52 -27.36 19.38
N PHE W 4 -46.36 -27.64 19.98
CA PHE W 4 -45.10 -27.09 19.49
C PHE W 4 -44.62 -27.75 18.20
N TYR W 5 -45.29 -28.81 17.75
CA TYR W 5 -44.85 -29.51 16.55
C TYR W 5 -44.90 -28.62 15.31
N LYS W 6 -45.64 -27.50 15.37
CA LYS W 6 -45.76 -26.62 14.22
C LYS W 6 -44.51 -25.78 13.97
N ILE W 7 -43.53 -25.83 14.87
CA ILE W 7 -42.29 -25.09 14.66
C ILE W 7 -41.58 -25.58 13.39
N TRP W 8 -41.78 -26.85 13.03
CA TRP W 8 -41.17 -27.39 11.83
C TRP W 8 -41.85 -26.92 10.55
N LEU W 9 -43.04 -26.33 10.66
CA LEU W 9 -43.62 -25.61 9.52
C LEU W 9 -43.02 -24.23 9.35
N ILE W 10 -42.31 -23.74 10.37
CA ILE W 10 -41.62 -22.45 10.31
C ILE W 10 -40.15 -22.63 9.95
N PHE W 11 -39.49 -23.60 10.58
CA PHE W 11 -38.07 -23.83 10.44
C PHE W 11 -37.79 -25.04 9.56
N ASP W 12 -36.70 -24.95 8.79
CA ASP W 12 -36.26 -26.07 7.96
C ASP W 12 -35.64 -27.14 8.87
N PRO W 13 -36.16 -28.36 8.88
CA PRO W 13 -35.62 -29.37 9.81
C PRO W 13 -34.15 -29.66 9.60
N ARG W 14 -33.68 -29.69 8.36
CA ARG W 14 -32.29 -30.03 8.09
C ARG W 14 -31.34 -28.86 8.33
N ARG W 15 -31.86 -27.63 8.34
CA ARG W 15 -31.01 -26.48 8.64
C ARG W 15 -30.91 -26.23 10.14
N VAL W 16 -31.99 -26.48 10.88
CA VAL W 16 -31.96 -26.31 12.32
C VAL W 16 -31.10 -27.35 13.00
N PHE W 17 -31.08 -28.59 12.48
CA PHE W 17 -30.36 -29.66 13.16
C PHE W 17 -28.85 -29.41 13.15
N VAL W 18 -28.32 -28.92 12.04
CA VAL W 18 -26.89 -28.65 11.96
C VAL W 18 -26.48 -27.59 12.98
N ALA W 19 -27.23 -26.48 13.01
CA ALA W 19 -26.98 -25.43 13.97
C ALA W 19 -27.14 -25.92 15.41
N GLN W 20 -28.13 -26.77 15.66
CA GLN W 20 -28.33 -27.31 16.99
C GLN W 20 -27.16 -28.18 17.43
N GLY W 21 -26.67 -29.05 16.55
CA GLY W 21 -25.52 -29.87 16.90
C GLY W 21 -24.27 -29.03 17.15
N VAL W 22 -24.01 -28.06 16.29
CA VAL W 22 -22.84 -27.20 16.47
C VAL W 22 -22.96 -26.43 17.77
N PHE W 23 -24.14 -25.87 18.05
CA PHE W 23 -24.35 -25.11 19.27
C PHE W 23 -24.19 -25.97 20.51
N LEU W 24 -24.73 -27.19 20.47
CA LEU W 24 -24.62 -28.09 21.62
C LEU W 24 -23.17 -28.46 21.89
N PHE W 25 -22.42 -28.79 20.84
CA PHE W 25 -21.01 -29.12 21.06
C PHE W 25 -20.24 -27.93 21.60
N LEU W 26 -20.46 -26.75 21.01
CA LEU W 26 -19.74 -25.56 21.47
C LEU W 26 -20.08 -25.23 22.92
N LEU W 27 -21.35 -25.37 23.29
CA LEU W 27 -21.76 -25.11 24.66
C LEU W 27 -21.13 -26.10 25.62
N ALA W 28 -21.11 -27.38 25.26
CA ALA W 28 -20.48 -28.38 26.11
C ALA W 28 -19.00 -28.11 26.28
N ALA W 29 -18.32 -27.76 25.19
CA ALA W 29 -16.89 -27.45 25.28
C ALA W 29 -16.66 -26.22 26.15
N MET W 30 -17.49 -25.19 25.99
CA MET W 30 -17.32 -23.99 26.80
C MET W 30 -17.52 -24.27 28.28
N ILE W 31 -18.54 -25.07 28.62
CA ILE W 31 -18.79 -25.37 30.02
C ILE W 31 -17.67 -26.21 30.61
N HIS W 32 -17.19 -27.20 29.84
CA HIS W 32 -16.07 -28.01 30.32
C HIS W 32 -14.82 -27.16 30.53
N LEU W 33 -14.55 -26.23 29.62
CA LEU W 33 -13.38 -25.36 29.77
C LEU W 33 -13.55 -24.41 30.95
N VAL W 34 -14.77 -23.92 31.19
CA VAL W 34 -15.02 -23.08 32.35
C VAL W 34 -14.76 -23.86 33.63
N LEU W 35 -15.21 -25.11 33.68
CA LEU W 35 -14.93 -25.95 34.84
C LEU W 35 -13.43 -26.17 35.01
N LEU W 36 -12.71 -26.38 33.91
CA LEU W 36 -11.28 -26.58 33.99
C LEU W 36 -10.55 -25.33 34.49
N SER W 37 -11.00 -24.15 34.08
CA SER W 37 -10.31 -22.91 34.43
C SER W 37 -10.42 -22.56 35.90
N THR W 38 -11.29 -23.21 36.66
CA THR W 38 -11.40 -22.96 38.08
C THR W 38 -10.39 -23.82 38.82
N GLU W 39 -10.42 -23.77 40.16
CA GLU W 39 -9.54 -24.59 40.97
C GLU W 39 -10.25 -25.65 41.79
N HIS W 40 -11.54 -25.50 42.06
CA HIS W 40 -12.30 -26.46 42.83
C HIS W 40 -12.90 -27.57 41.98
N PHE W 41 -12.91 -27.41 40.66
CA PHE W 41 -13.57 -28.37 39.77
C PHE W 41 -12.67 -28.93 38.68
N ASN W 42 -11.41 -28.50 38.61
CA ASN W 42 -10.49 -29.03 37.62
C ASN W 42 -10.10 -30.45 38.01
N TRP W 43 -10.74 -31.45 37.39
CA TRP W 43 -10.57 -32.83 37.83
C TRP W 43 -9.14 -33.32 37.65
N PHE W 44 -8.41 -32.76 36.69
CA PHE W 44 -6.99 -33.10 36.56
C PHE W 44 -6.22 -32.67 37.80
N GLU W 45 -6.47 -31.45 38.27
CA GLU W 45 -5.77 -30.96 39.46
C GLU W 45 -6.20 -31.71 40.70
N LEU W 46 -7.47 -32.08 40.79
CA LEU W 46 -7.93 -32.90 41.92
C LEU W 46 -7.25 -34.26 41.92
N ALA W 47 -7.13 -34.88 40.75
CA ALA W 47 -6.43 -36.16 40.67
C ALA W 47 -4.96 -36.00 41.08
N ALA W 48 -4.32 -34.92 40.62
CA ALA W 48 -2.93 -34.69 41.00
C ALA W 48 -2.79 -34.50 42.51
N ALA W 49 -3.72 -33.75 43.12
CA ALA W 49 -3.65 -33.50 44.56
C ALA W 49 -3.88 -34.77 45.35
N ASN W 50 -4.89 -35.57 44.97
CA ASN W 50 -5.13 -36.83 45.65
C ASN W 50 -4.03 -37.86 45.40
N ALA W 51 -3.24 -37.67 44.34
CA ALA W 51 -2.10 -38.55 44.11
C ALA W 51 -1.08 -38.40 45.23
N ALA W 52 -0.83 -37.17 45.66
CA ALA W 52 0.14 -36.90 46.72
C ALA W 52 -0.51 -37.06 48.09
N ASP X 6 -43.07 -40.79 1.88
CA ASP X 6 -43.19 -39.80 2.94
C ASP X 6 -42.17 -38.69 2.76
N LEU X 7 -41.76 -38.08 3.88
CA LEU X 7 -40.78 -37.00 3.84
C LEU X 7 -39.39 -37.60 3.65
N SER X 8 -38.69 -37.15 2.62
CA SER X 8 -37.33 -37.63 2.35
C SER X 8 -36.59 -36.55 1.57
N PHE X 9 -35.76 -35.79 2.27
CA PHE X 9 -34.98 -34.74 1.62
C PHE X 9 -33.80 -35.29 0.82
N THR X 10 -33.22 -36.41 1.25
CA THR X 10 -32.04 -36.97 0.61
C THR X 10 -32.35 -37.97 -0.48
N GLY X 11 -33.62 -38.36 -0.66
CA GLY X 11 -33.99 -39.32 -1.65
C GLY X 11 -33.89 -40.76 -1.22
N LEU X 12 -33.31 -41.02 -0.05
CA LEU X 12 -33.25 -42.39 0.46
C LEU X 12 -34.65 -42.85 0.87
N THR X 13 -35.00 -44.07 0.49
CA THR X 13 -36.27 -44.63 0.90
C THR X 13 -36.22 -45.02 2.37
N ASP X 14 -37.38 -45.36 2.93
CA ASP X 14 -37.44 -45.77 4.33
C ASP X 14 -36.67 -47.07 4.56
N GLU X 15 -36.72 -48.00 3.61
CA GLU X 15 -36.03 -49.28 3.79
C GLU X 15 -34.53 -49.12 3.72
N GLN X 16 -34.04 -48.27 2.81
CA GLN X 16 -32.60 -48.09 2.66
C GLN X 16 -31.98 -47.45 3.89
N ALA X 17 -32.62 -46.40 4.40
CA ALA X 17 -32.06 -45.67 5.54
C ALA X 17 -32.07 -46.51 6.80
N GLN X 18 -33.03 -47.43 6.94
CA GLN X 18 -33.04 -48.30 8.12
C GLN X 18 -31.82 -49.22 8.12
N GLU X 19 -31.49 -49.80 6.98
CA GLU X 19 -30.28 -50.62 6.89
C GLU X 19 -29.03 -49.77 7.09
N LEU X 20 -29.00 -48.56 6.51
CA LEU X 20 -27.87 -47.67 6.71
C LEU X 20 -27.66 -47.36 8.18
N HIS X 21 -28.75 -47.09 8.89
CA HIS X 21 -28.65 -46.77 10.31
C HIS X 21 -28.26 -48.00 11.12
N SER X 22 -28.70 -49.19 10.72
CA SER X 22 -28.27 -50.39 11.43
C SER X 22 -26.77 -50.59 11.31
N VAL X 23 -26.22 -50.42 10.10
CA VAL X 23 -24.78 -50.57 9.94
C VAL X 23 -24.03 -49.45 10.68
N TYR X 24 -24.56 -48.23 10.62
CA TYR X 24 -23.93 -47.12 11.33
C TYR X 24 -23.91 -47.37 12.84
N MET X 25 -25.01 -47.90 13.38
CA MET X 25 -25.06 -48.20 14.81
C MET X 25 -24.12 -49.35 15.16
N SER X 26 -23.97 -50.34 14.28
CA SER X 26 -22.99 -51.39 14.54
C SER X 26 -21.59 -50.79 14.63
N GLY X 27 -21.23 -49.92 13.70
CA GLY X 27 -19.93 -49.29 13.76
C GLY X 27 -19.76 -48.41 14.99
N LEU X 28 -20.80 -47.66 15.35
CA LEU X 28 -20.74 -46.81 16.53
C LEU X 28 -20.57 -47.63 17.80
N TRP X 29 -21.27 -48.76 17.90
CA TRP X 29 -21.13 -49.61 19.08
C TRP X 29 -19.75 -50.22 19.15
N LEU X 30 -19.19 -50.64 18.02
CA LEU X 30 -17.82 -51.17 18.04
C LEU X 30 -16.83 -50.11 18.49
N PHE X 31 -16.95 -48.91 17.93
CA PHE X 31 -16.05 -47.82 18.31
C PHE X 31 -16.20 -47.47 19.79
N SER X 32 -17.42 -47.42 20.29
CA SER X 32 -17.65 -47.13 21.71
C SER X 32 -17.13 -48.24 22.60
N ALA X 33 -17.25 -49.50 22.19
CA ALA X 33 -16.71 -50.60 22.99
C ALA X 33 -15.20 -50.51 23.08
N VAL X 34 -14.53 -50.22 21.97
CA VAL X 34 -13.09 -50.06 22.00
C VAL X 34 -12.70 -48.88 22.90
N ALA X 35 -13.45 -47.77 22.80
CA ALA X 35 -13.18 -46.62 23.65
C ALA X 35 -13.39 -46.96 25.12
N VAL X 36 -14.41 -47.75 25.44
CA VAL X 36 -14.67 -48.12 26.82
C VAL X 36 -13.55 -48.98 27.37
N VAL X 37 -13.05 -49.92 26.56
CA VAL X 37 -11.92 -50.75 27.00
C VAL X 37 -10.70 -49.87 27.24
N ALA X 38 -10.44 -48.93 26.34
CA ALA X 38 -9.32 -48.02 26.52
C ALA X 38 -9.47 -47.19 27.78
N HIS X 39 -10.68 -46.71 28.05
CA HIS X 39 -10.92 -45.90 29.24
C HIS X 39 -10.75 -46.72 30.51
N LEU X 40 -11.18 -47.99 30.51
CA LEU X 40 -10.94 -48.84 31.66
C LEU X 40 -9.45 -49.05 31.89
N ALA X 41 -8.69 -49.28 30.81
CA ALA X 41 -7.25 -49.43 30.96
C ALA X 41 -6.61 -48.17 31.52
N THR X 42 -7.03 -47.00 31.02
CA THR X 42 -6.47 -45.75 31.50
C THR X 42 -6.86 -45.47 32.94
N PHE X 43 -8.08 -45.83 33.34
CA PHE X 43 -8.50 -45.66 34.72
C PHE X 43 -7.69 -46.55 35.66
N ILE X 44 -7.42 -47.79 35.24
CA ILE X 44 -6.59 -48.66 36.06
C ILE X 44 -5.17 -48.11 36.16
N TRP X 45 -4.62 -47.62 35.04
CA TRP X 45 -3.24 -47.13 35.04
C TRP X 45 -3.10 -45.87 35.88
N ARG X 46 -3.96 -44.88 35.67
CA ARG X 46 -3.89 -43.60 36.38
C ARG X 46 -5.30 -43.05 36.52
N PRO X 47 -5.98 -43.40 37.61
CA PRO X 47 -7.37 -42.95 37.77
C PRO X 47 -7.46 -41.44 37.92
N TRP X 48 -8.56 -40.88 37.41
CA TRP X 48 -8.84 -39.45 37.51
C TRP X 48 -10.02 -39.16 38.43
N PHE X 49 -10.43 -40.12 39.25
CA PHE X 49 -11.52 -39.92 40.19
C PHE X 49 -11.12 -40.38 41.59
N SER Y 2 -36.29 -47.58 18.48
CA SER Y 2 -36.66 -46.20 18.22
C SER Y 2 -36.92 -45.97 16.74
N LYS Y 3 -36.94 -44.70 16.34
CA LYS Y 3 -37.15 -44.31 14.95
C LYS Y 3 -36.07 -43.33 14.49
N PHE Y 4 -34.87 -43.46 15.04
CA PHE Y 4 -33.79 -42.54 14.70
C PHE Y 4 -33.23 -42.78 13.30
N TYR Y 5 -33.62 -43.87 12.64
CA TYR Y 5 -33.04 -44.23 11.34
C TYR Y 5 -33.34 -43.22 10.25
N LYS Y 6 -34.33 -42.35 10.43
CA LYS Y 6 -34.70 -41.38 9.42
C LYS Y 6 -33.94 -40.06 9.55
N ILE Y 7 -32.96 -39.99 10.44
CA ILE Y 7 -32.01 -38.88 10.37
C ILE Y 7 -31.31 -38.89 9.01
N TRP Y 8 -31.16 -40.07 8.42
CA TRP Y 8 -30.64 -40.18 7.06
C TRP Y 8 -31.68 -39.78 6.02
N LEU Y 9 -32.97 -39.89 6.35
CA LEU Y 9 -33.98 -39.21 5.56
C LEU Y 9 -33.82 -37.69 5.65
N ILE Y 10 -33.25 -37.19 6.73
CA ILE Y 10 -32.98 -35.77 6.90
C ILE Y 10 -31.60 -35.39 6.39
N PHE Y 11 -30.55 -36.08 6.85
CA PHE Y 11 -29.17 -35.77 6.47
C PHE Y 11 -28.69 -36.66 5.33
N ASP Y 12 -27.87 -36.08 4.47
CA ASP Y 12 -27.21 -36.82 3.40
C ASP Y 12 -26.11 -37.68 4.00
N PRO Y 13 -26.11 -38.99 3.80
CA PRO Y 13 -25.14 -39.85 4.48
C PRO Y 13 -23.69 -39.54 4.16
N ARG Y 14 -23.38 -39.18 2.92
CA ARG Y 14 -22.00 -39.08 2.49
C ARG Y 14 -21.37 -37.73 2.81
N ARG Y 15 -22.14 -36.76 3.29
CA ARG Y 15 -21.59 -35.51 3.79
C ARG Y 15 -21.50 -35.46 5.30
N VAL Y 16 -22.40 -36.16 5.99
CA VAL Y 16 -22.32 -36.26 7.44
C VAL Y 16 -21.13 -37.10 7.87
N PHE Y 17 -20.82 -38.15 7.11
CA PHE Y 17 -19.74 -39.07 7.50
C PHE Y 17 -18.39 -38.37 7.51
N VAL Y 18 -18.12 -37.54 6.50
CA VAL Y 18 -16.84 -36.84 6.45
C VAL Y 18 -16.71 -35.88 7.62
N ALA Y 19 -17.78 -35.14 7.90
CA ALA Y 19 -17.76 -34.20 9.02
C ALA Y 19 -17.59 -34.94 10.34
N GLN Y 20 -18.26 -36.09 10.49
CA GLN Y 20 -18.13 -36.85 11.72
C GLN Y 20 -16.71 -37.38 11.89
N GLY Y 21 -16.10 -37.87 10.81
CA GLY Y 21 -14.73 -38.35 10.91
C GLY Y 21 -13.76 -37.25 11.27
N VAL Y 22 -13.88 -36.09 10.62
CA VAL Y 22 -13.00 -34.96 10.94
C VAL Y 22 -13.20 -34.52 12.37
N PHE Y 23 -14.46 -34.41 12.82
CA PHE Y 23 -14.74 -34.00 14.18
C PHE Y 23 -14.20 -35.00 15.19
N LEU Y 24 -14.35 -36.29 14.91
CA LEU Y 24 -13.85 -37.31 15.84
C LEU Y 24 -12.34 -37.25 15.96
N PHE Y 25 -11.63 -37.13 14.82
CA PHE Y 25 -10.19 -37.05 14.90
C PHE Y 25 -9.74 -35.78 15.64
N LEU Y 26 -10.39 -34.66 15.34
CA LEU Y 26 -10.01 -33.41 16.02
C LEU Y 26 -10.28 -33.49 17.51
N LEU Y 27 -11.40 -34.10 17.90
CA LEU Y 27 -11.70 -34.30 19.31
C LEU Y 27 -10.65 -35.16 19.98
N ALA Y 28 -10.27 -36.27 19.34
CA ALA Y 28 -9.28 -37.17 19.92
C ALA Y 28 -7.95 -36.46 20.08
N ALA Y 29 -7.51 -35.73 19.05
CA ALA Y 29 -6.24 -35.02 19.14
C ALA Y 29 -6.30 -33.95 20.23
N MET Y 30 -7.41 -33.24 20.33
CA MET Y 30 -7.53 -32.17 21.33
C MET Y 30 -7.52 -32.75 22.74
N ILE Y 31 -8.19 -33.87 22.96
CA ILE Y 31 -8.18 -34.47 24.30
C ILE Y 31 -6.80 -35.02 24.64
N HIS Y 32 -6.13 -35.62 23.65
CA HIS Y 32 -4.77 -36.10 23.90
C HIS Y 32 -3.84 -34.94 24.24
N LEU Y 33 -4.00 -33.81 23.55
CA LEU Y 33 -3.17 -32.64 23.84
C LEU Y 33 -3.48 -32.04 25.20
N VAL Y 34 -4.76 -32.05 25.59
CA VAL Y 34 -5.13 -31.56 26.91
C VAL Y 34 -4.50 -32.45 27.98
N LEU Y 35 -4.51 -33.77 27.78
CA LEU Y 35 -3.85 -34.67 28.71
C LEU Y 35 -2.35 -34.41 28.76
N LEU Y 36 -1.74 -34.16 27.59
CA LEU Y 36 -0.31 -33.90 27.55
C LEU Y 36 0.05 -32.61 28.28
N SER Y 37 -0.76 -31.57 28.15
CA SER Y 37 -0.44 -30.27 28.74
C SER Y 37 -0.49 -30.28 30.26
N THR Y 38 -1.05 -31.31 30.88
CA THR Y 38 -1.06 -31.41 32.33
C THR Y 38 0.27 -32.01 32.79
N GLU Y 39 0.39 -32.26 34.09
CA GLU Y 39 1.58 -32.88 34.65
C GLU Y 39 1.33 -34.27 35.19
N HIS Y 40 0.13 -34.54 35.72
CA HIS Y 40 -0.17 -35.85 36.28
C HIS Y 40 -0.38 -36.90 35.20
N PHE Y 41 -0.97 -36.50 34.06
CA PHE Y 41 -1.37 -37.45 33.03
C PHE Y 41 -0.49 -37.41 31.79
N ASN Y 42 0.64 -36.71 31.83
CA ASN Y 42 1.55 -36.65 30.69
C ASN Y 42 2.45 -37.88 30.74
N TRP Y 43 2.15 -38.87 29.91
CA TRP Y 43 2.85 -40.16 30.02
C TRP Y 43 4.31 -40.07 29.61
N PHE Y 44 4.69 -39.02 28.87
CA PHE Y 44 6.10 -38.88 28.48
C PHE Y 44 6.98 -38.52 29.67
N GLU Y 45 6.62 -37.46 30.39
CA GLU Y 45 7.39 -37.12 31.60
C GLU Y 45 7.21 -38.15 32.70
N LEU Y 46 6.08 -38.83 32.78
CA LEU Y 46 5.98 -39.95 33.73
C LEU Y 46 6.94 -41.07 33.37
N ALA Y 47 7.07 -41.40 32.08
CA ALA Y 47 8.05 -42.41 31.68
C ALA Y 47 9.46 -41.94 31.99
N ALA Y 48 9.75 -40.66 31.74
CA ALA Y 48 11.09 -40.12 32.02
C ALA Y 48 11.40 -40.19 33.51
N ALA Y 49 10.45 -39.82 34.35
CA ALA Y 49 10.66 -39.85 35.80
C ALA Y 49 10.80 -41.28 36.30
N ASN Y 50 9.99 -42.20 35.78
CA ASN Y 50 10.10 -43.59 36.18
C ASN Y 50 11.45 -44.17 35.79
N ALA Y 51 11.95 -43.82 34.60
CA ALA Y 51 13.29 -44.26 34.22
C ALA Y 51 14.35 -43.68 35.15
N ALA Y 52 14.21 -42.42 35.52
CA ALA Y 52 15.13 -41.74 36.43
C ALA Y 52 16.58 -41.83 35.95
N ASP Z 6 -29.46 -51.18 -5.57
CA ASP Z 6 -30.02 -50.65 -4.33
C ASP Z 6 -29.66 -49.17 -4.18
N LEU Z 7 -28.79 -48.85 -3.23
CA LEU Z 7 -28.33 -47.49 -3.00
C LEU Z 7 -26.83 -47.44 -3.28
N SER Z 8 -26.43 -46.53 -4.17
CA SER Z 8 -25.03 -46.46 -4.59
C SER Z 8 -24.74 -45.03 -5.04
N PHE Z 9 -23.99 -44.28 -4.23
CA PHE Z 9 -23.58 -42.94 -4.62
C PHE Z 9 -22.35 -42.95 -5.52
N THR Z 10 -21.59 -44.04 -5.54
CA THR Z 10 -20.33 -44.10 -6.27
C THR Z 10 -20.41 -44.92 -7.55
N GLY Z 11 -21.55 -45.55 -7.83
CA GLY Z 11 -21.69 -46.38 -9.00
C GLY Z 11 -21.23 -47.81 -8.84
N LEU Z 12 -20.62 -48.16 -7.72
CA LEU Z 12 -20.19 -49.53 -7.49
C LEU Z 12 -21.40 -50.42 -7.21
N THR Z 13 -21.24 -51.70 -7.48
CA THR Z 13 -22.26 -52.70 -7.19
C THR Z 13 -22.00 -53.33 -5.82
N ASP Z 14 -22.94 -54.18 -5.41
CA ASP Z 14 -22.80 -54.84 -4.12
C ASP Z 14 -21.60 -55.79 -4.12
N GLU Z 15 -21.41 -56.52 -5.21
CA GLU Z 15 -20.32 -57.49 -5.26
C GLU Z 15 -18.96 -56.80 -5.38
N GLN Z 16 -18.89 -55.72 -6.15
CA GLN Z 16 -17.62 -55.02 -6.33
C GLN Z 16 -17.13 -54.43 -5.02
N ALA Z 17 -18.04 -53.80 -4.27
CA ALA Z 17 -17.67 -53.21 -2.99
C ALA Z 17 -17.20 -54.27 -2.00
N GLN Z 18 -17.83 -55.45 -2.04
CA GLN Z 18 -17.42 -56.52 -1.14
C GLN Z 18 -15.99 -56.97 -1.39
N GLU Z 19 -15.63 -57.21 -2.66
CA GLU Z 19 -14.26 -57.60 -2.98
C GLU Z 19 -13.27 -56.50 -2.66
N LEU Z 20 -13.62 -55.25 -2.98
CA LEU Z 20 -12.72 -54.14 -2.69
C LEU Z 20 -12.48 -54.02 -1.19
N HIS Z 21 -13.52 -54.16 -0.38
CA HIS Z 21 -13.35 -54.11 1.06
C HIS Z 21 -12.57 -55.30 1.58
N SER Z 22 -12.75 -56.47 0.95
CA SER Z 22 -11.99 -57.64 1.36
C SER Z 22 -10.49 -57.43 1.17
N VAL Z 23 -10.11 -56.81 0.05
CA VAL Z 23 -8.69 -56.53 -0.17
C VAL Z 23 -8.21 -55.41 0.76
N TYR Z 24 -9.03 -54.37 0.95
CA TYR Z 24 -8.64 -53.25 1.79
C TYR Z 24 -8.44 -53.69 3.24
N MET Z 25 -9.28 -54.58 3.74
CA MET Z 25 -9.15 -55.06 5.10
C MET Z 25 -7.88 -55.87 5.29
N SER Z 26 -7.52 -56.69 4.28
CA SER Z 26 -6.26 -57.41 4.35
C SER Z 26 -5.07 -56.47 4.39
N GLY Z 27 -5.11 -55.41 3.55
CA GLY Z 27 -4.06 -54.42 3.61
C GLY Z 27 -3.98 -53.73 4.97
N LEU Z 28 -5.14 -53.39 5.54
CA LEU Z 28 -5.19 -52.78 6.85
C LEU Z 28 -4.61 -53.70 7.92
N TRP Z 29 -4.93 -54.99 7.85
CA TRP Z 29 -4.41 -55.93 8.84
C TRP Z 29 -2.91 -56.09 8.71
N LEU Z 30 -2.39 -56.12 7.49
CA LEU Z 30 -0.94 -56.20 7.31
C LEU Z 30 -0.25 -54.96 7.89
N PHE Z 31 -0.79 -53.77 7.58
CA PHE Z 31 -0.22 -52.54 8.12
C PHE Z 31 -0.27 -52.52 9.64
N SER Z 32 -1.40 -52.95 10.22
CA SER Z 32 -1.53 -52.98 11.66
C SER Z 32 -0.59 -54.00 12.29
N ALA Z 33 -0.35 -55.13 11.63
CA ALA Z 33 0.58 -56.12 12.16
C ALA Z 33 2.00 -55.56 12.18
N VAL Z 34 2.41 -54.88 11.11
CA VAL Z 34 3.74 -54.27 11.10
C VAL Z 34 3.83 -53.21 12.18
N ALA Z 35 2.77 -52.42 12.36
CA ALA Z 35 2.77 -51.40 13.41
C ALA Z 35 2.87 -52.03 14.79
N VAL Z 36 2.18 -53.15 15.01
CA VAL Z 36 2.22 -53.82 16.30
C VAL Z 36 3.63 -54.34 16.58
N VAL Z 37 4.27 -54.94 15.58
CA VAL Z 37 5.63 -55.42 15.75
C VAL Z 37 6.57 -54.25 16.08
N ALA Z 38 6.41 -53.14 15.37
CA ALA Z 38 7.23 -51.95 15.63
C ALA Z 38 7.01 -51.45 17.05
N HIS Z 39 5.75 -51.43 17.50
CA HIS Z 39 5.46 -50.93 18.84
C HIS Z 39 6.01 -51.87 19.92
N LEU Z 40 5.96 -53.18 19.68
CA LEU Z 40 6.58 -54.10 20.62
C LEU Z 40 8.08 -53.88 20.71
N ALA Z 41 8.73 -53.71 19.56
CA ALA Z 41 10.17 -53.45 19.59
C ALA Z 41 10.48 -52.15 20.32
N THR Z 42 9.69 -51.10 20.07
CA THR Z 42 9.91 -49.83 20.76
C THR Z 42 9.67 -49.96 22.26
N PHE Z 43 8.67 -50.73 22.67
CA PHE Z 43 8.41 -50.91 24.09
C PHE Z 43 9.55 -51.67 24.76
N ILE Z 44 10.10 -52.67 24.08
CA ILE Z 44 11.26 -53.38 24.63
C ILE Z 44 12.46 -52.44 24.74
N TRP Z 45 12.68 -51.62 23.72
CA TRP Z 45 13.84 -50.72 23.74
C TRP Z 45 13.71 -49.65 24.81
N ARG Z 46 12.52 -49.08 24.95
CA ARG Z 46 12.29 -47.97 25.88
C ARG Z 46 10.82 -47.93 26.27
N PRO Z 47 10.41 -48.62 27.33
CA PRO Z 47 8.99 -48.65 27.70
C PRO Z 47 8.48 -47.27 28.07
N TRP Z 48 7.22 -47.01 27.73
CA TRP Z 48 6.56 -45.75 28.04
C TRP Z 48 5.42 -45.94 29.04
N PHE Z 49 5.40 -47.06 29.75
CA PHE Z 49 4.37 -47.32 30.75
C PHE Z 49 4.98 -47.87 32.04
N SER AA 2 -18.36 -56.45 9.98
CA SER AA 2 -19.63 -57.14 9.88
C SER AA 2 -20.26 -56.93 8.51
N LYS AA 3 -20.73 -55.71 8.27
CA LYS AA 3 -21.32 -55.33 6.99
C LYS AA 3 -20.79 -53.95 6.60
N PHE AA 4 -19.52 -53.69 6.89
CA PHE AA 4 -18.91 -52.40 6.63
C PHE AA 4 -18.45 -52.24 5.19
N TYR AA 5 -18.58 -53.27 4.37
CA TYR AA 5 -18.03 -53.24 3.02
C TYR AA 5 -18.67 -52.20 2.12
N LYS AA 6 -19.82 -51.65 2.51
CA LYS AA 6 -20.55 -50.70 1.68
C LYS AA 6 -20.20 -49.25 2.00
N ILE AA 7 -19.19 -49.01 2.83
CA ILE AA 7 -18.65 -47.66 2.93
C ILE AA 7 -18.06 -47.25 1.59
N TRP AA 8 -17.46 -48.20 0.86
CA TRP AA 8 -17.04 -47.96 -0.51
C TRP AA 8 -18.22 -47.78 -1.44
N LEU AA 9 -19.38 -48.31 -1.06
CA LEU AA 9 -20.60 -48.04 -1.79
C LEU AA 9 -21.12 -46.64 -1.52
N ILE AA 10 -20.72 -46.05 -0.39
CA ILE AA 10 -20.99 -44.64 -0.09
C ILE AA 10 -19.84 -43.74 -0.52
N PHE AA 11 -18.61 -44.09 -0.16
CA PHE AA 11 -17.43 -43.28 -0.45
C PHE AA 11 -16.69 -43.79 -1.68
N ASP AA 12 -16.21 -42.87 -2.49
CA ASP AA 12 -15.42 -43.26 -3.65
C ASP AA 12 -14.05 -43.75 -3.21
N PRO AA 13 -13.61 -44.93 -3.68
CA PRO AA 13 -12.33 -45.48 -3.18
C PRO AA 13 -11.13 -44.59 -3.45
N ARG AA 14 -11.09 -43.89 -4.59
CA ARG AA 14 -9.91 -43.11 -4.94
C ARG AA 14 -9.69 -41.95 -3.97
N ARG AA 15 -10.73 -41.16 -3.74
CA ARG AA 15 -10.60 -40.03 -2.83
C ARG AA 15 -10.29 -40.50 -1.42
N VAL AA 16 -10.96 -41.56 -0.96
CA VAL AA 16 -10.70 -42.08 0.37
C VAL AA 16 -9.27 -42.58 0.48
N PHE AA 17 -8.77 -43.27 -0.55
CA PHE AA 17 -7.41 -43.78 -0.50
C PHE AA 17 -6.39 -42.64 -0.46
N VAL AA 18 -6.61 -41.60 -1.26
CA VAL AA 18 -5.69 -40.47 -1.26
C VAL AA 18 -5.70 -39.77 0.10
N ALA AA 19 -6.90 -39.53 0.63
CA ALA AA 19 -7.00 -38.88 1.94
C ALA AA 19 -6.37 -39.74 3.02
N GLN AA 20 -6.57 -41.05 2.95
CA GLN AA 20 -6.00 -41.95 3.94
C GLN AA 20 -4.48 -41.94 3.89
N GLY AA 21 -3.91 -41.96 2.69
CA GLY AA 21 -2.46 -41.90 2.58
C GLY AA 21 -1.90 -40.61 3.13
N VAL AA 22 -2.51 -39.48 2.77
CA VAL AA 22 -2.04 -38.19 3.26
C VAL AA 22 -2.15 -38.13 4.78
N PHE AA 23 -3.29 -38.54 5.32
CA PHE AA 23 -3.51 -38.49 6.75
C PHE AA 23 -2.55 -39.40 7.50
N LEU AA 24 -2.33 -40.61 6.99
CA LEU AA 24 -1.42 -41.54 7.67
C LEU AA 24 0.00 -41.02 7.66
N PHE AA 25 0.46 -40.48 6.53
CA PHE AA 25 1.81 -39.93 6.52
C PHE AA 25 1.94 -38.75 7.48
N LEU AA 26 0.94 -37.85 7.49
CA LEU AA 26 1.01 -36.71 8.38
C LEU AA 26 0.99 -37.14 9.84
N LEU AA 27 0.18 -38.13 10.18
CA LEU AA 27 0.12 -38.61 11.55
C LEU AA 27 1.44 -39.27 11.97
N ALA AA 28 2.02 -40.09 11.08
CA ALA AA 28 3.30 -40.71 11.39
C ALA AA 28 4.38 -39.66 11.60
N ALA AA 29 4.42 -38.66 10.72
CA ALA AA 29 5.41 -37.60 10.86
C ALA AA 29 5.20 -36.82 12.15
N MET AA 30 3.95 -36.54 12.50
CA MET AA 30 3.68 -35.79 13.72
C MET AA 30 4.11 -36.55 14.96
N ILE AA 31 3.82 -37.85 15.01
CA ILE AA 31 4.20 -38.64 16.18
C ILE AA 31 5.72 -38.76 16.27
N HIS AA 32 6.39 -38.97 15.14
CA HIS AA 32 7.85 -39.02 15.16
C HIS AA 32 8.44 -37.70 15.62
N LEU AA 33 7.86 -36.58 15.17
CA LEU AA 33 8.35 -35.27 15.59
C LEU AA 33 8.12 -35.04 17.08
N VAL AA 34 6.98 -35.48 17.61
CA VAL AA 34 6.73 -35.33 19.03
C VAL AA 34 7.75 -36.13 19.84
N LEU AA 35 8.02 -37.36 19.41
CA LEU AA 35 9.03 -38.17 20.09
C LEU AA 35 10.40 -37.52 20.00
N LEU AA 36 10.71 -36.89 18.87
CA LEU AA 36 11.98 -36.18 18.76
C LEU AA 36 12.02 -34.96 19.67
N SER AA 37 10.87 -34.32 19.89
CA SER AA 37 10.81 -33.15 20.76
C SER AA 37 10.94 -33.50 22.23
N THR AA 38 10.39 -34.63 22.66
CA THR AA 38 10.56 -34.99 24.07
C THR AA 38 12.00 -35.39 24.35
N GLU AA 39 12.42 -35.24 25.59
CA GLU AA 39 13.80 -35.45 25.99
C GLU AA 39 14.14 -36.89 26.32
N HIS AA 40 13.14 -37.76 26.50
CA HIS AA 40 13.38 -39.15 26.87
C HIS AA 40 13.40 -40.09 25.68
N PHE AA 41 12.67 -39.77 24.62
CA PHE AA 41 12.53 -40.65 23.47
C PHE AA 41 13.27 -40.15 22.24
N ASN AA 42 14.09 -39.11 22.38
CA ASN AA 42 14.87 -38.59 21.26
C ASN AA 42 16.06 -39.53 21.03
N TRP AA 43 15.94 -40.41 20.04
CA TRP AA 43 16.96 -41.44 19.85
C TRP AA 43 18.28 -40.85 19.38
N PHE AA 44 18.26 -39.71 18.69
CA PHE AA 44 19.49 -39.06 18.31
C PHE AA 44 20.28 -38.61 19.54
N GLU AA 45 19.61 -37.92 20.46
CA GLU AA 45 20.26 -37.48 21.69
C GLU AA 45 20.66 -38.66 22.56
N LEU AA 46 19.85 -39.71 22.58
CA LEU AA 46 20.22 -40.90 23.34
C LEU AA 46 21.48 -41.54 22.79
N ALA AA 47 21.59 -41.64 21.46
CA ALA AA 47 22.81 -42.18 20.88
C ALA AA 47 24.00 -41.29 21.17
N ALA AA 48 23.82 -39.97 21.10
CA ALA AA 48 24.92 -39.06 21.40
C ALA AA 48 25.38 -39.21 22.84
N ALA AA 49 24.43 -39.34 23.77
CA ALA AA 49 24.78 -39.52 25.18
C ALA AA 49 25.48 -40.86 25.41
N ASN AA 50 24.97 -41.92 24.79
CA ASN AA 50 25.58 -43.23 24.95
C ASN AA 50 26.97 -43.30 24.36
N ALA AA 51 27.26 -42.48 23.33
CA ALA AA 51 28.62 -42.41 22.81
C ALA AA 51 29.58 -41.89 23.87
N ALA AA 52 29.16 -40.90 24.64
CA ALA AA 52 29.96 -40.31 25.72
C ALA AA 52 31.33 -39.85 25.23
N ASP BA 6 -15.71 -57.06 -11.65
CA ASP BA 6 -15.03 -56.54 -12.83
C ASP BA 6 -14.86 -55.02 -12.73
N LEU BA 7 -14.59 -54.53 -11.52
CA LEU BA 7 -14.38 -53.11 -11.31
C LEU BA 7 -13.01 -52.70 -11.84
N SER BA 8 -12.97 -51.65 -12.65
CA SER BA 8 -11.72 -51.14 -13.19
C SER BA 8 -11.92 -49.66 -13.50
N PHE BA 9 -11.42 -48.80 -12.62
CA PHE BA 9 -11.56 -47.37 -12.82
C PHE BA 9 -10.60 -46.84 -13.88
N THR BA 10 -9.43 -47.47 -14.03
CA THR BA 10 -8.42 -47.01 -14.97
C THR BA 10 -8.48 -47.70 -16.33
N GLY BA 11 -9.39 -48.65 -16.51
CA GLY BA 11 -9.54 -49.32 -17.78
C GLY BA 11 -8.60 -50.49 -18.00
N LEU BA 12 -7.62 -50.69 -17.11
CA LEU BA 12 -6.71 -51.81 -17.25
C LEU BA 12 -7.44 -53.12 -16.98
N THR BA 13 -7.11 -54.15 -17.76
CA THR BA 13 -7.68 -55.46 -17.50
C THR BA 13 -6.96 -56.11 -16.32
N ASP BA 14 -7.53 -57.23 -15.85
CA ASP BA 14 -6.94 -57.91 -14.71
C ASP BA 14 -5.56 -58.49 -15.04
N GLU BA 15 -5.38 -58.96 -16.28
CA GLU BA 15 -4.08 -59.51 -16.66
C GLU BA 15 -3.01 -58.43 -16.77
N GLN BA 16 -3.37 -57.22 -17.19
CA GLN BA 16 -2.39 -56.14 -17.27
C GLN BA 16 -1.99 -55.64 -15.88
N ALA BA 17 -2.93 -55.59 -14.95
CA ALA BA 17 -2.63 -55.13 -13.61
C ALA BA 17 -1.62 -56.04 -12.92
N GLN BA 18 -1.76 -57.35 -13.10
CA GLN BA 18 -0.81 -58.29 -12.49
C GLN BA 18 0.59 -58.09 -13.05
N GLU BA 19 0.69 -57.93 -14.36
CA GLU BA 19 2.00 -57.79 -14.99
C GLU BA 19 2.63 -56.46 -14.65
N LEU BA 20 1.82 -55.41 -14.45
CA LEU BA 20 2.36 -54.14 -13.97
C LEU BA 20 2.82 -54.23 -12.52
N HIS BA 21 2.02 -54.89 -11.68
CA HIS BA 21 2.35 -54.98 -10.26
C HIS BA 21 3.58 -55.84 -10.03
N SER BA 22 3.82 -56.85 -10.86
CA SER BA 22 5.03 -57.65 -10.72
C SER BA 22 6.28 -56.79 -10.90
N VAL BA 23 6.29 -55.96 -11.95
CA VAL BA 23 7.43 -55.09 -12.19
C VAL BA 23 7.54 -54.05 -11.08
N TYR BA 24 6.41 -53.49 -10.65
CA TYR BA 24 6.45 -52.49 -9.58
C TYR BA 24 7.02 -53.08 -8.30
N MET BA 25 6.60 -54.30 -7.95
CA MET BA 25 7.10 -54.92 -6.72
C MET BA 25 8.56 -55.33 -6.87
N SER BA 26 8.99 -55.72 -8.06
CA SER BA 26 10.41 -56.00 -8.27
C SER BA 26 11.25 -54.75 -8.03
N GLY BA 27 10.81 -53.62 -8.59
CA GLY BA 27 11.51 -52.38 -8.35
C GLY BA 27 11.50 -51.98 -6.88
N LEU BA 28 10.35 -52.16 -6.22
CA LEU BA 28 10.25 -51.82 -4.81
C LEU BA 28 11.19 -52.68 -3.97
N TRP BA 29 11.27 -53.98 -4.29
CA TRP BA 29 12.15 -54.86 -3.53
C TRP BA 29 13.61 -54.52 -3.76
N LEU BA 30 13.99 -54.17 -4.99
CA LEU BA 30 15.37 -53.76 -5.23
C LEU BA 30 15.70 -52.47 -4.47
N PHE BA 31 14.79 -51.49 -4.51
CA PHE BA 31 15.02 -50.24 -3.80
C PHE BA 31 15.06 -50.45 -2.29
N SER BA 32 14.29 -51.40 -1.78
CA SER BA 32 14.33 -51.71 -0.36
C SER BA 32 15.60 -52.46 0.02
N ALA BA 33 16.10 -53.34 -0.85
CA ALA BA 33 17.34 -54.05 -0.55
C ALA BA 33 18.52 -53.08 -0.49
N VAL BA 34 18.58 -52.14 -1.44
CA VAL BA 34 19.67 -51.17 -1.40
C VAL BA 34 19.59 -50.33 -0.13
N ALA BA 35 18.38 -49.92 0.24
CA ALA BA 35 18.20 -49.13 1.46
C ALA BA 35 18.58 -49.94 2.71
N VAL BA 36 18.26 -51.23 2.73
CA VAL BA 36 18.61 -52.07 3.87
C VAL BA 36 20.12 -52.19 3.98
N VAL BA 37 20.81 -52.37 2.85
CA VAL BA 37 22.27 -52.46 2.88
C VAL BA 37 22.86 -51.16 3.40
N ALA BA 38 22.36 -50.02 2.90
CA ALA BA 38 22.88 -48.73 3.34
C ALA BA 38 22.62 -48.52 4.83
N HIS BA 39 21.44 -48.91 5.30
CA HIS BA 39 21.11 -48.75 6.72
C HIS BA 39 21.99 -49.63 7.60
N LEU BA 40 22.27 -50.86 7.15
CA LEU BA 40 23.16 -51.73 7.90
C LEU BA 40 24.57 -51.15 7.98
N ALA BA 41 25.07 -50.61 6.86
CA ALA BA 41 26.38 -49.98 6.87
C ALA BA 41 26.41 -48.78 7.80
N THR BA 42 25.35 -47.96 7.77
CA THR BA 42 25.31 -46.78 8.63
C THR BA 42 25.19 -47.16 10.10
N PHE BA 43 24.47 -48.25 10.40
CA PHE BA 43 24.37 -48.70 11.78
C PHE BA 43 25.72 -49.21 12.29
N ILE BA 44 26.46 -49.92 11.43
CA ILE BA 44 27.79 -50.36 11.84
C ILE BA 44 28.71 -49.18 12.03
N TRP BA 45 28.59 -48.15 11.17
CA TRP BA 45 29.43 -46.97 11.29
C TRP BA 45 29.13 -46.19 12.57
N ARG BA 46 27.85 -45.89 12.81
CA ARG BA 46 27.42 -45.12 13.97
C ARG BA 46 26.08 -45.66 14.45
N PRO BA 47 26.08 -46.58 15.40
CA PRO BA 47 24.81 -47.14 15.88
C PRO BA 47 23.94 -46.07 16.52
N TRP BA 48 22.63 -46.20 16.31
CA TRP BA 48 21.66 -45.29 16.91
C TRP BA 48 20.74 -46.00 17.88
N PHE BA 49 21.13 -47.19 18.36
CA PHE BA 49 20.35 -47.91 19.35
C PHE BA 49 21.24 -48.46 20.45
N SER CA 2 -2.04 -60.59 -1.41
CA SER CA 2 -2.03 -61.49 -2.56
C SER CA 2 -2.77 -60.87 -3.73
N LYS CA 3 -3.78 -60.06 -3.44
CA LYS CA 3 -4.57 -59.38 -4.46
C LYS CA 3 -4.25 -57.89 -4.52
N PHE CA 4 -3.08 -57.48 -4.03
CA PHE CA 4 -2.71 -56.08 -4.05
C PHE CA 4 -2.50 -55.53 -5.45
N TYR CA 5 -2.40 -56.39 -6.46
CA TYR CA 5 -2.23 -55.93 -7.83
C TYR CA 5 -3.43 -55.12 -8.31
N LYS CA 6 -4.57 -55.25 -7.65
CA LYS CA 6 -5.78 -54.55 -8.06
C LYS CA 6 -5.74 -53.07 -7.75
N ILE CA 7 -4.72 -52.59 -7.03
CA ILE CA 7 -4.58 -51.16 -6.79
C ILE CA 7 -4.43 -50.41 -8.10
N TRP CA 8 -3.90 -51.07 -9.13
CA TRP CA 8 -3.77 -50.45 -10.43
C TRP CA 8 -5.06 -50.48 -11.24
N LEU CA 9 -6.08 -51.19 -10.76
CA LEU CA 9 -7.40 -51.11 -11.35
C LEU CA 9 -8.14 -49.83 -10.97
N ILE CA 10 -7.65 -49.11 -9.96
CA ILE CA 10 -8.29 -47.87 -9.53
C ILE CA 10 -7.35 -46.68 -9.58
N PHE CA 11 -6.04 -46.87 -9.56
CA PHE CA 11 -5.05 -45.80 -9.64
C PHE CA 11 -4.30 -45.89 -10.96
N ASP CA 12 -4.23 -44.79 -11.67
CA ASP CA 12 -3.51 -44.76 -12.94
C ASP CA 12 -2.01 -44.77 -12.68
N PRO CA 13 -1.25 -45.63 -13.37
CA PRO CA 13 0.19 -45.73 -13.07
C PRO CA 13 0.96 -44.45 -13.28
N ARG CA 14 0.60 -43.64 -14.27
CA ARG CA 14 1.40 -42.46 -14.59
C ARG CA 14 1.03 -41.24 -13.76
N ARG CA 15 0.32 -41.43 -12.65
CA ARG CA 15 0.09 -40.39 -11.66
C ARG CA 15 0.55 -40.81 -10.28
N VAL CA 16 0.30 -42.06 -9.91
CA VAL CA 16 0.84 -42.62 -8.68
C VAL CA 16 2.36 -42.63 -8.72
N PHE CA 17 2.94 -42.88 -9.89
CA PHE CA 17 4.39 -42.87 -10.00
C PHE CA 17 4.96 -41.49 -9.73
N VAL CA 18 4.32 -40.44 -10.25
CA VAL CA 18 4.76 -39.09 -9.97
C VAL CA 18 4.63 -38.79 -8.48
N ALA CA 19 3.49 -39.16 -7.88
CA ALA CA 19 3.30 -38.92 -6.46
C ALA CA 19 4.37 -39.63 -5.63
N GLN CA 20 4.65 -40.90 -5.98
CA GLN CA 20 5.62 -41.69 -5.23
C GLN CA 20 7.02 -41.14 -5.39
N GLY CA 21 7.39 -40.71 -6.61
CA GLY CA 21 8.71 -40.13 -6.80
C GLY CA 21 8.90 -38.86 -5.99
N VAL CA 22 7.90 -37.98 -6.02
CA VAL CA 22 7.97 -36.75 -5.23
C VAL CA 22 8.08 -37.08 -3.75
N PHE CA 23 7.27 -38.02 -3.27
CA PHE CA 23 7.28 -38.36 -1.85
C PHE CA 23 8.61 -38.98 -1.44
N LEU CA 24 9.18 -39.84 -2.28
CA LEU CA 24 10.43 -40.50 -1.95
C LEU CA 24 11.58 -39.51 -1.92
N PHE CA 25 11.65 -38.60 -2.91
CA PHE CA 25 12.71 -37.61 -2.86
C PHE CA 25 12.54 -36.68 -1.67
N LEU CA 26 11.30 -36.31 -1.36
CA LEU CA 26 11.03 -35.51 -0.16
C LEU CA 26 11.55 -36.21 1.08
N LEU CA 27 11.25 -37.50 1.23
CA LEU CA 27 11.70 -38.25 2.39
C LEU CA 27 13.22 -38.28 2.46
N ALA CA 28 13.87 -38.59 1.35
CA ALA CA 28 15.33 -38.68 1.35
C ALA CA 28 15.96 -37.36 1.75
N ALA CA 29 15.53 -36.26 1.12
CA ALA CA 29 16.11 -34.96 1.42
C ALA CA 29 15.83 -34.55 2.86
N MET CA 30 14.60 -34.76 3.34
CA MET CA 30 14.25 -34.34 4.68
C MET CA 30 15.03 -35.12 5.73
N ILE CA 31 15.17 -36.43 5.55
CA ILE CA 31 15.89 -37.22 6.55
C ILE CA 31 17.37 -36.89 6.52
N HIS CA 32 17.94 -36.65 5.33
CA HIS CA 32 19.34 -36.24 5.27
C HIS CA 32 19.54 -34.90 5.98
N LEU CA 33 18.63 -33.96 5.78
CA LEU CA 33 18.75 -32.66 6.46
C LEU CA 33 18.58 -32.81 7.97
N VAL CA 34 17.67 -33.69 8.41
CA VAL CA 34 17.49 -33.91 9.84
C VAL CA 34 18.76 -34.48 10.45
N LEU CA 35 19.39 -35.43 9.78
CA LEU CA 35 20.66 -35.96 10.27
C LEU CA 35 21.74 -34.88 10.29
N LEU CA 36 21.79 -34.05 9.26
CA LEU CA 36 22.75 -32.95 9.25
C LEU CA 36 22.53 -31.98 10.40
N SER CA 37 21.29 -31.79 10.82
CA SER CA 37 20.97 -30.92 11.94
C SER CA 37 21.52 -31.43 13.27
N THR CA 38 21.66 -32.73 13.43
CA THR CA 38 22.11 -33.33 14.68
C THR CA 38 23.62 -33.22 14.81
N GLU CA 39 24.09 -33.04 16.04
CA GLU CA 39 25.52 -32.93 16.30
C GLU CA 39 26.24 -34.27 16.30
N HIS CA 40 25.50 -35.39 16.35
CA HIS CA 40 26.12 -36.70 16.41
C HIS CA 40 26.24 -37.35 15.04
N PHE CA 41 25.20 -37.27 14.22
CA PHE CA 41 25.15 -37.96 12.94
C PHE CA 41 25.51 -37.06 11.76
N ASN CA 42 26.05 -35.87 12.03
CA ASN CA 42 26.50 -34.98 10.97
C ASN CA 42 27.91 -35.40 10.57
N TRP CA 43 28.04 -36.03 9.40
CA TRP CA 43 29.33 -36.59 9.00
C TRP CA 43 30.36 -35.51 8.68
N PHE CA 44 29.92 -34.30 8.35
CA PHE CA 44 30.88 -33.23 8.05
C PHE CA 44 31.62 -32.79 9.31
N GLU CA 45 30.88 -32.52 10.40
CA GLU CA 45 31.54 -32.24 11.67
C GLU CA 45 32.36 -33.42 12.17
N LEU CA 46 31.89 -34.65 11.93
CA LEU CA 46 32.69 -35.80 12.35
C LEU CA 46 34.01 -35.85 11.60
N ALA CA 47 33.99 -35.59 10.29
CA ALA CA 47 35.24 -35.54 9.54
C ALA CA 47 36.14 -34.43 10.05
N ALA CA 48 35.56 -33.26 10.33
CA ALA CA 48 36.35 -32.14 10.83
C ALA CA 48 36.98 -32.47 12.18
N ALA CA 49 36.23 -33.13 13.06
CA ALA CA 49 36.73 -33.46 14.39
C ALA CA 49 37.81 -34.52 14.32
N ASN CA 50 37.58 -35.60 13.57
CA ASN CA 50 38.60 -36.63 13.43
C ASN CA 50 39.82 -36.14 12.66
N ALA CA 51 39.69 -35.04 11.91
CA ALA CA 51 40.87 -34.42 11.33
C ALA CA 51 41.81 -33.90 12.41
N ALA CA 52 41.25 -33.31 13.47
CA ALA CA 52 42.02 -32.80 14.60
C ALA CA 52 43.09 -31.81 14.17
N ASP DA 6 1.26 -54.48 -25.24
CA ASP DA 6 -0.11 -54.16 -25.58
C ASP DA 6 -0.57 -52.85 -24.94
N LEU DA 7 -0.04 -52.57 -23.76
CA LEU DA 7 -0.36 -51.36 -23.02
C LEU DA 7 0.77 -50.35 -23.16
N SER DA 8 0.44 -49.16 -23.62
CA SER DA 8 1.45 -48.13 -23.84
C SER DA 8 0.77 -46.77 -23.84
N PHE DA 9 1.13 -45.92 -22.89
CA PHE DA 9 0.58 -44.58 -22.80
C PHE DA 9 1.36 -43.54 -23.60
N THR DA 10 2.52 -43.92 -24.14
CA THR DA 10 3.35 -43.00 -24.91
C THR DA 10 3.30 -43.25 -26.40
N GLY DA 11 2.54 -44.24 -26.85
CA GLY DA 11 2.40 -44.50 -28.27
C GLY DA 11 3.66 -44.97 -28.97
N LEU DA 12 4.49 -45.75 -28.27
CA LEU DA 12 5.65 -46.37 -28.89
C LEU DA 12 5.63 -47.87 -28.57
N THR DA 13 6.01 -48.68 -29.54
CA THR DA 13 5.85 -50.12 -29.43
C THR DA 13 6.83 -50.69 -28.40
N ASP DA 14 6.63 -51.97 -28.08
CA ASP DA 14 7.45 -52.63 -27.07
C ASP DA 14 8.90 -52.77 -27.52
N GLU DA 15 9.11 -53.04 -28.81
CA GLU DA 15 10.46 -53.22 -29.32
C GLU DA 15 11.28 -51.93 -29.22
N GLN DA 16 10.65 -50.78 -29.49
CA GLN DA 16 11.34 -49.51 -29.36
C GLN DA 16 11.76 -49.23 -27.93
N ALA DA 17 10.88 -49.56 -26.98
CA ALA DA 17 11.17 -49.29 -25.57
C ALA DA 17 12.40 -50.06 -25.10
N GLN DA 18 12.56 -51.31 -25.54
CA GLN DA 18 13.71 -52.09 -25.14
C GLN DA 18 15.02 -51.45 -25.62
N GLU DA 19 15.05 -51.01 -26.88
CA GLU DA 19 16.26 -50.37 -27.40
C GLU DA 19 16.55 -49.07 -26.66
N LEU DA 20 15.52 -48.24 -26.47
CA LEU DA 20 15.71 -46.97 -25.77
C LEU DA 20 16.22 -47.20 -24.37
N HIS DA 21 15.65 -48.18 -23.66
CA HIS DA 21 16.08 -48.46 -22.30
C HIS DA 21 17.48 -49.04 -22.26
N SER DA 22 17.87 -49.85 -23.25
CA SER DA 22 19.23 -50.36 -23.29
C SER DA 22 20.23 -49.22 -23.44
N VAL DA 23 19.94 -48.27 -24.34
CA VAL DA 23 20.85 -47.14 -24.49
C VAL DA 23 20.86 -46.27 -23.24
N TYR DA 24 19.70 -46.11 -22.60
CA TYR DA 24 19.62 -45.30 -21.39
C TYR DA 24 20.39 -45.95 -20.24
N MET DA 25 20.30 -47.27 -20.10
CA MET DA 25 21.15 -47.99 -19.15
C MET DA 25 22.63 -47.84 -19.47
N SER DA 26 22.99 -47.89 -20.75
CA SER DA 26 24.40 -47.70 -21.09
C SER DA 26 24.90 -46.34 -20.64
N GLY DA 27 24.13 -45.29 -20.94
CA GLY DA 27 24.52 -43.96 -20.49
C GLY DA 27 24.53 -43.82 -18.97
N LEU DA 28 23.55 -44.42 -18.30
CA LEU DA 28 23.48 -44.36 -16.85
C LEU DA 28 24.68 -45.05 -16.23
N TRP DA 29 25.07 -46.21 -16.76
CA TRP DA 29 26.22 -46.92 -16.22
C TRP DA 29 27.50 -46.16 -16.46
N LEU DA 30 27.64 -45.51 -17.62
CA LEU DA 30 28.82 -44.67 -17.85
C LEU DA 30 28.88 -43.53 -16.84
N PHE DA 31 27.76 -42.84 -16.65
CA PHE DA 31 27.70 -41.72 -15.71
C PHE DA 31 28.00 -42.19 -14.29
N SER DA 32 27.43 -43.32 -13.89
CA SER DA 32 27.64 -43.83 -12.54
C SER DA 32 29.08 -44.31 -12.34
N ALA DA 33 29.70 -44.88 -13.39
CA ALA DA 33 31.09 -45.27 -13.27
C ALA DA 33 31.99 -44.05 -13.09
N VAL DA 34 31.73 -42.99 -13.86
CA VAL DA 34 32.50 -41.76 -13.68
C VAL DA 34 32.31 -41.22 -12.27
N ALA DA 35 31.06 -41.24 -11.79
CA ALA DA 35 30.78 -40.74 -10.44
C ALA DA 35 31.49 -41.58 -9.38
N VAL DA 36 31.52 -42.91 -9.58
CA VAL DA 36 32.19 -43.79 -8.62
C VAL DA 36 33.68 -43.52 -8.59
N VAL DA 37 34.30 -43.34 -9.75
CA VAL DA 37 35.73 -43.02 -9.79
C VAL DA 37 35.98 -41.69 -9.08
N ALA DA 38 35.14 -40.69 -9.35
CA ALA DA 38 35.31 -39.39 -8.71
C ALA DA 38 35.16 -39.50 -7.19
N HIS DA 39 34.17 -40.25 -6.72
CA HIS DA 39 33.96 -40.41 -5.29
C HIS DA 39 35.12 -41.15 -4.65
N LEU DA 40 35.67 -42.16 -5.33
CA LEU DA 40 36.83 -42.87 -4.80
C LEU DA 40 38.03 -41.94 -4.68
N ALA DA 41 38.26 -41.12 -5.69
CA ALA DA 41 39.37 -40.17 -5.62
C ALA DA 41 39.15 -39.17 -4.49
N THR DA 42 37.92 -38.70 -4.32
CA THR DA 42 37.63 -37.76 -3.25
C THR DA 42 37.81 -38.39 -1.88
N PHE DA 43 37.42 -39.65 -1.73
CA PHE DA 43 37.64 -40.33 -0.46
C PHE DA 43 39.12 -40.52 -0.17
N ILE DA 44 39.91 -40.83 -1.21
CA ILE DA 44 41.36 -40.94 -1.03
C ILE DA 44 41.94 -39.61 -0.59
N TRP DA 45 41.50 -38.51 -1.21
CA TRP DA 45 42.03 -37.20 -0.90
C TRP DA 45 41.63 -36.75 0.50
N ARG DA 46 40.37 -36.91 0.86
CA ARG DA 46 39.82 -36.42 2.11
C ARG DA 46 38.54 -37.16 2.47
N PRO DA 47 38.63 -38.27 3.21
CA PRO DA 47 37.45 -39.11 3.44
C PRO DA 47 36.41 -38.42 4.30
N TRP DA 48 35.15 -38.80 4.10
CA TRP DA 48 34.06 -38.34 4.94
C TRP DA 48 33.64 -39.39 5.97
N PHE DA 49 34.45 -40.42 6.17
CA PHE DA 49 34.17 -41.43 7.19
C PHE DA 49 35.39 -41.65 8.07
N SER EA 2 15.93 -55.80 -14.64
CA SER EA 2 14.88 -56.79 -14.81
C SER EA 2 14.18 -56.62 -16.15
N LYS EA 3 13.01 -55.99 -16.11
CA LYS EA 3 12.23 -55.67 -17.31
C LYS EA 3 11.64 -54.27 -17.19
N PHE EA 4 12.40 -53.35 -16.61
CA PHE EA 4 12.05 -51.96 -16.37
C PHE EA 4 11.91 -51.16 -17.63
N TYR EA 5 12.06 -51.72 -18.83
CA TYR EA 5 12.00 -50.92 -20.05
C TYR EA 5 10.61 -50.35 -20.30
N LYS EA 6 9.59 -50.80 -19.58
CA LYS EA 6 8.23 -50.32 -19.77
C LYS EA 6 7.98 -48.97 -19.11
N ILE EA 7 8.95 -48.45 -18.35
CA ILE EA 7 8.81 -47.10 -17.83
C ILE EA 7 8.70 -46.11 -18.97
N TRP EA 8 9.36 -46.39 -20.09
CA TRP EA 8 9.19 -45.59 -21.30
C TRP EA 8 7.87 -45.87 -22.00
N LEU EA 9 7.27 -47.03 -21.76
CA LEU EA 9 5.90 -47.24 -22.19
C LEU EA 9 4.95 -46.35 -21.40
N ILE EA 10 5.27 -46.07 -20.14
CA ILE EA 10 4.43 -45.20 -19.32
C ILE EA 10 4.79 -43.74 -19.51
N PHE EA 11 6.07 -43.40 -19.51
CA PHE EA 11 6.54 -42.02 -19.49
C PHE EA 11 7.18 -41.64 -20.82
N ASP EA 12 6.95 -40.40 -21.24
CA ASP EA 12 7.49 -39.91 -22.50
C ASP EA 12 8.99 -39.74 -22.40
N PRO EA 13 9.79 -40.39 -23.26
CA PRO EA 13 11.25 -40.26 -23.15
C PRO EA 13 11.77 -38.84 -23.30
N ARG EA 14 11.17 -38.03 -24.18
CA ARG EA 14 11.76 -36.72 -24.46
C ARG EA 14 11.44 -35.69 -23.38
N ARG EA 15 10.51 -35.97 -22.48
CA ARG EA 15 10.23 -35.09 -21.35
C ARG EA 15 10.97 -35.55 -20.10
N VAL EA 16 11.02 -36.86 -19.87
CA VAL EA 16 11.74 -37.40 -18.74
C VAL EA 16 13.21 -37.05 -18.83
N PHE EA 17 13.77 -37.07 -20.05
CA PHE EA 17 15.19 -36.76 -20.21
C PHE EA 17 15.49 -35.32 -19.81
N VAL EA 18 14.65 -34.38 -20.23
CA VAL EA 18 14.87 -32.98 -19.89
C VAL EA 18 14.72 -32.78 -18.38
N ALA EA 19 13.66 -33.35 -17.80
CA ALA EA 19 13.45 -33.19 -16.37
C ALA EA 19 14.60 -33.81 -15.58
N GLN EA 20 15.08 -34.97 -16.01
CA GLN EA 20 16.18 -35.64 -15.32
C GLN EA 20 17.47 -34.85 -15.45
N GLY EA 21 17.72 -34.25 -16.62
CA GLY EA 21 18.91 -33.42 -16.75
C GLY EA 21 18.86 -32.22 -15.83
N VAL EA 22 17.72 -31.55 -15.76
CA VAL EA 22 17.58 -30.41 -14.86
C VAL EA 22 17.78 -30.85 -13.41
N PHE EA 23 17.16 -31.96 -13.02
CA PHE EA 23 17.27 -32.45 -11.66
C PHE EA 23 18.71 -32.81 -11.33
N LEU EA 24 19.41 -33.49 -12.25
CA LEU EA 24 20.78 -33.89 -12.00
C LEU EA 24 21.69 -32.68 -11.86
N PHE EA 25 21.53 -31.69 -12.72
CA PHE EA 25 22.39 -30.49 -12.59
C PHE EA 25 22.11 -29.77 -11.29
N LEU EA 26 20.84 -29.60 -10.93
CA LEU EA 26 20.52 -28.91 -9.69
C LEU EA 26 21.05 -29.66 -8.48
N LEU EA 27 20.92 -30.98 -8.47
CA LEU EA 27 21.44 -31.77 -7.36
C LEU EA 27 22.96 -31.68 -7.27
N ALA EA 28 23.65 -31.75 -8.42
CA ALA EA 28 25.10 -31.64 -8.41
C ALA EA 28 25.55 -30.27 -7.89
N ALA EA 29 24.91 -29.21 -8.36
CA ALA EA 29 25.26 -27.86 -7.89
C ALA EA 29 24.97 -27.71 -6.40
N MET EA 30 23.84 -28.24 -5.94
CA MET EA 30 23.51 -28.15 -4.52
C MET EA 30 24.52 -28.89 -3.67
N ILE EA 31 24.92 -30.09 -4.08
CA ILE EA 31 25.88 -30.85 -3.29
C ILE EA 31 27.24 -30.18 -3.31
N HIS EA 32 27.65 -29.65 -4.45
CA HIS EA 32 28.92 -28.91 -4.52
C HIS EA 32 28.89 -27.70 -3.59
N LEU EA 33 27.78 -26.97 -3.56
CA LEU EA 33 27.69 -25.78 -2.71
C LEU EA 33 27.67 -26.16 -1.23
N VAL EA 34 26.93 -27.21 -0.86
CA VAL EA 34 26.94 -27.67 0.52
C VAL EA 34 28.35 -28.10 0.93
N LEU EA 35 29.04 -28.80 0.04
CA LEU EA 35 30.40 -29.24 0.31
C LEU EA 35 31.34 -28.05 0.47
N LEU EA 36 31.12 -27.00 -0.34
CA LEU EA 36 31.91 -25.78 -0.23
C LEU EA 36 31.67 -25.06 1.09
N SER EA 37 30.43 -25.05 1.58
CA SER EA 37 30.10 -24.29 2.78
C SER EA 37 30.89 -24.78 3.99
N THR EA 38 31.08 -26.10 4.11
CA THR EA 38 31.85 -26.62 5.22
C THR EA 38 33.31 -26.18 5.13
N GLU EA 39 33.88 -25.85 6.28
CA GLU EA 39 35.27 -25.40 6.32
C GLU EA 39 36.25 -26.52 5.98
N HIS EA 40 35.94 -27.75 6.41
CA HIS EA 40 36.84 -28.87 6.21
C HIS EA 40 36.90 -29.36 4.77
N PHE EA 41 35.91 -29.02 3.95
CA PHE EA 41 35.84 -29.53 2.59
C PHE EA 41 35.87 -28.45 1.52
N ASN EA 42 36.18 -27.21 1.88
CA ASN EA 42 36.23 -26.11 0.91
C ASN EA 42 37.61 -26.10 0.30
N TRP EA 43 37.76 -26.73 -0.88
CA TRP EA 43 39.08 -26.95 -1.45
C TRP EA 43 39.81 -25.64 -1.71
N PHE EA 44 39.07 -24.56 -1.96
CA PHE EA 44 39.72 -23.25 -2.11
C PHE EA 44 40.38 -22.81 -0.81
N GLU EA 45 39.64 -22.89 0.30
CA GLU EA 45 40.20 -22.47 1.58
C GLU EA 45 41.32 -23.40 2.04
N LEU EA 46 41.18 -24.70 1.79
CA LEU EA 46 42.27 -25.62 2.12
C LEU EA 46 43.51 -25.33 1.29
N ALA EA 47 43.33 -25.01 0.01
CA ALA EA 47 44.49 -24.63 -0.81
C ALA EA 47 45.15 -23.37 -0.26
N ALA EA 48 44.34 -22.38 0.13
CA ALA EA 48 44.90 -21.16 0.69
C ALA EA 48 45.65 -21.44 1.99
N ALA EA 49 45.09 -22.29 2.85
CA ALA EA 49 45.73 -22.61 4.12
C ALA EA 49 47.03 -23.38 3.91
N ASN EA 50 47.04 -24.35 2.98
CA ASN EA 50 48.26 -25.10 2.69
C ASN EA 50 49.30 -24.24 2.00
N ALA EA 51 48.89 -23.18 1.33
CA ALA EA 51 49.84 -22.25 0.71
C ALA EA 51 50.31 -21.20 1.73
N ALA EA 52 50.93 -21.71 2.79
CA ALA EA 52 51.44 -20.89 3.89
C ALA EA 52 50.36 -19.98 4.47
N ASP FA 6 12.40 -45.62 -37.99
CA ASP FA 6 11.87 -46.31 -36.81
C ASP FA 6 11.23 -45.30 -35.85
N LEU FA 7 11.94 -44.98 -34.78
CA LEU FA 7 11.46 -44.02 -33.79
C LEU FA 7 12.24 -42.71 -33.97
N SER FA 8 11.51 -41.63 -34.21
CA SER FA 8 12.15 -40.33 -34.45
C SER FA 8 11.14 -39.24 -34.09
N PHE FA 9 11.33 -38.63 -32.92
CA PHE FA 9 10.49 -37.50 -32.53
C PHE FA 9 10.87 -36.23 -33.26
N THR FA 10 12.14 -36.07 -33.61
CA THR FA 10 12.61 -34.87 -34.29
C THR FA 10 12.38 -34.91 -35.79
N GLY FA 11 11.93 -36.03 -36.33
CA GLY FA 11 11.64 -36.11 -37.76
C GLY FA 11 12.85 -36.01 -38.66
N LEU FA 12 13.96 -36.65 -38.28
CA LEU FA 12 15.12 -36.76 -39.15
C LEU FA 12 15.56 -38.22 -39.17
N THR FA 13 16.03 -38.67 -40.34
CA THR FA 13 16.30 -40.07 -40.54
C THR FA 13 17.47 -40.54 -39.68
N ASP FA 14 17.59 -41.87 -39.55
CA ASP FA 14 18.63 -42.45 -38.72
C ASP FA 14 20.02 -42.10 -39.25
N GLU FA 15 20.19 -42.14 -40.57
CA GLU FA 15 21.49 -41.80 -41.16
C GLU FA 15 21.87 -40.36 -40.87
N GLN FA 16 20.90 -39.44 -40.94
CA GLN FA 16 21.16 -38.04 -40.64
C GLN FA 16 21.59 -37.81 -39.20
N ALA FA 17 21.17 -38.68 -38.28
CA ALA FA 17 21.55 -38.52 -36.88
C ALA FA 17 23.02 -38.88 -36.66
N GLN FA 18 23.51 -39.89 -37.36
CA GLN FA 18 24.91 -40.30 -37.16
C GLN FA 18 25.88 -39.20 -37.58
N GLU FA 19 25.61 -38.55 -38.72
CA GLU FA 19 26.49 -37.47 -39.17
C GLU FA 19 26.48 -36.31 -38.19
N LEU FA 20 25.28 -35.92 -37.73
CA LEU FA 20 25.18 -34.83 -36.78
C LEU FA 20 25.90 -35.15 -35.49
N HIS FA 21 25.77 -36.39 -35.00
CA HIS FA 21 26.44 -36.76 -33.76
C HIS FA 21 27.95 -36.84 -33.95
N SER FA 22 28.41 -37.28 -35.13
CA SER FA 22 29.85 -37.29 -35.39
C SER FA 22 30.41 -35.87 -35.36
N VAL FA 23 29.71 -34.93 -36.00
CA VAL FA 23 30.16 -33.54 -35.98
C VAL FA 23 30.12 -32.99 -34.56
N TYR FA 24 29.07 -33.31 -33.81
CA TYR FA 24 28.94 -32.82 -32.45
C TYR FA 24 30.04 -33.37 -31.55
N MET FA 25 30.39 -34.65 -31.72
CA MET FA 25 31.46 -35.22 -30.91
C MET FA 25 32.82 -34.67 -31.33
N SER FA 26 33.00 -34.37 -32.63
CA SER FA 26 34.22 -33.70 -33.06
C SER FA 26 34.35 -32.31 -32.44
N GLY FA 27 33.26 -31.57 -32.37
CA GLY FA 27 33.26 -30.26 -31.75
C GLY FA 27 33.07 -30.27 -30.24
N LEU FA 28 32.97 -31.47 -29.65
CA LEU FA 28 33.04 -31.64 -28.21
C LEU FA 28 34.42 -32.05 -27.72
N TRP FA 29 35.09 -32.95 -28.46
CA TRP FA 29 36.41 -33.39 -28.05
C TRP FA 29 37.43 -32.25 -28.15
N LEU FA 30 37.29 -31.38 -29.15
CA LEU FA 30 38.18 -30.23 -29.26
C LEU FA 30 38.03 -29.30 -28.06
N PHE FA 31 36.78 -28.99 -27.70
CA PHE FA 31 36.52 -28.14 -26.54
C PHE FA 31 37.03 -28.79 -25.26
N SER FA 32 36.80 -30.09 -25.11
CA SER FA 32 37.29 -30.79 -23.92
C SER FA 32 38.82 -30.80 -23.87
N ALA FA 33 39.48 -30.96 -25.02
CA ALA FA 33 40.94 -30.94 -25.04
C ALA FA 33 41.48 -29.57 -24.67
N VAL FA 34 40.87 -28.51 -25.18
CA VAL FA 34 41.27 -27.16 -24.78
C VAL FA 34 41.07 -26.96 -23.29
N ALA FA 35 39.94 -27.45 -22.76
CA ALA FA 35 39.69 -27.33 -21.33
C ALA FA 35 40.70 -28.10 -20.51
N VAL FA 36 41.08 -29.30 -20.96
CA VAL FA 36 42.06 -30.11 -20.24
C VAL FA 36 43.42 -29.42 -20.24
N VAL FA 37 43.83 -28.86 -21.39
CA VAL FA 37 45.10 -28.14 -21.44
C VAL FA 37 45.07 -26.95 -20.50
N ALA FA 38 43.96 -26.19 -20.51
CA ALA FA 38 43.85 -25.04 -19.63
C ALA FA 38 43.89 -25.46 -18.15
N HIS FA 39 43.19 -26.53 -17.81
CA HIS FA 39 43.17 -27.00 -16.42
C HIS FA 39 44.54 -27.48 -15.98
N LEU FA 40 45.26 -28.18 -16.87
CA LEU FA 40 46.61 -28.64 -16.53
C LEU FA 40 47.54 -27.47 -16.31
N ALA FA 41 47.46 -26.45 -17.19
CA ALA FA 41 48.30 -25.27 -17.02
C ALA FA 41 47.97 -24.54 -15.72
N THR FA 42 46.67 -24.42 -15.41
CA THR FA 42 46.27 -23.75 -14.17
C THR FA 42 46.74 -24.52 -12.94
N PHE FA 43 46.63 -25.85 -12.97
CA PHE FA 43 47.08 -26.65 -11.84
C PHE FA 43 48.59 -26.56 -11.65
N ILE FA 44 49.34 -26.55 -12.75
CA ILE FA 44 50.78 -26.37 -12.65
C ILE FA 44 51.10 -25.00 -12.06
N TRP FA 45 50.40 -23.96 -12.53
CA TRP FA 45 50.66 -22.60 -12.07
C TRP FA 45 50.36 -22.45 -10.58
N ARG FA 46 49.23 -22.99 -10.14
CA ARG FA 46 48.80 -22.87 -8.74
C ARG FA 46 47.84 -24.01 -8.43
N PRO FA 47 48.34 -25.11 -7.88
CA PRO FA 47 47.48 -26.28 -7.65
C PRO FA 47 46.44 -26.03 -6.57
N TRP FA 48 45.34 -26.78 -6.65
CA TRP FA 48 44.27 -26.71 -5.67
C TRP FA 48 44.07 -28.02 -4.93
N PHE FA 49 45.04 -28.91 -4.99
CA PHE FA 49 44.96 -30.19 -4.27
C PHE FA 49 46.18 -30.39 -3.37
N SER GA 2 29.10 -45.79 -27.81
CA SER GA 2 28.08 -46.79 -28.07
C SER GA 2 27.25 -46.40 -29.29
N LYS GA 3 25.96 -46.17 -29.05
CA LYS GA 3 25.02 -45.69 -30.06
C LYS GA 3 24.27 -44.46 -29.54
N PHE GA 4 25.00 -43.56 -28.90
CA PHE GA 4 24.40 -42.35 -28.34
C PHE GA 4 23.89 -41.39 -29.42
N TYR GA 5 24.22 -41.63 -30.68
CA TYR GA 5 23.76 -40.76 -31.76
C TYR GA 5 22.24 -40.70 -31.85
N LYS GA 6 21.54 -41.70 -31.30
CA LYS GA 6 20.09 -41.74 -31.37
C LYS GA 6 19.42 -40.65 -30.55
N ILE GA 7 20.17 -39.93 -29.70
CA ILE GA 7 19.56 -38.87 -28.92
C ILE GA 7 19.07 -37.75 -29.81
N TRP GA 8 19.69 -37.57 -30.99
CA TRP GA 8 19.22 -36.57 -31.94
C TRP GA 8 17.91 -36.98 -32.60
N LEU GA 9 17.49 -38.24 -32.45
CA LEU GA 9 16.14 -38.63 -32.83
C LEU GA 9 15.11 -38.24 -31.78
N ILE GA 10 15.55 -37.75 -30.63
CA ILE GA 10 14.68 -37.36 -29.53
C ILE GA 10 14.76 -35.87 -29.26
N PHE GA 11 15.97 -35.34 -29.16
CA PHE GA 11 16.18 -33.91 -28.89
C PHE GA 11 16.36 -33.17 -30.22
N ASP GA 12 15.66 -32.05 -30.35
CA ASP GA 12 15.82 -31.23 -31.55
C ASP GA 12 17.18 -30.56 -31.53
N PRO GA 13 18.01 -30.73 -32.56
CA PRO GA 13 19.35 -30.15 -32.52
C PRO GA 13 19.37 -28.64 -32.34
N ARG GA 14 18.42 -27.93 -32.95
CA ARG GA 14 18.37 -26.48 -32.79
C ARG GA 14 18.03 -26.10 -31.35
N ARG GA 15 17.08 -26.82 -30.74
CA ARG GA 15 16.62 -26.47 -29.40
C ARG GA 15 17.62 -26.83 -28.32
N VAL GA 16 18.47 -27.83 -28.55
CA VAL GA 16 19.42 -28.24 -27.53
C VAL GA 16 20.73 -27.45 -27.62
N PHE GA 17 21.10 -27.01 -28.83
CA PHE GA 17 22.37 -26.30 -28.98
C PHE GA 17 22.33 -24.93 -28.29
N VAL GA 18 21.20 -24.23 -28.38
CA VAL GA 18 21.07 -22.93 -27.73
C VAL GA 18 21.17 -23.10 -26.22
N ALA GA 19 20.47 -24.08 -25.67
CA ALA GA 19 20.52 -24.35 -24.25
C ALA GA 19 21.93 -24.72 -23.82
N GLN GA 20 22.62 -25.55 -24.62
CA GLN GA 20 23.98 -25.95 -24.30
C GLN GA 20 24.90 -24.73 -24.28
N GLY GA 21 24.78 -23.86 -25.27
CA GLY GA 21 25.64 -22.68 -25.32
C GLY GA 21 25.41 -21.76 -24.14
N VAL GA 22 24.15 -21.48 -23.83
CA VAL GA 22 23.83 -20.60 -22.70
C VAL GA 22 24.33 -21.22 -21.40
N PHE GA 23 24.07 -22.51 -21.21
CA PHE GA 23 24.49 -23.19 -19.99
C PHE GA 23 26.01 -23.14 -19.83
N LEU GA 24 26.74 -23.43 -20.91
CA LEU GA 24 28.19 -23.44 -20.85
C LEU GA 24 28.73 -22.05 -20.54
N PHE GA 25 28.18 -21.02 -21.18
CA PHE GA 25 28.68 -19.67 -20.94
C PHE GA 25 28.44 -19.24 -19.51
N LEU GA 26 27.21 -19.42 -19.01
CA LEU GA 26 26.92 -19.01 -17.63
C LEU GA 26 27.72 -19.83 -16.62
N LEU GA 27 27.91 -21.12 -16.89
CA LEU GA 27 28.72 -21.95 -15.99
C LEU GA 27 30.15 -21.44 -15.94
N ALA GA 28 30.74 -21.14 -17.11
CA ALA GA 28 32.10 -20.64 -17.15
C ALA GA 28 32.22 -19.30 -16.43
N ALA GA 29 31.25 -18.40 -16.65
CA ALA GA 29 31.29 -17.11 -15.98
C ALA GA 29 31.18 -17.27 -14.47
N MET GA 30 30.28 -18.14 -14.02
CA MET GA 30 30.10 -18.35 -12.58
C MET GA 30 31.37 -18.92 -11.95
N ILE GA 31 32.00 -19.88 -12.62
CA ILE GA 31 33.22 -20.46 -12.06
C ILE GA 31 34.34 -19.44 -12.04
N HIS GA 32 34.47 -18.64 -13.10
CA HIS GA 32 35.50 -17.60 -13.12
C HIS GA 32 35.29 -16.61 -11.99
N LEU GA 33 34.05 -16.20 -11.73
CA LEU GA 33 33.78 -15.31 -10.61
C LEU GA 33 34.04 -15.98 -9.26
N VAL GA 34 33.77 -17.28 -9.15
CA VAL GA 34 34.03 -17.98 -7.90
C VAL GA 34 35.52 -17.97 -7.59
N LEU GA 35 36.35 -18.26 -8.59
CA LEU GA 35 37.80 -18.14 -8.38
C LEU GA 35 38.20 -16.69 -8.12
N LEU GA 36 37.58 -15.74 -8.81
CA LEU GA 36 38.00 -14.34 -8.71
C LEU GA 36 37.71 -13.79 -7.32
N SER GA 37 36.62 -14.22 -6.70
CA SER GA 37 36.25 -13.71 -5.38
C SER GA 37 37.26 -14.15 -4.32
N THR GA 38 37.73 -15.40 -4.39
CA THR GA 38 38.68 -15.90 -3.41
C THR GA 38 39.98 -15.14 -3.51
N GLU GA 39 40.61 -14.89 -2.35
CA GLU GA 39 41.86 -14.15 -2.31
C GLU GA 39 43.06 -14.97 -2.74
N HIS GA 40 42.92 -16.29 -2.85
CA HIS GA 40 44.03 -17.16 -3.22
C HIS GA 40 44.10 -17.43 -4.72
N PHE GA 41 42.95 -17.44 -5.40
CA PHE GA 41 42.90 -17.73 -6.84
C PHE GA 41 42.59 -16.50 -7.67
N ASN GA 42 42.70 -15.31 -7.08
CA ASN GA 42 42.53 -14.06 -7.82
C ASN GA 42 43.87 -13.71 -8.45
N TRP GA 43 43.99 -13.95 -9.76
CA TRP GA 43 45.26 -13.75 -10.44
C TRP GA 43 45.68 -12.29 -10.44
N PHE GA 44 44.73 -11.36 -10.46
CA PHE GA 44 45.06 -9.94 -10.36
C PHE GA 44 45.76 -9.63 -9.04
N GLU GA 45 45.19 -10.11 -7.94
CA GLU GA 45 45.80 -9.88 -6.63
C GLU GA 45 47.15 -10.57 -6.53
N LEU GA 46 47.28 -11.76 -7.12
CA LEU GA 46 48.56 -12.45 -7.10
C LEU GA 46 49.62 -11.65 -7.85
N ALA GA 47 49.27 -11.11 -9.01
CA ALA GA 47 50.23 -10.28 -9.76
C ALA GA 47 50.58 -9.03 -8.97
N ALA GA 48 49.60 -8.40 -8.33
CA ALA GA 48 49.88 -7.21 -7.52
C ALA GA 48 50.82 -7.54 -6.38
N ALA GA 49 50.60 -8.66 -5.70
CA ALA GA 49 51.47 -9.06 -4.60
C ALA GA 49 52.87 -9.38 -5.09
N ASN GA 50 52.98 -10.07 -6.24
CA ASN GA 50 54.29 -10.40 -6.79
C ASN GA 50 55.03 -9.18 -7.29
N ALA GA 51 54.30 -8.10 -7.62
CA ALA GA 51 54.96 -6.86 -8.02
C ALA GA 51 55.81 -6.29 -6.89
N ALA GA 52 55.29 -6.34 -5.66
CA ALA GA 52 56.02 -5.85 -4.50
C ALA GA 52 57.17 -6.79 -4.15
N ASP HA 6 18.04 -33.89 -47.87
CA ASP HA 6 19.06 -33.52 -46.89
C ASP HA 6 18.45 -32.85 -45.67
N LEU HA 7 19.26 -32.62 -44.64
CA LEU HA 7 18.82 -31.98 -43.42
C LEU HA 7 19.25 -30.52 -43.45
N SER HA 8 18.27 -29.63 -43.30
CA SER HA 8 18.55 -28.19 -43.32
C SER HA 8 17.41 -27.46 -42.64
N PHE HA 9 17.69 -26.87 -41.48
CA PHE HA 9 16.67 -26.13 -40.74
C PHE HA 9 16.56 -24.67 -41.18
N THR HA 10 17.46 -24.20 -42.04
CA THR HA 10 17.45 -22.83 -42.51
C THR HA 10 17.33 -22.69 -44.03
N GLY HA 11 17.51 -23.78 -44.77
CA GLY HA 11 17.41 -23.72 -46.22
C GLY HA 11 18.61 -23.08 -46.89
N LEU HA 12 19.77 -23.72 -46.78
CA LEU HA 12 20.99 -23.23 -47.41
C LEU HA 12 21.60 -24.23 -48.37
N THR HA 13 20.92 -25.34 -48.63
CA THR HA 13 21.28 -26.33 -49.65
C THR HA 13 22.62 -27.02 -49.39
N ASP HA 14 23.23 -26.79 -48.22
CA ASP HA 14 24.46 -27.43 -47.76
C ASP HA 14 25.65 -26.96 -48.60
N GLU HA 15 25.43 -26.21 -49.67
CA GLU HA 15 26.49 -25.67 -50.50
C GLU HA 15 26.71 -24.19 -50.28
N GLN HA 16 25.62 -23.41 -50.24
CA GLN HA 16 25.73 -22.00 -49.89
C GLN HA 16 26.24 -21.83 -48.46
N ALA HA 17 25.95 -22.79 -47.60
CA ALA HA 17 26.39 -22.71 -46.21
C ALA HA 17 27.91 -22.75 -46.11
N GLN HA 18 28.56 -23.57 -46.93
CA GLN HA 18 30.02 -23.66 -46.88
C GLN HA 18 30.69 -22.34 -47.26
N GLU HA 19 30.20 -21.71 -48.33
CA GLU HA 19 30.78 -20.43 -48.75
C GLU HA 19 30.36 -19.29 -47.85
N LEU HA 20 29.24 -19.40 -47.14
CA LEU HA 20 28.92 -18.42 -46.11
C LEU HA 20 29.77 -18.63 -44.86
N HIS HA 21 30.17 -19.87 -44.60
CA HIS HA 21 31.03 -20.18 -43.46
C HIS HA 21 32.47 -19.77 -43.71
N SER HA 22 32.92 -19.82 -44.96
CA SER HA 22 34.30 -19.44 -45.26
C SER HA 22 34.56 -17.97 -44.90
N VAL HA 23 33.65 -17.07 -45.27
CA VAL HA 23 33.85 -15.66 -44.95
C VAL HA 23 33.73 -15.43 -43.45
N TYR HA 24 32.85 -16.19 -42.78
CA TYR HA 24 32.72 -16.04 -41.33
C TYR HA 24 33.99 -16.48 -40.61
N MET HA 25 34.60 -17.58 -41.06
CA MET HA 25 35.94 -17.96 -40.58
C MET HA 25 36.97 -16.89 -40.89
N SER HA 26 36.92 -16.28 -42.06
CA SER HA 26 37.90 -15.25 -42.38
C SER HA 26 37.80 -14.09 -41.40
N GLY HA 27 36.57 -13.61 -41.16
CA GLY HA 27 36.38 -12.53 -40.21
C GLY HA 27 36.76 -12.92 -38.79
N LEU HA 28 36.38 -14.12 -38.37
CA LEU HA 28 36.71 -14.58 -37.03
C LEU HA 28 38.22 -14.70 -36.85
N TRP HA 29 38.92 -15.21 -37.87
CA TRP HA 29 40.37 -15.34 -37.76
C TRP HA 29 41.05 -13.98 -37.74
N LEU HA 30 40.54 -13.02 -38.50
CA LEU HA 30 41.10 -11.67 -38.46
C LEU HA 30 40.91 -11.05 -37.07
N PHE HA 31 39.70 -11.16 -36.53
CA PHE HA 31 39.43 -10.62 -35.19
C PHE HA 31 40.28 -11.31 -34.14
N SER HA 32 40.41 -12.63 -34.22
CA SER HA 32 41.22 -13.38 -33.27
C SER HA 32 42.69 -13.03 -33.39
N ALA HA 33 43.17 -12.79 -34.62
CA ALA HA 33 44.56 -12.39 -34.79
C ALA HA 33 44.83 -11.04 -34.16
N VAL HA 34 43.92 -10.08 -34.36
CA VAL HA 34 44.06 -8.79 -33.70
C VAL HA 34 44.06 -8.96 -32.19
N ALA HA 35 43.16 -9.79 -31.68
CA ALA HA 35 43.09 -10.01 -30.24
C ALA HA 35 44.37 -10.65 -29.71
N VAL HA 36 44.95 -11.59 -30.44
CA VAL HA 36 46.17 -12.25 -30.00
C VAL HA 36 47.34 -11.27 -30.01
N VAL HA 37 47.44 -10.43 -31.04
CA VAL HA 37 48.50 -9.42 -31.05
C VAL HA 37 48.35 -8.48 -29.85
N ALA HA 38 47.12 -8.02 -29.58
CA ALA HA 38 46.90 -7.13 -28.46
C ALA HA 38 47.24 -7.81 -27.13
N HIS HA 39 46.84 -9.09 -26.98
CA HIS HA 39 47.13 -9.81 -25.75
C HIS HA 39 48.63 -10.04 -25.56
N LEU HA 40 49.35 -10.34 -26.64
CA LEU HA 40 50.79 -10.52 -26.55
C LEU HA 40 51.47 -9.22 -26.16
N ALA HA 41 51.04 -8.11 -26.76
CA ALA HA 41 51.61 -6.81 -26.39
C ALA HA 41 51.31 -6.49 -24.93
N THR HA 42 50.09 -6.76 -24.47
CA THR HA 42 49.76 -6.50 -23.07
C THR HA 42 50.57 -7.37 -22.12
N PHE HA 43 50.80 -8.63 -22.48
CA PHE HA 43 51.59 -9.51 -21.63
C PHE HA 43 53.04 -9.06 -21.56
N ILE HA 44 53.60 -8.64 -22.69
CA ILE HA 44 54.95 -8.07 -22.67
C ILE HA 44 54.98 -6.81 -21.81
N TRP HA 45 53.92 -6.01 -21.88
CA TRP HA 45 53.85 -4.78 -21.11
C TRP HA 45 53.84 -5.07 -19.61
N ARG HA 46 52.91 -5.91 -19.17
CA ARG HA 46 52.77 -6.26 -17.75
C ARG HA 46 52.31 -7.70 -17.65
N PRO HA 47 53.21 -8.63 -17.36
CA PRO HA 47 52.80 -10.03 -17.21
C PRO HA 47 51.84 -10.19 -16.04
N TRP HA 48 50.88 -11.12 -16.20
CA TRP HA 48 49.92 -11.43 -15.16
C TRP HA 48 50.01 -12.88 -14.70
N PHE HA 49 51.14 -13.53 -14.96
CA PHE HA 49 51.34 -14.92 -14.53
C PHE HA 49 52.64 -15.06 -13.76
N SER IA 2 37.12 -28.91 -39.20
CA SER IA 2 36.63 -30.16 -39.78
C SER IA 2 35.54 -29.88 -40.81
N LYS IA 3 34.30 -30.13 -40.43
CA LYS IA 3 33.13 -29.84 -41.25
C LYS IA 3 32.12 -29.03 -40.46
N PHE IA 4 32.61 -28.05 -39.69
CA PHE IA 4 31.76 -27.23 -38.85
C PHE IA 4 30.85 -26.30 -39.63
N TYR IA 5 31.03 -26.20 -40.96
CA TYR IA 5 30.20 -25.31 -41.75
C TYR IA 5 28.72 -25.69 -41.68
N LYS IA 6 28.41 -26.92 -41.27
CA LYS IA 6 27.04 -27.37 -41.15
C LYS IA 6 26.29 -26.70 -40.00
N ILE IA 7 26.98 -25.95 -39.15
CA ILE IA 7 26.31 -25.25 -38.06
C ILE IA 7 25.29 -24.25 -38.60
N TRP IA 8 25.52 -23.73 -39.81
CA TRP IA 8 24.59 -22.82 -40.43
C TRP IA 8 23.37 -23.53 -41.02
N LEU IA 9 23.40 -24.86 -41.10
CA LEU IA 9 22.22 -25.60 -41.54
C LEU IA 9 21.14 -25.64 -40.46
N ILE IA 10 21.51 -25.36 -39.21
CA ILE IA 10 20.55 -25.36 -38.11
C ILE IA 10 20.49 -24.03 -37.37
N PHE IA 11 21.45 -23.13 -37.56
CA PHE IA 11 21.39 -21.78 -37.04
C PHE IA 11 21.21 -20.78 -38.18
N ASP IA 12 20.54 -19.67 -37.86
CA ASP IA 12 20.35 -18.59 -38.81
C ASP IA 12 21.55 -17.66 -38.74
N PRO IA 13 22.32 -17.49 -39.82
CA PRO IA 13 23.53 -16.67 -39.75
C PRO IA 13 23.28 -15.24 -39.29
N ARG IA 14 22.14 -14.66 -39.65
CA ARG IA 14 21.85 -13.28 -39.27
C ARG IA 14 21.67 -13.16 -37.76
N ARG IA 15 20.84 -14.03 -37.18
CA ARG IA 15 20.59 -13.98 -35.74
C ARG IA 15 21.87 -14.25 -34.95
N VAL IA 16 22.66 -15.23 -35.40
CA VAL IA 16 23.91 -15.53 -34.72
C VAL IA 16 24.86 -14.34 -34.77
N PHE IA 17 24.93 -13.68 -35.93
CA PHE IA 17 25.82 -12.53 -36.08
C PHE IA 17 25.40 -11.39 -35.17
N VAL IA 18 24.12 -11.04 -35.17
CA VAL IA 18 23.67 -9.91 -34.36
C VAL IA 18 23.77 -10.24 -32.87
N ALA IA 19 23.63 -11.52 -32.50
CA ALA IA 19 23.78 -11.88 -31.10
C ALA IA 19 25.24 -11.83 -30.68
N GLN IA 20 26.15 -12.35 -31.51
CA GLN IA 20 27.55 -12.39 -31.12
C GLN IA 20 28.15 -11.00 -31.09
N GLY IA 21 27.66 -10.08 -31.92
CA GLY IA 21 28.17 -8.70 -31.83
C GLY IA 21 27.93 -8.10 -30.46
N VAL IA 22 26.69 -8.21 -29.97
CA VAL IA 22 26.35 -7.70 -28.65
C VAL IA 22 27.14 -8.44 -27.58
N PHE IA 23 27.23 -9.77 -27.70
CA PHE IA 23 27.92 -10.56 -26.70
C PHE IA 23 29.39 -10.15 -26.61
N LEU IA 24 30.05 -9.98 -27.75
CA LEU IA 24 31.46 -9.61 -27.76
C LEU IA 24 31.67 -8.20 -27.22
N PHE IA 25 30.83 -7.26 -27.62
CA PHE IA 25 30.98 -5.90 -27.10
C PHE IA 25 30.84 -5.88 -25.58
N LEU IA 26 29.81 -6.54 -25.07
CA LEU IA 26 29.56 -6.50 -23.64
C LEU IA 26 30.65 -7.25 -22.87
N LEU IA 27 31.15 -8.36 -23.44
CA LEU IA 27 32.27 -9.06 -22.84
C LEU IA 27 33.51 -8.18 -22.76
N ALA IA 28 33.80 -7.45 -23.85
CA ALA IA 28 34.96 -6.57 -23.85
C ALA IA 28 34.82 -5.47 -22.80
N ALA IA 29 33.62 -4.88 -22.70
CA ALA IA 29 33.39 -3.86 -21.69
C ALA IA 29 33.58 -4.42 -20.29
N MET IA 30 33.06 -5.61 -20.03
CA MET IA 30 33.22 -6.22 -18.72
C MET IA 30 34.68 -6.48 -18.39
N ILE IA 31 35.44 -7.00 -19.36
CA ILE IA 31 36.85 -7.27 -19.10
C ILE IA 31 37.61 -5.98 -18.83
N HIS IA 32 37.32 -4.93 -19.61
CA HIS IA 32 38.03 -3.66 -19.41
C HIS IA 32 37.73 -3.08 -18.04
N LEU IA 33 36.47 -3.11 -17.61
CA LEU IA 33 36.15 -2.57 -16.30
C LEU IA 33 36.71 -3.41 -15.17
N VAL IA 34 36.73 -4.73 -15.32
CA VAL IA 34 37.38 -5.58 -14.33
C VAL IA 34 38.87 -5.25 -14.25
N LEU IA 35 39.50 -5.00 -15.40
CA LEU IA 35 40.91 -4.61 -15.42
C LEU IA 35 41.12 -3.31 -14.66
N LEU IA 36 40.25 -2.32 -14.90
CA LEU IA 36 40.30 -1.06 -14.15
C LEU IA 36 40.07 -1.25 -12.66
N SER IA 37 39.31 -2.27 -12.27
CA SER IA 37 39.02 -2.53 -10.86
C SER IA 37 40.24 -2.99 -10.06
N THR IA 38 41.34 -3.34 -10.73
CA THR IA 38 42.50 -3.94 -10.08
C THR IA 38 43.59 -2.90 -9.91
N GLU IA 39 44.18 -2.86 -8.72
CA GLU IA 39 45.21 -1.87 -8.42
C GLU IA 39 46.47 -2.06 -9.25
N HIS IA 40 46.71 -3.26 -9.77
CA HIS IA 40 47.92 -3.54 -10.52
C HIS IA 40 47.78 -3.23 -12.01
N PHE IA 41 46.57 -3.24 -12.55
CA PHE IA 41 46.36 -3.12 -13.98
C PHE IA 41 45.61 -1.84 -14.37
N ASN IA 42 45.54 -0.86 -13.47
CA ASN IA 42 45.00 0.44 -13.82
C ASN IA 42 46.04 1.16 -14.67
N TRP IA 43 45.87 1.11 -16.00
CA TRP IA 43 46.81 1.81 -16.86
C TRP IA 43 46.69 3.32 -16.71
N PHE IA 44 45.57 3.82 -16.17
CA PHE IA 44 45.48 5.24 -15.84
C PHE IA 44 46.31 5.56 -14.59
N GLU IA 45 46.20 4.72 -13.56
CA GLU IA 45 46.93 4.99 -12.32
C GLU IA 45 48.43 4.78 -12.50
N LEU IA 46 48.81 3.77 -13.28
CA LEU IA 46 50.23 3.49 -13.49
C LEU IA 46 50.95 4.59 -14.24
N ALA IA 47 50.23 5.35 -15.07
CA ALA IA 47 50.83 6.53 -15.70
C ALA IA 47 51.23 7.55 -14.64
N ALA IA 48 50.36 7.76 -13.64
CA ALA IA 48 50.70 8.64 -12.53
C ALA IA 48 51.87 8.09 -11.72
N ALA IA 49 51.89 6.78 -11.49
CA ALA IA 49 52.98 6.18 -10.74
C ALA IA 49 54.31 6.29 -11.49
N ASN IA 50 54.28 6.07 -12.81
CA ASN IA 50 55.50 6.15 -13.61
C ASN IA 50 55.95 7.58 -13.87
N ALA IA 51 55.06 8.56 -13.69
CA ALA IA 51 55.43 9.96 -13.91
C ALA IA 51 56.17 10.57 -12.73
N ALA IA 52 56.15 9.93 -11.56
CA ALA IA 52 56.83 10.46 -10.40
C ALA IA 52 58.11 9.67 -10.11
N PRO JA 2 5.03 -7.97 -28.10
CA PRO JA 2 4.28 -8.88 -27.23
C PRO JA 2 2.77 -8.66 -27.31
N GLU JA 3 2.00 -9.51 -26.64
CA GLU JA 3 0.56 -9.34 -26.62
C GLU JA 3 0.18 -8.06 -25.89
N TYR JA 4 -0.94 -7.47 -26.31
CA TYR JA 4 -1.37 -6.17 -25.78
C TYR JA 4 -2.00 -6.38 -24.41
N GLN JA 5 -1.29 -5.93 -23.37
CA GLN JA 5 -1.87 -5.85 -22.04
C GLN JA 5 -2.74 -4.61 -21.94
N ASN JA 6 -3.91 -4.76 -21.32
CA ASN JA 6 -4.97 -3.76 -21.40
C ASN JA 6 -4.80 -2.62 -20.41
N ILE JA 7 -3.56 -2.34 -19.98
CA ILE JA 7 -3.34 -1.25 -19.03
C ILE JA 7 -3.72 0.09 -19.63
N PHE JA 8 -3.35 0.32 -20.88
CA PHE JA 8 -3.62 1.59 -21.54
C PHE JA 8 -4.39 1.36 -22.83
N THR JA 9 -5.22 2.34 -23.19
CA THR JA 9 -6.09 2.22 -24.36
C THR JA 9 -5.38 2.75 -25.60
N GLN JA 10 -5.57 2.04 -26.72
CA GLN JA 10 -5.05 2.50 -28.00
C GLN JA 10 -5.64 3.84 -28.39
N VAL JA 11 -6.95 3.86 -28.64
CA VAL JA 11 -7.63 5.01 -29.20
C VAL JA 11 -8.86 5.32 -28.35
N GLN JA 12 -9.09 6.60 -28.11
CA GLN JA 12 -10.22 7.07 -27.33
C GLN JA 12 -11.25 7.70 -28.27
N VAL JA 13 -12.51 7.33 -28.10
CA VAL JA 13 -13.62 7.92 -28.84
C VAL JA 13 -14.43 8.76 -27.86
N GLN JA 14 -14.76 9.98 -28.26
CA GLN JA 14 -15.51 10.90 -27.42
C GLN JA 14 -16.72 11.40 -28.18
N GLY JA 15 -17.91 11.12 -27.66
CA GLY JA 15 -19.14 11.58 -28.26
C GLY JA 15 -19.82 12.60 -27.38
N PRO JA 16 -21.14 12.74 -27.53
CA PRO JA 16 -21.88 13.63 -26.65
C PRO JA 16 -21.81 13.16 -25.21
N ALA JA 17 -21.81 14.11 -24.29
CA ALA JA 17 -21.70 13.79 -22.87
C ALA JA 17 -22.94 13.03 -22.39
N GLU JA 18 -22.70 12.04 -21.52
CA GLU JA 18 -23.78 11.23 -20.96
C GLU JA 18 -24.27 11.91 -19.69
N LEU JA 19 -25.47 12.50 -19.77
CA LEU JA 19 -26.02 13.20 -18.61
C LEU JA 19 -26.45 12.25 -17.50
N GLY JA 20 -26.65 10.98 -17.80
CA GLY JA 20 -27.00 9.99 -16.80
C GLY JA 20 -28.45 9.54 -16.93
N VAL JA 21 -28.73 8.39 -16.34
CA VAL JA 21 -30.06 7.81 -16.36
C VAL JA 21 -30.98 8.60 -15.44
N ASP JA 22 -32.29 8.38 -15.57
CA ASP JA 22 -33.26 9.10 -14.76
C ASP JA 22 -34.49 8.22 -14.56
N ASN JA 23 -35.21 8.52 -13.48
CA ASN JA 23 -36.44 7.80 -13.15
C ASN JA 23 -37.43 8.81 -12.60
N GLU JA 24 -38.51 8.31 -11.98
CA GLU JA 24 -39.54 9.19 -11.45
C GLU JA 24 -39.07 10.01 -10.26
N ASN JA 25 -37.91 9.68 -9.68
CA ASN JA 25 -37.36 10.49 -8.60
C ASN JA 25 -36.86 11.84 -9.08
N ASN JA 26 -36.76 12.04 -10.39
CA ASN JA 26 -36.39 13.33 -10.99
C ASN JA 26 -35.03 13.80 -10.48
N LEU JA 27 -34.00 12.99 -10.77
CA LEU JA 27 -32.64 13.33 -10.39
C LEU JA 27 -32.08 14.47 -11.23
N THR JA 28 -32.69 14.79 -12.36
CA THR JA 28 -32.13 15.77 -13.27
C THR JA 28 -32.15 17.17 -12.69
N GLU JA 29 -33.19 17.53 -11.95
CA GLU JA 29 -33.37 18.91 -11.51
C GLU JA 29 -32.48 19.27 -10.32
N GLU JA 30 -31.75 18.32 -9.74
CA GLU JA 30 -30.74 18.60 -8.74
C GLU JA 30 -29.32 18.38 -9.25
N ARG JA 31 -29.17 18.11 -10.54
CA ARG JA 31 -27.87 17.85 -11.14
C ARG JA 31 -27.33 19.10 -11.82
N THR JA 32 -26.02 19.24 -11.80
CA THR JA 32 -25.38 20.34 -12.53
C THR JA 32 -25.44 20.09 -14.03
N THR JA 33 -25.21 21.14 -14.79
CA THR JA 33 -25.22 21.05 -16.25
C THR JA 33 -23.84 21.03 -16.86
N GLY JA 34 -22.84 21.60 -16.18
CA GLY JA 34 -21.50 21.67 -16.73
C GLY JA 34 -20.80 20.33 -16.68
N THR JA 35 -20.25 19.91 -17.81
CA THR JA 35 -19.48 18.68 -17.90
C THR JA 35 -18.27 18.93 -18.79
N GLY JA 36 -17.22 18.14 -18.55
CA GLY JA 36 -15.99 18.30 -19.31
C GLY JA 36 -15.30 16.97 -19.51
N PHE JA 37 -14.41 16.94 -20.50
CA PHE JA 37 -13.68 15.74 -20.86
C PHE JA 37 -12.18 15.97 -20.69
N SER JA 38 -11.49 14.99 -20.13
CA SER JA 38 -10.05 15.05 -19.93
C SER JA 38 -9.41 13.87 -20.63
N GLN JA 39 -8.56 14.14 -21.62
CA GLN JA 39 -7.93 13.07 -22.37
C GLN JA 39 -6.85 12.36 -21.56
N LEU JA 40 -6.18 13.08 -20.66
CA LEU JA 40 -5.09 12.49 -19.89
C LEU JA 40 -5.60 11.35 -19.01
N ILE JA 41 -6.71 11.56 -18.31
CA ILE JA 41 -7.25 10.52 -17.45
C ILE JA 41 -7.93 9.43 -18.26
N GLY JA 42 -8.32 9.73 -19.50
CA GLY JA 42 -8.97 8.74 -20.34
C GLY JA 42 -8.05 7.65 -20.86
N TRP JA 43 -6.74 7.80 -20.70
CA TRP JA 43 -5.82 6.75 -21.10
C TRP JA 43 -5.92 5.53 -20.20
N ILE JA 44 -6.46 5.68 -19.00
CA ILE JA 44 -6.59 4.58 -18.06
C ILE JA 44 -8.03 4.33 -17.63
N GLY JA 45 -8.90 5.33 -17.65
CA GLY JA 45 -10.28 5.15 -17.28
C GLY JA 45 -11.22 5.97 -18.14
N ASN JA 46 -12.42 6.25 -17.63
CA ASN JA 46 -13.36 7.07 -18.38
C ASN JA 46 -12.87 8.51 -18.43
N ALA JA 47 -13.10 9.17 -19.57
CA ALA JA 47 -12.54 10.48 -19.84
C ALA JA 47 -13.52 11.62 -19.57
N GLN JA 48 -14.70 11.35 -19.03
CA GLN JA 48 -15.72 12.37 -18.84
C GLN JA 48 -15.81 12.75 -17.36
N LEU JA 49 -15.62 14.02 -17.07
CA LEU JA 49 -15.82 14.56 -15.72
C LEU JA 49 -17.26 15.02 -15.62
N GLY JA 50 -18.15 14.07 -15.33
CA GLY JA 50 -19.58 14.28 -15.46
C GLY JA 50 -20.17 15.19 -14.41
N PRO JA 51 -21.44 15.53 -14.58
CA PRO JA 51 -22.11 16.40 -13.61
C PRO JA 51 -22.27 15.72 -12.26
N ILE JA 52 -22.30 16.54 -11.21
CA ILE JA 52 -22.45 16.07 -9.85
C ILE JA 52 -23.86 16.37 -9.39
N TYR JA 53 -24.29 15.68 -8.32
CA TYR JA 53 -25.62 15.85 -7.77
C TYR JA 53 -25.56 16.81 -6.59
N LEU JA 54 -26.31 17.90 -6.68
CA LEU JA 54 -26.29 18.95 -5.65
C LEU JA 54 -27.52 18.79 -4.75
N GLY JA 55 -27.44 17.82 -3.85
CA GLY JA 55 -28.48 17.61 -2.85
C GLY JA 55 -28.26 18.49 -1.63
N TRP JA 56 -29.02 18.20 -0.57
CA TRP JA 56 -28.81 18.89 0.69
C TRP JA 56 -27.76 18.22 1.55
N PHE JA 57 -27.77 16.89 1.61
CA PHE JA 57 -26.76 16.18 2.38
C PHE JA 57 -25.37 16.37 1.80
N GLY JA 58 -25.28 16.84 0.55
CA GLY JA 58 -24.00 17.17 -0.05
C GLY JA 58 -23.58 18.60 0.24
N ILE JA 59 -24.50 19.54 0.08
CA ILE JA 59 -24.17 20.95 0.33
C ILE JA 59 -23.85 21.17 1.80
N ILE JA 60 -24.66 20.60 2.70
CA ILE JA 60 -24.41 20.75 4.13
C ILE JA 60 -23.08 20.14 4.51
N SER JA 61 -22.80 18.93 3.99
CA SER JA 61 -21.53 18.28 4.28
C SER JA 61 -20.36 19.10 3.79
N LEU JA 62 -20.43 19.62 2.56
CA LEU JA 62 -19.36 20.44 2.02
C LEU JA 62 -19.14 21.71 2.83
N VAL JA 63 -20.23 22.40 3.21
CA VAL JA 63 -20.08 23.63 3.97
C VAL JA 63 -19.50 23.37 5.35
N THR JA 64 -19.97 22.34 6.04
CA THR JA 64 -19.46 22.05 7.38
C THR JA 64 -18.01 21.56 7.32
N GLY JA 65 -17.67 20.73 6.33
CA GLY JA 65 -16.29 20.33 6.17
C GLY JA 65 -15.38 21.50 5.85
N THR JA 66 -15.87 22.44 5.04
CA THR JA 66 -15.10 23.65 4.76
C THR JA 66 -14.92 24.48 6.02
N LEU JA 67 -15.96 24.57 6.86
CA LEU JA 67 -15.81 25.28 8.13
C LEU JA 67 -14.75 24.64 9.01
N TRP JA 68 -14.76 23.30 9.11
CA TRP JA 68 -13.74 22.62 9.89
C TRP JA 68 -12.35 22.88 9.31
N PHE JA 69 -12.23 22.81 7.99
CA PHE JA 69 -10.95 23.04 7.32
C PHE JA 69 -10.44 24.46 7.60
N ASN JA 70 -11.31 25.46 7.48
CA ASN JA 70 -10.89 26.83 7.73
C ASN JA 70 -10.53 27.05 9.19
N ILE JA 71 -11.28 26.45 10.12
CA ILE JA 71 -10.96 26.60 11.53
C ILE JA 71 -9.57 26.06 11.81
N VAL JA 72 -9.28 24.85 11.31
CA VAL JA 72 -7.97 24.26 11.53
C VAL JA 72 -6.89 25.09 10.87
N GLY JA 73 -7.13 25.56 9.64
CA GLY JA 73 -6.12 26.30 8.92
C GLY JA 73 -5.82 27.65 9.55
N PHE JA 74 -6.86 28.37 9.99
CA PHE JA 74 -6.64 29.65 10.64
C PHE JA 74 -6.00 29.49 12.01
N ASN JA 75 -6.33 28.42 12.74
CA ASN JA 75 -5.59 28.15 13.97
C ASN JA 75 -4.12 27.90 13.67
N MET JA 76 -3.82 27.12 12.63
CA MET JA 76 -2.44 26.88 12.24
C MET JA 76 -1.73 28.17 11.87
N LEU JA 77 -2.40 29.02 11.10
CA LEU JA 77 -1.80 30.26 10.63
C LEU JA 77 -1.54 31.23 11.78
N SER JA 78 -2.48 31.34 12.71
CA SER JA 78 -2.26 32.18 13.89
C SER JA 78 -1.21 31.60 14.81
N GLN JA 79 -1.02 30.29 14.80
CA GLN JA 79 0.00 29.66 15.64
C GLN JA 79 1.41 30.07 15.25
N VAL JA 80 1.63 30.47 14.00
CA VAL JA 80 2.94 30.92 13.55
C VAL JA 80 2.95 32.43 13.32
N GLY JA 81 2.00 33.14 13.94
CA GLY JA 81 1.94 34.59 13.80
C GLY JA 81 1.61 35.08 12.42
N TYR JA 82 0.76 34.35 11.70
CA TYR JA 82 0.31 34.75 10.36
C TYR JA 82 1.46 34.92 9.39
N SER JA 83 2.53 34.14 9.57
CA SER JA 83 3.68 34.17 8.68
C SER JA 83 3.45 33.11 7.60
N ILE JA 84 3.11 33.56 6.40
CA ILE JA 84 2.83 32.63 5.31
C ILE JA 84 4.04 31.75 4.96
N PRO JA 85 5.26 32.28 4.81
CA PRO JA 85 6.41 31.38 4.58
C PRO JA 85 6.61 30.37 5.70
N GLU JA 86 6.43 30.77 6.96
CA GLU JA 86 6.56 29.82 8.05
C GLU JA 86 5.39 28.85 8.10
N PHE JA 87 4.20 29.32 7.70
CA PHE JA 87 3.06 28.42 7.62
C PHE JA 87 3.29 27.33 6.58
N ILE JA 88 3.84 27.69 5.42
CA ILE JA 88 4.13 26.69 4.39
C ILE JA 88 5.28 25.79 4.82
N ARG JA 89 6.31 26.36 5.44
CA ARG JA 89 7.47 25.57 5.84
C ARG JA 89 7.10 24.52 6.88
N GLN JA 90 6.26 24.88 7.85
CA GLN JA 90 5.86 23.99 8.92
C GLN JA 90 4.50 23.36 8.70
N LEU JA 91 4.02 23.34 7.45
CA LEU JA 91 2.65 22.89 7.19
C LEU JA 91 2.43 21.46 7.65
N PHE JA 92 3.40 20.58 7.42
CA PHE JA 92 3.26 19.19 7.82
C PHE JA 92 3.47 18.98 9.32
N TRP JA 93 4.00 19.97 10.02
CA TRP JA 93 4.29 19.83 11.45
C TRP JA 93 3.24 20.46 12.34
N LEU JA 94 2.49 21.45 11.85
CA LEU JA 94 1.49 22.12 12.65
C LEU JA 94 0.25 21.24 12.79
N ALA JA 95 -0.59 21.57 13.77
CA ALA JA 95 -1.80 20.81 14.03
C ALA JA 95 -2.74 21.64 14.90
N LEU JA 96 -3.87 21.04 15.26
CA LEU JA 96 -4.81 21.62 16.22
C LEU JA 96 -4.96 20.58 17.34
N GLU JA 97 -4.20 20.76 18.41
CA GLU JA 97 -4.09 19.74 19.43
C GLU JA 97 -5.41 19.55 20.16
N PRO JA 98 -5.77 18.31 20.51
CA PRO JA 98 -6.97 18.07 21.31
C PRO JA 98 -6.84 18.69 22.70
N PRO JA 99 -7.92 18.71 23.48
CA PRO JA 99 -7.85 19.34 24.81
C PRO JA 99 -6.83 18.66 25.71
N SER JA 100 -6.46 19.39 26.76
CA SER JA 100 -5.55 18.85 27.76
C SER JA 100 -6.25 17.78 28.59
N PRO JA 101 -5.50 16.81 29.12
CA PRO JA 101 -6.13 15.72 29.88
C PRO JA 101 -6.84 16.18 31.14
N GLU JA 102 -6.48 17.33 31.69
CA GLU JA 102 -7.02 17.75 32.98
C GLU JA 102 -8.37 18.43 32.89
N TYR JA 103 -8.91 18.63 31.69
CA TYR JA 103 -10.23 19.22 31.54
C TYR JA 103 -11.35 18.19 31.50
N GLY JA 104 -11.02 16.90 31.50
CA GLY JA 104 -12.04 15.87 31.48
C GLY JA 104 -12.90 15.95 30.24
N LEU JA 105 -14.19 15.69 30.40
CA LEU JA 105 -15.15 15.83 29.31
C LEU JA 105 -15.73 17.23 29.22
N ARG JA 106 -15.43 18.11 30.18
CA ARG JA 106 -15.88 19.49 30.10
C ARG JA 106 -15.15 20.21 28.97
N MET JA 107 -15.81 21.22 28.42
CA MET JA 107 -15.24 21.89 27.26
C MET JA 107 -14.10 22.81 27.69
N PRO JA 108 -12.93 22.72 27.07
CA PRO JA 108 -11.77 23.50 27.51
C PRO JA 108 -11.81 24.89 26.92
N PRO JA 109 -10.89 25.78 27.34
CA PRO JA 109 -10.81 27.11 26.73
C PRO JA 109 -10.43 27.03 25.25
N LEU JA 110 -10.70 28.12 24.55
CA LEU JA 110 -10.53 28.14 23.10
C LEU JA 110 -9.09 27.85 22.69
N ASP JA 111 -8.13 28.46 23.38
CA ASP JA 111 -6.72 28.26 23.04
C ASP JA 111 -6.18 26.92 23.51
N ASP JA 112 -6.92 26.19 24.34
CA ASP JA 112 -6.43 24.91 24.86
C ASP JA 112 -7.38 23.78 24.47
N GLY JA 113 -7.81 23.75 23.22
CA GLY JA 113 -8.68 22.72 22.73
C GLY JA 113 -10.13 23.10 22.57
N GLY JA 114 -10.49 24.35 22.88
CA GLY JA 114 -11.87 24.78 22.66
C GLY JA 114 -12.24 24.82 21.19
N TRP JA 115 -11.34 25.34 20.35
CA TRP JA 115 -11.59 25.33 18.91
C TRP JA 115 -11.50 23.92 18.35
N PHE JA 116 -10.80 23.01 19.03
CA PHE JA 116 -10.76 21.62 18.59
C PHE JA 116 -12.14 20.98 18.66
N ILE JA 117 -12.90 21.27 19.73
CA ILE JA 117 -14.21 20.66 19.89
C ILE JA 117 -15.17 21.16 18.82
N ILE JA 118 -15.16 22.47 18.53
CA ILE JA 118 -16.07 23.02 17.52
C ILE JA 118 -15.73 22.46 16.15
N ALA JA 119 -14.45 22.41 15.81
CA ALA JA 119 -14.03 21.86 14.52
C ALA JA 119 -14.40 20.39 14.42
N SER JA 120 -14.23 19.63 15.51
CA SER JA 120 -14.61 18.23 15.51
C SER JA 120 -16.11 18.07 15.31
N PHE JA 121 -16.90 18.93 15.94
CA PHE JA 121 -18.35 18.88 15.76
C PHE JA 121 -18.73 19.14 14.31
N PHE JA 122 -18.09 20.13 13.68
CA PHE JA 122 -18.38 20.41 12.28
C PHE JA 122 -17.94 19.25 11.39
N LEU JA 123 -16.80 18.64 11.69
CA LEU JA 123 -16.34 17.48 10.90
C LEU JA 123 -17.31 16.31 11.05
N LEU JA 124 -17.79 16.07 12.26
CA LEU JA 124 -18.77 15.00 12.48
C LEU JA 124 -20.04 15.27 11.68
N VAL JA 125 -20.51 16.51 11.69
CA VAL JA 125 -21.70 16.87 10.92
C VAL JA 125 -21.46 16.61 9.43
N SER JA 126 -20.30 17.02 8.92
CA SER JA 126 -20.00 16.84 7.50
C SER JA 126 -19.95 15.36 7.13
N VAL JA 127 -19.31 14.54 7.97
CA VAL JA 127 -19.17 13.12 7.65
C VAL JA 127 -20.54 12.44 7.68
N ILE JA 128 -21.35 12.72 8.70
CA ILE JA 128 -22.66 12.10 8.79
C ILE JA 128 -23.54 12.56 7.63
N SER JA 129 -23.41 13.83 7.23
CA SER JA 129 -24.19 14.33 6.10
C SER JA 129 -23.77 13.66 4.80
N TRP JA 130 -22.47 13.40 4.63
CA TRP JA 130 -22.03 12.69 3.43
C TRP JA 130 -22.54 11.26 3.41
N TRP JA 131 -22.55 10.60 4.57
CA TRP JA 131 -23.14 9.26 4.63
C TRP JA 131 -24.62 9.30 4.27
N LEU JA 132 -25.33 10.30 4.78
CA LEU JA 132 -26.74 10.45 4.43
C LEU JA 132 -26.92 10.72 2.94
N ARG JA 133 -25.99 11.46 2.33
CA ARG JA 133 -26.04 11.69 0.90
C ARG JA 133 -25.90 10.38 0.14
N SER JA 134 -24.95 9.53 0.55
CA SER JA 134 -24.78 8.24 -0.12
C SER JA 134 -26.03 7.38 0.04
N TYR JA 135 -26.60 7.35 1.24
CA TYR JA 135 -27.81 6.57 1.47
C TYR JA 135 -28.97 7.10 0.63
N GLN JA 136 -29.13 8.42 0.56
CA GLN JA 136 -30.21 9.01 -0.22
C GLN JA 136 -30.03 8.73 -1.71
N LEU JA 137 -28.80 8.79 -2.21
CA LEU JA 137 -28.55 8.48 -3.61
C LEU JA 137 -28.86 7.03 -3.91
N ALA JA 138 -28.49 6.12 -3.01
CA ALA JA 138 -28.85 4.71 -3.20
C ALA JA 138 -30.36 4.53 -3.19
N GLU JA 139 -31.06 5.22 -2.29
CA GLU JA 139 -32.53 5.15 -2.27
C GLU JA 139 -33.13 5.65 -3.58
N MET JA 140 -32.63 6.78 -4.08
CA MET JA 140 -33.21 7.42 -5.25
C MET JA 140 -32.86 6.71 -6.55
N HIS JA 141 -31.73 6.01 -6.59
CA HIS JA 141 -31.35 5.24 -7.77
C HIS JA 141 -31.92 3.82 -7.75
N LYS JA 142 -32.68 3.47 -6.71
CA LYS JA 142 -33.29 2.14 -6.59
C LYS JA 142 -32.26 1.03 -6.59
N MET JA 143 -31.11 1.28 -5.98
CA MET JA 143 -30.07 0.28 -5.82
C MET JA 143 -29.94 -0.12 -4.36
N GLY JA 144 -29.25 -1.22 -4.12
CA GLY JA 144 -28.94 -1.61 -2.76
C GLY JA 144 -28.00 -0.61 -2.09
N LYS JA 145 -28.07 -0.56 -0.77
CA LYS JA 145 -27.27 0.43 -0.05
C LYS JA 145 -25.92 -0.12 0.35
N HIS JA 146 -25.24 -0.81 -0.56
CA HIS JA 146 -23.96 -1.43 -0.22
C HIS JA 146 -22.88 -0.39 -0.06
N VAL JA 147 -22.96 0.72 -0.82
CA VAL JA 147 -22.07 1.84 -0.58
C VAL JA 147 -22.37 2.48 0.78
N ALA JA 148 -23.65 2.50 1.18
CA ALA JA 148 -24.00 3.12 2.44
C ALA JA 148 -23.52 2.29 3.62
N TRP JA 149 -23.62 0.96 3.50
CA TRP JA 149 -23.20 0.09 4.59
C TRP JA 149 -21.68 -0.01 4.68
N ALA JA 150 -20.99 -0.02 3.54
CA ALA JA 150 -19.52 -0.05 3.58
C ALA JA 150 -18.97 1.23 4.17
N PHE JA 151 -19.50 2.38 3.75
CA PHE JA 151 -19.06 3.65 4.30
C PHE JA 151 -19.32 3.72 5.79
N ALA JA 152 -20.49 3.24 6.23
CA ALA JA 152 -20.77 3.18 7.66
C ALA JA 152 -19.74 2.34 8.41
N ALA JA 153 -19.15 1.35 7.74
CA ALA JA 153 -18.06 0.59 8.36
C ALA JA 153 -16.85 1.48 8.58
N ALA JA 154 -16.50 2.31 7.59
CA ALA JA 154 -15.36 3.20 7.76
C ALA JA 154 -15.65 4.32 8.76
N ILE JA 155 -16.91 4.77 8.83
CA ILE JA 155 -17.27 5.84 9.74
C ILE JA 155 -17.14 5.38 11.18
N TRP JA 156 -17.45 4.11 11.45
CA TRP JA 156 -17.45 3.65 12.84
C TRP JA 156 -16.04 3.74 13.44
N LEU JA 157 -15.02 3.35 12.69
CA LEU JA 157 -13.65 3.57 13.14
C LEU JA 157 -13.37 5.06 13.26
N PHE JA 158 -13.89 5.86 12.35
CA PHE JA 158 -13.82 7.31 12.49
C PHE JA 158 -14.55 7.78 13.74
N LEU JA 159 -15.58 7.05 14.17
CA LEU JA 159 -16.35 7.44 15.34
C LEU JA 159 -15.70 7.02 16.65
N VAL JA 160 -15.21 5.78 16.72
CA VAL JA 160 -14.59 5.30 17.95
C VAL JA 160 -13.31 6.07 18.24
N LEU JA 161 -12.56 6.45 17.20
CA LEU JA 161 -11.29 7.14 17.42
C LEU JA 161 -11.49 8.47 18.12
N GLY JA 162 -12.50 9.24 17.70
CA GLY JA 162 -12.65 10.59 18.19
C GLY JA 162 -13.85 10.85 19.07
N LEU JA 163 -14.87 10.00 19.02
CA LEU JA 163 -16.09 10.23 19.78
C LEU JA 163 -16.35 9.16 20.82
N PHE JA 164 -16.40 7.89 20.44
CA PHE JA 164 -16.85 6.85 21.38
C PHE JA 164 -15.80 6.59 22.45
N ARG JA 165 -14.54 6.40 22.05
CA ARG JA 165 -13.50 6.12 23.05
C ARG JA 165 -13.27 7.29 23.98
N PRO JA 166 -13.14 8.54 23.52
CA PRO JA 166 -12.97 9.65 24.48
C PRO JA 166 -14.10 9.75 25.50
N ILE JA 167 -15.33 9.44 25.11
CA ILE JA 167 -16.43 9.44 26.07
C ILE JA 167 -16.25 8.34 27.10
N LEU JA 168 -15.84 7.15 26.67
CA LEU JA 168 -15.69 6.04 27.60
C LEU JA 168 -14.54 6.25 28.57
N MET JA 169 -13.44 6.86 28.11
CA MET JA 169 -12.38 7.24 29.03
C MET JA 169 -12.68 8.51 29.82
N GLY JA 170 -13.76 9.21 29.47
CA GLY JA 170 -14.10 10.43 30.19
C GLY JA 170 -13.09 11.54 30.01
N SER JA 171 -12.61 11.74 28.79
CA SER JA 171 -11.64 12.79 28.51
C SER JA 171 -11.61 13.06 27.02
N TRP JA 172 -11.81 14.32 26.64
CA TRP JA 172 -11.69 14.69 25.23
C TRP JA 172 -10.25 14.68 24.75
N SER JA 173 -9.29 14.51 25.65
CA SER JA 173 -7.88 14.52 25.28
C SER JA 173 -7.46 13.27 24.52
N GLU JA 174 -8.31 12.26 24.44
CA GLU JA 174 -7.97 11.03 23.75
C GLU JA 174 -8.25 11.09 22.26
N ALA JA 175 -8.71 12.21 21.74
CA ALA JA 175 -8.99 12.36 20.33
C ALA JA 175 -7.69 12.54 19.54
N VAL JA 176 -7.80 12.36 18.23
CA VAL JA 176 -6.65 12.44 17.33
C VAL JA 176 -6.40 13.89 16.92
N PRO JA 177 -5.17 14.40 17.06
CA PRO JA 177 -4.89 15.76 16.62
C PRO JA 177 -5.02 15.90 15.11
N TYR JA 178 -5.37 17.12 14.68
CA TYR JA 178 -5.59 17.42 13.27
C TYR JA 178 -4.28 17.93 12.66
N GLY JA 179 -3.39 17.00 12.32
CA GLY JA 179 -2.14 17.35 11.69
C GLY JA 179 -1.64 16.22 10.82
N ILE JA 180 -0.82 16.59 9.83
CA ILE JA 180 -0.27 15.59 8.91
C ILE JA 180 0.68 14.66 9.65
N PHE JA 181 1.79 15.21 10.14
CA PHE JA 181 2.71 14.45 10.97
C PHE JA 181 2.16 14.20 12.37
N PRO JA 182 1.47 15.17 13.00
CA PRO JA 182 1.01 14.93 14.38
C PRO JA 182 0.07 13.75 14.57
N HIS JA 183 -0.71 13.33 13.56
CA HIS JA 183 -1.55 12.17 13.86
C HIS JA 183 -0.73 10.88 13.73
N LEU JA 184 0.36 10.91 12.97
CA LEU JA 184 1.34 9.83 13.04
C LEU JA 184 2.00 9.79 14.42
N ASP JA 185 2.32 10.96 14.97
CA ASP JA 185 2.83 11.03 16.33
C ASP JA 185 1.82 10.43 17.31
N TRP JA 186 0.55 10.76 17.14
CA TRP JA 186 -0.48 10.21 18.02
C TRP JA 186 -0.57 8.70 17.88
N THR JA 187 -0.47 8.19 16.65
CA THR JA 187 -0.53 6.74 16.45
C THR JA 187 0.62 6.05 17.16
N THR JA 188 1.84 6.55 16.97
CA THR JA 188 3.00 5.94 17.63
C THR JA 188 2.90 6.04 19.14
N ALA JA 189 2.49 7.20 19.66
CA ALA JA 189 2.37 7.39 21.09
C ALA JA 189 1.29 6.48 21.68
N PHE JA 190 0.17 6.32 20.97
CA PHE JA 190 -0.89 5.42 21.40
C PHE JA 190 -0.37 3.99 21.50
N SER JA 191 0.33 3.54 20.45
CA SER JA 191 0.86 2.18 20.46
C SER JA 191 1.86 1.97 21.60
N ILE JA 192 2.72 2.96 21.84
CA ILE JA 192 3.71 2.83 22.91
C ILE JA 192 3.02 2.84 24.27
N ARG JA 193 2.08 3.76 24.47
CA ARG JA 193 1.43 3.91 25.76
C ARG JA 193 0.67 2.66 26.14
N TYR JA 194 -0.04 2.06 25.19
CA TYR JA 194 -0.85 0.88 25.50
C TYR JA 194 -0.13 -0.42 25.18
N GLY JA 195 1.20 -0.40 25.21
CA GLY JA 195 2.00 -1.62 25.20
C GLY JA 195 1.98 -2.42 23.92
N ASN JA 196 2.58 -1.87 22.86
CA ASN JA 196 2.83 -2.62 21.63
C ASN JA 196 1.52 -3.15 21.02
N LEU JA 197 0.75 -2.22 20.48
CA LEU JA 197 -0.54 -2.51 19.85
C LEU JA 197 -0.46 -3.65 18.85
N TYR JA 198 0.76 -4.04 18.45
CA TYR JA 198 0.93 -5.22 17.60
C TYR JA 198 0.27 -6.44 18.23
N TYR JA 199 0.31 -6.56 19.54
CA TYR JA 199 -0.22 -7.72 20.24
C TYR JA 199 -1.70 -7.60 20.54
N ASN JA 200 -2.36 -6.57 20.03
CA ASN JA 200 -3.81 -6.50 20.10
C ASN JA 200 -4.39 -7.53 19.13
N PRO JA 201 -5.19 -8.49 19.59
CA PRO JA 201 -5.75 -9.47 18.65
C PRO JA 201 -6.59 -8.84 17.57
N PHE JA 202 -7.32 -7.77 17.89
CA PHE JA 202 -8.12 -7.11 16.87
C PHE JA 202 -7.28 -6.25 15.94
N HIS JA 203 -6.18 -5.67 16.43
CA HIS JA 203 -5.25 -5.02 15.50
C HIS JA 203 -4.67 -6.05 14.53
N ALA JA 204 -4.32 -7.23 15.04
CA ALA JA 204 -3.84 -8.29 14.18
C ALA JA 204 -4.89 -8.71 13.16
N LEU JA 205 -6.14 -8.84 13.60
CA LEU JA 205 -7.21 -9.23 12.68
C LEU JA 205 -7.48 -8.16 11.63
N SER JA 206 -7.43 -6.89 12.04
CA SER JA 206 -7.62 -5.80 11.08
C SER JA 206 -6.49 -5.78 10.06
N ILE JA 207 -5.26 -6.03 10.50
CA ILE JA 207 -4.15 -6.14 9.55
C ILE JA 207 -4.36 -7.32 8.62
N VAL JA 208 -4.85 -8.43 9.16
CA VAL JA 208 -5.17 -9.60 8.34
C VAL JA 208 -6.13 -9.22 7.23
N PHE JA 209 -7.19 -8.51 7.59
CA PHE JA 209 -8.21 -8.16 6.59
C PHE JA 209 -7.72 -7.07 5.65
N LEU JA 210 -6.83 -6.18 6.10
CA LEU JA 210 -6.26 -5.19 5.20
C LEU JA 210 -5.37 -5.84 4.16
N TYR JA 211 -4.49 -6.73 4.60
CA TYR JA 211 -3.64 -7.48 3.68
C TYR JA 211 -4.49 -8.32 2.74
N GLY JA 212 -5.54 -8.97 3.26
CA GLY JA 212 -6.44 -9.71 2.41
C GLY JA 212 -7.18 -8.84 1.43
N SER JA 213 -7.53 -7.62 1.83
CA SER JA 213 -8.20 -6.69 0.92
C SER JA 213 -7.30 -6.32 -0.25
N VAL JA 214 -6.07 -5.89 0.05
CA VAL JA 214 -5.14 -5.55 -1.03
C VAL JA 214 -4.84 -6.77 -1.89
N LEU JA 215 -4.61 -7.91 -1.25
CA LEU JA 215 -4.40 -9.17 -1.96
C LEU JA 215 -5.54 -9.49 -2.91
N LEU JA 216 -6.77 -9.48 -2.40
CA LEU JA 216 -7.91 -9.93 -3.18
C LEU JA 216 -8.21 -8.96 -4.30
N PHE JA 217 -7.99 -7.67 -4.07
CA PHE JA 217 -8.29 -6.70 -5.13
C PHE JA 217 -7.19 -6.65 -6.18
N ALA JA 218 -5.95 -6.92 -5.81
CA ALA JA 218 -4.92 -7.17 -6.83
C ALA JA 218 -5.27 -8.39 -7.66
N MET JA 219 -5.70 -9.47 -6.99
CA MET JA 219 -6.08 -10.69 -7.69
C MET JA 219 -7.25 -10.44 -8.64
N HIS JA 220 -8.25 -9.69 -8.18
CA HIS JA 220 -9.42 -9.42 -9.00
C HIS JA 220 -9.07 -8.53 -10.19
N GLY JA 221 -8.28 -7.48 -9.97
CA GLY JA 221 -7.88 -6.63 -11.08
C GLY JA 221 -7.09 -7.40 -12.13
N ALA JA 222 -6.12 -8.21 -11.68
CA ALA JA 222 -5.32 -8.98 -12.61
C ALA JA 222 -6.17 -10.00 -13.36
N THR JA 223 -7.09 -10.67 -12.65
CA THR JA 223 -7.94 -11.67 -13.29
C THR JA 223 -8.85 -11.03 -14.33
N ILE JA 224 -9.45 -9.89 -14.00
CA ILE JA 224 -10.36 -9.24 -14.94
C ILE JA 224 -9.61 -8.69 -16.13
N LEU JA 225 -8.41 -8.15 -15.92
CA LEU JA 225 -7.60 -7.71 -17.04
C LEU JA 225 -7.13 -8.89 -17.88
N ALA JA 226 -7.02 -10.07 -17.27
CA ALA JA 226 -6.63 -11.26 -18.03
C ALA JA 226 -7.77 -11.79 -18.88
N VAL JA 227 -9.01 -11.65 -18.41
CA VAL JA 227 -10.16 -12.13 -19.14
C VAL JA 227 -10.89 -11.00 -19.86
N THR JA 228 -10.30 -9.81 -19.90
CA THR JA 228 -10.92 -8.71 -20.63
C THR JA 228 -10.95 -8.96 -22.13
N ARG JA 229 -10.14 -9.90 -22.62
CA ARG JA 229 -10.21 -10.31 -24.01
C ARG JA 229 -11.48 -11.10 -24.30
N PHE JA 230 -12.19 -11.56 -23.26
CA PHE JA 230 -13.49 -12.22 -23.41
C PHE JA 230 -14.64 -11.33 -22.97
N GLY JA 231 -14.42 -10.02 -22.95
CA GLY JA 231 -15.42 -9.11 -22.42
C GLY JA 231 -15.64 -9.27 -20.93
N GLY JA 232 -14.56 -9.56 -20.19
CA GLY JA 232 -14.69 -9.76 -18.75
C GLY JA 232 -14.86 -8.50 -17.95
N ASP JA 233 -14.60 -7.34 -18.53
CA ASP JA 233 -14.80 -6.09 -17.83
C ASP JA 233 -16.27 -5.72 -17.71
N ARG JA 234 -17.15 -6.39 -18.46
CA ARG JA 234 -18.59 -6.20 -18.34
C ARG JA 234 -19.12 -7.17 -17.27
N GLU JA 235 -18.77 -6.86 -16.02
CA GLU JA 235 -19.05 -7.77 -14.92
C GLU JA 235 -20.54 -7.97 -14.71
N LEU JA 236 -21.33 -6.91 -14.86
CA LEU JA 236 -22.76 -7.01 -14.56
C LEU JA 236 -23.46 -7.96 -15.53
N GLU JA 237 -23.14 -7.88 -16.81
CA GLU JA 237 -23.78 -8.77 -17.78
C GLU JA 237 -23.35 -10.21 -17.60
N GLN JA 238 -22.14 -10.45 -17.10
CA GLN JA 238 -21.69 -11.81 -16.84
C GLN JA 238 -22.43 -12.45 -15.68
N ILE JA 239 -22.97 -11.64 -14.75
CA ILE JA 239 -23.78 -12.21 -13.68
C ILE JA 239 -25.10 -12.73 -14.22
N TYR JA 240 -25.74 -11.96 -15.10
CA TYR JA 240 -27.04 -12.35 -15.64
C TYR JA 240 -26.94 -13.44 -16.69
N ASP JA 241 -25.86 -13.44 -17.48
CA ASP JA 241 -25.67 -14.45 -18.52
C ASP JA 241 -24.17 -14.69 -18.63
N ARG JA 242 -23.69 -15.71 -17.92
CA ARG JA 242 -22.24 -15.93 -17.84
C ARG JA 242 -21.70 -16.42 -19.19
N GLY JA 243 -20.56 -15.86 -19.58
CA GLY JA 243 -19.87 -16.24 -20.78
C GLY JA 243 -18.59 -16.98 -20.50
N THR JA 244 -17.73 -17.05 -21.51
CA THR JA 244 -16.46 -17.75 -21.34
C THR JA 244 -15.52 -17.01 -20.41
N ALA JA 245 -15.70 -15.69 -20.21
CA ALA JA 245 -14.82 -14.95 -19.33
C ALA JA 245 -14.96 -15.41 -17.88
N SER JA 246 -16.20 -15.49 -17.40
CA SER JA 246 -16.43 -15.94 -16.02
C SER JA 246 -15.98 -17.38 -15.84
N GLU JA 247 -16.27 -18.23 -16.81
CA GLU JA 247 -15.88 -19.63 -16.71
C GLU JA 247 -14.36 -19.77 -16.67
N ARG JA 248 -13.65 -19.03 -17.51
CA ARG JA 248 -12.20 -19.13 -17.54
C ARG JA 248 -11.57 -18.58 -16.28
N ALA JA 249 -12.08 -17.46 -15.77
CA ALA JA 249 -11.56 -16.94 -14.50
C ALA JA 249 -11.78 -17.94 -13.37
N GLY JA 250 -12.98 -18.52 -13.30
CA GLY JA 250 -13.26 -19.50 -12.27
C GLY JA 250 -12.39 -20.73 -12.40
N LEU JA 251 -12.18 -21.21 -13.62
CA LEU JA 251 -11.37 -22.41 -13.80
C LEU JA 251 -9.90 -22.12 -13.49
N PHE JA 252 -9.41 -20.92 -13.82
CA PHE JA 252 -8.06 -20.56 -13.45
C PHE JA 252 -7.89 -20.58 -11.94
N TRP JA 253 -8.78 -19.90 -11.22
CA TRP JA 253 -8.63 -19.86 -9.78
C TRP JA 253 -9.00 -21.17 -9.11
N ARG JA 254 -9.65 -22.09 -9.81
CA ARG JA 254 -9.92 -23.41 -9.27
C ARG JA 254 -8.73 -24.34 -9.45
N TRP JA 255 -8.11 -24.33 -10.62
CA TRP JA 255 -6.92 -25.13 -10.85
C TRP JA 255 -5.75 -24.61 -10.03
N THR JA 256 -5.69 -23.30 -9.79
CA THR JA 256 -4.56 -22.74 -9.05
C THR JA 256 -4.62 -23.10 -7.57
N MET JA 257 -5.79 -22.99 -6.94
CA MET JA 257 -5.87 -23.14 -5.50
C MET JA 257 -7.06 -23.98 -5.02
N GLY JA 258 -7.72 -24.73 -5.89
CA GLY JA 258 -8.68 -25.72 -5.47
C GLY JA 258 -10.12 -25.24 -5.38
N PHE JA 259 -10.37 -23.94 -5.42
CA PHE JA 259 -11.73 -23.43 -5.35
C PHE JA 259 -11.75 -22.01 -5.92
N ASN JA 260 -12.93 -21.59 -6.35
CA ASN JA 260 -13.08 -20.34 -7.08
C ASN JA 260 -14.35 -19.64 -6.60
N ALA JA 261 -14.77 -18.63 -7.36
CA ALA JA 261 -15.96 -17.85 -7.05
C ALA JA 261 -16.74 -17.64 -8.32
N THR JA 262 -17.76 -16.79 -8.25
CA THR JA 262 -18.53 -16.36 -9.40
C THR JA 262 -18.30 -14.87 -9.61
N MET JA 263 -18.94 -14.32 -10.65
CA MET JA 263 -18.83 -12.90 -10.90
C MET JA 263 -19.46 -12.07 -9.78
N GLU JA 264 -20.45 -12.61 -9.10
CA GLU JA 264 -21.07 -11.93 -7.97
C GLU JA 264 -20.41 -12.27 -6.65
N GLY JA 265 -20.00 -13.54 -6.47
CA GLY JA 265 -19.41 -13.94 -5.21
C GLY JA 265 -18.08 -13.25 -4.94
N ILE JA 266 -17.31 -12.97 -6.00
CA ILE JA 266 -16.06 -12.25 -5.84
C ILE JA 266 -16.29 -10.90 -5.20
N HIS JA 267 -17.36 -10.21 -5.60
CA HIS JA 267 -17.60 -8.89 -5.06
C HIS JA 267 -18.11 -8.95 -3.63
N ARG JA 268 -18.80 -10.02 -3.25
CA ARG JA 268 -19.16 -10.21 -1.85
C ARG JA 268 -17.92 -10.46 -1.00
N TRP JA 269 -17.01 -11.32 -1.48
CA TRP JA 269 -15.75 -11.53 -0.77
C TRP JA 269 -15.01 -10.22 -0.59
N ALA JA 270 -14.91 -9.45 -1.68
CA ALA JA 270 -14.20 -8.17 -1.66
C ALA JA 270 -14.85 -7.20 -0.68
N TRP JA 271 -16.17 -7.09 -0.74
CA TRP JA 271 -16.90 -6.19 0.14
C TRP JA 271 -16.68 -6.56 1.60
N TRP JA 272 -16.71 -7.86 1.92
CA TRP JA 272 -16.59 -8.25 3.31
C TRP JA 272 -15.17 -8.05 3.83
N PHE JA 273 -14.15 -8.38 3.04
CA PHE JA 273 -12.79 -8.08 3.49
C PHE JA 273 -12.56 -6.58 3.65
N ALA JA 274 -13.10 -5.77 2.75
CA ALA JA 274 -12.89 -4.33 2.87
C ALA JA 274 -13.65 -3.73 4.04
N VAL JA 275 -14.84 -4.27 4.34
CA VAL JA 275 -15.64 -3.78 5.46
C VAL JA 275 -15.13 -4.29 6.81
N LEU JA 276 -14.46 -5.44 6.84
CA LEU JA 276 -14.00 -5.99 8.10
C LEU JA 276 -12.72 -5.35 8.63
N THR JA 277 -12.08 -4.46 7.88
CA THR JA 277 -10.89 -3.82 8.44
C THR JA 277 -11.26 -2.73 9.45
N PRO JA 278 -12.13 -1.75 9.12
CA PRO JA 278 -12.42 -0.72 10.11
C PRO JA 278 -13.26 -1.22 11.26
N ILE JA 279 -14.12 -2.22 11.04
CA ILE JA 279 -14.93 -2.77 12.14
C ILE JA 279 -14.03 -3.39 13.20
N THR JA 280 -13.11 -4.27 12.77
CA THR JA 280 -12.23 -4.92 13.71
C THR JA 280 -11.26 -3.92 14.33
N GLY JA 281 -10.77 -2.97 13.54
CA GLY JA 281 -9.92 -1.93 14.11
C GLY JA 281 -10.64 -1.10 15.16
N GLY JA 282 -11.91 -0.77 14.91
CA GLY JA 282 -12.66 -0.02 15.90
C GLY JA 282 -12.90 -0.80 17.17
N ILE JA 283 -13.20 -2.10 17.04
CA ILE JA 283 -13.35 -2.92 18.23
C ILE JA 283 -12.05 -2.96 19.03
N GLY JA 284 -10.93 -3.13 18.35
CA GLY JA 284 -9.66 -3.16 19.03
C GLY JA 284 -9.28 -1.86 19.69
N ILE JA 285 -9.60 -0.74 19.05
CA ILE JA 285 -9.32 0.56 19.65
C ILE JA 285 -10.23 0.82 20.84
N LEU JA 286 -11.50 0.43 20.73
CA LEU JA 286 -12.43 0.59 21.84
C LEU JA 286 -12.02 -0.23 23.06
N LEU JA 287 -11.54 -1.45 22.84
CA LEU JA 287 -11.06 -2.25 23.96
C LEU JA 287 -9.74 -1.76 24.52
N THR JA 288 -9.03 -0.88 23.82
CA THR JA 288 -7.70 -0.44 24.24
C THR JA 288 -7.85 0.73 25.20
N GLY JA 289 -7.40 0.53 26.44
CA GLY JA 289 -7.49 1.57 27.44
C GLY JA 289 -8.70 1.42 28.34
N THR JA 290 -9.82 0.96 27.76
CA THR JA 290 -11.03 0.76 28.54
C THR JA 290 -11.00 -0.56 29.30
N VAL JA 291 -10.67 -1.64 28.61
CA VAL JA 291 -10.66 -2.97 29.23
C VAL JA 291 -9.23 -3.32 29.64
N VAL JA 292 -8.32 -3.35 28.67
CA VAL JA 292 -6.94 -3.73 28.90
C VAL JA 292 -6.04 -2.54 28.59
N ASP JA 293 -5.04 -2.33 29.45
CA ASP JA 293 -4.16 -1.17 29.35
C ASP JA 293 -2.79 -1.48 28.80
N ASN JA 294 -2.27 -2.68 29.01
CA ASN JA 294 -0.98 -3.10 28.46
C ASN JA 294 -1.22 -4.35 27.62
N TRP JA 295 -1.04 -4.23 26.31
CA TRP JA 295 -1.34 -5.34 25.41
C TRP JA 295 -0.28 -6.43 25.48
N PHE JA 296 0.97 -6.09 25.75
CA PHE JA 296 2.00 -7.13 25.86
C PHE JA 296 1.80 -7.97 27.13
N LEU JA 297 1.38 -7.33 28.23
CA LEU JA 297 1.04 -8.11 29.42
C LEU JA 297 -0.15 -9.03 29.13
N TRP JA 298 -1.12 -8.53 28.38
CA TRP JA 298 -2.25 -9.38 27.99
C TRP JA 298 -1.79 -10.56 27.15
N ALA JA 299 -0.83 -10.32 26.26
CA ALA JA 299 -0.33 -11.39 25.40
C ALA JA 299 0.42 -12.44 26.21
N VAL JA 300 1.35 -12.00 27.07
CA VAL JA 300 2.10 -12.95 27.88
C VAL JA 300 1.20 -13.65 28.90
N GLU JA 301 0.07 -13.03 29.25
CA GLU JA 301 -0.88 -13.68 30.14
C GLU JA 301 -1.64 -14.79 29.41
N HIS JA 302 -1.93 -14.59 28.14
CA HIS JA 302 -2.66 -15.57 27.33
C HIS JA 302 -1.73 -16.48 26.55
N ASN JA 303 -0.42 -16.38 26.76
CA ASN JA 303 0.55 -17.33 26.23
C ASN JA 303 0.60 -17.31 24.71
N PHE JA 304 0.78 -16.12 24.13
CA PHE JA 304 1.15 -16.02 22.73
C PHE JA 304 2.21 -14.94 22.51
N ALA JA 305 3.02 -14.68 23.52
CA ALA JA 305 4.16 -13.78 23.38
C ALA JA 305 5.44 -14.60 23.27
N PRO JA 306 6.20 -14.47 22.19
CA PRO JA 306 7.40 -15.30 22.03
C PRO JA 306 8.43 -15.00 23.10
N ASP JA 307 9.22 -16.02 23.44
CA ASP JA 307 10.28 -15.90 24.43
C ASP JA 307 11.62 -16.12 23.74
N TYR JA 308 12.64 -15.35 24.16
CA TYR JA 308 13.97 -15.42 23.58
C TYR JA 308 14.97 -15.81 24.66
N THR JA 309 15.98 -16.58 24.24
CA THR JA 309 16.96 -17.14 25.16
C THR JA 309 18.38 -16.63 24.91
N GLN JA 310 18.52 -15.51 24.20
CA GLN JA 310 19.82 -14.92 23.94
C GLN JA 310 20.00 -13.65 24.75
N ASP JA 311 21.23 -13.14 24.72
CA ASP JA 311 21.56 -11.93 25.46
C ASP JA 311 21.11 -10.68 24.69
N TYR JA 312 21.13 -9.54 25.37
CA TYR JA 312 20.55 -8.32 24.82
C TYR JA 312 21.56 -7.20 24.56
N GLY JA 313 22.78 -7.29 25.07
CA GLY JA 313 23.76 -6.25 24.89
C GLY JA 313 24.66 -6.50 23.69
N TYR JA 314 25.21 -5.41 23.14
CA TYR JA 314 26.17 -5.56 22.05
C TYR JA 314 27.48 -6.19 22.52
N GLU JA 315 27.79 -6.09 23.81
CA GLU JA 315 29.00 -6.72 24.32
C GLU JA 315 28.92 -8.24 24.27
N ALA JA 316 27.74 -8.80 24.09
CA ALA JA 316 27.56 -10.24 23.95
C ALA JA 316 27.68 -10.71 22.51
N TYR JA 317 27.84 -9.81 21.57
CA TYR JA 317 27.97 -10.16 20.16
C TYR JA 317 29.21 -9.58 19.50
N THR JA 318 29.63 -8.38 19.90
CA THR JA 318 30.80 -7.74 19.32
C THR JA 318 31.43 -6.85 20.38
N THR JA 319 32.32 -5.97 19.94
CA THR JA 319 32.96 -5.00 20.81
C THR JA 319 32.91 -3.63 20.15
N TYR JA 320 33.07 -2.58 20.96
CA TYR JA 320 33.06 -1.23 20.42
C TYR JA 320 34.20 -1.00 19.46
N ASP JA 321 35.40 -1.49 19.81
CA ASP JA 321 36.53 -1.37 18.90
C ASP JA 321 36.33 -2.20 17.64
N GLY JA 322 35.76 -3.41 17.79
CA GLY JA 322 35.53 -4.25 16.63
C GLY JA 322 34.54 -3.65 15.66
N PHE JA 323 33.47 -3.05 16.18
CA PHE JA 323 32.49 -2.41 15.30
C PHE JA 323 33.11 -1.24 14.55
N LEU JA 324 33.94 -0.45 15.23
CA LEU JA 324 34.58 0.71 14.60
C LEU JA 324 35.74 0.32 13.69
N GLY JA 325 36.17 -0.93 13.70
CA GLY JA 325 37.27 -1.36 12.86
C GLY JA 325 38.65 -1.06 13.42
N ARG JA 326 38.75 -0.71 14.70
CA ARG JA 326 40.05 -0.41 15.29
C ARG JA 326 40.33 -1.32 16.48
N ALA KA 2 -14.02 -32.89 -8.23
CA ALA KA 2 -14.43 -33.31 -9.56
C ALA KA 2 -14.38 -32.14 -10.54
N LEU KA 3 -15.34 -32.09 -11.46
CA LEU KA 3 -15.40 -31.08 -12.49
C LEU KA 3 -16.68 -30.27 -12.36
N LEU KA 4 -16.59 -28.98 -12.70
CA LEU KA 4 -17.76 -28.14 -12.73
C LEU KA 4 -18.64 -28.50 -13.93
N SER KA 5 -19.78 -27.82 -14.04
CA SER KA 5 -20.68 -28.08 -15.15
C SER KA 5 -20.09 -27.68 -16.49
N PHE KA 6 -19.12 -26.77 -16.50
CA PHE KA 6 -18.55 -26.25 -17.73
C PHE KA 6 -17.04 -26.50 -17.84
N GLU KA 7 -16.45 -27.24 -16.90
CA GLU KA 7 -15.01 -27.41 -16.86
C GLU KA 7 -14.49 -28.39 -17.90
N ARG KA 8 -15.32 -29.34 -18.35
CA ARG KA 8 -14.81 -30.44 -19.17
C ARG KA 8 -14.21 -29.95 -20.47
N LYS KA 9 -14.87 -28.99 -21.13
CA LYS KA 9 -14.37 -28.55 -22.43
C LYS KA 9 -13.02 -27.86 -22.31
N TYR KA 10 -12.82 -27.06 -21.26
CA TYR KA 10 -11.59 -26.30 -21.12
C TYR KA 10 -10.38 -27.17 -20.80
N ARG KA 11 -10.58 -28.40 -20.34
CA ARG KA 11 -9.48 -29.28 -19.97
C ARG KA 11 -8.94 -29.93 -21.24
N VAL KA 12 -7.94 -29.29 -21.84
CA VAL KA 12 -7.33 -29.78 -23.07
C VAL KA 12 -5.84 -29.94 -22.86
N ARG KA 13 -5.22 -30.72 -23.74
CA ARG KA 13 -3.80 -31.00 -23.66
C ARG KA 13 -3.00 -29.80 -24.19
N GLY KA 14 -1.80 -29.65 -23.64
CA GLY KA 14 -0.88 -28.63 -24.09
C GLY KA 14 -0.83 -27.44 -23.16
N GLY KA 15 -0.09 -26.42 -23.59
CA GLY KA 15 0.06 -25.20 -22.84
C GLY KA 15 1.18 -25.19 -21.82
N THR KA 16 1.92 -26.29 -21.68
CA THR KA 16 2.99 -26.34 -20.70
C THR KA 16 4.18 -25.51 -21.16
N LEU KA 17 5.06 -25.21 -20.21
CA LEU KA 17 6.29 -24.47 -20.48
C LEU KA 17 7.47 -25.41 -20.72
N ILE KA 18 7.74 -26.30 -19.76
CA ILE KA 18 8.83 -27.27 -19.90
C ILE KA 18 8.41 -28.70 -19.65
N GLY KA 19 7.33 -28.97 -18.91
CA GLY KA 19 6.98 -30.34 -18.60
C GLY KA 19 6.52 -31.12 -19.82
N GLY KA 20 5.74 -30.49 -20.69
CA GLY KA 20 5.18 -31.20 -21.81
C GLY KA 20 4.10 -32.17 -21.37
N ASP KA 21 3.94 -33.23 -22.15
CA ASP KA 21 2.95 -34.26 -21.87
C ASP KA 21 3.35 -35.13 -20.68
N LEU KA 22 4.50 -34.86 -20.06
CA LEU KA 22 4.97 -35.70 -18.96
C LEU KA 22 3.98 -35.70 -17.81
N PHE KA 23 3.74 -34.53 -17.21
CA PHE KA 23 2.85 -34.50 -16.05
C PHE KA 23 1.44 -34.15 -16.52
N ASP KA 24 1.23 -32.89 -16.93
CA ASP KA 24 0.03 -32.43 -17.65
C ASP KA 24 -1.24 -33.17 -17.23
N PHE KA 25 -1.44 -33.30 -15.92
CA PHE KA 25 -2.66 -33.91 -15.42
C PHE KA 25 -3.22 -33.08 -14.27
N TRP KA 26 -4.41 -33.45 -13.82
CA TRP KA 26 -5.10 -32.80 -12.72
C TRP KA 26 -5.23 -33.78 -11.56
N VAL KA 27 -4.90 -33.31 -10.36
CA VAL KA 27 -5.16 -34.05 -9.13
C VAL KA 27 -6.29 -33.33 -8.42
N GLY KA 28 -7.47 -33.93 -8.41
CA GLY KA 28 -8.64 -33.26 -7.92
C GLY KA 28 -8.97 -32.03 -8.74
N PRO KA 29 -9.08 -30.89 -8.08
CA PRO KA 29 -9.28 -29.64 -8.82
C PRO KA 29 -7.97 -29.02 -9.28
N PHE KA 30 -6.88 -29.37 -8.61
CA PHE KA 30 -5.59 -28.76 -8.88
C PHE KA 30 -5.02 -29.24 -10.20
N TYR KA 31 -4.17 -28.40 -10.79
CA TYR KA 31 -3.44 -28.73 -12.01
C TYR KA 31 -1.98 -28.98 -11.66
N VAL KA 32 -1.45 -30.12 -12.07
CA VAL KA 32 -0.10 -30.54 -11.69
C VAL KA 32 0.74 -30.51 -12.96
N GLY KA 33 1.43 -29.39 -13.20
CA GLY KA 33 2.39 -29.28 -14.26
C GLY KA 33 3.77 -29.67 -13.77
N PHE KA 34 4.79 -29.30 -14.55
CA PHE KA 34 6.15 -29.48 -14.09
C PHE KA 34 6.41 -28.66 -12.84
N PHE KA 35 5.93 -27.41 -12.82
CA PHE KA 35 6.14 -26.54 -11.67
C PHE KA 35 5.20 -26.86 -10.52
N GLY KA 36 4.12 -27.59 -10.76
CA GLY KA 36 3.33 -28.10 -9.66
C GLY KA 36 4.09 -29.12 -8.83
N VAL KA 37 4.87 -29.96 -9.50
CA VAL KA 37 5.70 -30.94 -8.81
C VAL KA 37 6.73 -30.24 -7.92
N THR KA 38 7.45 -29.28 -8.48
CA THR KA 38 8.45 -28.54 -7.71
C THR KA 38 7.79 -27.74 -6.59
N THR KA 39 6.61 -27.17 -6.87
CA THR KA 39 5.88 -26.45 -5.82
C THR KA 39 5.55 -27.37 -4.66
N ALA KA 40 5.00 -28.56 -4.95
CA ALA KA 40 4.66 -29.50 -3.90
C ALA KA 40 5.91 -29.91 -3.12
N PHE KA 41 6.99 -30.22 -3.83
CA PHE KA 41 8.21 -30.66 -3.17
C PHE KA 41 8.75 -29.58 -2.24
N PHE KA 42 8.91 -28.35 -2.76
CA PHE KA 42 9.49 -27.29 -1.95
C PHE KA 42 8.59 -26.92 -0.78
N ALA KA 43 7.28 -26.82 -1.01
CA ALA KA 43 6.36 -26.45 0.06
C ALA KA 43 6.35 -27.50 1.16
N LEU KA 44 6.29 -28.78 0.78
CA LEU KA 44 6.28 -29.84 1.77
C LEU KA 44 7.59 -29.89 2.54
N LEU KA 45 8.72 -29.73 1.84
CA LEU KA 45 10.00 -29.74 2.53
C LEU KA 45 10.12 -28.58 3.50
N GLY KA 46 9.69 -27.39 3.08
CA GLY KA 46 9.73 -26.25 3.98
C GLY KA 46 8.84 -26.42 5.19
N THR KA 47 7.64 -26.95 4.99
CA THR KA 47 6.74 -27.17 6.12
C THR KA 47 7.31 -28.20 7.10
N ILE KA 48 7.86 -29.30 6.57
CA ILE KA 48 8.40 -30.33 7.44
C ILE KA 48 9.62 -29.80 8.18
N LEU KA 49 10.44 -28.98 7.52
CA LEU KA 49 11.60 -28.41 8.20
C LEU KA 49 11.18 -27.41 9.28
N ILE KA 50 10.12 -26.64 9.01
CA ILE KA 50 9.59 -25.72 10.03
C ILE KA 50 9.14 -26.51 11.25
N PHE KA 51 8.43 -27.61 11.03
CA PHE KA 51 7.95 -28.39 12.17
C PHE KA 51 9.07 -29.14 12.87
N TRP KA 52 10.12 -29.54 12.13
CA TRP KA 52 11.29 -30.13 12.77
C TRP KA 52 12.00 -29.11 13.66
N GLY KA 53 12.16 -27.88 13.17
CA GLY KA 53 12.74 -26.83 14.00
C GLY KA 53 11.89 -26.52 15.21
N ALA KA 54 10.57 -26.52 15.04
CA ALA KA 54 9.67 -26.35 16.18
C ALA KA 54 9.83 -27.49 17.18
N SER KA 55 10.01 -28.71 16.69
CA SER KA 55 10.25 -29.85 17.57
C SER KA 55 11.52 -29.66 18.37
N GLN KA 56 12.60 -29.23 17.73
CA GLN KA 56 13.85 -29.01 18.45
C GLN KA 56 13.80 -27.75 19.28
N GLN KA 57 12.98 -26.78 18.89
CA GLN KA 57 12.81 -25.57 19.71
C GLN KA 57 12.21 -25.91 21.05
N GLY KA 58 11.21 -26.78 21.08
CA GLY KA 58 10.60 -27.21 22.32
C GLY KA 58 9.10 -27.09 22.37
N THR KA 59 8.54 -26.20 21.54
CA THR KA 59 7.12 -25.93 21.54
C THR KA 59 6.55 -26.13 20.15
N PHE KA 60 5.38 -26.77 20.08
CA PHE KA 60 4.62 -26.90 18.84
C PHE KA 60 3.50 -25.88 18.76
N ASN KA 61 3.42 -24.96 19.72
CA ASN KA 61 2.36 -23.96 19.73
C ASN KA 61 2.52 -23.04 18.52
N PRO KA 62 1.52 -22.91 17.65
CA PRO KA 62 1.69 -22.09 16.45
C PRO KA 62 2.02 -20.64 16.75
N TRP KA 63 1.58 -20.10 17.88
CA TRP KA 63 1.93 -18.73 18.23
C TRP KA 63 3.40 -18.62 18.61
N LEU KA 64 3.94 -19.64 19.26
CA LEU KA 64 5.27 -19.58 19.86
C LEU KA 64 6.37 -20.16 18.97
N ILE KA 65 6.03 -20.75 17.83
CA ILE KA 65 7.06 -21.31 16.95
C ILE KA 65 7.88 -20.16 16.36
N ASN KA 66 9.20 -20.29 16.43
CA ASN KA 66 10.09 -19.22 16.00
C ASN KA 66 11.33 -19.85 15.36
N ILE KA 67 11.44 -19.75 14.04
CA ILE KA 67 12.63 -20.15 13.31
C ILE KA 67 13.37 -18.88 12.94
N ALA KA 68 14.55 -18.66 13.53
CA ALA KA 68 15.20 -17.38 13.42
C ALA KA 68 16.44 -17.46 12.53
N PRO KA 69 16.78 -16.37 11.84
CA PRO KA 69 17.99 -16.36 11.02
C PRO KA 69 19.23 -16.37 11.89
N PRO KA 70 20.41 -16.62 11.31
CA PRO KA 70 21.63 -16.66 12.13
C PRO KA 70 22.04 -15.30 12.68
N ASP KA 71 23.08 -15.28 13.50
CA ASP KA 71 23.60 -14.04 14.03
C ASP KA 71 24.23 -13.20 12.91
N LEU KA 72 24.41 -11.91 13.19
CA LEU KA 72 25.07 -11.05 12.23
C LEU KA 72 26.55 -11.37 12.07
N SER KA 73 27.13 -12.12 13.03
CA SER KA 73 28.54 -12.47 12.94
C SER KA 73 28.81 -13.45 11.81
N TYR KA 74 27.85 -14.32 11.50
CA TYR KA 74 28.06 -15.33 10.47
C TYR KA 74 28.17 -14.74 9.07
N GLY KA 75 27.76 -13.48 8.90
CA GLY KA 75 27.88 -12.85 7.59
C GLY KA 75 27.00 -13.51 6.55
N LEU KA 76 27.48 -13.48 5.30
CA LEU KA 76 26.73 -14.08 4.20
C LEU KA 76 26.89 -15.59 4.14
N GLY KA 77 27.76 -16.18 4.95
CA GLY KA 77 28.01 -17.59 4.88
C GLY KA 77 26.91 -18.43 5.51
N MET KA 78 27.01 -19.73 5.29
CA MET KA 78 26.05 -20.66 5.89
C MET KA 78 26.31 -20.80 7.38
N ALA KA 79 25.25 -21.04 8.13
CA ALA KA 79 25.29 -21.18 9.57
C ALA KA 79 24.89 -22.59 9.98
N PRO KA 80 25.27 -23.02 11.19
CA PRO KA 80 24.81 -24.33 11.67
C PRO KA 80 23.30 -24.40 11.69
N LEU KA 81 22.76 -25.57 11.35
CA LEU KA 81 21.33 -25.69 11.09
C LEU KA 81 20.48 -25.38 12.31
N MET KA 82 21.02 -25.53 13.52
CA MET KA 82 20.30 -25.17 14.74
C MET KA 82 20.71 -23.80 15.28
N GLU KA 83 21.48 -23.04 14.52
CA GLU KA 83 21.85 -21.68 14.89
C GLU KA 83 21.53 -20.71 13.78
N GLY KA 84 20.62 -21.08 12.88
CA GLY KA 84 20.19 -20.22 11.79
C GLY KA 84 20.24 -20.86 10.42
N GLY KA 85 20.90 -22.01 10.25
CA GLY KA 85 20.95 -22.64 8.95
C GLY KA 85 19.60 -23.15 8.48
N LEU KA 86 18.79 -23.64 9.41
CA LEU KA 86 17.44 -24.09 9.05
C LEU KA 86 16.63 -22.96 8.45
N TRP KA 87 16.78 -21.75 9.00
CA TRP KA 87 16.09 -20.59 8.43
C TRP KA 87 16.53 -20.35 6.98
N GLN KA 88 17.82 -20.48 6.71
CA GLN KA 88 18.32 -20.26 5.35
C GLN KA 88 17.78 -21.31 4.40
N ILE KA 89 17.77 -22.58 4.83
CA ILE KA 89 17.23 -23.64 3.97
C ILE KA 89 15.75 -23.43 3.71
N ILE KA 90 15.00 -23.04 4.74
CA ILE KA 90 13.57 -22.79 4.56
C ILE KA 90 13.35 -21.58 3.65
N THR KA 91 14.24 -20.59 3.72
CA THR KA 91 14.13 -19.44 2.84
C THR KA 91 14.35 -19.84 1.39
N ILE KA 92 15.36 -20.69 1.14
CA ILE KA 92 15.58 -21.18 -0.22
C ILE KA 92 14.37 -21.95 -0.71
N CYS KA 93 13.82 -22.83 0.15
CA CYS KA 93 12.65 -23.60 -0.23
C CYS KA 93 11.45 -22.71 -0.52
N ALA KA 94 11.25 -21.67 0.29
CA ALA KA 94 10.12 -20.77 0.09
C ALA KA 94 10.28 -19.98 -1.20
N ILE KA 95 11.49 -19.51 -1.50
CA ILE KA 95 11.71 -18.80 -2.76
C ILE KA 95 11.43 -19.71 -3.94
N GLY KA 96 11.93 -20.94 -3.88
CA GLY KA 96 11.63 -21.90 -4.94
C GLY KA 96 10.17 -22.19 -5.09
N ALA KA 97 9.45 -22.38 -3.99
CA ALA KA 97 8.02 -22.64 -4.04
C ALA KA 97 7.25 -21.45 -4.62
N PHE KA 98 7.61 -20.23 -4.24
CA PHE KA 98 6.91 -19.05 -4.76
C PHE KA 98 7.16 -18.90 -6.27
N VAL KA 99 8.41 -19.05 -6.70
CA VAL KA 99 8.72 -18.92 -8.11
C VAL KA 99 8.01 -20.01 -8.92
N SER KA 100 8.02 -21.24 -8.41
CA SER KA 100 7.35 -22.33 -9.11
C SER KA 100 5.84 -22.12 -9.14
N TRP KA 101 5.28 -21.55 -8.07
CA TRP KA 101 3.85 -21.25 -8.07
C TRP KA 101 3.51 -20.21 -9.12
N ALA KA 102 4.34 -19.17 -9.25
CA ALA KA 102 4.10 -18.18 -10.29
C ALA KA 102 4.21 -18.79 -11.68
N LEU KA 103 5.19 -19.67 -11.88
CA LEU KA 103 5.34 -20.31 -13.19
C LEU KA 103 4.20 -21.27 -13.48
N ARG KA 104 3.67 -21.94 -12.46
CA ARG KA 104 2.49 -22.79 -12.64
C ARG KA 104 1.27 -21.94 -13.01
N GLU KA 105 1.15 -20.76 -12.40
CA GLU KA 105 0.09 -19.85 -12.80
C GLU KA 105 0.26 -19.42 -14.25
N VAL KA 106 1.51 -19.21 -14.69
CA VAL KA 106 1.76 -18.91 -16.09
C VAL KA 106 1.29 -20.06 -16.98
N GLU KA 107 1.60 -21.29 -16.60
CA GLU KA 107 1.18 -22.44 -17.38
C GLU KA 107 -0.34 -22.54 -17.46
N ILE KA 108 -1.03 -22.31 -16.34
CA ILE KA 108 -2.49 -22.38 -16.34
C ILE KA 108 -3.08 -21.28 -17.22
N CYS KA 109 -2.52 -20.07 -17.14
CA CYS KA 109 -2.99 -18.97 -17.98
C CYS KA 109 -2.79 -19.30 -19.45
N ARG KA 110 -1.64 -19.88 -19.80
CA ARG KA 110 -1.38 -20.25 -21.18
C ARG KA 110 -2.34 -21.34 -21.65
N LYS KA 111 -2.64 -22.31 -20.79
CA LYS KA 111 -3.58 -23.36 -21.16
C LYS KA 111 -4.99 -22.80 -21.37
N LEU KA 112 -5.40 -21.84 -20.55
CA LEU KA 112 -6.71 -21.23 -20.70
C LEU KA 112 -6.73 -20.12 -21.75
N GLY KA 113 -5.59 -19.80 -22.35
CA GLY KA 113 -5.55 -18.82 -23.42
C GLY KA 113 -5.89 -17.41 -23.01
N MET KA 114 -5.35 -16.94 -21.89
CA MET KA 114 -5.59 -15.57 -21.47
C MET KA 114 -4.31 -14.89 -21.00
N GLY KA 115 -4.43 -13.68 -20.45
CA GLY KA 115 -3.26 -12.90 -20.10
C GLY KA 115 -2.54 -13.43 -18.87
N TYR KA 116 -1.38 -12.83 -18.61
CA TYR KA 116 -0.51 -13.21 -17.50
C TYR KA 116 -0.48 -12.14 -16.42
N HIS KA 117 -1.58 -11.38 -16.29
CA HIS KA 117 -1.63 -10.33 -15.29
C HIS KA 117 -1.56 -10.91 -13.88
N VAL KA 118 -2.22 -12.05 -13.65
CA VAL KA 118 -2.18 -12.66 -12.32
C VAL KA 118 -0.76 -13.12 -11.96
N PRO KA 119 -0.03 -13.87 -12.79
CA PRO KA 119 1.36 -14.18 -12.42
C PRO KA 119 2.25 -12.96 -12.32
N PHE KA 120 2.02 -11.91 -13.12
CA PHE KA 120 2.83 -10.71 -12.98
C PHE KA 120 2.58 -10.04 -11.62
N ALA KA 121 1.31 -9.93 -11.22
CA ALA KA 121 0.98 -9.34 -9.93
C ALA KA 121 1.54 -10.18 -8.78
N PHE KA 122 1.49 -11.51 -8.91
CA PHE KA 122 2.11 -12.35 -7.89
C PHE KA 122 3.61 -12.18 -7.88
N SER KA 123 4.24 -11.97 -9.03
CA SER KA 123 5.68 -11.74 -9.07
C SER KA 123 6.03 -10.44 -8.37
N VAL KA 124 5.14 -9.45 -8.42
CA VAL KA 124 5.39 -8.23 -7.66
C VAL KA 124 5.49 -8.52 -6.16
N ALA KA 125 4.56 -9.33 -5.64
CA ALA KA 125 4.61 -9.70 -4.22
C ALA KA 125 5.83 -10.56 -3.92
N ILE KA 126 6.20 -11.45 -4.86
CA ILE KA 126 7.40 -12.25 -4.69
C ILE KA 126 8.63 -11.35 -4.59
N PHE KA 127 8.67 -10.30 -5.42
CA PHE KA 127 9.77 -9.34 -5.35
C PHE KA 127 9.77 -8.60 -4.03
N ALA KA 128 8.59 -8.26 -3.52
CA ALA KA 128 8.51 -7.60 -2.22
C ALA KA 128 9.00 -8.51 -1.11
N TYR KA 129 8.80 -9.81 -1.24
CA TYR KA 129 9.32 -10.74 -0.23
C TYR KA 129 10.82 -10.96 -0.40
N VAL KA 130 11.29 -11.02 -1.65
CA VAL KA 130 12.71 -11.18 -1.92
C VAL KA 130 13.51 -10.01 -1.39
N THR KA 131 13.06 -8.79 -1.66
CA THR KA 131 13.75 -7.61 -1.16
C THR KA 131 13.72 -7.52 0.36
N LEU KA 132 12.87 -8.31 1.00
CA LEU KA 132 12.79 -8.39 2.46
C LEU KA 132 13.69 -9.46 3.03
N VAL KA 133 13.85 -10.59 2.34
CA VAL KA 133 14.48 -11.75 2.96
C VAL KA 133 15.91 -11.96 2.47
N VAL KA 134 16.22 -11.56 1.23
CA VAL KA 134 17.57 -11.79 0.71
C VAL KA 134 18.23 -10.50 0.21
N PHE KA 135 17.51 -9.67 -0.55
CA PHE KA 135 18.13 -8.50 -1.15
C PHE KA 135 18.65 -7.54 -0.09
N ARG KA 136 17.80 -7.16 0.85
CA ARG KA 136 18.24 -6.27 1.93
C ARG KA 136 19.32 -6.89 2.79
N PRO KA 137 19.25 -8.16 3.20
CA PRO KA 137 20.41 -8.78 3.88
C PRO KA 137 21.69 -8.73 3.05
N LEU KA 138 21.60 -8.91 1.74
CA LEU KA 138 22.79 -8.81 0.91
C LEU KA 138 23.42 -7.43 0.99
N LEU KA 139 22.61 -6.39 0.90
CA LEU KA 139 23.13 -5.02 0.97
C LEU KA 139 23.68 -4.71 2.36
N MET KA 140 23.02 -5.21 3.40
CA MET KA 140 23.46 -4.95 4.76
C MET KA 140 24.52 -5.92 5.25
N GLY KA 141 24.84 -6.95 4.47
CA GLY KA 141 26.02 -7.76 4.72
C GLY KA 141 25.86 -8.91 5.70
N ALA KA 142 24.63 -9.33 5.99
CA ALA KA 142 24.43 -10.47 6.88
C ALA KA 142 23.05 -11.05 6.64
N TRP KA 143 22.94 -12.37 6.83
CA TRP KA 143 21.67 -13.07 6.68
C TRP KA 143 20.76 -12.91 7.90
N GLY KA 144 21.25 -12.31 8.98
CA GLY KA 144 20.43 -12.11 10.15
C GLY KA 144 19.50 -10.93 10.09
N HIS KA 145 19.47 -10.22 8.97
CA HIS KA 145 18.59 -9.07 8.79
C HIS KA 145 17.25 -9.44 8.19
N GLY KA 146 16.99 -10.71 7.96
CA GLY KA 146 15.70 -11.18 7.50
C GLY KA 146 14.79 -11.51 8.67
N PHE KA 147 13.49 -11.35 8.46
CA PHE KA 147 12.54 -11.59 9.54
C PHE KA 147 12.46 -13.07 9.87
N PRO KA 148 12.27 -13.44 11.13
CA PRO KA 148 12.14 -14.85 11.49
C PRO KA 148 10.81 -15.42 11.03
N TYR KA 149 10.76 -16.73 10.94
CA TYR KA 149 9.56 -17.43 10.47
C TYR KA 149 8.71 -17.86 11.67
N GLY KA 150 8.12 -16.87 12.30
CA GLY KA 150 7.19 -17.10 13.39
C GLY KA 150 5.98 -16.20 13.25
N ILE KA 151 4.85 -16.68 13.77
CA ILE KA 151 3.61 -15.92 13.63
C ILE KA 151 3.68 -14.61 14.38
N TRP KA 152 4.19 -14.64 15.61
CA TRP KA 152 4.35 -13.45 16.41
C TRP KA 152 5.78 -12.95 16.51
N SER KA 153 6.76 -13.75 16.08
CA SER KA 153 8.15 -13.30 16.11
C SER KA 153 8.43 -12.30 15.00
N HIS KA 154 7.84 -12.50 13.81
CA HIS KA 154 8.08 -11.57 12.72
C HIS KA 154 7.43 -10.22 13.00
N LEU KA 155 6.40 -10.18 13.84
CA LEU KA 155 5.90 -8.90 14.33
C LEU KA 155 6.94 -8.20 15.20
N ASP KA 156 7.63 -8.95 16.05
CA ASP KA 156 8.71 -8.35 16.84
C ASP KA 156 9.82 -7.83 15.94
N TRP KA 157 10.16 -8.58 14.88
CA TRP KA 157 11.15 -8.09 13.92
C TRP KA 157 10.69 -6.81 13.27
N VAL KA 158 9.42 -6.74 12.86
CA VAL KA 158 8.90 -5.53 12.22
C VAL KA 158 8.98 -4.36 13.18
N SER KA 159 8.57 -4.56 14.44
CA SER KA 159 8.59 -3.47 15.41
C SER KA 159 10.01 -2.98 15.66
N ASN KA 160 10.96 -3.90 15.85
CA ASN KA 160 12.34 -3.51 16.11
C ASN KA 160 12.95 -2.81 14.91
N THR KA 161 12.70 -3.30 13.70
CA THR KA 161 13.23 -2.66 12.51
C THR KA 161 12.62 -1.27 12.33
N GLY KA 162 11.33 -1.11 12.62
CA GLY KA 162 10.73 0.20 12.52
C GLY KA 162 11.28 1.18 13.53
N TYR KA 163 11.50 0.73 14.75
CA TYR KA 163 12.04 1.61 15.78
C TYR KA 163 13.55 1.75 15.72
N ALA KA 164 14.22 1.01 14.83
CA ALA KA 164 15.64 1.22 14.60
C ALA KA 164 15.95 2.54 13.91
N TYR KA 165 14.92 3.27 13.47
CA TYR KA 165 15.10 4.56 12.82
C TYR KA 165 14.34 5.66 13.54
N LEU KA 166 13.97 5.39 14.79
CA LEU KA 166 13.51 6.33 15.82
C LEU KA 166 12.11 6.86 15.57
N HIS KA 167 11.63 6.76 14.33
CA HIS KA 167 10.24 6.97 13.99
C HIS KA 167 10.07 6.53 12.55
N PHE KA 168 9.36 5.45 12.31
CA PHE KA 168 9.39 4.91 10.96
C PHE KA 168 8.24 5.44 10.11
N HIS KA 169 7.34 6.22 10.73
CA HIS KA 169 6.26 6.88 10.01
C HIS KA 169 6.78 8.02 9.13
N TYR KA 170 7.91 8.62 9.49
CA TYR KA 170 8.48 9.72 8.72
C TYR KA 170 9.23 9.24 7.49
N ASN KA 171 9.26 7.95 7.24
CA ASN KA 171 9.85 7.42 6.02
C ASN KA 171 8.95 7.79 4.84
N PRO KA 172 9.41 8.60 3.88
CA PRO KA 172 8.50 9.01 2.79
C PRO KA 172 7.98 7.84 1.97
N ALA KA 173 8.80 6.83 1.73
CA ALA KA 173 8.34 5.67 0.97
C ALA KA 173 7.33 4.86 1.79
N HIS KA 174 7.50 4.80 3.11
CA HIS KA 174 6.46 4.22 3.96
C HIS KA 174 5.17 5.01 3.88
N MET KA 175 5.28 6.34 3.86
CA MET KA 175 4.11 7.20 3.69
C MET KA 175 3.35 6.84 2.41
N ILE KA 176 4.07 6.77 1.29
CA ILE KA 176 3.47 6.49 0.00
C ILE KA 176 2.88 5.09 -0.05
N ALA KA 177 3.60 4.11 0.50
CA ALA KA 177 3.08 2.75 0.50
C ALA KA 177 1.81 2.63 1.33
N VAL KA 178 1.77 3.30 2.49
CA VAL KA 178 0.58 3.23 3.33
C VAL KA 178 -0.59 3.92 2.64
N THR KA 179 -0.34 5.05 1.96
CA THR KA 179 -1.46 5.70 1.31
C THR KA 179 -2.01 4.84 0.17
N PHE KA 180 -1.15 4.14 -0.58
CA PHE KA 180 -1.69 3.16 -1.55
C PHE KA 180 -2.45 2.04 -0.86
N PHE KA 181 -1.98 1.56 0.30
CA PHE KA 181 -2.72 0.50 0.98
C PHE KA 181 -4.13 0.95 1.34
N PHE KA 182 -4.24 2.11 1.99
CA PHE KA 182 -5.54 2.58 2.46
C PHE KA 182 -6.45 2.93 1.28
N THR KA 183 -5.88 3.50 0.21
CA THR KA 183 -6.65 3.83 -0.99
C THR KA 183 -7.08 2.58 -1.74
N THR KA 184 -6.23 1.56 -1.78
CA THR KA 184 -6.61 0.30 -2.41
C THR KA 184 -7.77 -0.35 -1.67
N THR KA 185 -7.73 -0.30 -0.33
CA THR KA 185 -8.86 -0.85 0.42
C THR KA 185 -10.12 -0.03 0.19
N LEU KA 186 -10.00 1.30 0.12
CA LEU KA 186 -11.15 2.14 -0.22
C LEU KA 186 -11.72 1.78 -1.58
N ALA KA 187 -10.85 1.61 -2.58
CA ALA KA 187 -11.31 1.29 -3.92
C ALA KA 187 -11.97 -0.08 -3.96
N LEU KA 188 -11.41 -1.06 -3.26
CA LEU KA 188 -12.04 -2.37 -3.18
C LEU KA 188 -13.43 -2.27 -2.57
N ALA KA 189 -13.55 -1.56 -1.46
CA ALA KA 189 -14.86 -1.43 -0.82
C ALA KA 189 -15.86 -0.78 -1.76
N LEU KA 190 -15.47 0.32 -2.41
CA LEU KA 190 -16.40 1.04 -3.26
C LEU KA 190 -16.80 0.23 -4.48
N HIS KA 191 -15.83 -0.45 -5.12
CA HIS KA 191 -16.15 -1.23 -6.31
C HIS KA 191 -17.04 -2.42 -5.98
N GLY KA 192 -16.70 -3.16 -4.93
CA GLY KA 192 -17.54 -4.28 -4.53
C GLY KA 192 -18.94 -3.84 -4.15
N ALA KA 193 -19.04 -2.73 -3.40
CA ALA KA 193 -20.34 -2.22 -3.01
C ALA KA 193 -21.15 -1.78 -4.23
N LEU KA 194 -20.50 -1.13 -5.19
CA LEU KA 194 -21.22 -0.67 -6.38
C LEU KA 194 -21.76 -1.84 -7.19
N VAL KA 195 -20.92 -2.85 -7.43
CA VAL KA 195 -21.37 -4.00 -8.20
C VAL KA 195 -22.48 -4.74 -7.46
N LEU KA 196 -22.33 -4.92 -6.15
CA LEU KA 196 -23.35 -5.62 -5.37
C LEU KA 196 -24.66 -4.84 -5.37
N SER KA 197 -24.59 -3.52 -5.27
CA SER KA 197 -25.80 -2.71 -5.29
C SER KA 197 -26.50 -2.79 -6.65
N ALA KA 198 -25.72 -2.77 -7.73
CA ALA KA 198 -26.33 -2.88 -9.05
C ALA KA 198 -26.98 -4.24 -9.25
N ALA KA 199 -26.33 -5.32 -8.80
CA ALA KA 199 -26.85 -6.65 -9.04
C ALA KA 199 -27.89 -7.08 -8.01
N ASN KA 200 -28.01 -6.37 -6.89
CA ASN KA 200 -28.95 -6.72 -5.81
C ASN KA 200 -29.74 -5.49 -5.42
N PRO KA 201 -30.69 -5.08 -6.25
CA PRO KA 201 -31.53 -3.93 -5.91
C PRO KA 201 -32.52 -4.30 -4.80
N PRO KA 202 -33.26 -3.33 -4.27
CA PRO KA 202 -34.28 -3.67 -3.27
C PRO KA 202 -35.32 -4.63 -3.85
N LYS KA 203 -35.90 -5.43 -2.96
CA LYS KA 203 -36.81 -6.49 -3.39
C LYS KA 203 -37.95 -5.93 -4.22
N GLY KA 204 -38.25 -6.60 -5.33
CA GLY KA 204 -39.26 -6.16 -6.24
C GLY KA 204 -38.80 -5.20 -7.31
N GLU KA 205 -37.50 -4.95 -7.44
CA GLU KA 205 -36.96 -4.02 -8.41
C GLU KA 205 -36.05 -4.75 -9.38
N GLU KA 206 -36.04 -4.27 -10.62
CA GLU KA 206 -35.20 -4.87 -11.65
C GLU KA 206 -33.73 -4.58 -11.39
N VAL KA 207 -32.86 -5.47 -11.88
CA VAL KA 207 -31.43 -5.26 -11.75
C VAL KA 207 -31.00 -4.07 -12.60
N LYS KA 208 -29.80 -3.58 -12.33
CA LYS KA 208 -29.26 -2.39 -12.97
C LYS KA 208 -28.06 -2.73 -13.82
N GLY KA 209 -27.88 -1.97 -14.89
CA GLY KA 209 -26.76 -2.16 -15.80
C GLY KA 209 -25.61 -1.23 -15.48
N PRO KA 210 -24.56 -1.26 -16.32
CA PRO KA 210 -23.41 -0.37 -16.08
C PRO KA 210 -23.76 1.10 -16.13
N ASP KA 211 -24.78 1.47 -16.92
CA ASP KA 211 -25.19 2.87 -16.97
C ASP KA 211 -25.64 3.37 -15.60
N ASN KA 212 -26.39 2.55 -14.88
CA ASN KA 212 -26.89 2.98 -13.57
C ASN KA 212 -25.76 3.21 -12.58
N GLU KA 213 -24.76 2.33 -12.56
CA GLU KA 213 -23.67 2.49 -11.60
C GLU KA 213 -22.74 3.64 -11.99
N ASP KA 214 -22.50 3.82 -13.30
CA ASP KA 214 -21.75 4.99 -13.73
C ASP KA 214 -22.47 6.27 -13.34
N THR KA 215 -23.79 6.31 -13.52
CA THR KA 215 -24.56 7.47 -13.10
C THR KA 215 -24.49 7.64 -11.58
N PHE KA 216 -24.48 6.54 -10.84
CA PHE KA 216 -24.46 6.64 -9.39
C PHE KA 216 -23.17 7.28 -8.89
N PHE KA 217 -22.02 6.80 -9.35
CA PHE KA 217 -20.78 7.48 -8.96
C PHE KA 217 -20.55 8.81 -9.66
N ARG KA 218 -21.26 9.13 -10.74
CA ARG KA 218 -21.17 10.49 -11.23
C ARG KA 218 -22.01 11.44 -10.38
N ASP KA 219 -23.10 10.96 -9.81
CA ASP KA 219 -23.89 11.74 -8.87
C ASP KA 219 -23.25 11.79 -7.49
N PHE KA 220 -22.40 10.82 -7.15
CA PHE KA 220 -21.82 10.75 -5.81
C PHE KA 220 -20.62 11.66 -5.67
N ILE KA 221 -19.57 11.42 -6.47
CA ILE KA 221 -18.33 12.18 -6.38
C ILE KA 221 -18.05 12.99 -7.64
N GLY KA 222 -18.96 13.02 -8.59
CA GLY KA 222 -18.80 13.84 -9.77
C GLY KA 222 -17.97 13.23 -10.88
N TYR KA 223 -17.50 11.99 -10.73
CA TYR KA 223 -16.70 11.36 -11.75
C TYR KA 223 -16.70 9.85 -11.53
N SER KA 224 -17.02 9.10 -12.59
CA SER KA 224 -16.97 7.65 -12.58
C SER KA 224 -15.93 7.18 -13.59
N ILE KA 225 -15.05 6.28 -13.15
CA ILE KA 225 -13.91 5.87 -13.98
C ILE KA 225 -14.26 4.74 -14.95
N GLY KA 226 -15.41 4.09 -14.77
CA GLY KA 226 -15.86 3.06 -15.68
C GLY KA 226 -15.60 1.66 -15.14
N THR KA 227 -16.21 0.69 -15.84
CA THR KA 227 -16.07 -0.70 -15.43
C THR KA 227 -14.69 -1.24 -15.75
N LEU KA 228 -14.16 -0.91 -16.94
CA LEU KA 228 -12.82 -1.36 -17.28
C LEU KA 228 -11.75 -0.57 -16.52
N GLY KA 229 -11.93 0.74 -16.42
CA GLY KA 229 -10.89 1.57 -15.81
C GLY KA 229 -10.64 1.25 -14.36
N ILE KA 230 -11.68 0.83 -13.63
CA ILE KA 230 -11.52 0.58 -12.20
C ILE KA 230 -10.58 -0.60 -11.96
N HIS KA 231 -10.64 -1.62 -12.83
CA HIS KA 231 -9.77 -2.77 -12.63
C HIS KA 231 -8.31 -2.42 -12.93
N ARG KA 232 -8.06 -1.66 -14.00
CA ARG KA 232 -6.71 -1.19 -14.27
C ARG KA 232 -6.18 -0.36 -13.10
N VAL KA 233 -7.00 0.59 -12.64
CA VAL KA 233 -6.57 1.47 -11.55
C VAL KA 233 -6.28 0.69 -10.30
N GLY KA 234 -7.13 -0.29 -9.98
CA GLY KA 234 -6.92 -1.07 -8.77
C GLY KA 234 -5.71 -1.97 -8.84
N LEU KA 235 -5.49 -2.63 -9.98
CA LEU KA 235 -4.27 -3.42 -10.14
C LEU KA 235 -3.05 -2.53 -10.01
N LEU KA 236 -3.09 -1.34 -10.61
CA LEU KA 236 -1.97 -0.41 -10.50
C LEU KA 236 -1.75 0.03 -9.05
N LEU KA 237 -2.83 0.29 -8.33
CA LEU KA 237 -2.71 0.72 -6.94
C LEU KA 237 -2.09 -0.37 -6.08
N ALA KA 238 -2.55 -1.62 -6.25
CA ALA KA 238 -2.00 -2.71 -5.45
C ALA KA 238 -0.53 -2.97 -5.79
N LEU KA 239 -0.20 -2.98 -7.09
CA LEU KA 239 1.18 -3.17 -7.49
C LEU KA 239 2.07 -2.06 -6.97
N ASN KA 240 1.57 -0.82 -7.01
CA ASN KA 240 2.32 0.31 -6.46
C ASN KA 240 2.51 0.16 -4.97
N ALA KA 241 1.49 -0.33 -4.26
CA ALA KA 241 1.64 -0.55 -2.82
C ALA KA 241 2.75 -1.55 -2.54
N GLY KA 242 2.76 -2.67 -3.27
CA GLY KA 242 3.83 -3.64 -3.09
C GLY KA 242 5.20 -3.08 -3.43
N PHE KA 243 5.30 -2.38 -4.55
CA PHE KA 243 6.58 -1.83 -4.98
C PHE KA 243 7.11 -0.80 -3.98
N TRP KA 244 6.23 0.07 -3.47
CA TRP KA 244 6.67 1.08 -2.53
C TRP KA 244 6.96 0.50 -1.15
N SER KA 245 6.30 -0.60 -0.78
CA SER KA 245 6.74 -1.31 0.42
C SER KA 245 8.15 -1.85 0.25
N ALA KA 246 8.43 -2.43 -0.92
CA ALA KA 246 9.79 -2.88 -1.21
C ALA KA 246 10.77 -1.72 -1.13
N VAL KA 247 10.40 -0.57 -1.69
CA VAL KA 247 11.28 0.60 -1.69
C VAL KA 247 11.52 1.09 -0.27
N CYS KA 248 10.48 1.17 0.55
CA CYS KA 248 10.67 1.71 1.90
C CYS KA 248 11.50 0.78 2.76
N ILE KA 249 11.39 -0.54 2.54
CA ILE KA 249 12.23 -1.42 3.35
C ILE KA 249 13.64 -1.56 2.79
N ILE KA 250 13.85 -1.28 1.50
CA ILE KA 250 15.19 -1.44 0.93
C ILE KA 250 16.07 -0.23 1.20
N ILE KA 251 15.49 0.92 1.54
CA ILE KA 251 16.30 2.12 1.80
C ILE KA 251 16.55 2.34 3.29
N SER KA 252 15.96 1.53 4.16
CA SER KA 252 16.17 1.66 5.60
C SER KA 252 17.35 0.78 5.99
N GLY KA 253 18.54 1.37 6.00
CA GLY KA 253 19.74 0.67 6.41
C GLY KA 253 20.81 0.57 5.34
N PRO KA 254 20.43 0.21 4.12
CA PRO KA 254 21.41 0.27 3.02
C PRO KA 254 21.62 1.67 2.47
N VAL KA 255 20.59 2.52 2.56
CA VAL KA 255 20.65 3.85 1.96
C VAL KA 255 20.58 4.91 3.05
N TRP KA 256 19.88 4.61 4.14
CA TRP KA 256 19.68 5.57 5.23
C TRP KA 256 19.94 4.86 6.55
N THR KA 257 20.87 5.39 7.33
CA THR KA 257 21.20 4.84 8.64
C THR KA 257 20.77 5.72 9.80
N LYS KA 258 20.52 7.01 9.55
CA LYS KA 258 20.09 7.90 10.62
C LYS KA 258 18.60 7.74 10.87
N GLY KA 259 18.07 8.52 11.81
CA GLY KA 259 16.64 8.51 12.05
C GLY KA 259 15.87 9.07 10.87
N TRP KA 260 14.65 8.58 10.71
CA TRP KA 260 13.85 8.99 9.57
C TRP KA 260 13.29 10.41 9.69
N PRO KA 261 12.95 10.90 10.88
CA PRO KA 261 12.61 12.33 10.99
C PRO KA 261 13.72 13.24 10.52
N GLU KA 262 14.98 12.85 10.71
CA GLU KA 262 16.10 13.67 10.26
C GLU KA 262 16.17 13.78 8.75
N TRP KA 263 15.53 12.86 8.02
CA TRP KA 263 15.57 12.92 6.56
C TRP KA 263 14.93 14.21 6.07
N TRP KA 264 13.83 14.63 6.70
CA TRP KA 264 13.09 15.81 6.28
C TRP KA 264 13.83 17.11 6.56
N ASN KA 265 15.08 17.03 7.00
CA ASN KA 265 15.88 18.23 7.23
C ASN KA 265 16.22 18.95 5.93
N TRP KA 266 16.16 18.27 4.79
CA TRP KA 266 16.40 18.97 3.53
C TRP KA 266 15.34 20.04 3.28
N TRP KA 267 14.10 19.78 3.70
CA TRP KA 267 13.00 20.72 3.54
C TRP KA 267 13.05 21.85 4.55
N LEU KA 268 13.51 21.58 5.77
CA LEU KA 268 13.40 22.56 6.84
C LEU KA 268 14.32 23.76 6.62
N GLU KA 269 15.57 23.54 6.24
CA GLU KA 269 16.49 24.63 5.92
C GLU KA 269 16.81 24.69 4.43
N MET KA 270 15.80 24.49 3.59
CA MET KA 270 15.94 24.81 2.19
C MET KA 270 16.23 26.31 2.06
N PRO KA 271 17.17 26.70 1.20
CA PRO KA 271 17.66 28.09 1.21
C PRO KA 271 16.59 29.14 0.96
N ILE KA 272 15.47 28.77 0.33
CA ILE KA 272 14.43 29.77 0.04
C ILE KA 272 13.80 30.27 1.34
N TRP KA 273 13.68 29.42 2.35
CA TRP KA 273 13.02 29.82 3.59
C TRP KA 273 13.83 30.91 4.28
N PRO KA 274 13.21 32.03 4.67
CA PRO KA 274 13.94 33.05 5.42
C PRO KA 274 14.36 32.55 6.79
N SER KA 275 15.47 33.08 7.28
CA SER KA 275 15.99 32.68 8.57
C SER KA 275 15.14 33.26 9.71
N MET LA 1 -14.30 -2.97 31.73
CA MET LA 1 -14.29 -3.77 32.97
C MET LA 1 -12.91 -4.35 33.24
N GLU LA 2 -12.30 -3.90 34.33
CA GLU LA 2 -11.00 -4.46 34.73
C GLU LA 2 -11.12 -5.89 35.21
N GLU LA 3 -12.24 -6.24 35.84
CA GLU LA 3 -12.42 -7.59 36.35
C GLU LA 3 -12.61 -8.59 35.21
N THR LA 4 -12.19 -9.82 35.46
CA THR LA 4 -12.33 -10.91 34.50
C THR LA 4 -13.48 -11.83 34.89
N PHE LA 5 -14.03 -12.52 33.89
CA PHE LA 5 -15.16 -13.42 34.14
C PHE LA 5 -14.69 -14.70 34.84
N PHE LA 6 -13.80 -15.45 34.20
CA PHE LA 6 -13.23 -16.64 34.80
C PHE LA 6 -11.82 -16.83 34.28
N GLY LA 7 -10.90 -17.16 35.18
CA GLY LA 7 -9.51 -17.33 34.80
C GLY LA 7 -8.91 -16.08 34.19
N ASN LA 8 -8.64 -16.11 32.89
CA ASN LA 8 -8.11 -14.97 32.16
C ASN LA 8 -9.11 -14.42 31.15
N PHE LA 9 -10.38 -14.78 31.29
CA PHE LA 9 -11.40 -14.43 30.31
C PHE LA 9 -12.00 -13.07 30.68
N ASP LA 10 -11.67 -12.05 29.89
CA ASP LA 10 -12.24 -10.72 30.06
C ASP LA 10 -13.12 -10.39 28.86
N LEU LA 11 -13.63 -9.16 28.84
CA LEU LA 11 -14.49 -8.72 27.75
C LEU LA 11 -13.75 -8.73 26.41
N ALA LA 12 -12.46 -8.38 26.43
CA ALA LA 12 -11.67 -8.37 25.19
C ALA LA 12 -11.58 -9.77 24.60
N SER LA 13 -11.42 -10.79 25.46
CA SER LA 13 -11.39 -12.17 24.97
C SER LA 13 -12.76 -12.69 24.60
N LEU LA 14 -13.82 -12.21 25.25
CA LEU LA 14 -15.17 -12.62 24.86
C LEU LA 14 -15.53 -12.11 23.47
N SER LA 15 -15.24 -10.84 23.21
CA SER LA 15 -15.48 -10.28 21.89
C SER LA 15 -14.68 -10.98 20.80
N LEU LA 16 -13.47 -11.45 21.11
CA LEU LA 16 -12.67 -12.20 20.15
C LEU LA 16 -13.32 -13.51 19.75
N TRP LA 17 -13.85 -14.26 20.73
CA TRP LA 17 -14.55 -15.50 20.39
C TRP LA 17 -15.85 -15.23 19.65
N LEU LA 18 -16.53 -14.15 20.02
CA LEU LA 18 -17.73 -13.75 19.26
C LEU LA 18 -17.38 -13.47 17.81
N PHE LA 19 -16.28 -12.77 17.57
CA PHE LA 19 -15.85 -12.51 16.19
C PHE LA 19 -15.41 -13.80 15.50
N TYR LA 20 -14.82 -14.74 16.23
CA TYR LA 20 -14.47 -16.02 15.63
C TYR LA 20 -15.70 -16.74 15.11
N GLY LA 21 -16.76 -16.79 15.93
CA GLY LA 21 -17.99 -17.42 15.48
C GLY LA 21 -18.62 -16.69 14.31
N PHE LA 22 -18.64 -15.35 14.37
CA PHE LA 22 -19.18 -14.57 13.27
C PHE LA 22 -18.40 -14.82 11.99
N PHE LA 23 -17.08 -14.91 12.08
CA PHE LA 23 -16.26 -15.12 10.89
C PHE LA 23 -16.47 -16.52 10.32
N ALA LA 24 -16.65 -17.52 11.18
CA ALA LA 24 -16.97 -18.85 10.67
C ALA LA 24 -18.28 -18.82 9.90
N LEU LA 25 -19.30 -18.18 10.47
CA LEU LA 25 -20.58 -18.08 9.77
C LEU LA 25 -20.44 -17.31 8.46
N LEU LA 26 -19.63 -16.24 8.47
CA LEU LA 26 -19.45 -15.42 7.27
C LEU LA 26 -18.74 -16.20 6.17
N ILE LA 27 -17.72 -16.99 6.53
CA ILE LA 27 -17.04 -17.81 5.55
C ILE LA 27 -18.00 -18.84 4.96
N TYR LA 28 -18.81 -19.46 5.81
CA TYR LA 28 -19.81 -20.40 5.31
C TYR LA 28 -20.74 -19.70 4.32
N TYR LA 29 -21.23 -18.52 4.69
CA TYR LA 29 -22.17 -17.81 3.82
C TYR LA 29 -21.54 -17.44 2.49
N LEU LA 30 -20.30 -16.94 2.52
CA LEU LA 30 -19.64 -16.54 1.28
C LEU LA 30 -19.40 -17.74 0.37
N GLN LA 31 -18.86 -18.82 0.95
CA GLN LA 31 -18.57 -19.99 0.13
C GLN LA 31 -19.84 -20.59 -0.45
N THR LA 32 -20.91 -20.66 0.34
CA THR LA 32 -22.15 -21.20 -0.19
C THR LA 32 -22.81 -20.26 -1.19
N GLU LA 33 -22.52 -18.96 -1.11
CA GLU LA 33 -22.98 -18.04 -2.14
C GLU LA 33 -22.16 -18.12 -3.41
N ASN LA 34 -20.94 -18.66 -3.33
CA ASN LA 34 -20.09 -18.82 -4.50
C ASN LA 34 -20.48 -20.00 -5.38
N MET LA 35 -21.42 -20.84 -4.94
CA MET LA 35 -21.75 -22.08 -5.63
C MET LA 35 -23.06 -21.98 -6.41
N ARG LA 36 -23.31 -20.84 -7.04
CA ARG LA 36 -24.58 -20.61 -7.72
C ARG LA 36 -24.51 -20.84 -9.22
N GLU LA 37 -23.35 -21.18 -9.77
CA GLU LA 37 -23.21 -21.27 -11.23
C GLU LA 37 -22.84 -22.67 -11.72
N GLY LA 38 -21.76 -23.26 -11.20
CA GLY LA 38 -21.25 -24.48 -11.79
C GLY LA 38 -21.46 -25.74 -10.97
N TYR LA 39 -22.61 -25.89 -10.35
CA TYR LA 39 -22.88 -27.02 -9.48
C TYR LA 39 -24.21 -27.67 -9.85
N PRO LA 40 -24.38 -28.97 -9.57
CA PRO LA 40 -23.46 -29.90 -8.89
C PRO LA 40 -22.29 -30.37 -9.74
N LEU LA 41 -21.28 -30.92 -9.09
CA LEU LA 41 -20.07 -31.35 -9.78
C LEU LA 41 -20.35 -32.58 -10.64
N GLU LA 42 -19.50 -32.77 -11.65
CA GLU LA 42 -19.60 -33.90 -12.55
C GLU LA 42 -18.22 -34.51 -12.74
N ASP LA 43 -18.19 -35.77 -13.17
CA ASP LA 43 -16.94 -36.45 -13.47
C ASP LA 43 -16.60 -36.22 -14.94
N ASP LA 44 -15.53 -36.86 -15.42
CA ASP LA 44 -15.10 -36.66 -16.80
C ASP LA 44 -16.09 -37.24 -17.80
N ASP LA 45 -16.93 -38.19 -17.39
CA ASP LA 45 -17.89 -38.81 -18.29
C ASP LA 45 -19.21 -38.04 -18.37
N GLY LA 46 -19.43 -37.05 -17.52
CA GLY LA 46 -20.64 -36.26 -17.54
C GLY LA 46 -21.65 -36.61 -16.47
N ASN LA 47 -21.47 -37.73 -15.78
CA ASN LA 47 -22.40 -38.11 -14.72
C ASN LA 47 -22.14 -37.28 -13.46
N THR LA 48 -23.10 -37.31 -12.55
CA THR LA 48 -22.94 -36.61 -11.28
C THR LA 48 -21.90 -37.31 -10.42
N ALA LA 49 -20.96 -36.53 -9.89
CA ALA LA 49 -19.87 -37.10 -9.12
C ALA LA 49 -20.36 -37.58 -7.75
N ALA LA 50 -19.62 -38.55 -7.19
CA ALA LA 50 -19.97 -39.07 -5.87
C ALA LA 50 -19.60 -38.11 -4.75
N ASN LA 51 -18.77 -37.11 -5.04
CA ASN LA 51 -18.36 -36.11 -4.06
C ASN LA 51 -18.88 -34.76 -4.49
N GLN LA 52 -19.50 -34.03 -3.55
CA GLN LA 52 -20.05 -32.72 -3.83
C GLN LA 52 -19.47 -31.62 -2.95
N GLY LA 53 -18.59 -31.96 -2.02
CA GLY LA 53 -17.97 -30.98 -1.17
C GLY LA 53 -18.69 -30.80 0.15
N PRO LA 54 -18.01 -30.19 1.13
CA PRO LA 54 -18.63 -30.00 2.45
C PRO LA 54 -19.69 -28.92 2.48
N PHE LA 55 -19.76 -28.05 1.48
CA PHE LA 55 -20.70 -26.94 1.49
C PHE LA 55 -21.94 -27.29 0.67
N PRO LA 56 -23.12 -27.37 1.26
CA PRO LA 56 -24.32 -27.63 0.47
C PRO LA 56 -24.70 -26.45 -0.40
N LEU LA 57 -25.50 -26.72 -1.41
CA LEU LA 57 -25.93 -25.69 -2.35
C LEU LA 57 -26.80 -24.66 -1.64
N PRO LA 58 -26.74 -23.40 -2.06
CA PRO LA 58 -27.54 -22.36 -1.43
C PRO LA 58 -28.99 -22.40 -1.89
N LYS LA 59 -29.83 -21.65 -1.17
CA LYS LA 59 -31.22 -21.50 -1.57
C LYS LA 59 -31.31 -20.63 -2.82
N GLU LA 60 -32.37 -20.85 -3.60
CA GLU LA 60 -32.53 -20.16 -4.86
C GLU LA 60 -32.77 -18.67 -4.65
N LYS LA 61 -32.14 -17.86 -5.50
CA LYS LA 61 -32.37 -16.42 -5.53
C LYS LA 61 -32.77 -16.02 -6.94
N THR LA 62 -33.58 -14.98 -7.04
CA THR LA 62 -34.18 -14.58 -8.31
C THR LA 62 -33.70 -13.19 -8.70
N PHE LA 63 -33.24 -13.06 -9.95
CA PHE LA 63 -32.93 -11.78 -10.54
C PHE LA 63 -34.07 -11.34 -11.44
N LYS LA 64 -34.32 -10.04 -11.48
CA LYS LA 64 -35.38 -9.46 -12.31
C LYS LA 64 -34.69 -8.69 -13.43
N LEU LA 65 -34.46 -9.37 -14.55
CA LEU LA 65 -33.75 -8.75 -15.67
C LEU LA 65 -34.60 -7.65 -16.30
N GLN LA 66 -33.92 -6.61 -16.78
CA GLN LA 66 -34.59 -5.46 -17.36
C GLN LA 66 -34.87 -5.69 -18.85
N HIS LA 67 -35.67 -4.78 -19.42
CA HIS LA 67 -36.10 -4.89 -20.81
C HIS LA 67 -36.76 -6.22 -21.10
N GLY LA 68 -37.64 -6.65 -20.19
CA GLY LA 68 -38.26 -7.95 -20.29
C GLY LA 68 -37.33 -9.05 -19.83
N ARG LA 69 -36.92 -9.92 -20.74
CA ARG LA 69 -35.94 -10.98 -20.50
C ARG LA 69 -36.33 -11.93 -19.38
N GLY LA 70 -37.55 -11.85 -18.87
CA GLY LA 70 -37.98 -12.75 -17.83
C GLY LA 70 -37.21 -12.57 -16.54
N GLU LA 71 -37.01 -13.69 -15.84
CA GLU LA 71 -36.29 -13.71 -14.58
C GLU LA 71 -35.27 -14.84 -14.58
N LEU LA 72 -34.23 -14.68 -13.78
CA LEU LA 72 -33.17 -15.67 -13.66
C LEU LA 72 -33.10 -16.17 -12.22
N THR LA 73 -33.15 -17.48 -12.05
CA THR LA 73 -33.12 -18.11 -10.74
C THR LA 73 -31.87 -18.99 -10.64
N LEU LA 74 -31.05 -18.74 -9.62
CA LEU LA 74 -29.85 -19.51 -9.38
C LEU LA 74 -29.79 -19.92 -7.91
N PRO LA 75 -29.25 -21.12 -7.63
CA PRO LA 75 -28.72 -22.08 -8.60
C PRO LA 75 -29.82 -22.87 -9.32
N GLY LA 76 -29.47 -23.41 -10.47
CA GLY LA 76 -30.43 -24.20 -11.24
C GLY LA 76 -29.75 -24.80 -12.45
N GLU LA 77 -30.58 -25.34 -13.35
CA GLU LA 77 -30.03 -25.86 -14.60
C GLU LA 77 -29.41 -24.74 -15.41
N ASP LA 78 -28.25 -25.00 -15.98
CA ASP LA 78 -27.50 -23.99 -16.71
C ASP LA 78 -27.85 -24.06 -18.19
N VAL LA 79 -28.29 -22.93 -18.73
CA VAL LA 79 -28.62 -22.85 -20.15
C VAL LA 79 -27.41 -22.53 -21.01
N GLN LA 80 -26.24 -22.34 -20.40
CA GLN LA 80 -25.01 -22.06 -21.12
C GLN LA 80 -24.20 -23.30 -21.45
N ARG LA 81 -24.69 -24.48 -21.08
CA ARG LA 81 -23.98 -25.72 -21.37
C ARG LA 81 -24.06 -26.04 -22.85
N ARG LA 82 -22.94 -26.54 -23.40
CA ARG LA 82 -22.88 -26.90 -24.81
C ARG LA 82 -23.18 -28.39 -24.98
N ASP LA 83 -24.11 -28.70 -25.88
CA ASP LA 83 -24.60 -30.06 -26.00
C ASP LA 83 -23.58 -31.00 -26.62
N ASN LA 84 -22.93 -30.56 -27.71
CA ASN LA 84 -21.99 -31.40 -28.44
C ASN LA 84 -20.60 -30.80 -28.35
N LEU LA 85 -19.64 -31.61 -27.88
CA LEU LA 85 -18.25 -31.20 -27.76
C LEU LA 85 -17.38 -32.18 -28.52
N ALA LA 86 -16.48 -31.66 -29.35
CA ALA LA 86 -15.60 -32.50 -30.16
C ALA LA 86 -14.32 -32.80 -29.39
N LEU LA 87 -14.48 -33.57 -28.32
CA LEU LA 87 -13.37 -33.98 -27.48
C LEU LA 87 -13.48 -35.46 -27.18
N ARG LA 88 -12.34 -36.08 -26.90
CA ARG LA 88 -12.29 -37.47 -26.47
C ARG LA 88 -11.32 -37.60 -25.29
N LYS LA 89 -11.66 -38.48 -24.36
CA LYS LA 89 -10.81 -38.68 -23.19
C LYS LA 89 -9.49 -39.33 -23.59
N THR LA 90 -8.40 -38.85 -23.00
CA THR LA 90 -7.09 -39.46 -23.21
C THR LA 90 -6.80 -40.55 -22.20
N ALA LA 91 -7.69 -40.79 -21.25
CA ALA LA 91 -7.52 -41.86 -20.27
C ALA LA 91 -8.89 -42.38 -19.86
N HIS LA 92 -8.90 -43.59 -19.33
CA HIS LA 92 -10.14 -44.20 -18.89
C HIS LA 92 -10.60 -43.71 -17.53
N GLY LA 93 -9.74 -43.03 -16.79
CA GLY LA 93 -10.05 -42.52 -15.48
C GLY LA 93 -10.36 -41.03 -15.50
N ASN LA 94 -10.06 -40.36 -14.39
CA ASN LA 94 -10.31 -38.95 -14.24
C ASN LA 94 -9.00 -38.20 -14.06
N GLY LA 95 -9.04 -36.89 -14.34
CA GLY LA 95 -7.89 -36.04 -14.13
C GLY LA 95 -6.92 -35.93 -15.27
N PHE LA 96 -7.32 -36.27 -16.49
CA PHE LA 96 -6.44 -36.22 -17.63
C PHE LA 96 -7.05 -35.36 -18.74
N PRO LA 97 -6.22 -34.74 -19.57
CA PRO LA 97 -6.74 -33.80 -20.56
C PRO LA 97 -7.58 -34.49 -21.62
N MET LA 98 -8.45 -33.69 -22.23
CA MET LA 98 -9.28 -34.14 -23.34
C MET LA 98 -8.63 -33.72 -24.66
N GLU LA 99 -8.48 -34.67 -25.56
CA GLU LA 99 -7.89 -34.36 -26.86
C GLU LA 99 -8.99 -34.02 -27.86
N PRO LA 100 -8.89 -32.90 -28.58
CA PRO LA 100 -9.87 -32.59 -29.60
C PRO LA 100 -9.87 -33.61 -30.72
N THR LA 101 -11.03 -33.83 -31.32
CA THR LA 101 -11.20 -34.79 -32.39
C THR LA 101 -10.94 -34.19 -33.78
N GLY LA 102 -10.49 -32.94 -33.84
CA GLY LA 102 -10.14 -32.33 -35.10
C GLY LA 102 -10.49 -30.86 -35.20
N ASP LA 103 -9.51 -30.03 -35.57
CA ASP LA 103 -9.67 -28.60 -35.73
C ASP LA 103 -10.28 -27.96 -34.49
N PRO LA 104 -9.51 -27.84 -33.40
CA PRO LA 104 -10.08 -27.27 -32.17
C PRO LA 104 -10.58 -25.86 -32.33
N MET LA 105 -9.94 -25.04 -33.17
CA MET LA 105 -10.37 -23.66 -33.33
C MET LA 105 -11.75 -23.57 -33.97
N LEU LA 106 -12.02 -24.39 -34.98
CA LEU LA 106 -13.34 -24.38 -35.60
C LEU LA 106 -14.39 -24.98 -34.67
N ASP LA 107 -14.05 -26.08 -34.00
CA ASP LA 107 -15.00 -26.71 -33.09
C ASP LA 107 -15.16 -25.95 -31.78
N GLY LA 108 -14.13 -25.20 -31.37
CA GLY LA 108 -14.21 -24.43 -30.16
C GLY LA 108 -14.28 -25.27 -28.91
N VAL LA 109 -13.19 -25.96 -28.58
CA VAL LA 109 -13.13 -26.87 -27.43
C VAL LA 109 -12.13 -26.41 -26.39
N GLY LA 110 -10.93 -26.03 -26.82
CA GLY LA 110 -9.88 -25.66 -25.91
C GLY LA 110 -9.99 -24.22 -25.48
N PRO LA 111 -8.89 -23.47 -25.58
CA PRO LA 111 -8.96 -22.02 -25.39
C PRO LA 111 -9.88 -21.33 -26.38
N ALA LA 112 -10.29 -22.01 -27.45
CA ALA LA 112 -11.21 -21.47 -28.42
C ALA LA 112 -12.66 -21.76 -28.09
N SER LA 113 -12.92 -22.36 -26.92
CA SER LA 113 -14.28 -22.74 -26.56
C SER LA 113 -15.09 -21.52 -26.18
N TRP LA 114 -16.31 -21.44 -26.70
CA TRP LA 114 -17.25 -20.39 -26.37
C TRP LA 114 -18.31 -20.93 -25.41
N SER LA 115 -19.21 -20.06 -24.99
CA SER LA 115 -20.30 -20.42 -24.09
C SER LA 115 -21.63 -20.02 -24.71
N LYS LA 116 -22.64 -20.86 -24.51
CA LYS LA 116 -23.95 -20.66 -25.13
C LYS LA 116 -24.69 -19.56 -24.37
N ARG LA 117 -24.36 -18.32 -24.69
CA ARG LA 117 -25.06 -17.17 -24.13
C ARG LA 117 -26.34 -16.91 -24.91
N ARG LA 118 -27.09 -15.90 -24.48
CA ARG LA 118 -28.32 -15.54 -25.17
C ARG LA 118 -28.01 -14.99 -26.56
N ASP LA 119 -28.84 -15.34 -27.52
CA ASP LA 119 -28.64 -14.89 -28.90
C ASP LA 119 -29.32 -13.54 -29.16
N VAL LA 120 -29.05 -12.58 -28.28
CA VAL LA 120 -29.58 -11.22 -28.43
C VAL LA 120 -28.50 -10.23 -28.05
N PRO LA 121 -28.50 -9.06 -28.70
CA PRO LA 121 -27.49 -8.05 -28.38
C PRO LA 121 -27.68 -7.51 -26.97
N GLU LA 122 -26.56 -7.13 -26.35
CA GLU LA 122 -26.63 -6.46 -25.07
C GLU LA 122 -27.24 -5.08 -25.21
N LEU LA 123 -28.11 -4.71 -24.27
CA LEU LA 123 -28.86 -3.48 -24.35
C LEU LA 123 -28.38 -2.49 -23.30
N ASP LA 124 -28.43 -1.21 -23.63
CA ASP LA 124 -28.10 -0.15 -22.68
C ASP LA 124 -29.36 0.19 -21.86
N ALA LA 125 -29.31 1.30 -21.14
CA ALA LA 125 -30.44 1.68 -20.30
C ALA LA 125 -31.70 1.95 -21.14
N HIS LA 126 -31.53 2.51 -22.33
CA HIS LA 126 -32.66 2.84 -23.19
C HIS LA 126 -33.20 1.63 -23.95
N GLY LA 127 -32.53 0.48 -23.87
CA GLY LA 127 -32.97 -0.71 -24.57
C GLY LA 127 -32.38 -0.89 -25.96
N HIS LA 128 -31.65 0.10 -26.46
CA HIS LA 128 -30.99 -0.04 -27.75
C HIS LA 128 -29.76 -0.94 -27.62
N PRO LA 129 -29.29 -1.51 -28.72
CA PRO LA 129 -28.07 -2.32 -28.66
C PRO LA 129 -26.88 -1.53 -28.12
N LYS LA 130 -26.08 -2.19 -27.30
CA LYS LA 130 -24.99 -1.49 -26.61
C LYS LA 130 -23.84 -1.18 -27.56
N ILE LA 131 -23.47 -2.13 -28.41
CA ILE LA 131 -22.31 -2.00 -29.29
C ILE LA 131 -22.80 -1.78 -30.71
N VAL LA 132 -22.39 -0.66 -31.30
CA VAL LA 132 -22.78 -0.32 -32.67
C VAL LA 132 -21.59 0.27 -33.39
N PRO LA 133 -21.56 0.13 -34.72
CA PRO LA 133 -20.49 0.76 -35.50
C PRO LA 133 -20.57 2.28 -35.42
N MET LA 134 -19.40 2.91 -35.53
CA MET LA 134 -19.34 4.38 -35.51
C MET LA 134 -20.05 5.01 -36.70
N SER LA 135 -20.27 4.25 -37.77
CA SER LA 135 -21.02 4.80 -38.90
C SER LA 135 -22.45 5.13 -38.50
N ALA LA 136 -23.06 4.29 -37.67
CA ALA LA 136 -24.41 4.52 -37.19
C ALA LA 136 -24.46 5.38 -35.94
N ALA LA 137 -23.32 5.77 -35.40
CA ALA LA 137 -23.26 6.59 -34.19
C ALA LA 137 -23.11 8.05 -34.57
N GLU LA 138 -23.94 8.91 -33.97
CA GLU LA 138 -23.95 10.33 -34.27
C GLU LA 138 -23.15 11.08 -33.21
N GLY LA 139 -22.25 11.95 -33.65
CA GLY LA 139 -21.47 12.77 -32.75
C GLY LA 139 -20.25 12.09 -32.15
N PHE LA 140 -19.94 10.87 -32.56
CA PHE LA 140 -18.79 10.15 -32.05
C PHE LA 140 -17.62 10.27 -33.00
N GLY LA 141 -16.42 10.36 -32.43
CA GLY LA 141 -15.21 10.45 -33.25
C GLY LA 141 -13.98 10.17 -32.41
N VAL LA 142 -12.87 9.92 -33.10
CA VAL LA 142 -11.62 9.65 -32.43
C VAL LA 142 -11.10 10.94 -31.80
N SER LA 143 -10.73 10.86 -30.52
CA SER LA 143 -10.36 12.04 -29.75
C SER LA 143 -8.89 12.11 -29.41
N ALA LA 144 -8.32 11.05 -28.81
CA ALA LA 144 -6.97 11.11 -28.27
C ALA LA 144 -5.99 10.21 -29.03
N GLY LA 145 -6.28 8.92 -29.12
CA GLY LA 145 -5.32 7.98 -29.68
C GLY LA 145 -5.14 8.08 -31.18
N THR LA 146 -4.59 7.05 -31.79
CA THR LA 146 -4.39 6.99 -33.23
C THR LA 146 -5.54 6.23 -33.87
N ASP LA 147 -6.04 6.78 -34.97
CA ASP LA 147 -7.20 6.19 -35.65
C ASP LA 147 -6.77 4.99 -36.45
N PRO LA 148 -7.29 3.79 -36.17
CA PRO LA 148 -6.92 2.60 -36.95
C PRO LA 148 -7.75 2.37 -38.21
N ARG LA 149 -8.72 3.23 -38.49
CA ARG LA 149 -9.54 3.05 -39.69
C ARG LA 149 -8.71 3.27 -40.94
N GLY LA 150 -8.93 2.43 -41.94
CA GLY LA 150 -8.16 2.51 -43.18
C GLY LA 150 -6.69 2.20 -42.99
N LEU LA 151 -6.38 1.21 -42.17
CA LEU LA 151 -5.01 0.84 -41.85
C LEU LA 151 -4.83 -0.65 -42.02
N PRO LA 152 -3.73 -1.10 -42.63
CA PRO LA 152 -3.56 -2.53 -42.90
C PRO LA 152 -3.49 -3.36 -41.63
N VAL LA 153 -3.97 -4.59 -41.72
CA VAL LA 153 -3.96 -5.54 -40.61
C VAL LA 153 -2.92 -6.61 -40.90
N MET LA 154 -2.01 -6.83 -39.97
CA MET LA 154 -0.95 -7.82 -40.12
C MET LA 154 -1.16 -8.94 -39.11
N ALA LA 155 -1.14 -10.18 -39.59
CA ALA LA 155 -1.47 -11.34 -38.77
C ALA LA 155 -0.25 -11.78 -37.97
N GLY LA 156 -0.36 -12.95 -37.32
CA GLY LA 156 0.73 -13.42 -36.48
C GLY LA 156 1.98 -13.78 -37.26
N ASP LA 157 1.80 -14.33 -38.46
CA ASP LA 157 2.92 -14.74 -39.29
C ASP LA 157 3.39 -13.63 -40.23
N GLY LA 158 2.85 -12.42 -40.09
CA GLY LA 158 3.25 -11.29 -40.90
C GLY LA 158 2.43 -11.06 -42.14
N GLU LA 159 1.49 -11.95 -42.45
CA GLU LA 159 0.66 -11.77 -43.63
C GLU LA 159 -0.26 -10.58 -43.46
N ILE LA 160 -0.40 -9.79 -44.53
CA ILE LA 160 -1.33 -8.67 -44.56
C ILE LA 160 -2.68 -9.19 -45.04
N VAL LA 161 -3.68 -9.13 -44.17
CA VAL LA 161 -4.97 -9.75 -44.43
C VAL LA 161 -5.97 -8.76 -45.01
N GLY LA 162 -5.97 -7.53 -44.51
CA GLY LA 162 -6.89 -6.53 -45.01
C GLY LA 162 -6.65 -5.20 -44.33
N LEU LA 163 -7.58 -4.28 -44.55
CA LEU LA 163 -7.53 -2.95 -43.96
C LEU LA 163 -8.74 -2.73 -43.08
N VAL LA 164 -8.54 -2.05 -41.96
CA VAL LA 164 -9.63 -1.80 -41.02
C VAL LA 164 -10.65 -0.87 -41.67
N SER LA 165 -11.92 -1.26 -41.63
CA SER LA 165 -12.98 -0.51 -42.28
C SER LA 165 -13.84 0.28 -41.32
N ASP LA 166 -14.12 -0.25 -40.13
CA ASP LA 166 -15.01 0.41 -39.18
C ASP LA 166 -14.57 0.06 -37.76
N MET LA 167 -15.22 0.71 -36.80
CA MET LA 167 -14.90 0.54 -35.39
C MET LA 167 -16.21 0.42 -34.62
N TRP LA 168 -16.41 -0.73 -33.98
CA TRP LA 168 -17.60 -0.96 -33.16
C TRP LA 168 -17.32 -0.49 -31.74
N ILE LA 169 -18.07 0.52 -31.30
CA ILE LA 169 -17.78 1.17 -30.02
C ILE LA 169 -18.92 0.94 -29.03
N ASP LA 170 -18.72 1.40 -27.81
CA ASP LA 170 -19.70 1.29 -26.73
C ASP LA 170 -20.09 2.71 -26.33
N GLU LA 171 -21.23 3.18 -26.84
CA GLU LA 171 -21.68 4.53 -26.52
C GLU LA 171 -21.97 4.73 -25.04
N ALA LA 172 -22.26 3.65 -24.31
CA ALA LA 172 -22.56 3.77 -22.89
C ALA LA 172 -21.33 4.18 -22.09
N GLU LA 173 -20.20 3.49 -22.30
CA GLU LA 173 -18.99 3.76 -21.55
C GLU LA 173 -17.93 4.50 -22.35
N GLN LA 174 -18.22 4.90 -23.58
CA GLN LA 174 -17.36 5.77 -24.38
C GLN LA 174 -16.00 5.12 -24.65
N LEU LA 175 -16.03 3.92 -25.24
CA LEU LA 175 -14.79 3.28 -25.64
C LEU LA 175 -15.05 2.33 -26.79
N VAL LA 176 -13.98 1.98 -27.49
CA VAL LA 176 -14.06 1.08 -28.63
C VAL LA 176 -14.02 -0.36 -28.15
N ARG LA 177 -14.78 -1.22 -28.80
CA ARG LA 177 -14.85 -2.64 -28.46
C ARG LA 177 -14.31 -3.55 -29.55
N TYR LA 178 -14.59 -3.26 -30.82
CA TYR LA 178 -14.16 -4.12 -31.91
C TYR LA 178 -13.64 -3.29 -33.06
N LEU LA 179 -12.77 -3.90 -33.87
CA LEU LA 179 -12.33 -3.34 -35.13
C LEU LA 179 -12.79 -4.24 -36.25
N GLU LA 180 -13.46 -3.66 -37.25
CA GLU LA 180 -13.88 -4.42 -38.42
C GLU LA 180 -12.71 -4.57 -39.39
N ILE LA 181 -12.53 -5.78 -39.90
CA ILE LA 181 -11.45 -6.08 -40.84
C ILE LA 181 -12.09 -6.43 -42.18
N GLU LA 182 -11.71 -5.71 -43.22
CA GLU LA 182 -12.17 -5.99 -44.58
C GLU LA 182 -11.17 -6.96 -45.21
N LEU LA 183 -11.49 -8.24 -45.17
CA LEU LA 183 -10.56 -9.26 -45.64
C LEU LA 183 -10.29 -9.11 -47.13
N ASP LA 184 -9.04 -9.32 -47.51
CA ASP LA 184 -8.68 -9.34 -48.92
C ASP LA 184 -9.29 -10.59 -49.58
N PRO LA 185 -9.54 -10.54 -50.89
CA PRO LA 185 -10.11 -11.73 -51.55
C PRO LA 185 -9.25 -12.96 -51.42
N GLU LA 186 -7.94 -12.81 -51.33
CA GLU LA 186 -7.06 -13.98 -51.18
C GLU LA 186 -7.26 -14.66 -49.84
N TRP LA 187 -7.43 -13.87 -48.77
CA TRP LA 187 -7.52 -14.42 -47.42
C TRP LA 187 -8.94 -14.70 -46.96
N GLY LA 188 -9.94 -14.33 -47.74
CA GLY LA 188 -11.32 -14.57 -47.34
C GLY LA 188 -12.26 -13.65 -48.08
N ASP LA 189 -13.47 -13.52 -47.54
CA ASP LA 189 -14.50 -12.67 -48.12
C ASP LA 189 -15.33 -12.08 -47.01
N GLY LA 190 -15.77 -10.84 -47.22
CA GLY LA 190 -16.59 -10.15 -46.24
C GLY LA 190 -15.76 -9.49 -45.15
N LYS LA 191 -16.44 -9.18 -44.04
CA LYS LA 191 -15.84 -8.48 -42.93
C LYS LA 191 -15.79 -9.38 -41.71
N ARG LA 192 -14.82 -9.12 -40.83
CA ARG LA 192 -14.66 -9.85 -39.59
C ARG LA 192 -14.43 -8.87 -38.44
N LEU LA 193 -14.76 -9.31 -37.24
CA LEU LA 193 -14.61 -8.50 -36.03
C LEU LA 193 -13.46 -9.05 -35.20
N VAL LA 194 -12.63 -8.15 -34.69
CA VAL LA 194 -11.57 -8.50 -33.75
C VAL LA 194 -11.72 -7.60 -32.53
N GLN LA 195 -11.64 -8.18 -31.34
CA GLN LA 195 -11.81 -7.41 -30.12
C GLN LA 195 -10.64 -6.44 -29.93
N ARG LA 196 -10.95 -5.27 -29.38
CA ARG LA 196 -9.89 -4.27 -29.16
C ARG LA 196 -8.87 -4.74 -28.15
N GLU LA 197 -9.26 -5.64 -27.23
CA GLU LA 197 -8.37 -6.09 -26.18
C GLU LA 197 -7.28 -7.02 -26.68
N MET LA 198 -7.36 -7.48 -27.93
CA MET LA 198 -6.38 -8.42 -28.49
C MET LA 198 -5.91 -7.93 -29.86
N VAL LA 199 -5.57 -6.64 -29.92
CA VAL LA 199 -4.99 -6.05 -31.13
C VAL LA 199 -4.11 -4.89 -30.72
N ARG LA 200 -2.93 -4.80 -31.33
CA ARG LA 200 -1.98 -3.74 -31.05
C ARG LA 200 -1.94 -2.79 -32.24
N ILE LA 201 -2.20 -1.51 -31.98
CA ILE LA 201 -2.31 -0.51 -33.04
C ILE LA 201 -1.00 0.27 -33.11
N LYS LA 202 -0.39 0.28 -34.28
CA LYS LA 202 0.84 1.01 -34.52
C LYS LA 202 0.54 2.23 -35.39
N SER LA 203 1.61 2.95 -35.76
CA SER LA 203 1.43 4.17 -36.54
C SER LA 203 0.96 3.86 -37.95
N ASP LA 204 1.39 2.74 -38.52
CA ASP LA 204 1.11 2.41 -39.91
C ASP LA 204 0.33 1.11 -40.09
N ARG LA 205 0.12 0.33 -39.03
CA ARG LA 205 -0.57 -0.95 -39.15
C ARG LA 205 -1.11 -1.35 -37.79
N VAL LA 206 -1.99 -2.35 -37.81
CA VAL LA 206 -2.51 -2.98 -36.60
C VAL LA 206 -2.07 -4.44 -36.62
N LYS LA 207 -1.47 -4.88 -35.52
CA LYS LA 207 -0.87 -6.20 -35.44
C LYS LA 207 -1.74 -7.11 -34.58
N VAL LA 208 -2.13 -8.26 -35.14
CA VAL LA 208 -2.91 -9.27 -34.44
C VAL LA 208 -2.03 -10.51 -34.39
N ARG LA 209 -1.25 -10.66 -33.32
CA ARG LA 209 -0.32 -11.76 -33.21
C ARG LA 209 -0.98 -13.06 -32.79
N SER LA 210 -2.19 -12.99 -32.24
CA SER LA 210 -2.85 -14.19 -31.72
C SER LA 210 -3.34 -15.12 -32.82
N ILE LA 211 -3.42 -14.64 -34.06
CA ILE LA 211 -4.05 -15.37 -35.13
C ILE LA 211 -3.14 -15.32 -36.35
N TYR LA 212 -3.29 -16.31 -37.23
CA TYR LA 212 -2.50 -16.37 -38.45
C TYR LA 212 -3.31 -15.86 -39.64
N GLY LA 213 -2.61 -15.68 -40.76
CA GLY LA 213 -3.27 -15.18 -41.95
C GLY LA 213 -4.30 -16.14 -42.51
N LYS LA 214 -3.99 -17.44 -42.50
CA LYS LA 214 -4.90 -18.44 -43.03
C LYS LA 214 -6.09 -18.70 -42.13
N HIS LA 215 -6.08 -18.21 -40.89
CA HIS LA 215 -7.16 -18.46 -39.95
C HIS LA 215 -8.25 -17.40 -39.99
N PHE LA 216 -8.07 -16.32 -40.76
CA PHE LA 216 -9.06 -15.25 -40.77
C PHE LA 216 -10.35 -15.67 -41.49
N LYS LA 217 -10.24 -16.54 -42.49
CA LYS LA 217 -11.44 -16.90 -43.25
C LYS LA 217 -12.43 -17.71 -42.42
N ASN LA 218 -12.01 -18.24 -41.28
CA ASN LA 218 -12.87 -19.06 -40.44
C ASN LA 218 -13.32 -18.34 -39.18
N VAL LA 219 -13.04 -17.04 -39.06
CA VAL LA 219 -13.52 -16.27 -37.91
C VAL LA 219 -15.05 -16.21 -37.96
N PRO LA 220 -15.75 -16.43 -36.85
CA PRO LA 220 -17.22 -16.37 -36.89
C PRO LA 220 -17.71 -15.01 -37.33
N LYS LA 221 -18.80 -15.01 -38.09
CA LYS LA 221 -19.39 -13.80 -38.63
C LYS LA 221 -20.65 -13.42 -37.88
N THR LA 222 -21.01 -12.14 -37.98
CA THR LA 222 -22.23 -11.64 -37.37
C THR LA 222 -23.41 -11.80 -38.34
N LYS LA 223 -24.58 -12.08 -37.77
CA LYS LA 223 -25.78 -12.25 -38.58
C LYS LA 223 -26.13 -10.96 -39.31
N SER LA 224 -26.01 -9.82 -38.64
CA SER LA 224 -26.33 -8.53 -39.24
C SER LA 224 -25.14 -7.61 -39.10
N PRO LA 225 -24.97 -6.66 -40.03
CA PRO LA 225 -23.84 -5.74 -39.98
C PRO LA 225 -24.05 -4.52 -39.10
N ASN LA 226 -25.15 -4.46 -38.34
CA ASN LA 226 -25.44 -3.31 -37.50
C ASN LA 226 -25.38 -3.60 -36.00
N GLN LA 227 -25.44 -4.87 -35.62
CA GLN LA 227 -25.38 -5.24 -34.21
C GLN LA 227 -24.82 -6.65 -34.10
N VAL LA 228 -24.30 -6.98 -32.92
CA VAL LA 228 -23.74 -8.29 -32.65
C VAL LA 228 -24.36 -8.82 -31.36
N THR LA 229 -24.80 -10.07 -31.39
CA THR LA 229 -25.42 -10.68 -30.23
C THR LA 229 -24.35 -11.17 -29.26
N LEU LA 230 -24.79 -11.54 -28.05
CA LEU LA 230 -23.86 -12.04 -27.05
C LEU LA 230 -23.20 -13.33 -27.51
N LEU LA 231 -23.95 -14.22 -28.15
CA LEU LA 231 -23.39 -15.48 -28.60
C LEU LA 231 -22.32 -15.27 -29.66
N GLU LA 232 -22.58 -14.40 -30.64
CA GLU LA 232 -21.59 -14.12 -31.67
C GLU LA 232 -20.36 -13.45 -31.08
N GLU LA 233 -20.57 -12.51 -30.16
CA GLU LA 233 -19.46 -11.87 -29.46
C GLU LA 233 -18.58 -12.91 -28.79
N ASP LA 234 -19.21 -13.81 -28.05
CA ASP LA 234 -18.48 -14.81 -27.29
C ASP LA 234 -17.74 -15.76 -28.21
N LYS LA 235 -18.37 -16.16 -29.32
CA LYS LA 235 -17.72 -17.04 -30.29
C LYS LA 235 -16.50 -16.37 -30.91
N ILE LA 236 -16.62 -15.10 -31.30
CA ILE LA 236 -15.51 -14.39 -31.94
C ILE LA 236 -14.34 -14.26 -30.98
N MET LA 237 -14.62 -13.83 -29.74
CA MET LA 237 -13.55 -13.68 -28.77
C MET LA 237 -12.90 -15.02 -28.44
N ALA LA 238 -13.71 -16.07 -28.31
CA ALA LA 238 -13.15 -17.39 -28.03
C ALA LA 238 -12.25 -17.85 -29.16
N TYR LA 239 -12.67 -17.65 -30.41
CA TYR LA 239 -11.84 -18.03 -31.55
C TYR LA 239 -10.50 -17.30 -31.51
N TYR LA 240 -10.54 -15.98 -31.34
CA TYR LA 240 -9.29 -15.21 -31.36
C TYR LA 240 -8.37 -15.62 -30.22
N ALA LA 241 -8.92 -15.85 -29.03
CA ALA LA 241 -8.08 -16.23 -27.90
C ALA LA 241 -7.54 -17.65 -28.06
N GLY LA 242 -8.34 -18.56 -28.60
CA GLY LA 242 -7.86 -19.91 -28.84
C GLY LA 242 -6.83 -19.98 -29.94
N GLY LA 243 -6.77 -18.96 -30.79
CA GLY LA 243 -5.67 -18.89 -31.74
C GLY LA 243 -4.30 -18.79 -31.08
N THR LA 244 -4.24 -18.33 -29.83
CA THR LA 244 -2.96 -18.15 -29.14
C THR LA 244 -2.26 -19.48 -28.86
N LEU LA 245 -2.98 -20.59 -28.92
CA LEU LA 245 -2.40 -21.89 -28.63
C LEU LA 245 -2.47 -22.87 -29.80
N TYR LA 246 -3.43 -22.71 -30.70
CA TYR LA 246 -3.62 -23.64 -31.80
C TYR LA 246 -3.17 -23.08 -33.15
N ALA LA 247 -2.51 -21.94 -33.16
CA ALA LA 247 -2.04 -21.37 -34.43
C ALA LA 247 -1.02 -22.29 -35.09
N ASP LA 248 -0.11 -22.86 -34.31
CA ASP LA 248 0.86 -23.82 -34.84
C ASP LA 248 1.30 -24.73 -33.70
N GLU LA 249 1.94 -25.84 -34.07
CA GLU LA 249 2.40 -26.79 -33.07
C GLU LA 249 3.46 -26.21 -32.16
N SER LA 250 4.17 -25.17 -32.60
CA SER LA 250 5.21 -24.58 -31.77
C SER LA 250 4.66 -23.91 -30.52
N ARG LA 251 3.37 -23.56 -30.52
CA ARG LA 251 2.75 -22.96 -29.35
C ARG LA 251 2.17 -24.00 -28.40
N LEU LA 252 1.60 -25.08 -28.95
CA LEU LA 252 1.05 -26.14 -28.10
C LEU LA 252 2.17 -26.90 -27.39
N GLU LA 253 3.27 -27.16 -28.08
CA GLU LA 253 4.36 -27.90 -27.49
C GLU LA 253 5.08 -27.05 -26.44
N PRO LA 254 5.74 -27.68 -25.46
CA PRO LA 254 6.43 -26.91 -24.42
C PRO LA 254 7.51 -26.00 -25.00
N GLN LA 255 7.64 -24.82 -24.40
CA GLN LA 255 8.61 -23.86 -24.89
C GLN LA 255 10.04 -24.26 -24.53
N LEU LA 256 10.20 -25.02 -23.45
CA LEU LA 256 11.53 -25.51 -23.05
C LEU LA 256 11.55 -27.02 -22.99
N TRP MA 9 23.11 -15.30 -54.90
CA TRP MA 9 22.04 -16.02 -54.21
C TRP MA 9 21.72 -15.35 -52.87
N ASN MA 10 20.47 -15.47 -52.44
CA ASN MA 10 20.04 -14.93 -51.16
C ASN MA 10 18.91 -15.77 -50.62
N SER MA 11 18.77 -15.78 -49.29
CA SER MA 11 17.67 -16.47 -48.65
C SER MA 11 16.44 -15.56 -48.64
N LYS MA 12 15.32 -16.06 -49.14
CA LYS MA 12 14.10 -15.28 -49.26
C LYS MA 12 13.15 -15.46 -48.07
N ASN MA 13 13.54 -16.23 -47.07
CA ASN MA 13 12.68 -16.35 -45.90
C ASN MA 13 13.05 -15.32 -44.83
N PRO MA 14 12.08 -14.55 -44.34
CA PRO MA 14 12.36 -13.54 -43.32
C PRO MA 14 12.11 -14.06 -41.91
N THR MA 15 12.80 -13.44 -40.96
CA THR MA 15 12.62 -13.76 -39.55
C THR MA 15 13.11 -12.58 -38.72
N ASP MA 16 12.65 -12.54 -37.47
CA ASP MA 16 13.12 -11.53 -36.53
C ASP MA 16 14.56 -11.83 -36.11
N ILE MA 17 15.35 -10.77 -35.96
CA ILE MA 17 16.77 -10.93 -35.66
C ILE MA 17 17.14 -10.12 -34.42
N TYR MA 18 16.15 -9.82 -33.59
CA TYR MA 18 16.39 -9.02 -32.38
C TYR MA 18 16.10 -9.73 -31.07
N LYS MA 19 15.18 -10.70 -31.05
CA LYS MA 19 14.87 -11.38 -29.79
C LYS MA 19 16.05 -12.15 -29.21
N PRO MA 20 16.77 -12.99 -29.97
CA PRO MA 20 17.95 -13.65 -29.37
C PRO MA 20 19.01 -12.67 -28.93
N ALA MA 21 19.20 -11.59 -29.69
CA ALA MA 21 20.18 -10.57 -29.30
C ALA MA 21 19.79 -9.92 -27.99
N ILE MA 22 18.50 -9.61 -27.82
CA ILE MA 22 18.04 -8.99 -26.57
C ILE MA 22 18.21 -9.95 -25.40
N VAL MA 23 17.89 -11.24 -25.61
CA VAL MA 23 18.03 -12.22 -24.53
C VAL MA 23 19.49 -12.35 -24.12
N VAL MA 24 20.39 -12.45 -25.10
CA VAL MA 24 21.82 -12.55 -24.81
C VAL MA 24 22.30 -11.28 -24.11
N GLY MA 25 21.81 -10.12 -24.54
CA GLY MA 25 22.19 -8.88 -23.89
C GLY MA 25 21.76 -8.83 -22.44
N VAL MA 26 20.54 -9.29 -22.15
CA VAL MA 26 20.06 -9.27 -20.76
C VAL MA 26 20.88 -10.22 -19.89
N ALA MA 27 21.12 -11.43 -20.38
CA ALA MA 27 21.90 -12.39 -19.60
C ALA MA 27 23.32 -11.88 -19.38
N GLY MA 28 23.95 -11.34 -20.43
CA GLY MA 28 25.28 -10.79 -20.30
C GLY MA 28 25.32 -9.58 -19.38
N GLY MA 29 24.26 -8.78 -19.36
CA GLY MA 29 24.22 -7.66 -18.45
C GLY MA 29 24.12 -8.11 -17.01
N ALA MA 30 23.35 -9.16 -16.75
CA ALA MA 30 23.33 -9.73 -15.40
C ALA MA 30 24.71 -10.24 -14.99
N VAL MA 31 25.37 -10.97 -15.90
CA VAL MA 31 26.72 -11.46 -15.60
C VAL MA 31 27.68 -10.30 -15.40
N PHE MA 32 27.52 -9.25 -16.19
CA PHE MA 32 28.38 -8.07 -16.11
C PHE MA 32 28.23 -7.35 -14.78
N ALA MA 33 26.99 -7.19 -14.32
CA ALA MA 33 26.76 -6.61 -13.00
C ALA MA 33 27.34 -7.48 -11.90
N ALA MA 34 27.18 -8.81 -12.02
CA ALA MA 34 27.76 -9.70 -11.02
C ALA MA 34 29.28 -9.58 -10.99
N ALA MA 35 29.91 -9.52 -12.16
CA ALA MA 35 31.36 -9.39 -12.22
C ALA MA 35 31.84 -8.07 -11.63
N LEU MA 36 31.13 -6.98 -11.92
CA LEU MA 36 31.48 -5.70 -11.32
C LEU MA 36 31.35 -5.74 -9.81
N LEU MA 37 30.28 -6.35 -9.30
CA LEU MA 37 30.10 -6.44 -7.86
C LEU MA 37 31.19 -7.27 -7.22
N VAL MA 38 31.62 -8.35 -7.89
CA VAL MA 38 32.66 -9.20 -7.33
C VAL MA 38 34.01 -8.47 -7.34
N SER MA 39 34.33 -7.77 -8.44
CA SER MA 39 35.65 -7.18 -8.58
C SER MA 39 35.77 -5.86 -7.83
N TRP MA 40 34.95 -4.87 -8.21
CA TRP MA 40 35.02 -3.56 -7.57
C TRP MA 40 34.62 -3.65 -6.10
N GLY MA 41 33.60 -4.44 -5.79
CA GLY MA 41 33.06 -4.54 -4.45
C GLY MA 41 31.77 -3.76 -4.31
N GLN MA 42 31.18 -3.88 -3.12
CA GLN MA 42 29.91 -3.21 -2.84
C GLN MA 42 30.16 -1.74 -2.58
N PRO MA 43 29.54 -0.83 -3.33
CA PRO MA 43 29.62 0.59 -3.00
C PRO MA 43 28.69 0.96 -1.86
N LEU MA 44 29.15 1.91 -1.04
CA LEU MA 44 28.39 2.41 0.10
C LEU MA 44 27.99 1.27 1.03
N ALA MA 45 28.94 0.39 1.32
CA ALA MA 45 28.68 -0.74 2.19
C ALA MA 45 28.45 -0.26 3.63
N THR MA 46 27.60 -1.00 4.35
CA THR MA 46 27.26 -0.70 5.72
C THR MA 46 27.59 -1.88 6.61
N ASP MA 47 27.65 -1.62 7.91
CA ASP MA 47 27.88 -2.63 8.93
C ASP MA 47 26.87 -2.46 10.04
N SER MA 48 26.42 -3.57 10.60
CA SER MA 48 25.38 -3.56 11.62
C SER MA 48 25.91 -4.18 12.90
N MET MA 49 25.73 -3.45 14.01
CA MET MA 49 26.09 -3.93 15.33
C MET MA 49 24.86 -4.62 15.93
N GLN MA 50 24.97 -5.93 16.17
CA GLN MA 50 23.85 -6.69 16.69
C GLN MA 50 23.73 -6.44 18.19
N THR MA 51 22.60 -5.88 18.60
CA THR MA 51 22.31 -5.60 20.01
C THR MA 51 21.02 -6.32 20.36
N GLY MA 52 21.13 -7.61 20.69
CA GLY MA 52 19.96 -8.38 21.05
C GLY MA 52 19.89 -9.73 20.37
N PRO MA 53 18.87 -10.52 20.72
CA PRO MA 53 18.78 -11.89 20.19
C PRO MA 53 18.61 -11.90 18.68
N ARG MA 54 19.10 -12.98 18.06
CA ARG MA 54 18.98 -13.14 16.62
C ARG MA 54 17.52 -13.31 16.23
N GLY MA 55 17.20 -12.88 15.03
CA GLY MA 55 15.82 -12.87 14.56
C GLY MA 55 15.15 -11.55 14.80
N THR MA 56 15.17 -11.07 16.04
CA THR MA 56 14.68 -9.74 16.34
C THR MA 56 15.55 -8.69 15.66
N GLY MA 57 14.92 -7.72 15.02
CA GLY MA 57 15.66 -6.71 14.28
C GLY MA 57 16.33 -5.69 15.17
N MET MA 58 17.04 -6.15 16.19
CA MET MA 58 17.67 -5.27 17.17
C MET MA 58 19.15 -5.14 16.80
N SER MA 59 19.43 -4.19 15.90
CA SER MA 59 20.79 -3.92 15.46
C SER MA 59 20.89 -2.47 15.04
N VAL MA 60 22.11 -1.95 15.04
CA VAL MA 60 22.40 -0.55 14.74
C VAL MA 60 23.17 -0.52 13.41
N PRO MA 61 22.62 0.06 12.35
CA PRO MA 61 23.36 0.15 11.08
C PRO MA 61 24.16 1.44 10.98
N GLU MA 62 25.33 1.33 10.37
CA GLU MA 62 26.21 2.48 10.18
C GLU MA 62 27.03 2.29 8.91
N PHE MA 63 27.22 3.37 8.16
CA PHE MA 63 28.02 3.30 6.95
C PHE MA 63 29.47 2.96 7.28
N VAL MA 64 30.11 2.18 6.41
CA VAL MA 64 31.51 1.82 6.64
C VAL MA 64 32.40 3.05 6.58
N SER MA 65 32.11 3.96 5.64
CA SER MA 65 32.89 5.19 5.54
C SER MA 65 32.74 6.03 6.80
N ASP MA 66 31.53 6.09 7.36
CA ASP MA 66 31.33 6.83 8.59
C ASP MA 66 32.05 6.18 9.76
N LEU MA 67 32.10 4.85 9.79
CA LEU MA 67 32.82 4.16 10.85
C LEU MA 67 34.32 4.44 10.76
N ASP MA 68 34.87 4.48 9.55
CA ASP MA 68 36.29 4.72 9.36
C ASP MA 68 36.71 6.15 9.69
N THR MA 69 35.75 7.06 9.87
CA THR MA 69 36.07 8.44 10.20
C THR MA 69 35.96 8.62 11.71
N PRO MA 70 37.07 8.80 12.42
CA PRO MA 70 36.98 8.98 13.88
C PRO MA 70 36.46 10.36 14.25
N ASP MA 71 36.33 10.62 15.55
CA ASP MA 71 35.94 11.94 16.00
C ASP MA 71 37.04 12.94 15.64
N PRO MA 72 36.72 14.04 14.97
CA PRO MA 72 37.77 15.00 14.58
C PRO MA 72 38.50 15.60 15.76
N THR MA 73 37.90 15.62 16.94
CA THR MA 73 38.50 16.24 18.11
C THR MA 73 39.42 15.30 18.88
N ILE MA 74 39.48 14.02 18.52
CA ILE MA 74 40.37 13.10 19.22
C ILE MA 74 41.82 13.51 19.03
N GLU MA 75 42.20 13.81 17.78
CA GLU MA 75 43.56 14.25 17.52
C GLU MA 75 43.82 15.64 18.10
N VAL MA 76 42.80 16.48 18.19
CA VAL MA 76 42.96 17.78 18.83
C VAL MA 76 43.29 17.62 20.30
N PHE MA 77 42.57 16.73 20.99
CA PHE MA 77 42.87 16.47 22.39
C PHE MA 77 44.25 15.83 22.55
N LEU MA 78 44.59 14.89 21.66
CA LEU MA 78 45.87 14.21 21.77
C LEU MA 78 47.06 15.16 21.56
N ALA MA 79 46.84 16.27 20.86
CA ALA MA 79 47.90 17.25 20.65
C ALA MA 79 48.06 18.21 21.82
N SER MA 80 47.14 18.20 22.77
CA SER MA 80 47.20 19.13 23.91
C SER MA 80 47.45 18.45 25.24
N THR MA 81 47.17 17.15 25.36
CA THR MA 81 47.41 16.45 26.61
C THR MA 81 48.91 16.24 26.83
N SER MA 82 49.28 16.05 28.10
CA SER MA 82 50.66 15.83 28.47
C SER MA 82 50.73 14.88 29.64
N ASP MA 83 51.84 14.16 29.74
CA ASP MA 83 52.00 13.19 30.82
C ASP MA 83 52.10 13.91 32.16
N PRO MA 84 51.47 13.38 33.21
CA PRO MA 84 51.57 14.00 34.52
C PRO MA 84 52.98 13.93 35.08
N VAL MA 85 53.33 14.94 35.86
CA VAL MA 85 54.64 15.02 36.50
C VAL MA 85 54.47 14.61 37.96
N ILE MA 86 55.16 13.54 38.36
CA ILE MA 86 55.07 13.04 39.71
C ILE MA 86 55.75 14.03 40.65
N PRO MA 87 55.06 14.52 41.67
CA PRO MA 87 55.68 15.48 42.59
C PRO MA 87 56.81 14.86 43.38
N GLU MA 88 57.82 15.68 43.68
CA GLU MA 88 58.94 15.25 44.49
C GLU MA 88 58.57 15.38 45.96
N GLU MA 89 59.56 15.22 46.84
CA GLU MA 89 59.35 15.36 48.28
C GLU MA 89 59.51 16.84 48.66
N GLY MA 90 58.47 17.41 49.25
CA GLY MA 90 58.50 18.83 49.58
C GLY MA 90 58.61 19.73 48.38
N ALA MA 91 57.90 19.40 47.30
CA ALA MA 91 57.95 20.19 46.08
C ALA MA 91 57.25 21.52 46.29
N GLN MA 92 57.68 22.52 45.51
CA GLN MA 92 57.07 23.84 45.60
C GLN MA 92 55.67 23.81 45.00
N THR MA 93 54.71 24.36 45.72
CA THR MA 93 53.32 24.41 45.28
C THR MA 93 53.01 25.75 44.64
N ALA MA 94 51.88 25.79 43.94
CA ALA MA 94 51.47 27.02 43.26
C ALA MA 94 51.05 28.11 44.25
N GLY MA 95 50.76 27.75 45.50
CA GLY MA 95 50.34 28.75 46.46
C GLY MA 95 51.43 29.77 46.77
N GLU MA 96 52.66 29.29 46.98
CA GLU MA 96 53.78 30.16 47.28
C GLU MA 96 54.58 30.57 46.05
N ALA MA 97 54.18 30.12 44.86
CA ALA MA 97 54.87 30.50 43.64
C ALA MA 97 54.17 31.63 42.89
N TYR MA 98 52.90 31.88 43.16
CA TYR MA 98 52.16 32.96 42.51
C TYR MA 98 51.32 33.69 43.55
N GLU MA 99 51.05 34.97 43.30
CA GLU MA 99 50.40 35.81 44.30
C GLU MA 99 48.90 35.53 44.41
N ASN MA 100 48.22 35.26 43.30
CA ASN MA 100 46.78 35.09 43.27
C ASN MA 100 46.44 33.71 42.72
N VAL MA 101 46.34 32.73 43.61
CA VAL MA 101 45.99 31.36 43.23
C VAL MA 101 44.81 30.93 44.10
N ASP MA 102 43.76 30.45 43.47
CA ASP MA 102 42.59 29.98 44.21
C ASP MA 102 42.97 28.76 45.05
N PRO MA 103 42.48 28.66 46.29
CA PRO MA 103 42.85 27.52 47.14
C PRO MA 103 42.53 26.16 46.55
N VAL MA 104 41.59 26.11 45.60
CA VAL MA 104 41.33 24.85 44.91
C VAL MA 104 42.53 24.41 44.07
N LEU MA 105 43.37 25.35 43.65
CA LEU MA 105 44.55 25.05 42.85
C LEU MA 105 45.85 25.37 43.56
N ALA MA 106 45.81 25.70 44.86
CA ALA MA 106 47.01 26.10 45.56
C ALA MA 106 47.89 24.90 45.90
N ASP MA 107 47.28 23.76 46.20
CA ASP MA 107 48.05 22.59 46.62
C ASP MA 107 48.79 21.92 45.48
N LEU MA 108 48.47 22.26 44.24
CA LEU MA 108 49.15 21.67 43.09
C LEU MA 108 50.57 22.19 42.99
N THR MA 109 51.47 21.32 42.55
CA THR MA 109 52.86 21.72 42.34
C THR MA 109 52.97 22.68 41.17
N VAL MA 110 54.11 23.39 41.12
CA VAL MA 110 54.27 24.47 40.15
C VAL MA 110 54.19 23.93 38.73
N GLU MA 111 54.89 22.82 38.45
CA GLU MA 111 54.84 22.24 37.12
C GLU MA 111 53.46 21.69 36.80
N ASN MA 112 52.83 21.01 37.76
CA ASN MA 112 51.48 20.48 37.53
C ASN MA 112 50.48 21.61 37.38
N TYR MA 113 50.61 22.67 38.19
CA TYR MA 113 49.68 23.79 38.08
C TYR MA 113 49.80 24.47 36.72
N ASP MA 114 51.03 24.70 36.26
CA ASP MA 114 51.23 25.31 34.95
C ASP MA 114 50.71 24.42 33.84
N ARG MA 115 50.97 23.11 33.93
CA ARG MA 115 50.48 22.17 32.93
C ARG MA 115 48.97 22.18 32.86
N LEU MA 116 48.31 22.09 34.01
CA LEU MA 116 46.84 22.08 34.03
C LEU MA 116 46.26 23.39 33.55
N LEU MA 117 46.89 24.51 33.92
CA LEU MA 117 46.39 25.81 33.49
C LEU MA 117 46.51 25.98 31.98
N ALA MA 118 47.65 25.58 31.40
CA ALA MA 118 47.80 25.65 29.95
C ALA MA 118 46.81 24.73 29.25
N ALA MA 119 46.60 23.53 29.80
CA ALA MA 119 45.63 22.62 29.21
C ALA MA 119 44.22 23.19 29.25
N MET MA 120 43.84 23.81 30.38
CA MET MA 120 42.52 24.42 30.46
C MET MA 120 42.38 25.58 29.50
N ARG MA 121 43.44 26.39 29.35
CA ARG MA 121 43.39 27.50 28.41
C ARG MA 121 43.20 26.98 26.98
N SER MA 122 43.89 25.88 26.64
CA SER MA 122 43.74 25.33 25.29
C SER MA 122 42.37 24.70 25.09
N TRP MA 123 41.86 23.99 26.10
CA TRP MA 123 40.60 23.28 25.96
C TRP MA 123 39.42 24.23 25.93
N THR MA 124 39.42 25.24 26.80
CA THR MA 124 38.32 26.20 26.85
C THR MA 124 38.38 27.21 25.72
N GLY MA 125 39.54 27.38 25.08
CA GLY MA 125 39.66 28.35 24.02
C GLY MA 125 39.83 29.78 24.50
N ILE MA 126 40.11 29.98 25.78
CA ILE MA 126 40.29 31.30 26.37
C ILE MA 126 41.78 31.47 26.65
N PRO MA 127 42.51 32.28 25.89
CA PRO MA 127 43.97 32.36 26.07
C PRO MA 127 44.40 33.04 27.37
N ASP MA 128 43.51 33.67 28.10
CA ASP MA 128 43.86 34.40 29.31
C ASP MA 128 43.01 33.94 30.49
N LEU MA 129 42.73 32.64 30.55
CA LEU MA 129 41.88 32.11 31.61
C LEU MA 129 42.63 32.08 32.94
N LEU MA 130 41.90 32.37 34.02
CA LEU MA 130 42.39 32.23 35.39
C LEU MA 130 43.61 33.11 35.67
N GLU MA 131 43.71 34.25 35.00
CA GLU MA 131 44.73 35.24 35.32
C GLU MA 131 44.19 36.48 35.99
N ASP MA 132 42.90 36.76 35.83
CA ASP MA 132 42.23 37.87 36.52
C ASP MA 132 41.18 37.29 37.46
N PRO MA 133 41.44 37.23 38.77
CA PRO MA 133 40.48 36.59 39.68
C PRO MA 133 39.11 37.26 39.70
N ASP MA 134 39.02 38.55 39.40
CA ASP MA 134 37.74 39.25 39.41
C ASP MA 134 36.92 39.03 38.14
N HIS MA 135 37.53 38.51 37.08
CA HIS MA 135 36.80 38.24 35.86
C HIS MA 135 35.80 37.10 36.08
N TYR MA 136 34.64 37.21 35.42
CA TYR MA 136 33.60 36.20 35.62
C TYR MA 136 34.03 34.83 35.11
N GLN MA 137 34.87 34.79 34.08
CA GLN MA 137 35.30 33.51 33.53
C GLN MA 137 36.16 32.74 34.52
N SER MA 138 36.92 33.45 35.35
CA SER MA 138 37.75 32.78 36.34
C SER MA 138 36.92 32.07 37.40
N LYS MA 139 35.90 32.73 37.93
CA LYS MA 139 35.06 32.11 38.95
C LYS MA 139 34.29 30.91 38.39
N VAL MA 140 33.75 31.05 37.17
CA VAL MA 140 33.07 29.94 36.54
C VAL MA 140 34.06 28.81 36.27
N ALA MA 141 35.30 29.14 35.91
CA ALA MA 141 36.31 28.11 35.70
C ALA MA 141 36.61 27.36 36.97
N ILE MA 142 36.70 28.06 38.10
CA ILE MA 142 36.95 27.38 39.38
C ILE MA 142 35.79 26.46 39.73
N ASN MA 143 34.57 26.97 39.60
CA ASN MA 143 33.40 26.15 39.91
C ASN MA 143 33.32 24.94 38.99
N MET MA 144 33.72 25.10 37.72
CA MET MA 144 33.68 23.99 36.79
C MET MA 144 34.82 23.01 37.02
N ILE MA 145 35.95 23.45 37.56
CA ILE MA 145 36.97 22.51 38.03
C ILE MA 145 36.41 21.62 39.12
N GLN MA 146 35.73 22.24 40.09
CA GLN MA 146 35.09 21.45 41.14
C GLN MA 146 34.03 20.52 40.56
N MET MA 147 33.25 21.01 39.59
CA MET MA 147 32.24 20.19 38.94
C MET MA 147 32.86 18.98 38.26
N ASN MA 148 33.96 19.19 37.55
CA ASN MA 148 34.63 18.10 36.84
C ASN MA 148 35.16 17.06 37.82
N GLN MA 149 35.75 17.51 38.92
CA GLN MA 149 36.20 16.57 39.94
C GLN MA 149 35.02 15.78 40.51
N THR MA 150 33.90 16.45 40.76
CA THR MA 150 32.72 15.76 41.27
C THR MA 150 32.20 14.73 40.27
N ILE MA 151 32.18 15.09 38.98
CA ILE MA 151 31.72 14.16 37.95
C ILE MA 151 32.61 12.92 37.92
N ASN MA 152 33.93 13.14 37.95
CA ASN MA 152 34.84 12.00 37.85
C ASN MA 152 34.82 11.14 39.10
N GLU MA 153 34.52 11.72 40.26
CA GLU MA 153 34.56 10.93 41.50
C GLU MA 153 33.22 10.28 41.83
N GLU MA 154 32.18 11.09 42.01
CA GLU MA 154 30.91 10.56 42.52
C GLU MA 154 30.05 9.92 41.45
N TRP MA 155 30.33 10.17 40.17
CA TRP MA 155 29.53 9.63 39.07
C TRP MA 155 30.34 8.64 38.23
N ALA MA 156 31.20 7.87 38.88
CA ALA MA 156 32.02 6.88 38.18
C ALA MA 156 31.20 5.72 37.63
N GLY MA 157 29.95 5.56 38.07
CA GLY MA 157 29.11 4.50 37.54
C GLY MA 157 28.72 4.72 36.10
N HIS MA 158 28.77 5.97 35.62
CA HIS MA 158 28.43 6.29 34.24
C HIS MA 158 29.65 6.57 33.39
N VAL MA 159 30.55 7.44 33.84
CA VAL MA 159 31.73 7.78 33.04
C VAL MA 159 32.68 6.59 32.96
N TYR MA 160 32.83 5.83 34.04
CA TYR MA 160 33.70 4.66 34.07
C TYR MA 160 32.94 3.37 33.85
N ALA MA 161 31.88 3.41 33.03
CA ALA MA 161 30.98 2.26 32.90
C ALA MA 161 31.70 1.05 32.32
N ASN MA 162 32.43 1.24 31.22
CA ASN MA 162 33.08 0.14 30.53
C ASN MA 162 34.59 0.12 30.71
N ALA MA 163 35.27 1.24 30.43
CA ALA MA 163 36.71 1.33 30.56
C ALA MA 163 37.03 2.51 31.46
N GLU MA 164 38.33 2.81 31.57
CA GLU MA 164 38.79 3.90 32.44
C GLU MA 164 38.81 5.21 31.65
N VAL MA 165 37.66 5.53 31.07
CA VAL MA 165 37.46 6.76 30.32
C VAL MA 165 36.74 7.75 31.22
N GLY MA 166 37.29 8.96 31.35
CA GLY MA 166 36.73 9.97 32.21
C GLY MA 166 36.16 11.15 31.45
N VAL MA 167 35.88 12.21 32.21
CA VAL MA 167 35.42 13.47 31.66
C VAL MA 167 36.45 14.53 32.04
N THR MA 168 36.93 15.28 31.06
CA THR MA 168 37.85 16.37 31.27
C THR MA 168 37.23 17.67 30.77
N CYS MA 169 37.97 18.76 30.93
CA CYS MA 169 37.47 20.06 30.50
C CYS MA 169 37.25 20.11 28.99
N PHE MA 170 37.98 19.28 28.24
CA PHE MA 170 37.85 19.22 26.79
C PHE MA 170 36.65 18.38 26.34
N THR MA 171 36.06 17.58 27.23
CA THR MA 171 34.99 16.69 26.83
C THR MA 171 33.78 17.46 26.33
N CYS MA 172 33.46 18.58 26.98
CA CYS MA 172 32.29 19.38 26.63
C CYS MA 172 32.63 20.56 25.73
N HIS MA 173 33.70 21.30 26.06
CA HIS MA 173 34.01 22.52 25.31
C HIS MA 173 34.53 22.20 23.91
N ARG MA 174 35.49 21.28 23.81
CA ARG MA 174 36.13 20.95 22.54
C ARG MA 174 36.70 22.18 21.85
N GLY MA 175 37.35 23.03 22.65
CA GLY MA 175 38.02 24.21 22.11
C GLY MA 175 37.17 25.46 22.01
N GLN MA 176 35.99 25.48 22.63
CA GLN MA 176 35.09 26.62 22.56
C GLN MA 176 34.80 27.13 23.96
N ALA MA 177 34.67 28.46 24.08
CA ALA MA 177 34.30 29.05 25.36
C ALA MA 177 32.91 28.59 25.79
N VAL MA 178 31.96 28.54 24.86
CA VAL MA 178 30.62 28.04 25.11
C VAL MA 178 30.53 26.63 24.53
N PRO MA 179 30.32 25.61 25.36
CA PRO MA 179 30.19 24.25 24.82
C PRO MA 179 29.02 24.15 23.86
N SER MA 180 29.20 23.36 22.81
CA SER MA 180 28.15 23.17 21.83
C SER MA 180 27.08 22.23 22.39
N GLU MA 181 25.92 22.24 21.73
CA GLU MA 181 24.78 21.41 22.10
C GLU MA 181 24.30 21.72 23.52
N VAL MA 182 24.24 23.00 23.86
CA VAL MA 182 23.61 23.47 25.09
C VAL MA 182 22.21 23.95 24.75
N TRP MA 183 21.27 23.74 25.66
CA TRP MA 183 19.87 24.01 25.39
C TRP MA 183 19.31 25.02 26.38
N TYR MA 184 18.29 25.75 25.94
CA TYR MA 184 17.54 26.68 26.76
C TYR MA 184 16.09 26.20 26.82
N ARG MA 185 15.23 27.02 27.43
CA ARG MA 185 13.80 26.73 27.51
C ARG MA 185 13.07 27.54 26.45
N ILE MA 186 12.38 26.83 25.55
CA ILE MA 186 11.65 27.46 24.45
C ILE MA 186 10.22 26.94 24.44
N ASP MA 187 9.69 26.59 25.61
CA ASP MA 187 8.42 25.87 25.69
C ASP MA 187 7.26 26.59 24.99
N PRO MA 188 7.00 27.89 25.23
CA PRO MA 188 5.91 28.53 24.47
C PRO MA 188 6.29 28.82 23.03
N VAL MA 189 6.58 27.75 22.28
CA VAL MA 189 7.06 27.89 20.91
C VAL MA 189 5.94 28.25 19.95
N THR MA 190 4.69 27.97 20.33
CA THR MA 190 3.55 28.17 19.45
C THR MA 190 2.68 29.29 20.01
N GLU MA 191 2.41 30.30 19.19
CA GLU MA 191 1.57 31.41 19.62
C GLU MA 191 0.10 31.01 19.63
N ASN MA 192 -0.70 31.78 20.36
CA ASN MA 192 -2.14 31.58 20.45
C ASN MA 192 -2.49 30.17 20.95
N THR MA 193 -1.69 29.64 21.86
CA THR MA 193 -1.90 28.30 22.40
C THR MA 193 -1.56 28.27 23.87
N SER MA 194 -2.12 27.30 24.57
CA SER MA 194 -1.80 27.07 25.97
C SER MA 194 -1.98 25.60 26.28
N GLY MA 195 -1.35 25.16 27.36
CA GLY MA 195 -1.43 23.75 27.72
C GLY MA 195 -0.53 22.90 26.85
N TRP MA 196 -0.98 21.68 26.57
CA TRP MA 196 -0.22 20.75 25.76
C TRP MA 196 -0.06 21.23 24.32
N ALA MA 197 -0.93 22.12 23.85
CA ALA MA 197 -0.86 22.59 22.47
C ALA MA 197 0.27 23.57 22.25
N SER MA 198 0.76 24.22 23.31
CA SER MA 198 1.78 25.24 23.18
C SER MA 198 3.20 24.69 23.27
N VAL MA 199 3.37 23.41 23.60
CA VAL MA 199 4.69 22.84 23.80
C VAL MA 199 5.11 21.89 22.69
N GLN MA 200 4.21 21.56 21.77
CA GLN MA 200 4.54 20.61 20.70
C GLN MA 200 4.23 21.19 19.34
N ASN MA 201 4.25 20.34 18.31
CA ASN MA 201 4.18 20.76 16.91
C ASN MA 201 5.41 21.60 16.57
N ARG MA 202 5.37 22.31 15.45
CA ARG MA 202 6.51 23.06 14.95
C ARG MA 202 7.70 22.13 14.69
N ALA MA 203 8.82 22.70 14.24
CA ALA MA 203 10.06 21.95 14.06
C ALA MA 203 11.16 22.80 14.71
N THR MA 204 11.36 22.60 16.00
CA THR MA 204 12.26 23.41 16.79
C THR MA 204 13.64 22.79 16.83
N SER MA 205 14.55 23.42 17.57
CA SER MA 205 15.89 22.88 17.77
C SER MA 205 15.92 21.76 18.80
N LEU MA 206 14.82 21.53 19.52
CA LEU MA 206 14.76 20.50 20.55
C LEU MA 206 13.78 19.39 20.25
N SER MA 207 12.95 19.53 19.21
CA SER MA 207 11.96 18.52 18.87
C SER MA 207 12.51 17.41 18.01
N GLN MA 208 13.78 17.50 17.60
CA GLN MA 208 14.44 16.47 16.79
C GLN MA 208 13.70 16.24 15.47
N PHE MA 209 13.44 17.32 14.77
CA PHE MA 209 12.81 17.33 13.44
C PHE MA 209 11.41 16.72 13.47
N THR MA 210 10.78 16.62 14.63
CA THR MA 210 9.45 16.05 14.78
C THR MA 210 8.48 17.10 15.30
N SER MA 211 7.22 16.71 15.40
CA SER MA 211 6.19 17.52 16.03
C SER MA 211 6.01 17.20 17.50
N LEU MA 212 6.90 16.38 18.06
CA LEU MA 212 6.81 15.99 19.45
C LEU MA 212 7.12 17.17 20.36
N PRO MA 213 6.72 17.10 21.63
CA PRO MA 213 6.93 18.24 22.53
C PRO MA 213 8.38 18.65 22.63
N SER MA 214 8.61 19.96 22.69
CA SER MA 214 9.95 20.54 22.77
C SER MA 214 10.39 20.79 24.20
N ASP MA 215 9.54 20.51 25.19
CA ASP MA 215 9.88 20.73 26.59
C ASP MA 215 10.32 19.44 27.29
N ALA MA 216 10.69 18.41 26.51
CA ALA MA 216 11.09 17.15 27.12
C ALA MA 216 12.35 17.32 27.97
N LEU MA 217 13.33 18.06 27.47
CA LEU MA 217 14.55 18.29 28.24
C LEU MA 217 14.27 19.11 29.49
N TYR MA 218 13.41 20.12 29.38
CA TYR MA 218 13.13 20.99 30.53
C TYR MA 218 12.39 20.23 31.62
N GLN MA 219 11.39 19.43 31.26
CA GLN MA 219 10.59 18.74 32.27
C GLN MA 219 11.32 17.54 32.87
N TYR MA 220 12.04 16.78 32.05
CA TYR MA 220 12.61 15.53 32.52
C TYR MA 220 14.03 15.67 33.04
N LEU MA 221 14.86 16.46 32.38
CA LEU MA 221 16.27 16.58 32.76
C LEU MA 221 16.54 17.76 33.68
N LEU MA 222 15.51 18.51 34.07
CA LEU MA 222 15.72 19.64 34.96
C LEU MA 222 14.69 19.68 36.08
N ASN MA 223 13.53 19.05 35.86
CA ASN MA 223 12.40 19.21 36.76
C ASN MA 223 11.93 17.90 37.40
N TYR MA 224 12.66 16.81 37.20
CA TYR MA 224 12.37 15.53 37.87
C TYR MA 224 10.98 15.01 37.56
N GLU MA 225 10.47 15.26 36.36
CA GLU MA 225 9.18 14.70 35.98
C GLU MA 225 9.30 13.21 35.71
N GLN MA 226 8.19 12.49 35.87
CA GLN MA 226 8.20 11.05 35.67
C GLN MA 226 8.26 10.72 34.19
N ILE MA 227 9.18 9.83 33.82
CA ILE MA 227 9.39 9.46 32.42
C ILE MA 227 8.65 8.17 32.11
N ALA MA 228 8.49 7.31 33.12
CA ALA MA 228 7.78 6.06 32.91
C ALA MA 228 6.31 6.32 32.59
N VAL MA 229 5.81 5.66 31.55
CA VAL MA 229 4.46 5.92 31.06
C VAL MA 229 3.65 4.63 31.02
N HIS MA 230 4.34 3.50 30.87
CA HIS MA 230 3.65 2.22 30.69
C HIS MA 230 2.94 1.80 31.97
N ASP MA 231 1.98 0.89 31.80
CA ASP MA 231 1.28 0.26 32.92
C ASP MA 231 1.90 -1.10 33.20
N LEU MA 232 2.05 -1.42 34.48
CA LEU MA 232 2.81 -2.59 34.88
C LEU MA 232 1.99 -3.88 34.90
N GLU MA 233 0.71 -3.83 34.52
CA GLU MA 233 -0.09 -5.03 34.41
C GLU MA 233 -1.10 -4.83 33.28
N SER MA 234 -1.66 -5.95 32.82
CA SER MA 234 -2.53 -5.92 31.65
C SER MA 234 -3.77 -5.05 31.90
N ARG MA 235 -4.48 -5.31 33.00
CA ARG MA 235 -5.67 -4.56 33.36
C ARG MA 235 -5.43 -3.86 34.69
N VAL MA 236 -5.66 -2.54 34.71
CA VAL MA 236 -5.49 -1.75 35.91
C VAL MA 236 -6.48 -0.60 35.87
N GLU MA 237 -6.92 -0.15 37.05
CA GLU MA 237 -7.89 0.93 37.11
C GLU MA 237 -7.22 2.25 36.74
N THR MA 238 -7.79 2.93 35.74
CA THR MA 238 -7.20 4.16 35.21
C THR MA 238 -7.67 5.38 36.01
N LEU MA 239 -7.12 5.49 37.21
CA LEU MA 239 -7.41 6.63 38.06
C LEU MA 239 -6.84 7.91 37.45
N PRO MA 240 -7.49 9.05 37.70
CA PRO MA 240 -7.03 10.31 37.09
C PRO MA 240 -5.65 10.70 37.58
N GLY MA 241 -4.92 11.39 36.71
CA GLY MA 241 -3.53 11.74 36.97
C GLY MA 241 -2.53 10.75 36.43
N ASP MA 242 -2.97 9.60 35.92
CA ASP MA 242 -2.07 8.64 35.32
C ASP MA 242 -1.54 9.17 33.99
N PRO MA 243 -0.37 8.70 33.56
CA PRO MA 243 0.17 9.17 32.27
C PRO MA 243 -0.76 8.84 31.12
N THR MA 244 -0.83 9.75 30.16
CA THR MA 244 -1.64 9.61 28.96
C THR MA 244 -0.73 9.54 27.75
N TRP MA 245 -1.33 9.54 26.56
CA TRP MA 245 -0.53 9.49 25.34
C TRP MA 245 0.25 10.78 25.11
N GLN MA 246 -0.13 11.88 25.77
CA GLN MA 246 0.64 13.10 25.67
C GLN MA 246 1.97 12.97 26.39
N ASN MA 247 1.95 12.44 27.61
CA ASN MA 247 3.19 12.14 28.32
C ASN MA 247 4.02 11.13 27.54
N THR MA 248 3.36 10.21 26.83
CA THR MA 248 4.07 9.31 25.94
C THR MA 248 4.79 10.08 24.85
N GLU MA 249 4.13 11.11 24.29
CA GLU MA 249 4.78 11.92 23.26
C GLU MA 249 5.99 12.67 23.82
N ARG MA 250 5.87 13.22 25.04
CA ARG MA 250 7.00 13.90 25.63
C ARG MA 250 8.17 12.96 25.88
N THR MA 251 7.88 11.77 26.42
CA THR MA 251 8.94 10.78 26.64
C THR MA 251 9.56 10.35 25.32
N TYR MA 252 8.74 10.19 24.28
CA TYR MA 252 9.24 9.79 22.98
C TYR MA 252 10.15 10.86 22.39
N SER MA 253 9.82 12.13 22.59
CA SER MA 253 10.71 13.21 22.17
C SER MA 253 12.03 13.16 22.93
N LEU MA 254 11.95 12.95 24.25
CA LEU MA 254 13.17 12.86 25.04
C LEU MA 254 14.05 11.70 24.56
N MET MA 255 13.43 10.59 24.19
CA MET MA 255 14.20 9.43 23.78
C MET MA 255 14.74 9.56 22.37
N ASN MA 256 14.03 10.27 21.50
CA ASN MA 256 14.62 10.69 20.23
C ASN MA 256 15.87 11.52 20.47
N TYR MA 257 15.81 12.44 21.44
CA TYR MA 257 17.00 13.21 21.77
C TYR MA 257 18.11 12.31 22.30
N PHE MA 258 17.76 11.33 23.14
CA PHE MA 258 18.75 10.38 23.65
C PHE MA 258 19.47 9.69 22.50
N SER MA 259 18.71 9.11 21.58
CA SER MA 259 19.30 8.36 20.48
C SER MA 259 20.11 9.27 19.56
N ASN MA 260 19.64 10.49 19.31
CA ASN MA 260 20.39 11.42 18.49
C ASN MA 260 21.72 11.79 19.14
N SER MA 261 21.71 12.01 20.46
CA SER MA 261 22.93 12.38 21.16
C SER MA 261 23.93 11.22 21.18
N LEU MA 262 23.44 10.00 21.42
CA LEU MA 262 24.34 8.85 21.40
C LEU MA 262 24.75 8.45 20.00
N GLY MA 263 24.02 8.87 18.98
CA GLY MA 263 24.28 8.42 17.63
C GLY MA 263 23.75 7.04 17.33
N ARG MA 264 23.09 6.40 18.28
CA ARG MA 264 22.51 5.07 18.13
C ARG MA 264 21.00 5.21 17.99
N ASN MA 265 20.30 4.09 18.00
CA ASN MA 265 18.86 4.08 17.80
C ASN MA 265 18.16 3.54 19.04
N CYS MA 266 16.84 3.36 18.93
CA CYS MA 266 16.04 2.95 20.08
C CYS MA 266 16.42 1.55 20.55
N VAL MA 267 16.70 0.63 19.61
CA VAL MA 267 17.04 -0.74 19.97
C VAL MA 267 18.44 -0.86 20.53
N PHE MA 268 19.19 0.24 20.64
CA PHE MA 268 20.48 0.20 21.31
C PHE MA 268 20.32 -0.03 22.81
N CYS MA 269 19.24 0.49 23.41
CA CYS MA 269 19.00 0.34 24.83
C CYS MA 269 17.63 -0.25 25.16
N HIS MA 270 16.80 -0.56 24.18
CA HIS MA 270 15.43 -1.00 24.40
C HIS MA 270 15.13 -2.22 23.54
N ASN MA 271 14.15 -2.99 23.99
CA ASN MA 271 13.45 -3.95 23.14
C ASN MA 271 12.12 -3.34 22.74
N SER MA 272 11.89 -3.24 21.43
CA SER MA 272 10.74 -2.50 20.92
C SER MA 272 9.43 -3.08 21.43
N ARG MA 273 9.34 -4.40 21.51
CA ARG MA 273 8.07 -5.03 21.90
C ARG MA 273 7.71 -4.77 23.34
N ALA MA 274 8.68 -4.39 24.19
CA ALA MA 274 8.38 -4.12 25.60
C ALA MA 274 9.36 -3.05 26.08
N PHE MA 275 8.95 -1.79 26.03
CA PHE MA 275 9.77 -0.71 26.56
C PHE MA 275 9.75 -0.69 28.09
N TYR MA 276 8.69 -1.23 28.69
CA TYR MA 276 8.56 -1.22 30.14
C TYR MA 276 9.44 -2.27 30.82
N ASP MA 277 9.66 -3.40 30.16
CA ASP MA 277 10.18 -4.58 30.82
C ASP MA 277 11.64 -4.43 31.21
N PRO MA 278 11.99 -4.50 32.49
CA PRO MA 278 13.42 -4.46 32.87
C PRO MA 278 14.19 -5.68 32.43
N ALA MA 279 13.51 -6.80 32.16
CA ALA MA 279 14.18 -8.02 31.73
C ALA MA 279 14.43 -8.06 30.23
N GLN MA 280 14.04 -7.02 29.51
CA GLN MA 280 14.24 -6.94 28.07
C GLN MA 280 15.08 -5.73 27.68
N HIS MA 281 15.96 -5.29 28.56
CA HIS MA 281 16.74 -4.07 28.35
C HIS MA 281 18.20 -4.40 28.10
N THR MA 282 18.80 -3.66 27.18
CA THR MA 282 20.23 -3.74 26.96
C THR MA 282 20.98 -3.21 28.19
N PRO MA 283 22.14 -3.79 28.52
CA PRO MA 283 22.92 -3.26 29.65
C PRO MA 283 23.23 -1.77 29.57
N GLN MA 284 23.05 -1.16 28.40
CA GLN MA 284 23.23 0.28 28.27
C GLN MA 284 22.09 1.06 28.90
N TRP MA 285 20.96 0.40 29.18
CA TRP MA 285 19.83 1.08 29.81
C TRP MA 285 20.18 1.56 31.22
N ALA MA 286 20.91 0.74 31.98
CA ALA MA 286 21.33 1.16 33.31
C ALA MA 286 22.26 2.37 33.25
N THR MA 287 23.19 2.35 32.29
CA THR MA 287 24.07 3.50 32.11
C THR MA 287 23.28 4.74 31.70
N ALA MA 288 22.21 4.55 30.94
CA ALA MA 288 21.36 5.68 30.58
C ALA MA 288 20.63 6.24 31.80
N MET MA 289 20.16 5.36 32.70
CA MET MA 289 19.60 5.84 33.95
C MET MA 289 20.63 6.64 34.76
N LEU MA 290 21.85 6.13 34.85
CA LEU MA 290 22.90 6.85 35.55
C LEU MA 290 23.14 8.21 34.90
N GLY MA 291 23.12 8.26 33.57
CA GLY MA 291 23.31 9.52 32.88
C GLY MA 291 22.17 10.49 33.11
N ILE MA 292 20.94 9.99 33.18
CA ILE MA 292 19.79 10.85 33.49
C ILE MA 292 19.97 11.48 34.86
N SER MA 293 20.33 10.67 35.85
CA SER MA 293 20.56 11.20 37.20
C SER MA 293 21.71 12.20 37.20
N MET MA 294 22.79 11.89 36.47
CA MET MA 294 23.92 12.79 36.40
C MET MA 294 23.55 14.13 35.80
N VAL MA 295 22.81 14.11 34.69
CA VAL MA 295 22.42 15.35 34.02
C VAL MA 295 21.51 16.17 34.92
N GLN MA 296 20.54 15.52 35.56
CA GLN MA 296 19.65 16.24 36.47
C GLN MA 296 20.43 16.91 37.59
N GLU MA 297 21.30 16.14 38.24
CA GLU MA 297 22.06 16.68 39.37
C GLU MA 297 22.98 17.81 38.91
N LEU MA 298 23.65 17.64 37.78
CA LEU MA 298 24.54 18.67 37.28
C LEU MA 298 23.79 19.96 36.98
N ASN MA 299 22.71 19.87 36.21
CA ASN MA 299 21.97 21.07 35.86
C ASN MA 299 21.40 21.75 37.10
N ASN MA 300 20.93 20.98 38.07
CA ASN MA 300 20.27 21.58 39.22
C ASN MA 300 21.26 22.11 40.26
N GLU MA 301 22.50 21.62 40.27
CA GLU MA 301 23.41 21.99 41.35
C GLU MA 301 24.64 22.79 40.92
N TRP MA 302 25.17 22.57 39.72
CA TRP MA 302 26.43 23.19 39.31
C TRP MA 302 26.23 24.23 38.22
N ILE MA 303 25.53 23.90 37.14
CA ILE MA 303 25.45 24.79 35.99
C ILE MA 303 24.61 26.02 36.30
N VAL MA 304 23.35 25.81 36.66
CA VAL MA 304 22.40 26.90 36.86
C VAL MA 304 22.83 27.81 38.00
N PRO MA 305 23.21 27.30 39.18
CA PRO MA 305 23.63 28.22 40.26
C PRO MA 305 24.82 29.08 39.90
N ILE MA 306 25.78 28.56 39.13
CA ILE MA 306 26.92 29.37 38.71
C ILE MA 306 26.62 30.19 37.47
N GLY MA 307 25.68 29.75 36.63
CA GLY MA 307 25.29 30.52 35.49
C GLY MA 307 24.56 31.79 35.89
N GLU MA 308 23.64 31.68 36.84
CA GLU MA 308 22.89 32.85 37.28
C GLU MA 308 23.78 33.83 38.03
N ALA MA 309 24.85 33.35 38.66
CA ALA MA 309 25.70 34.21 39.48
C ALA MA 309 26.60 35.10 38.64
N HIS MA 310 27.18 34.56 37.56
CA HIS MA 310 28.28 35.24 36.89
C HIS MA 310 28.12 35.44 35.39
N LEU MA 311 27.24 34.69 34.73
CA LEU MA 311 27.18 34.77 33.28
C LEU MA 311 26.66 36.14 32.83
N PRO MA 312 27.26 36.71 31.79
CA PRO MA 312 26.81 38.01 31.28
C PRO MA 312 25.49 37.87 30.56
N PRO MA 313 24.77 38.98 30.33
CA PRO MA 313 23.45 38.88 29.69
C PRO MA 313 23.47 38.26 28.30
N GLU MA 314 24.54 38.44 27.53
CA GLU MA 314 24.56 37.92 26.17
C GLU MA 314 24.67 36.40 26.10
N ARG MA 315 24.92 35.74 27.24
CA ARG MA 315 24.98 34.27 27.28
C ARG MA 315 23.65 33.64 27.68
N LEU MA 316 22.61 34.43 27.90
CA LEU MA 316 21.35 33.92 28.38
C LEU MA 316 20.43 33.56 27.22
N GLY MA 317 19.30 32.95 27.55
CA GLY MA 317 18.37 32.46 26.56
C GLY MA 317 17.62 33.56 25.84
N PRO MA 318 17.08 33.25 24.68
CA PRO MA 318 16.37 34.27 23.89
C PRO MA 318 14.97 34.54 24.41
N VAL MA 319 14.31 33.50 24.94
CA VAL MA 319 12.91 33.61 25.33
C VAL MA 319 12.81 33.96 26.82
N TYR MA 320 13.37 33.11 27.67
CA TYR MA 320 13.24 33.27 29.11
C TYR MA 320 14.46 33.91 29.76
N ASN MA 321 15.49 34.25 28.98
CA ASN MA 321 16.73 34.81 29.51
C ASN MA 321 17.31 33.92 30.61
N ASP MA 322 17.32 32.62 30.34
CA ASP MA 322 17.76 31.63 31.32
C ASP MA 322 19.16 31.12 30.98
N VAL MA 323 19.80 30.55 32.00
CA VAL MA 323 21.18 30.05 31.86
C VAL MA 323 21.18 28.85 30.92
N PRO MA 324 22.17 28.72 30.03
CA PRO MA 324 22.26 27.50 29.22
C PRO MA 324 22.48 26.27 30.09
N LYS MA 325 21.87 25.16 29.68
CA LYS MA 325 21.93 23.90 30.42
C LYS MA 325 22.70 22.87 29.61
N LEU MA 326 22.91 21.71 30.22
CA LEU MA 326 23.62 20.62 29.57
C LEU MA 326 22.71 19.39 29.49
N ALA MA 327 23.04 18.52 28.54
CA ALA MA 327 22.30 17.29 28.33
C ALA MA 327 23.26 16.23 27.79
N CYS MA 328 22.72 15.18 27.18
CA CYS MA 328 23.55 14.09 26.68
C CYS MA 328 24.47 14.57 25.56
N LYS MA 329 23.94 15.38 24.63
CA LYS MA 329 24.71 15.72 23.44
C LYS MA 329 25.82 16.72 23.72
N THR MA 330 25.70 17.52 24.77
CA THR MA 330 26.77 18.46 25.09
C THR MA 330 28.03 17.75 25.57
N CYS MA 331 27.95 16.46 25.87
CA CYS MA 331 29.10 15.68 26.28
C CYS MA 331 29.42 14.55 25.31
N HIS MA 332 28.43 14.03 24.58
CA HIS MA 332 28.70 12.98 23.59
C HIS MA 332 28.97 13.52 22.20
N LYS MA 333 28.34 14.64 21.84
CA LYS MA 333 28.56 15.29 20.54
C LYS MA 333 28.19 14.37 19.39
N GLY MA 334 27.19 13.52 19.58
CA GLY MA 334 26.74 12.65 18.52
C GLY MA 334 27.48 11.33 18.39
N TYR MA 335 28.16 10.87 19.44
CA TYR MA 335 28.92 9.64 19.39
C TYR MA 335 28.54 8.76 20.57
N GLN MA 336 28.77 7.45 20.42
CA GLN MA 336 28.35 6.50 21.43
C GLN MA 336 29.02 6.78 22.77
N GLN MA 337 30.31 7.10 22.74
CA GLN MA 337 31.02 7.55 23.92
C GLN MA 337 31.76 8.84 23.60
N PRO MA 338 31.93 9.72 24.58
CA PRO MA 338 32.62 10.98 24.32
C PRO MA 338 34.04 10.73 23.84
N LEU MA 339 34.36 11.29 22.68
CA LEU MA 339 35.64 11.07 22.01
C LEU MA 339 35.87 9.58 21.73
N GLN MA 340 34.78 8.84 21.54
CA GLN MA 340 34.82 7.42 21.20
C GLN MA 340 35.62 6.62 22.22
N GLY MA 341 35.38 6.89 23.50
CA GLY MA 341 36.00 6.13 24.55
C GLY MA 341 37.46 6.42 24.79
N LEU MA 342 37.93 7.59 24.35
CA LEU MA 342 39.33 7.94 24.55
C LEU MA 342 39.60 8.24 26.02
N ASN MA 343 40.66 7.64 26.56
CA ASN MA 343 41.02 7.84 27.96
C ASN MA 343 41.57 9.25 28.14
N VAL MA 344 40.75 10.13 28.72
CA VAL MA 344 41.12 11.53 28.91
C VAL MA 344 41.39 11.87 30.37
N VAL MA 345 41.26 10.91 31.28
CA VAL MA 345 41.46 11.17 32.70
C VAL MA 345 42.74 10.54 33.23
N ALA MA 346 43.38 9.66 32.47
CA ALA MA 346 44.61 9.03 32.94
C ALA MA 346 45.72 10.05 33.12
N ASP MA 347 45.81 11.02 32.20
CA ASP MA 347 46.86 12.03 32.26
C ASP MA 347 46.54 13.17 33.21
N TRP MA 348 45.35 13.22 33.78
CA TRP MA 348 44.90 14.34 34.61
C TRP MA 348 44.33 13.82 35.92
N PRO MA 349 45.18 13.36 36.84
CA PRO MA 349 44.68 12.98 38.17
C PRO MA 349 44.12 14.15 38.96
N GLU MA 350 44.46 15.39 38.58
CA GLU MA 350 43.94 16.54 39.30
C GLU MA 350 42.44 16.71 39.11
N LEU MA 351 41.91 16.23 37.99
CA LEU MA 351 40.48 16.32 37.70
C LEU MA 351 39.76 15.01 37.95
N ALA MA 352 40.39 14.06 38.63
CA ALA MA 352 39.78 12.75 38.87
C ALA MA 352 39.06 12.67 40.20
N THR MA 353 39.58 13.33 41.24
CA THR MA 353 38.99 13.32 42.55
C THR MA 353 38.90 14.73 43.10
N THR MA 354 37.94 14.95 43.99
CA THR MA 354 37.78 16.26 44.63
C THR MA 354 38.77 16.47 45.76
N GLU MA 355 39.43 15.42 46.23
CA GLU MA 355 40.45 15.54 47.26
C GLU MA 355 41.81 15.77 46.61
N GLY MA 356 42.88 15.66 47.39
CA GLY MA 356 44.22 15.82 46.88
C GLY MA 356 44.52 14.83 45.77
N PRO MA 357 45.06 15.32 44.66
CA PRO MA 357 45.32 14.44 43.51
C PRO MA 357 46.29 13.32 43.87
N PHE MA 358 46.04 12.14 43.33
CA PHE MA 358 46.87 10.97 43.58
C PHE MA 358 47.56 10.57 42.28
N TYR MA 359 48.89 10.48 42.34
CA TYR MA 359 49.70 10.11 41.19
C TYR MA 359 50.23 8.69 41.27
N ASP MA 360 50.90 8.34 42.37
CA ASP MA 360 51.42 6.99 42.60
C ASP MA 360 52.34 6.51 41.47
#